data_3FN9
#
_entry.id   3FN9
#
_cell.length_a   109.453
_cell.length_b   133.066
_cell.length_c   221.192
_cell.angle_alpha   90.000
_cell.angle_beta   90.000
_cell.angle_gamma   90.000
#
_symmetry.space_group_name_H-M   'P 21 21 21'
#
loop_
_entity.id
_entity.type
_entity.pdbx_description
1 polymer 'Putative beta-galactosidase'
2 non-polymer 'CHLORIDE ION'
3 water water
#
_entity_poly.entity_id   1
_entity_poly.type   'polypeptide(L)'
_entity_poly.pdbx_seq_one_letter_code
;MSLARQVTAFNTGWQFKKGPFATDPMRAASQWDGKWETVEIPHTWNAMDMQVQSGSFYEGAGYYRKTQFFPHDLEGKRVF
LRFEGVGACAEVYVNGKLAGTHKGGYSAFACEIGTALKLGAENEIIVKADNKARPDVIPVNQNLFGVYGGIYRPVWLIVT
EQNNITVTDCASPGVYITQKDVSKKSADITVKVKLDNAGLQPAAVTLENTIYTQEGQKVGTHSRSFDLSPQGTQTYLSTF
KLKNPHLWQGRKDPYLYKVVCRLMADGKVIDEVVQPLGVRKYEIVAGKGFFLNGEKYSMYGVTRHQDWWGLGSALKNEHH
DFDLAAIMDVGATTVRFAHYQQSDYLYSRCDTLGLIIWAEIPCVNRVTGYETENAQSQLRELIRQSFNHPSIYVWGLHNE
VYQPHEYTAALTRSLHDLAKTEDPDRYTVSVNGYGHMDHPVNLNADIQGMNRYFGWYEKKIQDIKPWVEQLEKDYPYQKL
MLTEYGADANLAHQTEYLGDALNWGKPFYPETFQTKTHEYQWSIIKDHPYIIASYLWNMFDFAVPMWTRGGVPARNMKGL
ITFDRKTKKDSYFWYKANWSEEPVLYLTQRRNADREKRTTAVTVYSNIGTPKVYLNGQELSGIRNGYTDVHYVFDNVSLA
DGKNILKAVVSTKGKEYTDEIEWNYSGEKNREIDSYENKNEHSGEGHHHHHH
;
_entity_poly.pdbx_strand_id   A,B,C,D
#
# COMPACT_ATOMS: atom_id res chain seq x y z
N LEU A 3 23.33 2.40 7.80
CA LEU A 3 22.92 3.31 8.92
C LEU A 3 22.86 4.80 8.51
N ALA A 4 21.65 5.30 8.23
CA ALA A 4 21.48 6.62 7.64
C ALA A 4 21.52 7.77 8.63
N ARG A 5 21.10 7.52 9.87
CA ARG A 5 20.93 8.60 10.82
C ARG A 5 22.12 8.80 11.75
N GLN A 6 22.66 10.01 11.74
CA GLN A 6 23.80 10.29 12.57
C GLN A 6 23.36 10.86 13.89
N VAL A 7 23.80 10.23 14.97
CA VAL A 7 23.40 10.61 16.31
C VAL A 7 24.69 10.62 17.08
N THR A 8 25.12 11.76 17.59
CA THR A 8 26.40 11.74 18.25
C THR A 8 26.36 12.63 19.46
N ALA A 9 27.13 12.25 20.48
CA ALA A 9 27.18 12.97 21.76
C ALA A 9 27.54 14.43 21.54
N PHE A 10 26.95 15.30 22.33
CA PHE A 10 27.12 16.72 22.21
C PHE A 10 27.38 17.29 23.61
N ASN A 11 28.16 16.52 24.39
CA ASN A 11 28.40 16.74 25.81
C ASN A 11 29.66 17.54 26.14
N THR A 12 30.47 17.79 25.12
CA THR A 12 31.81 18.37 25.26
C THR A 12 31.90 19.83 24.86
N GLY A 13 32.82 20.56 25.49
CA GLY A 13 33.10 21.93 25.08
C GLY A 13 32.05 22.97 25.47
N TRP A 14 31.29 22.70 26.53
CA TRP A 14 30.38 23.67 27.10
C TRP A 14 31.05 24.46 28.23
N GLN A 15 30.61 25.69 28.45
CA GLN A 15 31.02 26.48 29.62
C GLN A 15 29.78 26.87 30.38
N PHE A 16 29.94 27.06 31.69
CA PHE A 16 28.81 27.29 32.56
C PHE A 16 28.99 28.61 33.30
N LYS A 17 27.89 29.20 33.74
CA LYS A 17 27.93 30.47 34.41
C LYS A 17 26.70 30.52 35.30
N LYS A 18 26.90 30.22 36.56
CA LYS A 18 25.78 30.18 37.49
C LYS A 18 25.32 31.55 37.93
N GLY A 19 24.06 31.65 38.32
CA GLY A 19 23.54 32.85 38.99
C GLY A 19 23.94 32.82 40.46
N PRO A 20 23.33 33.68 41.29
CA PRO A 20 22.26 34.62 40.88
C PRO A 20 22.82 35.72 40.01
N PHE A 21 21.95 36.50 39.38
CA PHE A 21 22.39 37.63 38.58
C PHE A 21 21.82 38.95 39.06
N ALA A 22 22.69 39.96 39.12
CA ALA A 22 22.26 41.34 39.41
C ALA A 22 21.05 41.84 38.61
N THR A 23 20.30 42.75 39.22
CA THR A 23 19.20 43.40 38.56
C THR A 23 19.70 44.54 37.70
N ASP A 24 20.71 45.24 38.20
CA ASP A 24 21.37 46.34 37.48
C ASP A 24 22.06 45.87 36.19
N PRO A 25 21.76 46.49 35.02
CA PRO A 25 22.46 45.98 33.82
C PRO A 25 23.97 46.06 33.96
N MET A 26 24.47 47.13 34.56
CA MET A 26 25.90 47.30 34.75
C MET A 26 26.49 46.05 35.43
N ARG A 27 25.97 45.73 36.60
CA ARG A 27 26.47 44.57 37.30
C ARG A 27 26.20 43.25 36.55
N ALA A 28 25.05 43.17 35.86
CA ALA A 28 24.73 41.94 35.12
C ALA A 28 25.68 41.75 33.94
N ALA A 29 25.89 42.79 33.15
CA ALA A 29 26.89 42.77 32.09
C ALA A 29 28.25 42.26 32.58
N SER A 30 28.70 42.69 33.75
CA SER A 30 29.97 42.22 34.35
C SER A 30 29.95 40.73 34.64
N GLN A 31 28.94 40.29 35.37
CA GLN A 31 28.74 38.89 35.61
C GLN A 31 28.76 38.17 34.29
N TRP A 32 28.06 38.72 33.31
CA TRP A 32 28.04 38.08 32.02
C TRP A 32 29.40 37.99 31.37
N ASP A 33 30.22 39.02 31.52
CA ASP A 33 31.50 39.05 30.82
C ASP A 33 32.62 38.40 31.61
N GLY A 34 32.32 37.88 32.79
CA GLY A 34 33.35 37.28 33.61
C GLY A 34 33.77 35.88 33.17
N LYS A 35 34.59 35.24 34.00
CA LYS A 35 35.03 33.91 33.68
C LYS A 35 33.85 32.93 33.73
N TRP A 36 33.75 32.11 32.70
CA TRP A 36 32.77 31.03 32.67
C TRP A 36 33.51 29.77 33.00
N GLU A 37 32.85 28.86 33.70
CA GLU A 37 33.50 27.62 34.06
C GLU A 37 33.37 26.62 32.90
N THR A 38 34.46 25.97 32.50
CA THR A 38 34.37 24.94 31.46
C THR A 38 33.94 23.70 32.20
N VAL A 39 33.02 22.94 31.63
CA VAL A 39 32.26 22.01 32.44
C VAL A 39 32.11 20.73 31.64
N GLU A 40 31.51 19.69 32.19
CA GLU A 40 31.20 18.53 31.34
C GLU A 40 29.82 17.93 31.56
N ILE A 41 29.14 17.58 30.49
CA ILE A 41 27.79 17.05 30.61
C ILE A 41 27.83 15.55 30.70
N PRO A 42 27.05 14.96 31.61
CA PRO A 42 26.07 15.58 32.49
C PRO A 42 26.69 16.41 33.58
N HIS A 43 26.06 17.55 33.84
CA HIS A 43 26.46 18.48 34.89
C HIS A 43 25.26 18.96 35.67
N THR A 44 25.44 19.18 36.96
CA THR A 44 24.49 19.97 37.69
C THR A 44 25.23 20.95 38.58
N TRP A 45 24.53 21.96 39.08
CA TRP A 45 25.15 22.89 39.99
C TRP A 45 24.71 22.68 41.42
N ASN A 46 23.94 21.63 41.68
CA ASN A 46 23.39 21.37 43.03
C ASN A 46 23.95 20.09 43.68
N ALA A 47 24.86 19.43 42.97
CA ALA A 47 25.48 18.19 43.41
C ALA A 47 25.99 18.29 44.83
N MET A 48 26.52 19.45 45.19
CA MET A 48 27.06 19.61 46.53
C MET A 48 26.08 20.29 47.49
N ASP A 49 25.58 21.48 47.13
CA ASP A 49 24.79 22.25 48.08
C ASP A 49 23.41 21.66 48.38
N MET A 50 22.96 20.72 47.56
CA MET A 50 21.70 20.01 47.86
C MET A 50 21.96 18.77 48.71
N GLN A 51 23.23 18.37 48.87
CA GLN A 51 23.55 17.16 49.63
C GLN A 51 24.21 17.39 51.00
N VAL A 52 25.00 18.45 51.12
CA VAL A 52 25.90 18.63 52.27
C VAL A 52 25.34 19.44 53.42
N GLN A 53 24.13 19.96 53.28
CA GLN A 53 23.68 21.00 54.20
C GLN A 53 22.19 21.25 53.98
N SER A 54 21.41 21.47 55.03
CA SER A 54 19.97 21.65 54.83
C SER A 54 19.54 23.08 54.49
N GLY A 55 18.38 23.18 53.86
CA GLY A 55 17.78 24.45 53.50
C GLY A 55 18.75 25.55 53.14
N SER A 56 19.63 25.30 52.17
CA SER A 56 20.54 26.33 51.73
C SER A 56 21.28 25.95 50.45
N PHE A 57 20.66 26.20 49.31
CA PHE A 57 21.15 25.71 48.03
C PHE A 57 20.66 26.67 46.95
N TYR A 58 21.43 26.79 45.86
CA TYR A 58 21.04 27.75 44.86
C TYR A 58 20.02 27.20 43.87
N GLU A 59 19.04 28.04 43.56
CA GLU A 59 17.89 27.67 42.76
C GLU A 59 17.46 28.87 41.96
N GLY A 60 17.71 28.80 40.65
CA GLY A 60 17.52 29.92 39.75
C GLY A 60 18.25 29.72 38.43
N ALA A 61 18.60 30.84 37.80
CA ALA A 61 19.16 30.82 36.46
C ALA A 61 20.59 30.31 36.43
N GLY A 62 20.96 29.68 35.32
CA GLY A 62 22.33 29.35 35.05
C GLY A 62 22.41 29.26 33.55
N TYR A 63 23.54 29.63 32.96
CA TYR A 63 23.71 29.59 31.51
C TYR A 63 24.85 28.66 31.06
N TYR A 64 24.59 27.92 29.98
CA TYR A 64 25.57 27.05 29.37
C TYR A 64 25.84 27.55 27.96
N ARG A 65 27.08 27.48 27.52
CA ARG A 65 27.42 28.03 26.22
C ARG A 65 28.45 27.14 25.55
N LYS A 66 28.36 27.02 24.25
CA LYS A 66 29.26 26.18 23.55
C LYS A 66 29.28 26.65 22.13
N THR A 67 30.44 26.67 21.50
CA THR A 67 30.47 27.12 20.12
C THR A 67 31.05 26.02 19.20
N GLN A 68 30.35 25.72 18.13
CA GLN A 68 30.65 24.53 17.39
C GLN A 68 30.74 24.83 15.90
N PHE A 69 31.77 24.31 15.25
CA PHE A 69 31.85 24.44 13.81
C PHE A 69 30.95 23.38 13.13
N PHE A 70 30.08 23.80 12.22
CA PHE A 70 29.25 22.85 11.47
C PHE A 70 29.59 22.92 9.98
N PRO A 71 30.01 21.80 9.40
CA PRO A 71 30.54 21.87 8.04
C PRO A 71 29.52 22.21 6.95
N HIS A 72 30.00 22.52 5.75
CA HIS A 72 29.15 22.77 4.59
C HIS A 72 28.47 21.47 4.15
N ASP A 73 28.98 20.36 4.63
CA ASP A 73 28.37 19.04 4.39
C ASP A 73 26.92 18.87 4.85
N LEU A 74 26.43 19.76 5.70
CA LEU A 74 25.07 19.62 6.21
C LEU A 74 24.07 20.30 5.28
N GLU A 75 24.57 20.95 4.26
CA GLU A 75 23.72 21.52 3.25
C GLU A 75 22.62 20.53 2.87
N GLY A 76 21.37 20.96 2.89
CA GLY A 76 20.24 20.11 2.52
C GLY A 76 19.80 19.11 3.59
N LYS A 77 20.50 19.10 4.72
CA LYS A 77 20.21 18.14 5.81
C LYS A 77 19.37 18.76 6.93
N ARG A 78 18.83 17.92 7.81
CA ARG A 78 18.13 18.44 8.98
C ARG A 78 18.95 18.21 10.23
N VAL A 79 19.12 19.24 11.05
CA VAL A 79 19.92 19.10 12.27
C VAL A 79 19.14 19.36 13.56
N PHE A 80 19.24 18.43 14.50
CA PHE A 80 18.51 18.52 15.79
C PHE A 80 19.43 18.48 17.01
N LEU A 81 18.91 19.03 18.11
CA LEU A 81 19.50 18.81 19.43
C LEU A 81 18.49 18.06 20.27
N ARG A 82 18.95 17.08 21.01
CA ARG A 82 18.04 16.33 21.87
C ARG A 82 18.65 16.31 23.24
N PHE A 83 17.97 16.95 24.19
CA PHE A 83 18.41 17.00 25.55
C PHE A 83 17.61 15.99 26.32
N GLU A 84 18.28 15.05 26.97
CA GLU A 84 17.55 14.03 27.73
C GLU A 84 17.00 14.59 29.04
N GLY A 85 17.57 15.67 29.54
CA GLY A 85 17.03 16.24 30.76
C GLY A 85 17.71 17.51 31.17
N VAL A 86 16.94 18.54 31.49
CA VAL A 86 17.48 19.79 32.03
C VAL A 86 16.64 20.30 33.20
N GLY A 87 17.26 20.50 34.37
CA GLY A 87 16.53 21.01 35.53
C GLY A 87 16.58 22.53 35.66
N ALA A 88 15.41 23.21 35.66
CA ALA A 88 14.09 22.59 35.49
C ALA A 88 13.36 23.11 34.24
N CYS A 89 13.62 24.37 33.88
CA CYS A 89 13.12 24.94 32.62
C CYS A 89 14.26 25.30 31.73
N ALA A 90 14.02 25.20 30.43
CA ALA A 90 15.12 25.37 29.51
C ALA A 90 14.81 26.30 28.36
N GLU A 91 15.78 27.12 28.00
CA GLU A 91 15.67 27.79 26.75
C GLU A 91 16.91 27.52 25.95
N VAL A 92 16.74 27.29 24.64
CA VAL A 92 17.89 27.11 23.80
C VAL A 92 17.97 28.09 22.63
N TYR A 93 19.12 28.73 22.52
CA TYR A 93 19.35 29.74 21.50
C TYR A 93 20.45 29.30 20.56
N VAL A 94 20.22 29.59 19.29
CA VAL A 94 21.15 29.23 18.24
C VAL A 94 21.53 30.53 17.60
N ASN A 95 22.80 30.88 17.73
CA ASN A 95 23.26 32.15 17.23
C ASN A 95 22.28 33.25 17.61
N GLY A 96 21.71 33.16 18.80
CA GLY A 96 20.82 34.22 19.30
C GLY A 96 19.36 33.97 19.03
N LYS A 97 19.05 33.15 18.03
CA LYS A 97 17.66 32.89 17.68
C LYS A 97 17.15 31.78 18.56
N LEU A 98 15.99 32.01 19.17
CA LEU A 98 15.36 31.07 20.06
C LEU A 98 14.94 29.81 19.36
N ALA A 99 15.58 28.68 19.65
CA ALA A 99 15.17 27.41 19.04
C ALA A 99 14.08 26.64 19.81
N GLY A 100 13.98 26.82 21.12
CA GLY A 100 12.96 26.06 21.82
C GLY A 100 12.90 26.32 23.30
N THR A 101 11.79 25.91 23.89
CA THR A 101 11.50 26.14 25.29
C THR A 101 11.04 24.85 25.90
N HIS A 102 11.32 24.63 27.16
CA HIS A 102 10.80 23.44 27.83
C HIS A 102 10.74 23.72 29.31
N LYS A 103 9.69 23.19 29.94
CA LYS A 103 9.48 23.33 31.36
C LYS A 103 9.16 21.96 31.93
N GLY A 104 9.98 21.46 32.85
CA GLY A 104 9.84 20.10 33.31
C GLY A 104 11.22 19.50 33.29
N GLY A 105 11.80 19.38 34.47
CA GLY A 105 13.21 19.06 34.56
C GLY A 105 13.46 17.58 34.43
N TYR A 106 12.46 16.85 33.94
CA TYR A 106 12.57 15.39 33.95
C TYR A 106 12.32 14.68 32.62
N SER A 107 11.94 15.41 31.59
CA SER A 107 11.64 14.79 30.31
C SER A 107 12.64 15.22 29.23
N ALA A 108 12.74 14.45 28.14
CA ALA A 108 13.63 14.84 27.06
C ALA A 108 13.02 15.99 26.27
N PHE A 109 13.81 16.75 25.52
CA PHE A 109 13.23 17.62 24.50
C PHE A 109 14.16 17.86 23.34
N ALA A 110 13.60 18.16 22.19
CA ALA A 110 14.37 18.26 20.98
C ALA A 110 13.93 19.48 20.17
N CYS A 111 14.89 20.20 19.60
CA CYS A 111 14.49 21.17 18.63
C CYS A 111 15.33 21.12 17.39
N GLU A 112 14.68 21.29 16.25
CA GLU A 112 15.38 21.42 15.01
C GLU A 112 16.15 22.75 15.08
N ILE A 113 17.35 22.76 14.53
CA ILE A 113 18.17 23.96 14.64
C ILE A 113 18.91 24.19 13.33
N GLY A 114 18.91 23.17 12.47
CA GLY A 114 19.56 23.28 11.18
C GLY A 114 19.25 24.60 10.50
N THR A 115 17.98 24.94 10.42
CA THR A 115 17.58 26.14 9.69
C THR A 115 18.11 27.41 10.30
N ALA A 116 18.94 27.30 11.33
CA ALA A 116 19.50 28.48 11.98
C ALA A 116 21.01 28.49 11.92
N LEU A 117 21.62 27.35 11.62
CA LEU A 117 23.07 27.30 11.58
C LEU A 117 23.59 28.18 10.46
N LYS A 118 24.80 28.74 10.61
CA LYS A 118 25.57 29.19 9.44
C LYS A 118 26.55 28.07 9.17
N LEU A 119 26.38 27.38 8.04
CA LEU A 119 27.21 26.23 7.71
C LEU A 119 28.56 26.72 7.27
N GLY A 120 29.55 25.84 7.32
CA GLY A 120 30.92 26.20 7.01
C GLY A 120 31.46 27.24 7.97
N ALA A 121 30.70 27.59 9.00
CA ALA A 121 31.15 28.58 9.96
C ALA A 121 31.03 28.09 11.40
N GLU A 122 31.40 28.90 12.38
CA GLU A 122 31.19 28.53 13.78
C GLU A 122 29.85 29.05 14.30
N ASN A 123 29.19 28.26 15.14
CA ASN A 123 27.87 28.63 15.62
C ASN A 123 27.84 28.63 17.14
N GLU A 124 26.89 29.35 17.72
CA GLU A 124 26.86 29.44 19.17
C GLU A 124 25.58 28.93 19.75
N ILE A 125 25.71 27.93 20.62
CA ILE A 125 24.58 27.42 21.33
C ILE A 125 24.59 27.92 22.77
N ILE A 126 23.50 28.57 23.17
CA ILE A 126 23.36 28.90 24.59
C ILE A 126 22.09 28.26 25.13
N VAL A 127 22.22 27.65 26.31
CA VAL A 127 21.08 27.06 26.94
C VAL A 127 20.94 27.76 28.26
N LYS A 128 19.76 28.30 28.47
CA LYS A 128 19.39 28.93 29.73
C LYS A 128 18.63 27.89 30.57
N ALA A 129 19.18 27.54 31.72
CA ALA A 129 18.57 26.58 32.64
C ALA A 129 18.12 27.29 33.92
N ASP A 130 16.93 26.95 34.41
CA ASP A 130 16.48 27.55 35.68
C ASP A 130 15.78 26.51 36.56
N ASN A 131 16.19 26.36 37.80
CA ASN A 131 15.55 25.36 38.63
C ASN A 131 14.84 25.93 39.84
N LYS A 132 14.43 27.18 39.74
CA LYS A 132 13.65 27.80 40.78
C LYS A 132 12.19 27.30 40.71
N ALA A 133 11.67 26.84 41.84
CA ALA A 133 10.29 26.37 41.95
C ALA A 133 9.32 27.47 41.62
N ARG A 134 8.26 27.11 40.91
CA ARG A 134 7.27 28.07 40.47
C ARG A 134 5.90 27.38 40.34
N PRO A 135 4.83 28.09 40.72
CA PRO A 135 3.52 27.45 40.92
C PRO A 135 2.93 26.74 39.68
N ASP A 136 3.38 27.10 38.48
CA ASP A 136 2.81 26.49 37.24
C ASP A 136 3.54 25.27 36.69
N VAL A 137 4.56 24.80 37.42
CA VAL A 137 5.38 23.67 37.00
C VAL A 137 5.55 22.67 38.15
N ILE A 138 5.31 21.40 37.91
CA ILE A 138 5.53 20.40 38.93
C ILE A 138 6.96 19.91 38.76
N PRO A 139 7.61 19.53 39.87
CA PRO A 139 7.03 19.59 41.22
C PRO A 139 7.01 21.04 41.69
N VAL A 140 5.93 21.48 42.34
CA VAL A 140 5.78 22.89 42.67
C VAL A 140 6.61 23.36 43.86
N ASN A 141 7.43 22.50 44.41
CA ASN A 141 8.36 22.88 45.46
C ASN A 141 9.44 21.82 45.62
N GLN A 142 10.43 22.12 46.46
CA GLN A 142 11.56 21.23 46.68
C GLN A 142 11.45 20.50 48.00
N ASN A 143 10.25 20.31 48.52
CA ASN A 143 10.12 19.71 49.86
C ASN A 143 10.38 18.22 49.96
N LEU A 144 9.87 17.44 49.00
CA LEU A 144 10.05 15.99 49.04
C LEU A 144 11.44 15.60 48.57
N PHE A 145 12.01 16.38 47.66
CA PHE A 145 13.35 16.13 47.11
C PHE A 145 13.70 17.37 46.30
N GLY A 146 14.92 17.50 45.83
CA GLY A 146 15.25 18.75 45.16
C GLY A 146 15.54 18.62 43.68
N VAL A 147 14.97 19.51 42.89
CA VAL A 147 15.19 19.49 41.44
C VAL A 147 16.57 20.05 41.07
N TYR A 148 17.61 19.20 41.16
CA TYR A 148 18.96 19.60 40.75
C TYR A 148 18.97 20.41 39.45
N GLY A 149 19.57 21.59 39.45
CA GLY A 149 19.58 22.37 38.22
C GLY A 149 20.69 21.92 37.31
N GLY A 150 20.52 22.18 36.02
CA GLY A 150 21.61 22.01 35.08
C GLY A 150 21.26 21.03 33.98
N ILE A 151 22.11 20.98 32.97
CA ILE A 151 21.99 19.98 31.94
C ILE A 151 22.56 18.68 32.48
N TYR A 152 21.78 18.03 33.34
CA TYR A 152 22.31 16.92 34.13
C TYR A 152 22.17 15.54 33.47
N ARG A 153 21.48 15.47 32.33
CA ARG A 153 21.49 14.30 31.46
C ARG A 153 22.18 14.65 30.12
N PRO A 154 22.57 13.61 29.38
CA PRO A 154 23.37 13.82 28.14
C PRO A 154 22.65 14.58 27.03
N VAL A 155 23.43 15.24 26.18
CA VAL A 155 22.90 15.95 25.03
C VAL A 155 23.35 15.33 23.71
N TRP A 156 22.44 15.25 22.75
CA TRP A 156 22.71 14.58 21.50
C TRP A 156 22.54 15.53 20.32
N LEU A 157 23.42 15.38 19.34
CA LEU A 157 23.26 16.03 18.05
C LEU A 157 22.74 14.99 17.02
N ILE A 158 21.66 15.32 16.33
CA ILE A 158 21.06 14.38 15.40
C ILE A 158 20.98 14.95 14.00
N VAL A 159 21.52 14.21 13.03
CA VAL A 159 21.46 14.64 11.64
C VAL A 159 20.66 13.67 10.80
N THR A 160 19.76 14.24 9.99
CA THR A 160 18.74 13.55 9.19
C THR A 160 18.81 13.99 7.73
N GLU A 161 17.96 13.39 6.89
CA GLU A 161 17.72 13.89 5.56
C GLU A 161 16.46 14.77 5.51
N GLN A 162 16.21 15.42 4.37
CA GLN A 162 15.04 16.29 4.23
C GLN A 162 13.73 15.56 4.61
N ASN A 163 13.61 14.28 4.27
CA ASN A 163 12.49 13.43 4.72
C ASN A 163 12.96 12.48 5.81
N ASN A 164 12.22 12.41 6.91
CA ASN A 164 12.63 11.54 8.02
C ASN A 164 11.49 11.02 8.88
N ILE A 165 11.84 10.11 9.77
CA ILE A 165 10.99 9.75 10.90
C ILE A 165 11.17 10.86 11.93
N THR A 166 10.08 11.34 12.49
CA THR A 166 10.17 12.56 13.26
C THR A 166 10.98 12.45 14.56
N VAL A 167 11.93 13.37 14.69
CA VAL A 167 12.79 13.48 15.85
C VAL A 167 12.15 14.38 16.90
N THR A 168 11.07 15.02 16.47
CA THR A 168 10.55 16.21 17.12
C THR A 168 9.14 16.06 17.72
N ASP A 169 8.67 14.82 17.85
CA ASP A 169 7.36 14.57 18.42
C ASP A 169 7.46 14.25 19.92
N CYS A 170 7.40 15.30 20.74
CA CYS A 170 7.66 15.23 22.18
C CYS A 170 8.92 14.49 22.50
N ALA A 171 9.94 14.69 21.67
CA ALA A 171 11.26 14.09 21.87
C ALA A 171 11.22 12.56 21.86
N SER A 172 10.09 12.01 21.41
CA SER A 172 9.95 10.57 21.30
C SER A 172 10.75 10.04 20.12
N PRO A 173 10.83 8.71 19.99
CA PRO A 173 11.58 8.07 18.92
C PRO A 173 10.88 8.22 17.57
N GLY A 174 9.61 8.60 17.59
CA GLY A 174 8.89 8.75 16.34
C GLY A 174 8.18 7.50 15.90
N VAL A 175 8.46 6.37 16.54
CA VAL A 175 7.64 5.17 16.34
C VAL A 175 6.90 4.76 17.61
N TYR A 176 5.74 4.13 17.46
CA TYR A 176 4.88 3.81 18.57
C TYR A 176 4.39 2.39 18.40
N ILE A 177 4.66 1.54 19.40
CA ILE A 177 4.41 0.12 19.25
C ILE A 177 3.36 -0.38 20.22
N THR A 178 2.48 -1.20 19.71
CA THR A 178 1.26 -1.53 20.39
C THR A 178 1.03 -3.04 20.45
N GLN A 179 0.29 -3.50 21.45
CA GLN A 179 0.01 -4.93 21.58
C GLN A 179 -1.43 -5.17 22.00
N LYS A 180 -2.11 -6.04 21.27
CA LYS A 180 -3.51 -6.28 21.54
C LYS A 180 -3.74 -7.78 21.41
N ASP A 181 -4.48 -8.35 22.36
CA ASP A 181 -4.77 -9.79 22.36
C ASP A 181 -3.52 -10.65 22.44
N VAL A 182 -2.80 -10.54 23.56
CA VAL A 182 -1.55 -11.25 23.74
C VAL A 182 -1.77 -12.50 24.57
N SER A 183 -1.27 -13.63 24.07
CA SER A 183 -1.37 -14.91 24.76
C SER A 183 -0.28 -15.81 24.20
N LYS A 184 -0.15 -17.02 24.75
CA LYS A 184 0.80 -18.01 24.26
C LYS A 184 0.78 -18.14 22.73
N LYS A 185 -0.44 -18.15 22.17
CA LYS A 185 -0.66 -18.58 20.80
C LYS A 185 -0.50 -17.49 19.76
N SER A 186 -0.92 -16.28 20.09
CA SER A 186 -0.65 -15.16 19.20
C SER A 186 -0.67 -13.78 19.89
N ALA A 187 -0.32 -12.77 19.10
CA ALA A 187 -0.32 -11.40 19.53
C ALA A 187 -0.44 -10.51 18.31
N ASP A 188 -1.26 -9.47 18.38
CA ASP A 188 -1.36 -8.50 17.31
C ASP A 188 -0.49 -7.30 17.67
N ILE A 189 0.45 -7.01 16.78
CA ILE A 189 1.42 -5.95 16.99
C ILE A 189 1.20 -4.84 15.98
N THR A 190 1.01 -3.61 16.47
CA THR A 190 0.91 -2.45 15.58
C THR A 190 2.09 -1.54 15.70
N VAL A 191 2.58 -1.10 14.55
CA VAL A 191 3.68 -0.15 14.52
C VAL A 191 3.24 1.11 13.83
N LYS A 192 3.12 2.18 14.61
CA LYS A 192 2.74 3.50 14.11
C LYS A 192 4.00 4.34 13.87
N VAL A 193 4.09 4.94 12.70
CA VAL A 193 5.29 5.70 12.37
C VAL A 193 4.90 7.09 11.88
N LYS A 194 5.67 8.10 12.29
CA LYS A 194 5.44 9.48 11.89
C LYS A 194 6.50 10.02 10.96
N LEU A 195 6.08 10.49 9.79
CA LEU A 195 7.06 10.97 8.81
C LEU A 195 6.92 12.46 8.54
N ASP A 196 8.06 13.12 8.38
CA ASP A 196 8.04 14.53 8.05
C ASP A 196 8.84 14.80 6.80
N ASN A 197 8.21 15.51 5.87
CA ASN A 197 8.88 15.96 4.67
C ASN A 197 9.11 17.44 4.85
N ALA A 198 10.35 17.85 5.03
CA ALA A 198 10.59 19.27 5.22
C ALA A 198 10.80 19.96 3.87
N GLY A 199 10.73 19.20 2.78
CA GLY A 199 10.89 19.76 1.44
C GLY A 199 9.66 20.53 1.01
N LEU A 200 9.66 20.99 -0.25
CA LEU A 200 8.53 21.74 -0.80
C LEU A 200 7.62 20.94 -1.75
N GLN A 201 7.95 19.70 -2.01
CA GLN A 201 7.24 18.91 -2.99
C GLN A 201 7.07 17.51 -2.44
N PRO A 202 6.03 16.79 -2.85
CA PRO A 202 5.94 15.45 -2.30
C PRO A 202 7.22 14.67 -2.62
N ALA A 203 7.44 13.56 -1.94
CA ALA A 203 8.64 12.77 -2.17
C ALA A 203 8.31 11.30 -2.24
N ALA A 204 8.81 10.63 -3.28
CA ALA A 204 8.68 9.19 -3.39
C ALA A 204 9.54 8.51 -2.33
N VAL A 205 8.90 7.70 -1.48
CA VAL A 205 9.64 6.98 -0.45
C VAL A 205 8.96 5.64 -0.18
N THR A 206 9.68 4.73 0.49
CA THR A 206 9.07 3.47 0.91
C THR A 206 9.31 3.30 2.37
N LEU A 207 8.27 3.02 3.12
CA LEU A 207 8.45 2.74 4.52
C LEU A 207 8.53 1.23 4.70
N GLU A 208 9.64 0.75 5.24
CA GLU A 208 9.76 -0.68 5.51
C GLU A 208 9.95 -0.93 6.97
N ASN A 209 9.00 -1.66 7.55
CA ASN A 209 9.06 -1.99 8.96
C ASN A 209 9.29 -3.48 9.16
N THR A 210 10.25 -3.83 10.01
CA THR A 210 10.63 -5.23 10.22
C THR A 210 10.67 -5.64 11.70
N ILE A 211 10.28 -6.88 11.99
CA ILE A 211 10.49 -7.40 13.33
C ILE A 211 11.53 -8.51 13.27
N TYR A 212 12.60 -8.36 14.04
CA TYR A 212 13.56 -9.44 14.17
C TYR A 212 13.39 -10.21 15.47
N THR A 213 13.91 -11.43 15.49
CA THR A 213 13.94 -12.21 16.73
C THR A 213 15.15 -11.76 17.54
N GLN A 214 15.13 -12.10 18.82
CA GLN A 214 16.22 -11.66 19.67
C GLN A 214 17.58 -12.00 19.07
N GLU A 215 17.63 -13.11 18.32
CA GLU A 215 18.90 -13.61 17.80
C GLU A 215 19.22 -13.00 16.42
N GLY A 216 18.43 -12.04 15.95
CA GLY A 216 18.73 -11.35 14.70
C GLY A 216 18.09 -11.87 13.41
N GLN A 217 17.21 -12.85 13.53
CA GLN A 217 16.54 -13.44 12.37
C GLN A 217 15.25 -12.73 12.02
N LYS A 218 15.09 -12.40 10.75
CA LYS A 218 13.90 -11.67 10.34
C LYS A 218 12.62 -12.46 10.58
N VAL A 219 11.60 -11.82 11.13
CA VAL A 219 10.30 -12.45 11.34
C VAL A 219 9.33 -12.00 10.24
N GLY A 220 9.12 -10.71 10.13
CA GLY A 220 8.17 -10.18 9.16
C GLY A 220 8.60 -8.80 8.73
N THR A 221 8.24 -8.41 7.52
CA THR A 221 8.43 -7.05 7.07
C THR A 221 7.06 -6.56 6.63
N HIS A 222 6.84 -5.27 6.77
CA HIS A 222 5.72 -4.62 6.11
C HIS A 222 6.28 -3.49 5.25
N SER A 223 5.85 -3.41 4.00
CA SER A 223 6.39 -2.42 3.11
C SER A 223 5.30 -1.59 2.48
N ARG A 224 5.56 -0.30 2.30
CA ARG A 224 4.60 0.64 1.69
C ARG A 224 5.33 1.77 0.95
N SER A 225 4.93 1.99 -0.29
CA SER A 225 5.52 3.03 -1.12
C SER A 225 4.48 4.07 -1.40
N PHE A 226 4.87 5.34 -1.35
CA PHE A 226 3.92 6.42 -1.46
C PHE A 226 4.69 7.70 -1.63
N ASP A 227 3.96 8.78 -1.88
CA ASP A 227 4.55 10.10 -1.95
C ASP A 227 4.36 10.74 -0.59
N LEU A 228 5.46 11.08 0.05
CA LEU A 228 5.38 11.73 1.34
C LEU A 228 5.05 13.21 1.11
N SER A 229 3.87 13.59 1.57
CA SER A 229 3.32 14.94 1.44
C SER A 229 4.18 16.02 2.09
N PRO A 230 4.38 17.15 1.40
CA PRO A 230 5.21 18.11 2.12
C PRO A 230 4.41 18.91 3.14
N GLN A 231 3.15 18.54 3.39
CA GLN A 231 2.25 19.39 4.19
C GLN A 231 1.85 18.74 5.52
N GLY A 232 2.62 18.96 6.57
CA GLY A 232 2.29 18.37 7.86
C GLY A 232 2.90 17.00 8.05
N THR A 233 3.19 16.64 9.28
CA THR A 233 3.68 15.31 9.58
C THR A 233 2.60 14.30 9.25
N GLN A 234 3.00 13.09 8.85
CA GLN A 234 2.08 12.03 8.48
C GLN A 234 2.34 10.80 9.33
N THR A 235 1.41 9.85 9.24
CA THR A 235 1.40 8.72 10.14
C THR A 235 1.02 7.48 9.37
N TYR A 236 1.82 6.42 9.53
CA TYR A 236 1.56 5.15 8.86
C TYR A 236 1.60 3.95 9.81
N LEU A 237 0.67 3.02 9.59
CA LEU A 237 0.51 1.86 10.44
C LEU A 237 1.02 0.59 9.77
N SER A 238 1.78 -0.22 10.51
CA SER A 238 2.00 -1.61 10.12
C SER A 238 1.32 -2.54 11.12
N THR A 239 1.07 -3.75 10.66
CA THR A 239 0.31 -4.69 11.44
C THR A 239 0.96 -6.07 11.31
N PHE A 240 1.51 -6.59 12.39
CA PHE A 240 2.06 -7.93 12.30
C PHE A 240 1.26 -8.85 13.18
N LYS A 241 1.15 -10.09 12.74
CA LYS A 241 0.44 -11.10 13.50
C LYS A 241 1.45 -12.19 13.92
N LEU A 242 1.85 -12.17 15.18
CA LEU A 242 2.80 -13.16 15.67
C LEU A 242 2.07 -14.46 16.03
N LYS A 243 2.61 -15.59 15.58
CA LYS A 243 2.06 -16.88 15.94
C LYS A 243 2.98 -17.58 16.96
N ASN A 244 2.43 -17.97 18.11
CA ASN A 244 3.24 -18.56 19.19
C ASN A 244 4.43 -17.68 19.46
N PRO A 245 4.15 -16.46 19.90
CA PRO A 245 5.23 -15.53 20.10
C PRO A 245 6.06 -16.00 21.29
N HIS A 246 7.35 -15.72 21.27
CA HIS A 246 8.11 -15.90 22.46
C HIS A 246 7.79 -14.72 23.40
N LEU A 247 7.02 -14.95 24.47
CA LEU A 247 6.61 -13.88 25.38
C LEU A 247 7.73 -13.40 26.26
N TRP A 248 7.60 -12.17 26.74
CA TRP A 248 8.54 -11.53 27.64
C TRP A 248 7.96 -11.80 29.04
N GLN A 249 8.71 -12.53 29.85
CA GLN A 249 8.18 -13.09 31.09
C GLN A 249 8.88 -12.59 32.38
N GLY A 250 9.22 -11.31 32.43
CA GLY A 250 9.90 -10.78 33.59
C GLY A 250 11.29 -11.38 33.73
N ARG A 251 11.68 -11.66 34.98
CA ARG A 251 13.04 -12.11 35.22
C ARG A 251 13.33 -13.53 34.74
N LYS A 252 12.31 -14.39 34.70
CA LYS A 252 12.51 -15.72 34.11
C LYS A 252 12.90 -15.68 32.60
N ASP A 253 12.26 -14.85 31.79
CA ASP A 253 12.55 -14.85 30.35
C ASP A 253 12.30 -13.48 29.65
N PRO A 254 13.23 -12.55 29.80
CA PRO A 254 13.02 -11.18 29.28
C PRO A 254 13.22 -11.08 27.77
N TYR A 255 12.50 -11.90 27.02
CA TYR A 255 12.71 -11.98 25.59
C TYR A 255 12.31 -10.67 24.88
N LEU A 256 13.19 -10.18 24.01
CA LEU A 256 13.00 -8.93 23.31
C LEU A 256 13.19 -9.10 21.82
N TYR A 257 12.12 -8.87 21.07
CA TYR A 257 12.25 -8.73 19.62
C TYR A 257 12.82 -7.35 19.35
N LYS A 258 13.36 -7.18 18.15
CA LYS A 258 13.90 -5.91 17.69
C LYS A 258 12.94 -5.34 16.60
N VAL A 259 12.44 -4.12 16.75
CA VAL A 259 11.61 -3.55 15.69
C VAL A 259 12.37 -2.47 14.94
N VAL A 260 12.52 -2.64 13.64
CA VAL A 260 13.30 -1.70 12.84
C VAL A 260 12.44 -1.05 11.79
N CYS A 261 12.46 0.28 11.73
CA CYS A 261 11.69 1.02 10.75
C CYS A 261 12.66 1.80 9.90
N ARG A 262 12.76 1.45 8.62
CA ARG A 262 13.62 2.21 7.75
C ARG A 262 12.78 2.92 6.72
N LEU A 263 13.03 4.21 6.57
CA LEU A 263 12.49 5.00 5.49
C LEU A 263 13.50 4.91 4.32
N MET A 264 13.00 4.79 3.11
CA MET A 264 13.88 4.59 2.00
C MET A 264 13.48 5.46 0.83
N ALA A 265 14.44 5.77 -0.03
CA ALA A 265 14.22 6.59 -1.22
C ALA A 265 15.23 6.16 -2.29
N ASP A 266 14.76 5.63 -3.41
CA ASP A 266 15.70 5.14 -4.40
C ASP A 266 16.27 3.80 -3.95
N GLY A 267 15.48 3.00 -3.25
CA GLY A 267 15.99 1.75 -2.71
C GLY A 267 17.26 1.99 -1.91
N LYS A 268 17.46 3.22 -1.46
CA LYS A 268 18.50 3.52 -0.50
C LYS A 268 17.91 3.96 0.85
N VAL A 269 18.42 3.39 1.94
CA VAL A 269 17.90 3.75 3.26
C VAL A 269 18.28 5.20 3.56
N ILE A 270 17.34 6.01 4.03
CA ILE A 270 17.67 7.40 4.34
C ILE A 270 17.32 7.73 5.78
N ASP A 271 16.63 6.84 6.47
CA ASP A 271 16.41 7.03 7.88
C ASP A 271 15.97 5.71 8.47
N GLU A 272 16.43 5.41 9.69
CA GLU A 272 15.88 4.29 10.43
C GLU A 272 15.69 4.65 11.89
N VAL A 273 14.79 3.92 12.54
CA VAL A 273 14.67 3.95 14.00
C VAL A 273 14.46 2.51 14.45
N VAL A 274 15.19 2.10 15.47
CA VAL A 274 15.10 0.76 16.00
C VAL A 274 14.50 0.83 17.40
N GLN A 275 13.56 -0.04 17.72
CA GLN A 275 12.98 -0.06 19.04
C GLN A 275 12.84 -1.49 19.55
N PRO A 276 12.80 -1.66 20.86
CA PRO A 276 12.58 -2.98 21.44
C PRO A 276 11.12 -3.39 21.32
N LEU A 277 10.87 -4.69 21.38
CA LEU A 277 9.50 -5.17 21.56
C LEU A 277 9.47 -6.35 22.53
N GLY A 278 8.72 -6.20 23.62
CA GLY A 278 8.57 -7.27 24.59
C GLY A 278 7.12 -7.70 24.64
N VAL A 279 6.81 -8.85 24.07
CA VAL A 279 5.43 -9.28 23.96
C VAL A 279 4.91 -9.74 25.33
N ARG A 280 3.86 -9.07 25.85
CA ARG A 280 3.27 -9.50 27.13
C ARG A 280 1.91 -8.86 27.43
N LYS A 281 1.21 -9.46 28.39
CA LYS A 281 -0.10 -9.01 28.79
C LYS A 281 0.07 -8.75 30.28
N TYR A 282 -0.36 -7.58 30.75
CA TYR A 282 -0.44 -7.35 32.19
C TYR A 282 -1.87 -7.39 32.58
N GLU A 283 -2.19 -8.15 33.60
CA GLU A 283 -3.49 -7.94 34.21
C GLU A 283 -3.48 -7.99 35.73
N ILE A 284 -4.23 -7.08 36.34
CA ILE A 284 -4.40 -7.09 37.79
C ILE A 284 -5.83 -7.49 38.15
N VAL A 285 -5.97 -8.39 39.10
CA VAL A 285 -7.31 -8.70 39.60
C VAL A 285 -7.35 -8.41 41.10
N ALA A 286 -8.11 -7.39 41.47
CA ALA A 286 -8.30 -7.05 42.87
C ALA A 286 -8.50 -8.30 43.73
N GLY A 287 -7.87 -8.36 44.89
CA GLY A 287 -7.98 -9.56 45.71
C GLY A 287 -6.93 -10.60 45.37
N LYS A 288 -6.73 -10.88 44.09
CA LYS A 288 -5.90 -12.02 43.72
C LYS A 288 -4.45 -11.68 43.43
N GLY A 289 -4.19 -10.59 42.73
CA GLY A 289 -2.81 -10.31 42.42
C GLY A 289 -2.56 -9.93 41.00
N PHE A 290 -1.29 -9.97 40.63
CA PHE A 290 -0.81 -9.45 39.37
C PHE A 290 -0.52 -10.61 38.43
N PHE A 291 -1.05 -10.55 37.22
CA PHE A 291 -0.88 -11.65 36.27
C PHE A 291 -0.08 -11.23 35.06
N LEU A 292 0.97 -11.99 34.78
CA LEU A 292 1.84 -11.71 33.65
C LEU A 292 1.61 -12.83 32.66
N ASN A 293 1.01 -12.50 31.53
CA ASN A 293 0.72 -13.51 30.53
C ASN A 293 -0.06 -14.64 31.13
N GLY A 294 -0.94 -14.33 32.09
CA GLY A 294 -1.85 -15.34 32.58
C GLY A 294 -1.38 -15.97 33.87
N GLU A 295 -0.06 -16.09 34.05
CA GLU A 295 0.52 -16.60 35.31
C GLU A 295 0.73 -15.54 36.38
N LYS A 296 0.27 -15.85 37.59
CA LYS A 296 0.48 -15.02 38.77
C LYS A 296 1.96 -14.69 38.85
N TYR A 297 2.29 -13.52 39.35
CA TYR A 297 3.68 -13.11 39.33
C TYR A 297 3.96 -12.22 40.53
N SER A 298 4.97 -12.55 41.30
CA SER A 298 5.23 -11.81 42.54
C SER A 298 5.55 -10.35 42.22
N MET A 299 5.00 -9.43 42.99
CA MET A 299 5.38 -8.04 42.85
C MET A 299 6.13 -7.62 44.11
N TYR A 300 7.41 -7.96 44.15
CA TYR A 300 8.28 -7.53 45.23
C TYR A 300 8.94 -6.28 44.75
N GLY A 301 8.43 -5.14 45.21
CA GLY A 301 8.80 -3.83 44.70
C GLY A 301 9.71 -2.96 45.56
N VAL A 302 10.62 -2.25 44.90
CA VAL A 302 11.41 -1.22 45.55
C VAL A 302 11.27 0.09 44.78
N THR A 303 11.87 1.14 45.30
CA THR A 303 11.85 2.48 44.73
C THR A 303 13.29 3.02 44.60
N ARG A 304 13.47 4.12 43.89
CA ARG A 304 14.82 4.56 43.53
C ARG A 304 14.86 5.98 42.97
N HIS A 305 15.45 6.91 43.73
CA HIS A 305 15.63 8.29 43.28
C HIS A 305 16.86 8.29 42.39
N GLN A 306 17.13 9.39 41.70
CA GLN A 306 18.14 9.31 40.66
C GLN A 306 19.39 10.14 40.99
N ASP A 307 19.63 10.36 42.27
CA ASP A 307 20.88 11.00 42.72
C ASP A 307 21.80 9.98 43.40
N TRP A 308 23.11 10.25 43.33
CA TRP A 308 24.10 9.61 44.18
C TRP A 308 24.73 10.67 45.07
N TRP A 309 25.23 10.24 46.22
CA TRP A 309 26.00 11.12 47.06
C TRP A 309 27.11 11.70 46.18
N GLY A 310 27.28 13.03 46.20
CA GLY A 310 28.41 13.64 45.51
C GLY A 310 28.32 13.84 44.01
N LEU A 311 27.50 13.06 43.32
CA LEU A 311 27.20 13.34 41.90
C LEU A 311 25.90 14.15 41.72
N GLY A 312 25.08 14.22 42.77
CA GLY A 312 23.72 14.72 42.61
C GLY A 312 23.03 13.84 41.57
N SER A 313 22.28 14.44 40.68
CA SER A 313 21.59 13.66 39.68
C SER A 313 22.30 13.64 38.34
N ALA A 314 23.58 13.99 38.33
CA ALA A 314 24.34 14.00 37.08
C ALA A 314 25.04 12.66 36.95
N LEU A 315 24.29 11.62 36.62
CA LEU A 315 24.83 10.27 36.63
C LEU A 315 25.25 9.76 35.26
N LYS A 316 26.02 8.69 35.26
CA LYS A 316 26.37 8.05 34.02
C LYS A 316 25.79 6.63 34.01
N ASN A 317 25.70 6.02 32.84
CA ASN A 317 25.14 4.68 32.74
C ASN A 317 25.68 3.66 33.77
N GLU A 318 27.01 3.60 33.89
CA GLU A 318 27.65 2.83 34.95
C GLU A 318 26.89 2.95 36.27
N HIS A 319 26.49 4.17 36.62
CA HIS A 319 25.74 4.40 37.85
C HIS A 319 24.37 3.75 37.81
N HIS A 320 23.67 3.94 36.70
CA HIS A 320 22.34 3.42 36.58
C HIS A 320 22.43 1.93 36.65
N ASP A 321 23.43 1.36 35.99
CA ASP A 321 23.62 -0.09 36.01
C ASP A 321 23.87 -0.59 37.42
N PHE A 322 24.68 0.16 38.17
CA PHE A 322 25.03 -0.28 39.50
C PHE A 322 23.82 -0.31 40.42
N ASP A 323 22.91 0.67 40.30
CA ASP A 323 21.65 0.63 41.01
C ASP A 323 20.80 -0.57 40.57
N LEU A 324 20.80 -0.85 39.26
CA LEU A 324 20.00 -1.93 38.70
C LEU A 324 20.53 -3.31 39.14
N ALA A 325 21.85 -3.44 39.19
CA ALA A 325 22.50 -4.66 39.71
C ALA A 325 22.03 -4.97 41.12
N ALA A 326 22.02 -3.95 41.97
CA ALA A 326 21.61 -4.12 43.35
C ALA A 326 20.13 -4.50 43.41
N ILE A 327 19.31 -3.86 42.60
CA ILE A 327 17.89 -4.13 42.67
C ILE A 327 17.66 -5.58 42.26
N MET A 328 18.30 -5.96 41.16
CA MET A 328 18.25 -7.33 40.72
C MET A 328 18.70 -8.28 41.85
N ASP A 329 19.83 -7.96 42.48
CA ASP A 329 20.40 -8.81 43.50
C ASP A 329 19.58 -8.94 44.79
N VAL A 330 18.82 -7.91 45.14
CA VAL A 330 17.98 -7.99 46.33
C VAL A 330 16.82 -8.93 46.03
N GLY A 331 16.63 -9.23 44.75
CA GLY A 331 15.51 -10.06 44.33
C GLY A 331 14.23 -9.31 43.99
N ALA A 332 14.29 -7.99 43.85
CA ALA A 332 13.12 -7.23 43.42
C ALA A 332 12.61 -7.66 42.03
N THR A 333 11.30 -7.51 41.80
CA THR A 333 10.77 -7.83 40.47
C THR A 333 10.05 -6.66 39.82
N THR A 334 9.72 -5.67 40.64
CA THR A 334 9.03 -4.49 40.16
C THR A 334 9.70 -3.30 40.80
N VAL A 335 9.72 -2.18 40.09
CA VAL A 335 10.29 -0.97 40.66
C VAL A 335 9.35 0.19 40.42
N ARG A 336 9.15 0.98 41.46
CA ARG A 336 8.47 2.26 41.32
C ARG A 336 9.51 3.39 41.20
N PHE A 337 9.74 3.88 40.00
CA PHE A 337 10.70 4.98 39.85
C PHE A 337 10.15 6.36 40.21
N ALA A 338 9.81 6.57 41.49
CA ALA A 338 9.32 7.88 41.96
C ALA A 338 10.39 8.96 41.88
N HIS A 339 10.01 10.23 41.74
CA HIS A 339 8.62 10.66 41.64
C HIS A 339 8.45 11.35 40.30
N TYR A 340 9.24 10.93 39.31
CA TYR A 340 9.37 11.72 38.09
C TYR A 340 9.95 10.87 36.98
N GLN A 341 9.82 11.34 35.74
CA GLN A 341 10.39 10.61 34.64
C GLN A 341 11.86 10.39 34.89
N GLN A 342 12.35 9.20 34.56
CA GLN A 342 13.75 8.91 34.82
C GLN A 342 14.51 8.58 33.53
N SER A 343 15.71 8.04 33.63
CA SER A 343 16.53 7.92 32.44
C SER A 343 16.00 6.90 31.44
N ASP A 344 16.16 7.18 30.15
CA ASP A 344 15.64 6.22 29.19
C ASP A 344 16.52 4.99 29.14
N TYR A 345 17.81 5.18 29.39
CA TYR A 345 18.71 4.05 29.42
C TYR A 345 18.24 3.13 30.53
N LEU A 346 17.93 3.75 31.67
CA LEU A 346 17.37 3.04 32.80
C LEU A 346 16.14 2.20 32.45
N TYR A 347 15.05 2.85 32.03
CA TYR A 347 13.82 2.12 31.64
C TYR A 347 14.17 1.05 30.63
N SER A 348 14.99 1.46 29.69
CA SER A 348 15.43 0.55 28.67
C SER A 348 16.08 -0.72 29.28
N ARG A 349 17.10 -0.56 30.13
CA ARG A 349 17.76 -1.71 30.76
C ARG A 349 16.80 -2.60 31.58
N CYS A 350 15.72 -2.02 32.12
CA CYS A 350 14.70 -2.84 32.76
C CYS A 350 14.10 -3.81 31.75
N ASP A 351 13.76 -3.32 30.56
CA ASP A 351 13.18 -4.20 29.54
C ASP A 351 14.04 -5.44 29.42
N THR A 352 15.34 -5.23 29.51
CA THR A 352 16.35 -6.23 29.22
C THR A 352 16.53 -7.17 30.38
N LEU A 353 16.40 -6.63 31.59
CA LEU A 353 16.62 -7.42 32.79
C LEU A 353 15.36 -8.16 33.20
N GLY A 354 14.22 -7.69 32.73
CA GLY A 354 12.96 -8.30 33.15
C GLY A 354 12.22 -7.64 34.32
N LEU A 355 12.70 -6.52 34.80
CA LEU A 355 11.98 -5.81 35.85
C LEU A 355 10.67 -5.25 35.28
N ILE A 356 9.65 -5.23 36.11
CA ILE A 356 8.40 -4.64 35.72
C ILE A 356 8.34 -3.32 36.49
N ILE A 357 8.19 -2.21 35.78
CA ILE A 357 8.37 -0.92 36.41
C ILE A 357 7.20 0.04 36.26
N TRP A 358 7.17 0.97 37.21
CA TRP A 358 6.13 1.95 37.37
C TRP A 358 6.87 3.29 37.18
N ALA A 359 6.28 4.15 36.36
CA ALA A 359 6.90 5.41 35.97
C ALA A 359 5.90 6.51 36.28
N GLU A 360 6.42 7.65 36.75
CA GLU A 360 5.65 8.62 37.49
C GLU A 360 5.98 10.07 37.10
N ILE A 361 4.99 10.98 37.18
CA ILE A 361 5.26 12.43 37.09
C ILE A 361 5.31 13.15 38.46
N PRO A 362 6.10 14.23 38.54
CA PRO A 362 6.40 14.86 39.83
C PRO A 362 5.27 15.76 40.37
N CYS A 363 4.03 15.34 40.23
CA CYS A 363 2.95 16.12 40.82
C CYS A 363 2.73 15.68 42.28
N VAL A 364 3.23 16.47 43.25
CA VAL A 364 3.36 15.94 44.62
C VAL A 364 3.51 16.94 45.75
N ASN A 365 3.06 16.55 46.94
CA ASN A 365 3.24 17.41 48.11
C ASN A 365 2.20 18.53 48.24
N ARG A 366 2.11 19.38 47.22
CA ARG A 366 1.16 20.46 47.21
C ARG A 366 0.56 20.63 45.83
N VAL A 367 -0.67 21.14 45.78
CA VAL A 367 -1.16 21.73 44.53
C VAL A 367 -1.30 23.24 44.74
N THR A 368 -1.20 24.00 43.66
CA THR A 368 -1.33 25.43 43.79
C THR A 368 -2.53 25.84 43.02
N GLY A 369 -2.92 25.01 42.06
CA GLY A 369 -4.05 25.29 41.20
C GLY A 369 -3.69 25.90 39.86
N TYR A 370 -2.39 26.07 39.58
CA TYR A 370 -1.96 26.71 38.33
C TYR A 370 -1.01 25.83 37.51
N GLU A 371 -0.93 24.55 37.85
CA GLU A 371 -0.01 23.63 37.25
C GLU A 371 -0.70 22.58 36.35
N THR A 372 -1.97 22.77 36.05
CA THR A 372 -2.64 21.72 35.29
C THR A 372 -2.04 21.53 33.88
N GLU A 373 -1.86 22.62 33.13
CA GLU A 373 -1.27 22.50 31.80
C GLU A 373 0.14 21.84 31.83
N ASN A 374 0.96 22.19 32.82
CA ASN A 374 2.30 21.63 32.87
C ASN A 374 2.28 20.15 33.23
N ALA A 375 1.47 19.84 34.23
CA ALA A 375 1.27 18.48 34.69
C ALA A 375 0.87 17.57 33.54
N GLN A 376 -0.05 18.03 32.71
CA GLN A 376 -0.50 17.25 31.57
C GLN A 376 0.60 17.11 30.50
N SER A 377 1.30 18.21 30.29
CA SER A 377 2.40 18.24 29.34
C SER A 377 3.53 17.26 29.71
N GLN A 378 3.88 17.18 30.99
CA GLN A 378 4.92 16.23 31.41
C GLN A 378 4.40 14.80 31.28
N LEU A 379 3.14 14.58 31.64
CA LEU A 379 2.52 13.26 31.50
C LEU A 379 2.61 12.74 30.08
N ARG A 380 2.22 13.58 29.14
CA ARG A 380 2.20 13.20 27.75
C ARG A 380 3.61 12.88 27.23
N GLU A 381 4.58 13.68 27.62
CA GLU A 381 5.95 13.44 27.20
C GLU A 381 6.49 12.19 27.84
N LEU A 382 6.16 11.96 29.10
CA LEU A 382 6.67 10.80 29.77
C LEU A 382 6.21 9.56 28.99
N ILE A 383 4.95 9.59 28.55
CA ILE A 383 4.37 8.45 27.88
C ILE A 383 4.87 8.27 26.46
N ARG A 384 4.91 9.34 25.69
CA ARG A 384 5.36 9.23 24.33
C ARG A 384 6.85 8.85 24.25
N GLN A 385 7.65 9.46 25.11
CA GLN A 385 9.06 9.12 25.10
C GLN A 385 9.21 7.68 25.58
N SER A 386 8.34 7.23 26.48
CA SER A 386 8.50 5.92 27.10
C SER A 386 7.62 4.82 26.51
N PHE A 387 6.75 5.19 25.56
CA PHE A 387 5.71 4.29 25.08
C PHE A 387 6.12 2.83 24.92
N ASN A 388 7.25 2.62 24.25
CA ASN A 388 7.66 1.29 23.80
C ASN A 388 8.28 0.31 24.82
N HIS A 389 8.55 0.74 26.06
CA HIS A 389 9.24 -0.17 26.97
C HIS A 389 8.26 -1.21 27.48
N PRO A 390 8.50 -2.47 27.08
CA PRO A 390 7.65 -3.56 27.54
C PRO A 390 7.56 -3.57 29.05
N SER A 391 8.64 -3.13 29.72
CA SER A 391 8.75 -3.20 31.18
C SER A 391 7.79 -2.30 31.97
N ILE A 392 7.35 -1.19 31.38
CA ILE A 392 6.49 -0.27 32.10
C ILE A 392 5.09 -0.83 32.12
N TYR A 393 4.48 -0.93 33.29
CA TYR A 393 3.11 -1.42 33.33
C TYR A 393 2.09 -0.38 33.76
N VAL A 394 2.57 0.75 34.28
CA VAL A 394 1.68 1.77 34.83
C VAL A 394 2.28 3.17 34.76
N TRP A 395 1.40 4.17 34.69
CA TRP A 395 1.81 5.57 34.81
C TRP A 395 1.25 6.09 36.12
N GLY A 396 2.11 6.70 36.95
CA GLY A 396 1.70 7.32 38.21
C GLY A 396 1.31 8.80 38.11
N LEU A 397 0.07 9.12 38.42
CA LEU A 397 -0.47 10.47 38.28
C LEU A 397 -0.05 11.50 39.35
N HIS A 398 -0.03 11.13 40.62
CA HIS A 398 0.24 12.10 41.68
C HIS A 398 0.70 11.42 42.96
N ASN A 399 1.39 12.16 43.82
CA ASN A 399 1.83 11.63 45.12
C ASN A 399 1.58 12.63 46.26
N GLU A 400 0.65 12.27 47.14
CA GLU A 400 0.39 13.00 48.38
C GLU A 400 0.06 14.45 48.13
N VAL A 401 -0.98 14.68 47.36
CA VAL A 401 -1.49 16.03 47.12
C VAL A 401 -2.90 16.10 47.68
N TYR A 402 -3.21 17.16 48.43
CA TYR A 402 -4.49 17.24 49.12
C TYR A 402 -5.29 18.49 48.81
N GLN A 403 -5.24 19.50 49.65
CA GLN A 403 -6.08 20.69 49.44
C GLN A 403 -5.53 21.58 48.35
N PRO A 404 -6.42 22.18 47.55
CA PRO A 404 -7.87 22.09 47.54
C PRO A 404 -8.39 20.80 46.91
N HIS A 405 -9.10 19.99 47.68
CA HIS A 405 -9.62 18.69 47.21
C HIS A 405 -10.27 18.69 45.79
N GLU A 406 -11.31 19.47 45.58
CA GLU A 406 -12.00 19.54 44.29
C GLU A 406 -11.06 19.70 43.11
N TYR A 407 -10.16 20.67 43.24
CA TYR A 407 -9.14 20.90 42.24
C TYR A 407 -8.26 19.65 42.05
N THR A 408 -7.63 19.18 43.13
CA THR A 408 -6.70 18.06 43.04
C THR A 408 -7.39 16.85 42.40
N ALA A 409 -8.68 16.68 42.69
CA ALA A 409 -9.44 15.61 42.03
C ALA A 409 -9.65 15.91 40.53
N ALA A 410 -9.98 17.15 40.20
CA ALA A 410 -10.16 17.50 38.81
C ALA A 410 -8.85 17.09 38.11
N LEU A 411 -7.75 17.62 38.63
CA LEU A 411 -6.44 17.45 38.03
C LEU A 411 -6.08 15.99 37.80
N THR A 412 -6.21 15.17 38.83
CA THR A 412 -5.96 13.76 38.67
C THR A 412 -6.85 13.18 37.56
N ARG A 413 -8.11 13.64 37.51
CA ARG A 413 -9.01 13.15 36.50
C ARG A 413 -8.53 13.49 35.10
N SER A 414 -8.03 14.69 34.92
CA SER A 414 -7.60 15.06 33.60
C SER A 414 -6.36 14.25 33.26
N LEU A 415 -5.50 13.99 34.25
CA LEU A 415 -4.29 13.21 34.01
C LEU A 415 -4.61 11.74 33.67
N HIS A 416 -5.43 11.10 34.49
CA HIS A 416 -5.80 9.73 34.23
C HIS A 416 -6.30 9.66 32.80
N ASP A 417 -7.10 10.65 32.45
CA ASP A 417 -7.74 10.66 31.16
C ASP A 417 -6.72 10.86 30.06
N LEU A 418 -5.77 11.75 30.31
CA LEU A 418 -4.77 12.02 29.30
C LEU A 418 -4.00 10.76 29.01
N ALA A 419 -3.83 9.93 30.03
CA ALA A 419 -3.03 8.72 29.87
C ALA A 419 -3.79 7.64 29.08
N LYS A 420 -5.09 7.58 29.31
CA LYS A 420 -5.95 6.69 28.54
C LYS A 420 -5.99 7.13 27.07
N THR A 421 -6.01 8.44 26.84
CA THR A 421 -5.95 8.95 25.47
C THR A 421 -4.62 8.60 24.83
N GLU A 422 -3.54 8.70 25.57
CA GLU A 422 -2.27 8.64 24.90
C GLU A 422 -1.75 7.21 24.84
N ASP A 423 -2.39 6.30 25.57
CA ASP A 423 -1.88 4.92 25.72
C ASP A 423 -2.83 4.06 26.53
N PRO A 424 -4.04 3.82 26.00
CA PRO A 424 -5.05 3.11 26.79
C PRO A 424 -4.71 1.66 27.17
N ASP A 425 -3.52 1.18 26.82
CA ASP A 425 -3.17 -0.20 27.16
C ASP A 425 -2.48 -0.38 28.51
N ARG A 426 -2.07 0.71 29.15
CA ARG A 426 -1.47 0.56 30.48
C ARG A 426 -2.35 1.11 31.59
N TYR A 427 -2.18 0.56 32.78
CA TYR A 427 -2.87 1.06 33.97
C TYR A 427 -2.33 2.45 34.42
N THR A 428 -3.17 3.19 35.14
CA THR A 428 -2.76 4.43 35.78
C THR A 428 -2.84 4.24 37.29
N VAL A 429 -1.99 4.93 38.03
CA VAL A 429 -2.09 4.90 39.47
C VAL A 429 -1.95 6.28 40.08
N SER A 430 -2.32 6.39 41.35
CA SER A 430 -2.13 7.63 42.09
C SER A 430 -1.97 7.28 43.57
N VAL A 431 -1.24 8.10 44.30
CA VAL A 431 -0.80 7.71 45.63
C VAL A 431 -1.24 8.71 46.67
N ASN A 432 -1.97 8.20 47.66
CA ASN A 432 -2.38 8.99 48.82
C ASN A 432 -1.54 8.66 50.07
N GLY A 433 -1.22 9.70 50.85
CA GLY A 433 -0.46 9.54 52.11
C GLY A 433 -1.27 8.95 53.27
N TYR A 434 -2.56 9.25 53.32
CA TYR A 434 -3.49 8.70 54.33
C TYR A 434 -3.86 7.23 54.06
N GLY A 435 -4.38 6.57 55.08
CA GLY A 435 -4.69 5.15 54.99
C GLY A 435 -6.12 4.76 54.63
N HIS A 436 -7.00 5.75 54.43
CA HIS A 436 -8.41 5.45 54.18
C HIS A 436 -8.85 5.57 52.72
N MET A 437 -9.47 4.50 52.21
CA MET A 437 -9.91 4.44 50.81
C MET A 437 -10.68 5.69 50.41
N ASP A 438 -11.59 6.15 51.23
CA ASP A 438 -12.50 7.21 50.78
C ASP A 438 -12.08 8.64 51.10
N HIS A 439 -10.78 8.93 50.93
CA HIS A 439 -10.29 10.31 50.87
C HIS A 439 -10.88 10.99 49.65
N PRO A 440 -11.32 12.24 49.78
CA PRO A 440 -12.03 12.89 48.66
C PRO A 440 -11.19 13.03 47.37
N VAL A 441 -9.93 12.60 47.40
CA VAL A 441 -9.02 12.74 46.24
C VAL A 441 -8.62 11.38 45.63
N ASN A 442 -9.03 10.29 46.28
CA ASN A 442 -8.79 8.95 45.75
C ASN A 442 -9.73 8.47 44.64
N LEU A 443 -9.40 7.32 44.06
CA LEU A 443 -10.28 6.60 43.12
C LEU A 443 -10.34 7.16 41.69
N ASN A 444 -9.47 8.11 41.37
CA ASN A 444 -9.50 8.72 40.06
C ASN A 444 -8.61 8.07 39.03
N ALA A 445 -7.91 7.00 39.42
CA ALA A 445 -7.09 6.23 38.48
C ALA A 445 -7.46 4.75 38.48
N ASP A 446 -6.84 3.97 37.62
CA ASP A 446 -7.09 2.53 37.64
C ASP A 446 -6.76 1.89 38.99
N ILE A 447 -5.62 2.25 39.59
CA ILE A 447 -5.14 1.58 40.80
C ILE A 447 -4.91 2.56 41.93
N GLN A 448 -5.42 2.28 43.11
CA GLN A 448 -5.17 3.17 44.23
C GLN A 448 -3.99 2.66 45.06
N GLY A 449 -2.99 3.51 45.23
CA GLY A 449 -1.84 3.17 46.07
C GLY A 449 -1.90 4.00 47.34
N MET A 450 -1.31 3.49 48.40
CA MET A 450 -1.25 4.26 49.61
C MET A 450 0.11 4.15 50.24
N ASN A 451 0.61 5.29 50.70
CA ASN A 451 1.80 5.30 51.53
C ASN A 451 1.39 5.05 52.98
N ARG A 452 2.07 4.11 53.63
CA ARG A 452 1.81 3.82 55.05
C ARG A 452 3.13 3.53 55.74
N TYR A 453 3.42 4.35 56.74
CA TYR A 453 4.57 4.17 57.59
C TYR A 453 4.16 3.86 59.03
N PHE A 454 3.39 2.80 59.22
CA PHE A 454 2.97 2.38 60.56
C PHE A 454 4.15 2.21 61.51
N GLY A 455 4.06 2.78 62.69
CA GLY A 455 5.17 2.68 63.65
C GLY A 455 6.27 3.72 63.46
N TRP A 456 6.08 4.60 62.47
CA TRP A 456 7.06 5.62 62.17
C TRP A 456 6.51 7.05 62.18
N TYR A 457 5.44 7.33 61.43
CA TYR A 457 4.75 8.62 61.52
C TYR A 457 3.47 8.45 62.30
N GLU A 458 3.13 7.19 62.55
CA GLU A 458 1.80 6.86 62.95
C GLU A 458 1.67 5.46 63.54
N LYS A 459 1.25 5.42 64.80
CA LYS A 459 0.91 4.18 65.46
C LYS A 459 2.04 3.15 65.53
N LYS A 460 1.69 1.90 65.81
CA LYS A 460 2.67 0.81 66.05
C LYS A 460 3.02 0.02 64.79
N ILE A 461 4.17 -0.64 64.80
CA ILE A 461 4.60 -1.41 63.65
C ILE A 461 3.55 -2.42 63.21
N GLN A 462 2.83 -3.00 64.16
CA GLN A 462 1.87 -4.07 63.87
C GLN A 462 0.51 -3.58 63.38
N ASP A 463 0.25 -2.28 63.44
CA ASP A 463 -1.08 -1.77 63.06
C ASP A 463 -1.31 -1.90 61.56
N ILE A 464 -0.27 -2.29 60.83
CA ILE A 464 -0.42 -2.52 59.42
C ILE A 464 -1.43 -3.66 59.17
N LYS A 465 -1.31 -4.74 59.95
CA LYS A 465 -2.26 -5.87 59.86
C LYS A 465 -3.74 -5.44 59.91
N PRO A 466 -4.21 -4.98 61.07
CA PRO A 466 -5.59 -4.51 61.19
C PRO A 466 -6.00 -3.67 59.99
N TRP A 467 -5.10 -2.80 59.56
CA TRP A 467 -5.37 -1.88 58.47
C TRP A 467 -5.71 -2.64 57.19
N VAL A 468 -4.81 -3.51 56.75
CA VAL A 468 -5.03 -4.24 55.50
C VAL A 468 -6.23 -5.15 55.62
N GLU A 469 -6.45 -5.70 56.81
CA GLU A 469 -7.61 -6.56 57.04
C GLU A 469 -8.92 -5.82 56.90
N GLN A 470 -8.97 -4.57 57.35
CA GLN A 470 -10.20 -3.80 57.24
C GLN A 470 -10.46 -3.38 55.80
N LEU A 471 -9.42 -2.83 55.18
CA LEU A 471 -9.44 -2.38 53.81
C LEU A 471 -9.96 -3.45 52.85
N GLU A 472 -9.37 -4.65 52.95
CA GLU A 472 -9.73 -5.76 52.08
C GLU A 472 -11.15 -6.19 52.35
N LYS A 473 -11.61 -6.08 53.59
CA LYS A 473 -12.99 -6.42 53.85
C LYS A 473 -13.92 -5.38 53.24
N ASP A 474 -13.64 -4.12 53.50
CA ASP A 474 -14.56 -3.07 53.14
C ASP A 474 -14.58 -2.70 51.66
N TYR A 475 -13.55 -3.08 50.91
CA TYR A 475 -13.52 -2.71 49.50
C TYR A 475 -12.91 -3.82 48.71
N PRO A 476 -13.57 -4.99 48.72
CA PRO A 476 -12.95 -6.18 48.16
C PRO A 476 -12.62 -6.02 46.67
N TYR A 477 -13.12 -4.96 46.02
CA TYR A 477 -12.98 -4.82 44.57
C TYR A 477 -11.92 -3.83 44.07
N GLN A 478 -11.34 -3.00 44.93
CA GLN A 478 -10.33 -2.01 44.51
C GLN A 478 -8.96 -2.60 44.23
N LYS A 479 -8.39 -2.36 43.06
CA LYS A 479 -6.97 -2.65 42.86
C LYS A 479 -6.18 -1.67 43.74
N LEU A 480 -5.36 -2.25 44.61
CA LEU A 480 -4.69 -1.49 45.64
C LEU A 480 -3.28 -1.98 45.87
N MET A 481 -2.36 -1.03 46.09
CA MET A 481 -0.94 -1.32 46.23
C MET A 481 -0.38 -0.54 47.41
N LEU A 482 0.59 -1.14 48.09
CA LEU A 482 1.29 -0.43 49.15
C LEU A 482 2.51 0.26 48.53
N THR A 483 2.35 1.56 48.28
CA THR A 483 3.24 2.27 47.39
C THR A 483 4.50 2.78 48.08
N GLU A 484 4.54 2.67 49.39
CA GLU A 484 5.66 3.16 50.19
C GLU A 484 5.45 2.73 51.63
N TYR A 485 6.52 2.18 52.19
CA TYR A 485 6.56 1.83 53.60
C TYR A 485 8.04 1.62 53.97
N GLY A 486 8.35 1.64 55.26
CA GLY A 486 9.73 1.56 55.70
C GLY A 486 10.02 2.47 56.89
N ALA A 487 11.31 2.65 57.18
CA ALA A 487 11.74 3.49 58.28
C ALA A 487 13.15 4.01 57.99
N ASP A 488 13.52 5.15 58.58
CA ASP A 488 14.89 5.64 58.41
C ASP A 488 15.86 4.73 59.18
N ALA A 489 17.14 4.77 58.81
CA ALA A 489 18.16 4.00 59.51
C ALA A 489 19.50 4.67 59.39
N ASN A 490 19.95 5.22 60.51
CA ASN A 490 21.23 5.87 60.57
C ASN A 490 22.27 4.88 61.05
N LEU A 491 22.98 4.28 60.12
CA LEU A 491 23.97 3.29 60.49
C LEU A 491 24.72 3.67 61.76
N ALA A 492 24.92 4.96 62.00
CA ALA A 492 25.66 5.35 63.19
C ALA A 492 24.86 5.16 64.47
N HIS A 493 23.57 4.86 64.32
CA HIS A 493 22.67 4.65 65.47
C HIS A 493 22.36 3.16 65.63
N GLN A 494 22.55 2.65 66.84
CA GLN A 494 22.31 1.25 67.11
C GLN A 494 21.79 1.11 68.54
N THR A 495 21.04 0.05 68.78
CA THR A 495 20.51 -0.17 70.11
C THR A 495 19.62 -1.38 70.04
N GLU A 496 19.36 -1.99 71.19
CA GLU A 496 18.35 -3.04 71.25
C GLU A 496 17.16 -2.60 72.08
N TYR A 497 17.16 -1.36 72.55
CA TYR A 497 16.02 -0.85 73.31
C TYR A 497 14.97 -0.26 72.39
N LEU A 498 14.33 -1.13 71.62
CA LEU A 498 13.34 -0.72 70.62
C LEU A 498 11.92 -0.94 71.11
N GLY A 499 11.09 0.09 71.03
CA GLY A 499 9.65 -0.09 71.24
C GLY A 499 9.01 -0.52 69.93
N ASP A 500 7.72 -0.24 69.79
CA ASP A 500 7.01 -0.55 68.55
C ASP A 500 6.67 0.70 67.77
N ALA A 501 7.23 1.82 68.21
CA ALA A 501 7.14 3.09 67.50
C ALA A 501 8.50 3.76 67.64
N LEU A 502 8.72 4.82 66.89
CA LEU A 502 9.95 5.57 67.00
C LEU A 502 9.69 7.03 66.74
N ASN A 503 9.67 7.84 67.78
CA ASN A 503 9.71 9.28 67.58
C ASN A 503 10.54 9.54 66.32
N TRP A 504 10.07 10.40 65.42
CA TRP A 504 10.90 10.80 64.27
C TRP A 504 11.40 12.23 64.45
N GLY A 505 10.88 12.89 65.49
CA GLY A 505 11.31 14.24 65.89
C GLY A 505 12.61 14.31 66.69
N LYS A 506 13.00 13.22 67.34
CA LYS A 506 14.34 13.14 67.93
C LYS A 506 15.38 12.76 66.85
N PRO A 507 16.68 12.96 67.13
CA PRO A 507 17.70 12.73 66.11
C PRO A 507 18.32 11.32 66.18
N PHE A 508 17.56 10.34 66.63
CA PHE A 508 18.07 8.99 66.77
C PHE A 508 17.35 7.96 65.86
N TYR A 509 17.86 7.82 64.65
CA TYR A 509 17.30 6.89 63.64
C TYR A 509 18.09 5.59 63.54
N PRO A 510 17.99 4.72 64.58
CA PRO A 510 18.84 3.52 64.70
C PRO A 510 18.56 2.42 63.66
N GLU A 511 19.63 1.83 63.12
CA GLU A 511 19.49 0.76 62.14
C GLU A 511 18.59 -0.36 62.67
N THR A 512 18.73 -0.69 63.94
CA THR A 512 17.96 -1.80 64.50
C THR A 512 16.46 -1.59 64.32
N PHE A 513 16.00 -0.35 64.36
CA PHE A 513 14.57 -0.12 64.28
C PHE A 513 13.99 -0.33 62.87
N GLN A 514 14.74 0.10 61.85
CA GLN A 514 14.35 -0.16 60.48
C GLN A 514 14.21 -1.67 60.26
N THR A 515 15.31 -2.40 60.43
CA THR A 515 15.27 -3.86 60.45
C THR A 515 13.96 -4.36 61.05
N LYS A 516 13.76 -4.03 62.32
CA LYS A 516 12.60 -4.54 63.02
C LYS A 516 11.33 -4.26 62.27
N THR A 517 11.23 -3.07 61.67
CA THR A 517 10.06 -2.77 60.84
C THR A 517 9.87 -3.68 59.63
N HIS A 518 10.95 -4.00 58.93
CA HIS A 518 10.83 -4.78 57.71
C HIS A 518 10.61 -6.25 58.02
N GLU A 519 11.33 -6.77 59.01
CA GLU A 519 11.13 -8.15 59.47
C GLU A 519 9.67 -8.43 59.74
N TYR A 520 8.94 -7.43 60.22
CA TYR A 520 7.56 -7.66 60.57
C TYR A 520 6.58 -7.34 59.45
N GLN A 521 6.75 -6.19 58.82
CA GLN A 521 5.75 -5.74 57.85
C GLN A 521 5.78 -6.58 56.57
N TRP A 522 6.96 -7.02 56.16
CA TRP A 522 7.02 -7.89 55.02
C TRP A 522 6.10 -9.08 55.20
N SER A 523 6.13 -9.65 56.39
CA SER A 523 5.33 -10.84 56.67
C SER A 523 3.83 -10.59 56.64
N ILE A 524 3.40 -9.35 56.84
CA ILE A 524 1.98 -9.08 56.59
C ILE A 524 1.69 -8.92 55.10
N ILE A 525 2.56 -8.20 54.40
CA ILE A 525 2.34 -8.00 52.98
C ILE A 525 2.25 -9.37 52.32
N LYS A 526 3.26 -10.20 52.58
CA LYS A 526 3.34 -11.52 51.99
C LYS A 526 2.01 -12.28 52.08
N ASP A 527 1.25 -12.06 53.14
CA ASP A 527 0.06 -12.89 53.34
C ASP A 527 -1.23 -12.30 52.80
N HIS A 528 -1.19 -11.07 52.29
CA HIS A 528 -2.42 -10.47 51.77
C HIS A 528 -2.36 -10.13 50.28
N PRO A 529 -2.74 -11.10 49.43
CA PRO A 529 -2.75 -10.83 47.99
C PRO A 529 -3.59 -9.60 47.66
N TYR A 530 -4.47 -9.17 48.57
CA TYR A 530 -5.25 -7.96 48.30
C TYR A 530 -4.32 -6.75 48.11
N ILE A 531 -3.13 -6.79 48.72
CA ILE A 531 -2.11 -5.86 48.32
C ILE A 531 -1.60 -6.38 46.99
N ILE A 532 -2.05 -5.76 45.91
CA ILE A 532 -1.60 -6.20 44.61
C ILE A 532 -0.11 -6.03 44.44
N ALA A 533 0.48 -5.00 45.04
CA ALA A 533 1.95 -4.90 45.07
C ALA A 533 2.40 -4.02 46.21
N SER A 534 3.65 -4.17 46.61
CA SER A 534 4.18 -3.30 47.63
C SER A 534 5.51 -2.73 47.17
N TYR A 535 5.70 -1.43 47.36
CA TYR A 535 7.00 -0.85 47.07
C TYR A 535 7.61 -0.31 48.37
N LEU A 536 8.80 -0.78 48.74
CA LEU A 536 9.38 -0.26 49.97
C LEU A 536 10.13 1.02 49.64
N TRP A 537 10.29 1.86 50.65
CA TRP A 537 10.98 3.13 50.53
C TRP A 537 12.14 2.96 51.44
N ASN A 538 13.36 2.96 50.93
CA ASN A 538 13.70 3.13 49.54
C ASN A 538 14.90 2.22 49.35
N MET A 539 15.28 1.98 48.10
CA MET A 539 16.45 1.17 47.86
C MET A 539 17.72 1.90 48.33
N PHE A 540 17.68 3.23 48.32
CA PHE A 540 18.87 4.06 48.60
C PHE A 540 18.51 5.34 49.35
N ASP A 541 19.35 5.76 50.29
CA ASP A 541 19.20 7.08 50.89
C ASP A 541 19.30 8.13 49.80
N PHE A 542 18.59 9.25 49.94
CA PHE A 542 18.71 10.32 48.95
C PHE A 542 18.67 11.73 49.56
N ALA A 543 19.04 12.72 48.76
CA ALA A 543 19.07 14.09 49.27
C ALA A 543 17.66 14.55 49.55
N VAL A 544 17.48 15.29 50.63
CA VAL A 544 16.25 16.03 50.88
C VAL A 544 16.64 17.43 51.38
N PRO A 545 17.08 18.30 50.46
CA PRO A 545 17.85 19.47 50.84
C PRO A 545 17.07 20.40 51.74
N MET A 546 15.76 20.23 51.76
CA MET A 546 14.88 21.10 52.54
C MET A 546 15.14 21.02 54.04
N TRP A 547 15.60 19.86 54.50
CA TRP A 547 15.52 19.54 55.92
C TRP A 547 16.75 18.87 56.49
N THR A 548 16.81 18.87 57.82
CA THR A 548 17.81 18.11 58.55
C THR A 548 17.14 17.24 59.65
N ARG A 549 16.98 15.97 59.35
CA ARG A 549 16.46 14.99 60.31
C ARG A 549 17.59 14.02 60.61
N GLY A 550 17.39 13.19 61.64
CA GLY A 550 18.28 12.06 61.94
C GLY A 550 19.73 12.36 62.26
N GLY A 551 20.08 13.63 62.45
CA GLY A 551 21.47 14.00 62.70
C GLY A 551 22.33 14.10 61.45
N VAL A 552 21.79 13.80 60.29
CA VAL A 552 22.52 14.01 59.04
C VAL A 552 21.75 14.98 58.15
N PRO A 553 22.37 16.12 57.81
CA PRO A 553 21.65 17.17 57.04
C PRO A 553 21.27 16.77 55.59
N ALA A 554 20.05 17.10 55.16
CA ALA A 554 19.65 16.93 53.76
C ALA A 554 19.67 15.47 53.30
N ARG A 555 19.22 14.56 54.16
CA ARG A 555 19.31 13.13 53.86
C ARG A 555 18.03 12.39 54.25
N ASN A 556 17.46 11.62 53.31
CA ASN A 556 16.47 10.62 53.65
C ASN A 556 17.17 9.28 53.77
N MET A 557 17.06 8.66 54.95
CA MET A 557 17.89 7.48 55.27
C MET A 557 17.13 6.14 55.30
N LYS A 558 15.98 6.07 54.63
CA LYS A 558 15.22 4.84 54.55
C LYS A 558 15.73 3.85 53.51
N GLY A 559 16.81 4.17 52.82
CA GLY A 559 17.37 3.22 51.86
C GLY A 559 17.83 1.93 52.51
N LEU A 560 17.85 0.84 51.76
CA LEU A 560 18.42 -0.40 52.27
C LEU A 560 19.92 -0.33 52.09
N ILE A 561 20.35 0.65 51.29
CA ILE A 561 21.75 0.86 50.99
C ILE A 561 22.00 2.34 51.08
N THR A 562 23.21 2.69 51.51
CA THR A 562 23.59 4.09 51.74
C THR A 562 23.74 4.95 50.48
N PHE A 563 23.53 6.26 50.67
CA PHE A 563 23.50 7.21 49.59
C PHE A 563 24.71 7.08 48.68
N ASP A 564 25.86 6.79 49.25
CA ASP A 564 27.04 6.66 48.39
C ASP A 564 27.10 5.29 47.73
N ARG A 565 26.03 4.50 47.89
CA ARG A 565 25.99 3.14 47.35
C ARG A 565 27.01 2.19 47.98
N LYS A 566 27.59 2.56 49.11
CA LYS A 566 28.65 1.72 49.64
C LYS A 566 28.25 0.72 50.70
N THR A 567 27.20 0.97 51.45
CA THR A 567 26.88 0.03 52.50
C THR A 567 25.44 -0.48 52.50
N LYS A 568 25.31 -1.81 52.44
CA LYS A 568 23.99 -2.44 52.53
C LYS A 568 23.60 -2.57 53.98
N LYS A 569 22.37 -2.22 54.32
CA LYS A 569 21.89 -2.41 55.69
C LYS A 569 21.29 -3.80 55.87
N ASP A 570 20.86 -4.09 57.07
CA ASP A 570 20.36 -5.42 57.36
C ASP A 570 19.11 -5.74 56.57
N SER A 571 18.23 -4.78 56.44
CA SER A 571 17.05 -4.99 55.62
C SER A 571 17.44 -5.46 54.21
N TYR A 572 18.54 -4.94 53.68
CA TYR A 572 18.98 -5.37 52.37
C TYR A 572 18.99 -6.88 52.31
N PHE A 573 19.54 -7.49 53.34
CA PHE A 573 19.68 -8.93 53.42
C PHE A 573 18.41 -9.61 53.89
N TRP A 574 17.53 -8.85 54.49
CA TRP A 574 16.26 -9.40 54.94
C TRP A 574 15.41 -9.63 53.70
N TYR A 575 15.34 -8.62 52.84
CA TYR A 575 14.56 -8.83 51.65
C TYR A 575 15.30 -9.83 50.80
N LYS A 576 16.62 -9.72 50.74
CA LYS A 576 17.29 -10.63 49.87
C LYS A 576 16.92 -12.07 50.25
N ALA A 577 17.05 -12.42 51.52
CA ALA A 577 16.68 -13.76 51.93
C ALA A 577 15.20 -14.08 51.60
N ASN A 578 14.29 -13.14 51.82
CA ASN A 578 12.87 -13.36 51.61
C ASN A 578 12.42 -13.44 50.16
N TRP A 579 13.25 -12.98 49.24
CA TRP A 579 12.81 -12.69 47.88
C TRP A 579 13.64 -13.45 46.89
N SER A 580 14.94 -13.33 47.03
CA SER A 580 15.87 -13.96 46.11
C SER A 580 15.89 -15.46 46.32
N GLU A 581 16.53 -16.15 45.39
CA GLU A 581 16.68 -17.58 45.45
C GLU A 581 18.16 -17.92 45.39
N GLU A 582 19.00 -16.91 45.56
CA GLU A 582 20.39 -17.17 45.81
C GLU A 582 20.53 -17.42 47.32
N PRO A 583 21.35 -18.41 47.67
CA PRO A 583 21.56 -18.71 49.07
C PRO A 583 21.84 -17.45 49.86
N VAL A 584 21.24 -17.32 51.04
CA VAL A 584 21.56 -16.20 51.92
C VAL A 584 21.66 -16.66 53.37
N LEU A 585 22.72 -16.23 54.04
CA LEU A 585 22.92 -16.53 55.46
C LEU A 585 23.57 -15.34 56.10
N TYR A 586 22.85 -14.67 56.98
CA TYR A 586 23.27 -13.36 57.43
C TYR A 586 22.82 -13.13 58.86
N LEU A 587 23.80 -12.84 59.71
CA LEU A 587 23.55 -12.42 61.09
C LEU A 587 23.29 -10.93 61.09
N THR A 588 22.26 -10.51 61.82
CA THR A 588 21.95 -9.09 61.90
C THR A 588 22.76 -8.42 62.99
N GLN A 589 22.80 -7.09 62.94
CA GLN A 589 23.39 -6.28 64.02
C GLN A 589 24.90 -6.26 64.06
N ARG A 590 25.51 -6.82 63.03
CA ARG A 590 26.95 -6.75 62.83
C ARG A 590 27.48 -5.35 63.14
N ARG A 591 26.65 -4.32 62.96
CA ARG A 591 27.11 -2.94 63.22
C ARG A 591 26.66 -2.42 64.57
N ASN A 592 25.93 -3.25 65.32
CA ASN A 592 25.64 -2.90 66.70
C ASN A 592 26.60 -3.67 67.59
N ALA A 593 27.89 -3.46 67.39
CA ALA A 593 28.88 -4.33 67.99
C ALA A 593 29.17 -3.97 69.44
N ASP A 594 28.74 -2.81 69.88
CA ASP A 594 29.03 -2.36 71.24
C ASP A 594 27.85 -2.66 72.19
N ARG A 595 27.75 -3.91 72.63
CA ARG A 595 26.53 -4.42 73.24
C ARG A 595 26.14 -3.79 74.56
N GLU A 596 24.83 -3.62 74.77
CA GLU A 596 24.30 -3.05 75.99
C GLU A 596 23.98 -4.12 77.00
N LYS A 597 23.11 -5.06 76.65
CA LYS A 597 22.67 -6.08 77.62
C LYS A 597 23.38 -7.45 77.51
N ARG A 598 23.70 -8.02 78.67
CA ARG A 598 24.42 -9.30 78.77
C ARG A 598 23.64 -10.50 78.19
N THR A 599 22.32 -10.51 78.37
CA THR A 599 21.50 -11.55 77.75
C THR A 599 20.62 -10.96 76.65
N THR A 600 20.96 -11.28 75.41
CA THR A 600 20.30 -10.68 74.27
C THR A 600 19.78 -11.73 73.27
N ALA A 601 19.02 -11.27 72.27
CA ALA A 601 18.55 -12.13 71.20
C ALA A 601 19.58 -12.27 70.08
N VAL A 602 19.36 -13.23 69.20
CA VAL A 602 20.24 -13.33 68.06
C VAL A 602 19.45 -13.77 66.84
N THR A 603 19.33 -12.86 65.89
CA THR A 603 18.61 -13.12 64.68
C THR A 603 19.56 -13.53 63.57
N VAL A 604 19.17 -14.54 62.81
CA VAL A 604 19.91 -14.87 61.61
C VAL A 604 18.93 -15.02 60.47
N TYR A 605 19.36 -14.68 59.27
CA TYR A 605 18.53 -14.86 58.09
C TYR A 605 19.05 -16.03 57.27
N SER A 606 18.12 -16.86 56.81
CA SER A 606 18.49 -18.01 56.00
C SER A 606 17.37 -18.44 55.08
N ASN A 607 17.64 -18.46 53.78
CA ASN A 607 16.67 -18.94 52.84
C ASN A 607 17.10 -20.34 52.41
N ILE A 608 18.00 -20.94 53.17
CA ILE A 608 18.50 -22.24 52.76
C ILE A 608 18.54 -23.26 53.89
N GLY A 609 17.53 -23.24 54.74
CA GLY A 609 17.44 -24.19 55.84
C GLY A 609 17.89 -23.62 57.17
N THR A 610 17.23 -24.05 58.24
CA THR A 610 17.52 -23.60 59.60
C THR A 610 19.03 -23.78 59.88
N PRO A 611 19.66 -22.75 60.45
CA PRO A 611 21.11 -22.70 60.58
C PRO A 611 21.60 -23.02 61.99
N LYS A 612 22.88 -23.35 62.13
CA LYS A 612 23.47 -23.45 63.45
C LYS A 612 24.28 -22.20 63.73
N VAL A 613 24.17 -21.71 64.96
CA VAL A 613 24.91 -20.53 65.41
C VAL A 613 25.76 -20.82 66.65
N TYR A 614 27.08 -20.70 66.50
CA TYR A 614 28.01 -20.88 67.62
C TYR A 614 28.41 -19.58 68.31
N LEU A 615 28.15 -19.49 69.61
CA LEU A 615 28.67 -18.41 70.43
C LEU A 615 30.02 -18.83 70.99
N ASN A 616 31.05 -18.04 70.73
CA ASN A 616 32.39 -18.38 71.17
C ASN A 616 32.68 -19.88 71.02
N GLY A 617 32.54 -20.41 69.80
CA GLY A 617 32.82 -21.81 69.56
C GLY A 617 31.78 -22.82 70.06
N GLN A 618 30.68 -22.35 70.66
CA GLN A 618 29.73 -23.28 71.25
C GLN A 618 28.30 -23.15 70.72
N GLU A 619 27.90 -24.13 69.89
CA GLU A 619 26.57 -24.10 69.31
C GLU A 619 25.59 -23.55 70.35
N LEU A 620 24.65 -22.74 69.89
CA LEU A 620 23.59 -22.26 70.75
C LEU A 620 22.41 -23.17 70.58
N SER A 621 21.38 -22.97 71.40
CA SER A 621 20.09 -23.59 71.13
C SER A 621 18.96 -22.69 71.60
N GLY A 622 17.73 -23.10 71.32
CA GLY A 622 16.57 -22.23 71.49
C GLY A 622 16.09 -21.66 70.17
N ILE A 623 16.82 -21.95 69.08
CA ILE A 623 16.48 -21.41 67.77
C ILE A 623 15.01 -21.63 67.52
N ARG A 624 14.29 -20.55 67.27
CA ARG A 624 12.87 -20.64 67.03
C ARG A 624 12.46 -19.80 65.82
N ASN A 625 11.30 -20.08 65.25
CA ASN A 625 10.83 -19.38 64.05
C ASN A 625 10.46 -17.90 64.23
N GLY A 626 10.96 -17.07 63.30
CA GLY A 626 10.61 -15.66 63.25
C GLY A 626 9.27 -15.53 62.55
N TYR A 627 9.04 -14.40 61.89
CA TYR A 627 7.79 -14.21 61.15
C TYR A 627 7.78 -14.76 59.71
N THR A 628 8.82 -15.47 59.30
CA THR A 628 8.84 -16.13 57.98
C THR A 628 9.84 -17.27 57.95
N ASP A 629 9.63 -18.23 57.06
CA ASP A 629 10.50 -19.39 56.98
C ASP A 629 11.99 -19.07 56.75
N VAL A 630 12.34 -17.80 56.63
CA VAL A 630 13.77 -17.49 56.48
C VAL A 630 14.27 -16.77 57.73
N HIS A 631 13.40 -16.70 58.73
CA HIS A 631 13.61 -15.85 59.87
C HIS A 631 13.81 -16.66 61.17
N TYR A 632 15.06 -16.80 61.61
CA TYR A 632 15.31 -17.46 62.89
C TYR A 632 15.93 -16.54 63.95
N VAL A 633 15.41 -16.66 65.17
CA VAL A 633 15.98 -16.05 66.35
C VAL A 633 16.32 -17.09 67.45
N PHE A 634 17.51 -17.00 68.04
CA PHE A 634 17.75 -17.59 69.36
C PHE A 634 17.73 -16.43 70.35
N ASP A 635 16.76 -16.40 71.26
CA ASP A 635 16.87 -15.54 72.44
C ASP A 635 16.60 -16.47 73.61
N ASN A 636 17.42 -16.43 74.68
CA ASN A 636 18.37 -15.36 74.95
C ASN A 636 19.79 -15.84 75.11
N VAL A 637 20.70 -15.17 74.43
CA VAL A 637 22.10 -15.49 74.53
C VAL A 637 22.70 -14.78 75.73
N SER A 638 23.68 -15.41 76.37
CA SER A 638 24.40 -14.77 77.48
C SER A 638 25.80 -14.47 77.02
N LEU A 639 26.21 -13.22 77.19
CA LEU A 639 27.46 -12.77 76.59
C LEU A 639 28.63 -13.02 77.52
N ALA A 640 29.76 -13.38 76.94
CA ALA A 640 31.02 -13.33 77.66
C ALA A 640 31.41 -11.85 77.80
N ASP A 641 32.46 -11.60 78.57
CA ASP A 641 33.02 -10.27 78.60
C ASP A 641 34.13 -10.18 77.56
N GLY A 642 34.34 -8.99 77.04
CA GLY A 642 35.23 -8.79 75.90
C GLY A 642 34.61 -9.31 74.61
N LYS A 643 35.48 -9.77 73.71
CA LYS A 643 35.07 -10.25 72.39
C LYS A 643 34.08 -11.42 72.48
N ASN A 644 32.98 -11.34 71.74
CA ASN A 644 32.06 -12.46 71.53
C ASN A 644 31.95 -12.71 70.03
N ILE A 645 31.98 -13.98 69.62
CA ILE A 645 32.03 -14.28 68.20
C ILE A 645 30.84 -15.13 67.81
N LEU A 646 30.00 -14.59 66.95
CA LEU A 646 28.89 -15.37 66.43
C LEU A 646 29.20 -15.86 65.02
N LYS A 647 29.32 -17.17 64.90
CA LYS A 647 29.49 -17.85 63.64
C LYS A 647 28.18 -18.61 63.38
N ALA A 648 27.60 -18.44 62.20
CA ALA A 648 26.43 -19.23 61.80
C ALA A 648 26.82 -20.15 60.66
N VAL A 649 26.34 -21.40 60.73
CA VAL A 649 26.59 -22.37 59.65
C VAL A 649 25.34 -23.15 59.22
N VAL A 650 25.34 -23.51 57.94
CA VAL A 650 24.28 -24.28 57.28
C VAL A 650 24.82 -24.84 55.96
N SER A 651 24.54 -26.11 55.71
CA SER A 651 24.97 -26.78 54.49
C SER A 651 23.79 -27.02 53.58
N THR A 652 24.00 -26.87 52.28
CA THR A 652 23.00 -27.24 51.28
C THR A 652 23.68 -27.91 50.11
N LYS A 653 23.38 -29.20 49.94
CA LYS A 653 23.76 -29.93 48.74
C LYS A 653 25.24 -29.78 48.43
N GLY A 654 26.09 -30.21 49.35
CA GLY A 654 27.53 -30.24 49.11
C GLY A 654 28.21 -28.89 49.13
N LYS A 655 27.47 -27.87 49.52
CA LYS A 655 28.08 -26.58 49.80
C LYS A 655 27.69 -26.10 51.19
N GLU A 656 28.64 -25.50 51.89
CA GLU A 656 28.37 -25.04 53.23
C GLU A 656 28.56 -23.53 53.32
N TYR A 657 27.69 -22.87 54.08
CA TYR A 657 27.73 -21.44 54.17
C TYR A 657 27.93 -21.00 55.60
N THR A 658 28.34 -19.75 55.77
CA THR A 658 29.02 -19.30 56.98
C THR A 658 28.82 -17.82 57.19
N ASP A 659 28.32 -17.41 58.34
CA ASP A 659 28.29 -15.97 58.64
C ASP A 659 28.84 -15.60 60.02
N GLU A 660 29.93 -14.85 60.05
CA GLU A 660 30.58 -14.53 61.31
C GLU A 660 30.63 -13.04 61.65
N ILE A 661 30.10 -12.69 62.81
CA ILE A 661 30.23 -11.33 63.30
C ILE A 661 30.80 -11.25 64.72
N GLU A 662 31.37 -10.11 65.06
CA GLU A 662 32.00 -9.90 66.36
C GLU A 662 31.26 -8.87 67.23
N TRP A 663 30.86 -9.27 68.44
CA TRP A 663 30.34 -8.32 69.44
C TRP A 663 31.32 -8.11 70.59
N ASN A 664 31.07 -7.09 71.41
CA ASN A 664 31.89 -6.78 72.57
C ASN A 664 31.00 -6.30 73.70
N TYR A 665 31.14 -6.91 74.86
CA TYR A 665 30.32 -6.55 76.00
C TYR A 665 31.14 -6.23 77.24
N SER A 666 30.70 -5.24 78.00
CA SER A 666 31.34 -4.88 79.26
C SER A 666 30.46 -3.89 80.02
N GLY A 667 29.66 -4.41 80.93
CA GLY A 667 28.77 -3.57 81.72
C GLY A 667 27.51 -3.27 80.95
N GLU A 668 26.42 -2.99 81.66
CA GLU A 668 25.13 -2.73 81.04
C GLU A 668 24.97 -1.27 80.63
N LYS A 669 24.40 -1.04 79.45
CA LYS A 669 24.23 0.30 78.89
C LYS A 669 22.81 0.51 78.37
N ASN A 670 22.64 1.55 77.56
CA ASN A 670 21.35 1.84 76.95
C ASN A 670 21.37 3.16 76.20
N ARG A 671 21.77 3.12 74.92
CA ARG A 671 21.94 4.33 74.09
C ARG A 671 20.64 5.03 73.76
N GLU A 672 19.52 4.34 73.98
CA GLU A 672 18.19 4.82 73.65
C GLU A 672 17.73 5.93 74.60
N ILE A 673 18.17 5.85 75.85
CA ILE A 673 17.82 6.85 76.85
C ILE A 673 18.57 8.17 76.65
N ASP A 674 18.77 8.54 75.38
CA ASP A 674 19.35 9.83 75.02
C ASP A 674 18.44 10.65 74.09
N LEU B 3 -35.79 12.84 30.63
CA LEU B 3 -34.42 13.43 30.77
C LEU B 3 -33.95 13.32 32.22
N ALA B 4 -33.01 12.39 32.47
CA ALA B 4 -32.51 12.13 33.82
C ALA B 4 -31.64 13.26 34.36
N ARG B 5 -31.03 14.00 33.45
CA ARG B 5 -30.05 14.98 33.86
C ARG B 5 -30.75 16.34 33.91
N GLN B 6 -30.43 17.17 34.88
CA GLN B 6 -30.98 18.53 34.85
C GLN B 6 -29.93 19.57 34.50
N VAL B 7 -30.14 20.23 33.37
CA VAL B 7 -29.27 21.30 32.92
C VAL B 7 -30.07 22.58 32.98
N THR B 8 -29.84 23.42 34.00
CA THR B 8 -30.57 24.69 34.10
C THR B 8 -29.65 25.90 34.06
N ALA B 9 -30.25 27.03 33.68
CA ALA B 9 -29.55 28.30 33.50
C ALA B 9 -29.12 28.89 34.81
N PHE B 10 -27.94 29.50 34.82
CA PHE B 10 -27.32 29.93 36.06
C PHE B 10 -26.75 31.33 35.89
N ASN B 11 -27.49 32.22 35.24
CA ASN B 11 -27.02 33.59 34.92
C ASN B 11 -27.55 34.67 35.83
N THR B 12 -28.30 34.24 36.84
CA THR B 12 -29.16 35.07 37.64
C THR B 12 -28.63 35.27 39.05
N GLY B 13 -28.67 36.52 39.51
CA GLY B 13 -28.31 36.83 40.88
C GLY B 13 -26.81 36.88 41.05
N TRP B 14 -26.13 37.42 40.06
CA TRP B 14 -24.69 37.54 40.12
C TRP B 14 -24.34 38.97 40.46
N GLN B 15 -23.33 39.15 41.30
CA GLN B 15 -22.77 40.49 41.52
C GLN B 15 -21.33 40.60 41.06
N PHE B 16 -20.97 41.77 40.55
CA PHE B 16 -19.66 41.98 39.94
C PHE B 16 -18.90 43.12 40.60
N LYS B 17 -17.60 43.19 40.35
CA LYS B 17 -16.74 44.11 41.06
C LYS B 17 -15.36 44.16 40.39
N LYS B 18 -15.14 45.12 39.49
CA LYS B 18 -13.88 45.18 38.76
C LYS B 18 -12.68 45.67 39.59
N GLY B 19 -11.49 45.21 39.22
CA GLY B 19 -10.24 45.75 39.80
C GLY B 19 -9.97 47.12 39.21
N PRO B 20 -8.74 47.63 39.32
CA PRO B 20 -7.57 47.06 39.99
C PRO B 20 -7.77 47.04 41.49
N PHE B 21 -7.17 46.07 42.19
CA PHE B 21 -7.41 45.96 43.63
C PHE B 21 -6.24 46.38 44.50
N ALA B 22 -6.53 47.16 45.54
CA ALA B 22 -5.50 47.56 46.47
C ALA B 22 -4.59 46.40 46.80
N THR B 23 -3.35 46.72 47.07
CA THR B 23 -2.30 45.76 47.24
C THR B 23 -2.16 45.29 48.71
N ASP B 24 -2.20 46.19 49.68
CA ASP B 24 -2.13 45.74 51.07
C ASP B 24 -3.50 45.25 51.62
N PRO B 25 -3.48 44.33 52.61
CA PRO B 25 -4.76 43.72 53.00
C PRO B 25 -5.81 44.70 53.50
N MET B 26 -5.48 45.55 54.47
CA MET B 26 -6.48 46.48 55.01
C MET B 26 -7.24 47.17 53.87
N ARG B 27 -6.48 47.80 52.98
CA ARG B 27 -7.07 48.55 51.88
C ARG B 27 -7.89 47.65 50.96
N ALA B 28 -7.38 46.46 50.67
CA ALA B 28 -8.09 45.54 49.82
C ALA B 28 -9.40 45.11 50.48
N ALA B 29 -9.32 44.71 51.74
CA ALA B 29 -10.52 44.27 52.47
C ALA B 29 -11.64 45.32 52.41
N SER B 30 -11.28 46.60 52.59
CA SER B 30 -12.22 47.67 52.32
C SER B 30 -12.84 47.55 50.95
N GLN B 31 -12.00 47.44 49.92
CA GLN B 31 -12.49 47.32 48.54
C GLN B 31 -13.48 46.17 48.40
N TRP B 32 -13.07 44.98 48.85
CA TRP B 32 -13.97 43.83 48.94
C TRP B 32 -15.33 44.16 49.56
N ASP B 33 -15.33 44.84 50.71
CA ASP B 33 -16.56 45.25 51.38
C ASP B 33 -17.27 46.43 50.72
N GLY B 34 -16.75 46.89 49.58
CA GLY B 34 -17.38 48.00 48.86
C GLY B 34 -18.71 47.56 48.26
N LYS B 35 -19.26 48.40 47.36
CA LYS B 35 -20.50 48.06 46.66
C LYS B 35 -20.17 47.23 45.42
N TRP B 36 -20.90 46.14 45.26
CA TRP B 36 -20.77 45.31 44.10
C TRP B 36 -21.92 45.62 43.16
N GLU B 37 -21.62 45.66 41.88
CA GLU B 37 -22.64 45.88 40.88
C GLU B 37 -23.38 44.56 40.59
N THR B 38 -24.69 44.54 40.80
CA THR B 38 -25.45 43.36 40.38
C THR B 38 -25.68 43.50 38.87
N VAL B 39 -25.59 42.36 38.19
CA VAL B 39 -25.29 42.35 36.76
C VAL B 39 -25.91 41.10 36.15
N GLU B 40 -26.22 41.15 34.85
CA GLU B 40 -26.78 39.97 34.20
C GLU B 40 -25.78 39.29 33.28
N ILE B 41 -25.69 37.99 33.41
CA ILE B 41 -24.84 37.16 32.56
C ILE B 41 -25.61 36.77 31.32
N PRO B 42 -24.99 36.84 30.14
CA PRO B 42 -23.60 37.13 29.79
C PRO B 42 -23.18 38.56 30.03
N HIS B 43 -21.92 38.78 30.32
CA HIS B 43 -21.45 40.06 30.78
C HIS B 43 -19.98 40.27 30.43
N THR B 44 -19.63 41.46 29.99
CA THR B 44 -18.23 41.84 29.85
C THR B 44 -18.09 43.23 30.43
N TRP B 45 -16.87 43.59 30.83
CA TRP B 45 -16.68 44.94 31.37
C TRP B 45 -15.93 45.75 30.35
N ASN B 46 -15.78 45.17 29.16
CA ASN B 46 -15.06 45.82 28.04
C ASN B 46 -15.97 46.24 26.87
N ALA B 47 -17.29 46.18 27.05
CA ALA B 47 -18.21 46.45 25.94
C ALA B 47 -18.02 47.87 25.46
N MET B 48 -17.57 48.70 26.41
CA MET B 48 -17.40 50.12 26.23
C MET B 48 -16.01 50.51 25.71
N ASP B 49 -15.01 50.29 26.56
CA ASP B 49 -13.65 50.81 26.32
C ASP B 49 -12.85 50.06 25.24
N MET B 50 -13.41 48.98 24.69
CA MET B 50 -12.74 48.30 23.57
C MET B 50 -13.29 48.74 22.22
N GLN B 51 -14.45 49.42 22.22
CA GLN B 51 -15.10 49.90 20.97
C GLN B 51 -15.19 51.43 20.81
N VAL B 52 -15.40 52.15 21.90
CA VAL B 52 -15.66 53.59 21.83
C VAL B 52 -14.42 54.47 21.65
N GLN B 53 -13.26 53.96 22.03
CA GLN B 53 -12.00 54.66 21.79
C GLN B 53 -10.85 53.66 21.67
N SER B 54 -9.70 54.12 21.18
CA SER B 54 -8.55 53.25 21.02
C SER B 54 -7.47 53.38 22.10
N GLY B 55 -6.75 52.28 22.33
CA GLY B 55 -5.62 52.23 23.27
C GLY B 55 -5.93 52.70 24.68
N SER B 56 -7.07 52.31 25.22
CA SER B 56 -7.41 52.68 26.59
C SER B 56 -8.55 51.82 27.15
N PHE B 57 -8.26 50.56 27.46
CA PHE B 57 -9.30 49.70 28.00
C PHE B 57 -8.80 49.07 29.28
N TYR B 58 -9.70 48.59 30.10
CA TYR B 58 -9.26 47.97 31.30
C TYR B 58 -9.04 46.48 31.08
N GLU B 59 -7.79 46.05 31.22
CA GLU B 59 -7.50 44.63 31.24
C GLU B 59 -6.88 44.28 32.58
N GLY B 60 -7.52 43.39 33.33
CA GLY B 60 -7.05 43.08 34.66
C GLY B 60 -8.08 42.21 35.32
N ALA B 61 -8.05 42.13 36.64
CA ALA B 61 -8.95 41.26 37.37
C ALA B 61 -10.36 41.86 37.54
N GLY B 62 -11.34 40.96 37.65
CA GLY B 62 -12.69 41.32 38.07
C GLY B 62 -13.24 40.13 38.84
N TYR B 63 -14.10 40.37 39.82
CA TYR B 63 -14.71 39.25 40.56
C TYR B 63 -16.22 39.25 40.40
N TYR B 64 -16.77 38.06 40.18
CA TYR B 64 -18.23 37.92 40.18
C TYR B 64 -18.60 37.09 41.40
N ARG B 65 -19.77 37.36 41.96
CA ARG B 65 -20.18 36.67 43.17
C ARG B 65 -21.66 36.44 43.15
N LYS B 66 -22.05 35.20 43.39
CA LYS B 66 -23.44 34.81 43.42
C LYS B 66 -23.70 33.80 44.51
N THR B 67 -24.72 34.05 45.32
CA THR B 67 -25.02 33.15 46.43
C THR B 67 -26.32 32.39 46.20
N GLN B 68 -26.36 31.13 46.62
CA GLN B 68 -27.34 30.17 46.09
C GLN B 68 -27.77 29.09 47.09
N PHE B 69 -29.06 28.78 47.13
CA PHE B 69 -29.55 27.74 48.03
C PHE B 69 -29.58 26.39 47.36
N PHE B 70 -29.02 25.38 48.02
CA PHE B 70 -29.03 24.02 47.52
C PHE B 70 -29.75 23.13 48.52
N PRO B 71 -30.89 22.56 48.10
CA PRO B 71 -31.76 21.73 48.96
C PRO B 71 -31.18 20.36 49.31
N HIS B 72 -31.67 19.73 50.37
CA HIS B 72 -31.20 18.39 50.78
C HIS B 72 -31.42 17.29 49.74
N ASP B 73 -32.44 17.45 48.91
CA ASP B 73 -32.73 16.43 47.89
C ASP B 73 -31.58 16.25 46.90
N LEU B 74 -30.56 17.10 46.98
CA LEU B 74 -29.36 16.97 46.17
C LEU B 74 -28.36 15.95 46.71
N GLU B 75 -28.63 15.42 47.90
CA GLU B 75 -27.67 14.54 48.57
C GLU B 75 -27.48 13.20 47.88
N GLY B 76 -26.24 12.75 47.74
CA GLY B 76 -25.95 11.54 47.01
C GLY B 76 -25.98 11.80 45.51
N LYS B 77 -26.33 13.02 45.13
CA LYS B 77 -26.26 13.44 43.73
C LYS B 77 -24.93 14.11 43.46
N ARG B 78 -24.67 14.49 42.21
CA ARG B 78 -23.44 15.22 41.90
C ARG B 78 -23.81 16.49 41.18
N VAL B 79 -23.17 17.60 41.51
CA VAL B 79 -23.43 18.84 40.78
C VAL B 79 -22.16 19.48 40.20
N PHE B 80 -22.35 20.18 39.08
CA PHE B 80 -21.28 20.69 38.23
C PHE B 80 -21.61 22.11 37.80
N LEU B 81 -20.59 22.93 37.64
CA LEU B 81 -20.78 24.17 36.92
C LEU B 81 -20.10 24.01 35.57
N ARG B 82 -20.71 24.61 34.55
CA ARG B 82 -20.12 24.62 33.23
C ARG B 82 -20.16 26.05 32.73
N PHE B 83 -18.99 26.64 32.53
CA PHE B 83 -18.95 28.00 32.02
C PHE B 83 -18.59 27.94 30.56
N GLU B 84 -19.47 28.48 29.74
CA GLU B 84 -19.26 28.43 28.30
C GLU B 84 -18.08 29.28 27.83
N GLY B 85 -17.73 30.33 28.58
CA GLY B 85 -16.58 31.18 28.21
C GLY B 85 -16.33 32.26 29.24
N VAL B 86 -15.07 32.51 29.58
CA VAL B 86 -14.73 33.67 30.42
C VAL B 86 -13.44 34.30 29.96
N GLY B 87 -13.48 35.60 29.68
CA GLY B 87 -12.26 36.30 29.26
C GLY B 87 -11.52 36.82 30.49
N ALA B 88 -10.31 36.29 30.74
CA ALA B 88 -9.69 35.23 29.92
C ALA B 88 -9.19 34.08 30.79
N CYS B 89 -8.76 34.40 32.00
CA CYS B 89 -8.42 33.38 32.95
C CYS B 89 -9.43 33.39 34.08
N ALA B 90 -9.78 32.20 34.54
CA ALA B 90 -10.78 32.14 35.57
C ALA B 90 -10.33 31.22 36.69
N GLU B 91 -10.86 31.50 37.87
CA GLU B 91 -10.72 30.65 39.03
C GLU B 91 -12.05 30.68 39.76
N VAL B 92 -12.58 29.52 40.08
CA VAL B 92 -13.89 29.52 40.72
C VAL B 92 -13.76 28.85 42.05
N TYR B 93 -14.38 29.47 43.05
CA TYR B 93 -14.36 28.98 44.41
C TYR B 93 -15.78 28.68 44.84
N VAL B 94 -15.97 27.64 45.65
CA VAL B 94 -17.29 27.43 46.22
C VAL B 94 -17.15 27.49 47.75
N ASN B 95 -17.77 28.49 48.37
CA ASN B 95 -17.54 28.71 49.79
C ASN B 95 -16.03 28.82 50.04
N GLY B 96 -15.39 29.59 49.17
CA GLY B 96 -13.96 29.88 49.31
C GLY B 96 -13.03 28.69 49.19
N LYS B 97 -13.39 27.68 48.41
CA LYS B 97 -12.49 26.57 48.14
C LYS B 97 -12.36 26.44 46.65
N LEU B 98 -11.14 26.30 46.14
CA LEU B 98 -10.91 26.31 44.69
C LEU B 98 -11.58 25.11 44.02
N ALA B 99 -12.60 25.34 43.21
CA ALA B 99 -13.23 24.25 42.49
C ALA B 99 -12.49 23.95 41.18
N GLY B 100 -12.12 24.99 40.44
CA GLY B 100 -11.43 24.82 39.17
C GLY B 100 -10.69 26.06 38.71
N THR B 101 -9.96 25.94 37.62
CA THR B 101 -9.07 26.99 37.14
C THR B 101 -8.97 26.86 35.63
N HIS B 102 -9.00 27.97 34.91
CA HIS B 102 -8.91 27.89 33.47
C HIS B 102 -8.11 29.00 32.86
N LYS B 103 -7.41 28.70 31.76
CA LYS B 103 -6.67 29.71 31.01
C LYS B 103 -6.98 29.68 29.52
N GLY B 104 -7.51 30.80 29.03
CA GLY B 104 -7.93 30.92 27.64
C GLY B 104 -9.38 31.30 27.63
N GLY B 105 -9.68 32.45 27.03
CA GLY B 105 -11.03 33.00 27.13
C GLY B 105 -12.06 32.55 26.13
N TYR B 106 -11.84 31.40 25.48
CA TYR B 106 -12.75 31.01 24.39
C TYR B 106 -13.29 29.60 24.46
N SER B 107 -12.87 28.85 25.46
CA SER B 107 -13.34 27.49 25.62
C SER B 107 -14.12 27.32 26.93
N ALA B 108 -15.12 26.44 26.92
CA ALA B 108 -15.83 26.13 28.16
C ALA B 108 -14.86 25.48 29.09
N PHE B 109 -15.12 25.63 30.38
CA PHE B 109 -14.52 24.75 31.35
C PHE B 109 -15.63 24.34 32.31
N ALA B 110 -15.34 23.37 33.16
CA ALA B 110 -16.34 22.77 34.01
C ALA B 110 -15.69 22.35 35.29
N CYS B 111 -16.46 22.37 36.38
CA CYS B 111 -15.99 21.66 37.57
C CYS B 111 -17.09 21.24 38.47
N GLU B 112 -16.87 20.06 39.04
CA GLU B 112 -17.73 19.49 40.02
C GLU B 112 -17.60 20.29 41.29
N ILE B 113 -18.70 20.85 41.76
CA ILE B 113 -18.69 21.63 42.99
C ILE B 113 -19.44 20.89 44.09
N GLY B 114 -20.21 19.89 43.71
CA GLY B 114 -21.07 19.19 44.67
C GLY B 114 -20.42 18.99 46.03
N THR B 115 -19.32 18.25 46.05
CA THR B 115 -18.69 17.80 47.28
C THR B 115 -18.16 18.94 48.14
N ALA B 116 -18.21 20.17 47.64
CA ALA B 116 -17.85 21.31 48.46
C ALA B 116 -19.07 22.10 48.87
N LEU B 117 -20.23 21.73 48.34
CA LEU B 117 -21.48 22.39 48.69
C LEU B 117 -21.91 22.03 50.10
N LYS B 118 -22.68 22.90 50.73
CA LYS B 118 -23.24 22.59 52.04
C LYS B 118 -24.77 22.61 51.92
N LEU B 119 -25.34 21.40 51.84
CA LEU B 119 -26.74 21.22 51.42
C LEU B 119 -27.74 21.69 52.46
N GLY B 120 -28.90 22.12 51.99
CA GLY B 120 -29.94 22.65 52.87
C GLY B 120 -29.49 23.98 53.44
N ALA B 121 -28.63 24.66 52.69
CA ALA B 121 -28.07 25.94 53.12
C ALA B 121 -27.89 26.90 51.96
N GLU B 122 -27.34 28.06 52.26
CA GLU B 122 -26.94 28.97 51.21
C GLU B 122 -25.47 28.69 50.95
N ASN B 123 -25.09 28.68 49.68
CA ASN B 123 -23.70 28.48 49.32
C ASN B 123 -23.28 29.63 48.46
N GLU B 124 -22.00 29.96 48.48
CA GLU B 124 -21.56 31.12 47.77
C GLU B 124 -20.52 30.76 46.71
N ILE B 125 -20.82 31.09 45.46
CA ILE B 125 -19.89 30.86 44.35
C ILE B 125 -19.12 32.14 44.05
N ILE B 126 -17.82 32.04 43.87
CA ILE B 126 -17.07 33.23 43.48
C ILE B 126 -16.18 32.92 42.29
N VAL B 127 -16.20 33.80 41.29
CA VAL B 127 -15.35 33.64 40.11
C VAL B 127 -14.38 34.82 39.95
N LYS B 128 -13.09 34.53 39.84
CA LYS B 128 -12.10 35.57 39.57
C LYS B 128 -11.87 35.47 38.11
N ALA B 129 -11.96 36.59 37.42
CA ALA B 129 -11.76 36.64 35.97
C ALA B 129 -10.65 37.61 35.76
N ASP B 130 -9.82 37.33 34.77
CA ASP B 130 -8.73 38.23 34.50
C ASP B 130 -8.46 38.20 33.02
N ASN B 131 -8.45 39.36 32.39
CA ASN B 131 -8.22 39.40 30.95
C ASN B 131 -7.01 40.25 30.54
N LYS B 132 -5.97 40.22 31.36
CA LYS B 132 -4.72 40.89 31.08
C LYS B 132 -3.86 40.00 30.20
N ALA B 133 -3.29 40.54 29.13
CA ALA B 133 -2.47 39.70 28.25
C ALA B 133 -1.28 39.19 29.02
N ARG B 134 -0.83 37.97 28.72
CA ARG B 134 0.36 37.37 29.32
C ARG B 134 1.14 36.58 28.27
N PRO B 135 2.44 36.40 28.49
CA PRO B 135 3.25 35.74 27.44
C PRO B 135 3.05 34.21 27.35
N ASP B 136 2.34 33.64 28.33
CA ASP B 136 2.06 32.20 28.38
C ASP B 136 0.62 31.83 28.01
N VAL B 137 -0.19 32.80 27.59
CA VAL B 137 -1.57 32.49 27.25
C VAL B 137 -1.88 33.15 25.94
N ILE B 138 -2.48 32.40 25.01
CA ILE B 138 -2.80 32.92 23.69
C ILE B 138 -4.21 33.46 23.73
N PRO B 139 -4.48 34.55 23.01
CA PRO B 139 -3.45 35.26 22.25
C PRO B 139 -2.61 36.05 23.23
N VAL B 140 -1.33 36.24 22.92
CA VAL B 140 -0.43 36.87 23.87
C VAL B 140 -0.59 38.39 23.96
N ASN B 141 -1.23 39.00 22.96
CA ASN B 141 -1.54 40.43 23.04
C ASN B 141 -2.91 40.75 22.47
N GLN B 142 -3.29 42.03 22.52
CA GLN B 142 -4.60 42.46 22.06
C GLN B 142 -4.51 43.24 20.76
N ASN B 143 -3.50 42.95 19.96
CA ASN B 143 -3.29 43.71 18.73
C ASN B 143 -4.35 43.51 17.67
N LEU B 144 -4.61 42.26 17.28
CA LEU B 144 -5.60 41.98 16.24
C LEU B 144 -7.02 42.19 16.73
N PHE B 145 -7.22 42.06 18.03
CA PHE B 145 -8.54 42.22 18.59
C PHE B 145 -8.38 42.10 20.09
N GLY B 146 -9.43 42.40 20.83
CA GLY B 146 -9.30 42.46 22.27
C GLY B 146 -10.07 41.34 22.91
N VAL B 147 -9.51 40.78 23.97
CA VAL B 147 -10.24 39.73 24.63
C VAL B 147 -11.17 40.37 25.65
N TYR B 148 -12.33 40.84 25.19
CA TYR B 148 -13.33 41.36 26.10
C TYR B 148 -13.29 40.48 27.34
N GLY B 149 -13.21 41.07 28.54
CA GLY B 149 -13.09 40.28 29.76
C GLY B 149 -14.40 40.05 30.52
N GLY B 150 -14.40 39.04 31.39
CA GLY B 150 -15.59 38.70 32.16
C GLY B 150 -16.27 37.42 31.70
N ILE B 151 -17.39 37.12 32.35
CA ILE B 151 -18.17 35.94 32.03
C ILE B 151 -19.15 36.27 30.90
N TYR B 152 -18.61 36.35 29.67
CA TYR B 152 -19.36 36.88 28.54
C TYR B 152 -20.23 35.83 27.82
N ARG B 153 -20.29 34.62 28.37
CA ARG B 153 -21.18 33.56 27.88
C ARG B 153 -21.96 32.87 29.02
N PRO B 154 -23.11 32.27 28.68
CA PRO B 154 -23.96 31.69 29.72
C PRO B 154 -23.21 30.73 30.64
N VAL B 155 -23.81 30.47 31.81
CA VAL B 155 -23.33 29.46 32.76
C VAL B 155 -24.44 28.48 33.07
N TRP B 156 -24.08 27.22 33.31
CA TRP B 156 -25.06 26.16 33.50
C TRP B 156 -24.79 25.39 34.78
N LEU B 157 -25.86 25.08 35.49
CA LEU B 157 -25.77 24.24 36.66
C LEU B 157 -26.26 22.88 36.19
N ILE B 158 -25.53 21.82 36.53
CA ILE B 158 -25.86 20.49 36.04
C ILE B 158 -25.97 19.49 37.17
N VAL B 159 -27.01 18.65 37.12
CA VAL B 159 -27.24 17.68 38.18
C VAL B 159 -27.36 16.23 37.69
N THR B 160 -26.62 15.34 38.36
CA THR B 160 -26.45 13.97 37.96
C THR B 160 -26.43 13.05 39.15
N GLU B 161 -26.46 11.77 38.88
CA GLU B 161 -26.28 10.74 39.88
C GLU B 161 -24.79 10.48 40.18
N GLN B 162 -24.56 9.50 41.05
CA GLN B 162 -23.22 9.00 41.39
C GLN B 162 -22.44 8.56 40.13
N ASN B 163 -23.15 7.91 39.21
CA ASN B 163 -22.55 7.43 37.97
C ASN B 163 -23.10 8.23 36.82
N ASN B 164 -22.24 8.69 35.93
CA ASN B 164 -22.76 9.43 34.77
C ASN B 164 -21.94 9.34 33.50
N ILE B 165 -22.44 9.99 32.46
CA ILE B 165 -21.62 10.26 31.30
C ILE B 165 -20.84 11.49 31.71
N THR B 166 -19.52 11.34 31.83
CA THR B 166 -18.71 12.37 32.47
C THR B 166 -19.02 13.73 31.89
N VAL B 167 -19.24 14.70 32.77
CA VAL B 167 -19.43 16.11 32.35
C VAL B 167 -18.11 16.95 32.45
N THR B 168 -17.03 16.26 32.78
CA THR B 168 -15.83 16.93 33.21
C THR B 168 -14.58 16.66 32.40
N ASP B 169 -14.74 16.03 31.24
CA ASP B 169 -13.63 15.75 30.36
C ASP B 169 -13.43 16.88 29.39
N CYS B 170 -12.68 17.90 29.82
CA CYS B 170 -12.49 19.05 28.99
C CYS B 170 -13.82 19.71 28.72
N ALA B 171 -14.79 19.49 29.60
CA ALA B 171 -16.05 20.15 29.43
C ALA B 171 -16.71 19.69 28.12
N SER B 172 -16.25 18.57 27.57
CA SER B 172 -16.85 18.08 26.34
C SER B 172 -18.22 17.54 26.71
N PRO B 173 -19.05 17.16 25.71
CA PRO B 173 -20.31 16.45 25.98
C PRO B 173 -20.06 15.06 26.58
N GLY B 174 -18.84 14.55 26.44
CA GLY B 174 -18.47 13.27 27.07
C GLY B 174 -18.71 12.08 26.14
N VAL B 175 -19.27 12.35 24.97
CA VAL B 175 -19.43 11.33 23.96
C VAL B 175 -18.80 11.82 22.68
N TYR B 176 -18.20 10.91 21.94
CA TYR B 176 -17.49 11.33 20.74
C TYR B 176 -17.92 10.43 19.61
N ILE B 177 -18.19 11.03 18.48
CA ILE B 177 -18.81 10.34 17.42
C ILE B 177 -17.92 10.43 16.22
N THR B 178 -17.42 9.31 15.75
CA THR B 178 -16.65 9.32 14.52
C THR B 178 -17.36 8.60 13.39
N GLN B 179 -16.92 8.85 12.16
CA GLN B 179 -17.50 8.18 11.02
C GLN B 179 -16.43 7.74 10.04
N LYS B 180 -16.59 6.56 9.46
CA LYS B 180 -15.54 5.98 8.62
C LYS B 180 -16.20 5.44 7.37
N ASP B 181 -15.47 5.44 6.24
CA ASP B 181 -15.94 4.80 4.99
C ASP B 181 -17.37 5.19 4.63
N VAL B 182 -17.53 6.44 4.22
CA VAL B 182 -18.83 7.01 4.06
C VAL B 182 -19.20 7.13 2.59
N SER B 183 -20.40 6.65 2.24
CA SER B 183 -20.92 6.78 0.88
C SER B 183 -22.43 6.54 0.92
N LYS B 184 -23.08 6.73 -0.24
CA LYS B 184 -24.51 6.46 -0.38
C LYS B 184 -24.79 5.11 0.21
N LYS B 185 -23.98 4.16 -0.23
CA LYS B 185 -24.12 2.77 0.10
C LYS B 185 -24.19 2.57 1.63
N SER B 186 -23.18 3.04 2.36
CA SER B 186 -23.25 3.03 3.83
C SER B 186 -22.22 3.93 4.53
N ALA B 187 -22.17 3.81 5.86
CA ALA B 187 -21.18 4.51 6.67
C ALA B 187 -21.12 3.86 8.05
N ASP B 188 -19.91 3.52 8.52
CA ASP B 188 -19.72 3.03 9.90
C ASP B 188 -19.51 4.21 10.82
N ILE B 189 -20.35 4.30 11.84
CA ILE B 189 -20.09 5.33 12.83
C ILE B 189 -19.74 4.67 14.16
N THR B 190 -18.68 5.16 14.79
CA THR B 190 -18.32 4.70 16.12
C THR B 190 -18.72 5.78 17.10
N VAL B 191 -19.44 5.37 18.15
CA VAL B 191 -19.71 6.24 19.27
C VAL B 191 -18.81 5.86 20.46
N LYS B 192 -18.12 6.85 21.02
CA LYS B 192 -17.31 6.61 22.21
C LYS B 192 -17.94 7.34 23.40
N VAL B 193 -18.03 6.65 24.52
CA VAL B 193 -18.65 7.27 25.69
C VAL B 193 -17.78 7.09 26.94
N LYS B 194 -17.58 8.17 27.68
CA LYS B 194 -16.83 8.11 28.93
C LYS B 194 -17.72 8.13 30.17
N LEU B 195 -17.56 7.11 31.01
CA LEU B 195 -18.39 6.99 32.18
C LEU B 195 -17.60 7.10 33.47
N ASP B 196 -18.21 7.76 34.44
CA ASP B 196 -17.66 7.99 35.76
C ASP B 196 -18.55 7.39 36.82
N ASN B 197 -17.93 6.64 37.73
CA ASN B 197 -18.58 6.14 38.97
C ASN B 197 -17.99 6.80 40.23
N ALA B 198 -18.64 7.85 40.74
CA ALA B 198 -18.16 8.65 41.90
C ALA B 198 -18.09 7.91 43.22
N GLY B 199 -18.81 6.79 43.33
CA GLY B 199 -18.94 6.09 44.60
C GLY B 199 -17.80 5.12 44.89
N LEU B 200 -17.92 4.38 46.00
CA LEU B 200 -16.85 3.50 46.46
C LEU B 200 -16.92 2.09 45.92
N GLN B 201 -18.02 1.73 45.28
CA GLN B 201 -18.22 0.32 44.89
C GLN B 201 -18.55 0.13 43.40
N PRO B 202 -18.23 -1.03 42.83
CA PRO B 202 -18.66 -1.25 41.45
C PRO B 202 -20.15 -1.00 41.40
N ALA B 203 -20.65 -0.50 40.27
CA ALA B 203 -22.07 -0.24 40.14
C ALA B 203 -22.57 -0.91 38.87
N ALA B 204 -23.76 -1.51 38.96
CA ALA B 204 -24.30 -2.28 37.86
C ALA B 204 -25.13 -1.41 36.93
N VAL B 205 -24.62 -1.18 35.72
CA VAL B 205 -25.30 -0.33 34.77
C VAL B 205 -25.38 -0.95 33.38
N THR B 206 -26.08 -0.26 32.52
CA THR B 206 -26.29 -0.68 31.16
C THR B 206 -26.18 0.61 30.36
N LEU B 207 -25.40 0.57 29.28
CA LEU B 207 -25.27 1.73 28.43
C LEU B 207 -25.88 1.40 27.10
N GLU B 208 -26.85 2.21 26.73
CA GLU B 208 -27.73 1.99 25.61
C GLU B 208 -27.50 3.14 24.65
N ASN B 209 -26.88 2.85 23.51
CA ASN B 209 -26.62 3.89 22.50
C ASN B 209 -27.52 3.75 21.27
N THR B 210 -28.22 4.83 20.93
CA THR B 210 -29.17 4.79 19.82
C THR B 210 -28.96 5.89 18.78
N ILE B 211 -29.21 5.53 17.54
CA ILE B 211 -29.23 6.51 16.48
C ILE B 211 -30.64 6.63 15.93
N TYR B 212 -31.10 7.88 15.86
CA TYR B 212 -32.43 8.21 15.41
C TYR B 212 -32.35 9.02 14.10
N THR B 213 -33.29 8.78 13.19
CA THR B 213 -33.42 9.55 11.94
C THR B 213 -33.86 10.94 12.30
N GLN B 214 -33.69 11.88 11.38
CA GLN B 214 -34.07 13.27 11.64
C GLN B 214 -35.55 13.34 12.02
N GLU B 215 -36.31 12.32 11.61
CA GLU B 215 -37.75 12.31 11.82
C GLU B 215 -38.14 11.65 13.13
N GLY B 216 -37.27 10.80 13.67
CA GLY B 216 -37.50 10.23 14.98
C GLY B 216 -37.50 8.71 15.01
N GLN B 217 -37.01 8.09 13.94
CA GLN B 217 -37.09 6.64 13.83
C GLN B 217 -35.81 5.87 14.25
N LYS B 218 -35.89 5.17 15.37
CA LYS B 218 -34.79 4.31 15.81
C LYS B 218 -34.16 3.55 14.63
N VAL B 219 -32.95 3.92 14.24
CA VAL B 219 -32.31 3.30 13.07
C VAL B 219 -31.01 2.54 13.44
N GLY B 220 -30.80 2.30 14.72
CA GLY B 220 -29.60 1.61 15.21
C GLY B 220 -29.56 1.71 16.71
N THR B 221 -29.37 0.58 17.39
CA THR B 221 -29.26 0.55 18.85
C THR B 221 -28.09 -0.32 19.26
N HIS B 222 -27.28 0.14 20.20
CA HIS B 222 -26.27 -0.76 20.73
C HIS B 222 -26.30 -0.67 22.26
N SER B 223 -26.32 -1.81 22.92
CA SER B 223 -26.59 -1.84 24.34
C SER B 223 -25.60 -2.74 25.03
N ARG B 224 -25.16 -2.36 26.23
CA ARG B 224 -24.21 -3.17 26.96
C ARG B 224 -24.49 -3.10 28.45
N SER B 225 -24.12 -4.17 29.14
CA SER B 225 -24.26 -4.26 30.59
C SER B 225 -22.96 -4.72 31.19
N PHE B 226 -22.68 -4.21 32.39
CA PHE B 226 -21.40 -4.42 33.01
C PHE B 226 -21.45 -3.66 34.31
N ASP B 227 -20.56 -4.03 35.22
CA ASP B 227 -20.34 -3.28 36.43
C ASP B 227 -19.43 -2.10 36.09
N LEU B 228 -19.81 -0.91 36.55
CA LEU B 228 -18.96 0.24 36.36
C LEU B 228 -18.03 0.37 37.54
N SER B 229 -16.75 0.15 37.29
CA SER B 229 -15.70 0.30 38.28
C SER B 229 -15.69 1.71 38.86
N PRO B 230 -15.43 1.82 40.17
CA PRO B 230 -15.28 3.13 40.84
C PRO B 230 -13.90 3.70 40.56
N GLN B 231 -12.96 2.87 40.11
CA GLN B 231 -11.56 3.30 39.97
C GLN B 231 -11.25 3.91 38.62
N GLY B 232 -11.33 5.24 38.54
CA GLY B 232 -10.93 5.94 37.34
C GLY B 232 -12.04 5.98 36.30
N THR B 233 -12.04 7.00 35.45
CA THR B 233 -13.12 7.14 34.49
C THR B 233 -12.97 6.14 33.33
N GLN B 234 -14.07 5.52 32.89
CA GLN B 234 -14.06 4.43 31.88
C GLN B 234 -14.59 4.79 30.48
N THR B 235 -14.11 4.11 29.45
CA THR B 235 -14.53 4.38 28.08
C THR B 235 -15.23 3.21 27.41
N TYR B 236 -16.32 3.49 26.71
CA TYR B 236 -17.04 2.42 26.01
C TYR B 236 -17.29 2.78 24.54
N LEU B 237 -17.05 1.82 23.65
CA LEU B 237 -17.29 2.05 22.24
C LEU B 237 -18.53 1.33 21.75
N SER B 238 -19.22 1.97 20.82
CA SER B 238 -20.34 1.39 20.08
C SER B 238 -20.04 1.59 18.61
N THR B 239 -20.46 0.65 17.79
CA THR B 239 -20.30 0.88 16.36
C THR B 239 -21.58 0.55 15.58
N PHE B 240 -21.97 1.46 14.72
CA PHE B 240 -23.17 1.31 13.93
C PHE B 240 -22.85 1.28 12.45
N LYS B 241 -23.21 0.17 11.81
CA LYS B 241 -23.16 0.07 10.37
C LYS B 241 -24.44 0.67 9.85
N LEU B 242 -24.38 1.91 9.35
CA LEU B 242 -25.55 2.57 8.79
C LEU B 242 -25.73 2.28 7.30
N LYS B 243 -26.82 1.60 6.97
CA LYS B 243 -27.08 1.22 5.57
C LYS B 243 -27.83 2.31 4.80
N ASN B 244 -27.30 2.69 3.65
CA ASN B 244 -27.93 3.71 2.81
C ASN B 244 -28.36 4.90 3.65
N PRO B 245 -27.38 5.63 4.17
CA PRO B 245 -27.66 6.69 5.12
C PRO B 245 -28.03 7.96 4.38
N HIS B 246 -28.88 8.78 4.98
CA HIS B 246 -29.14 10.07 4.40
C HIS B 246 -27.99 11.03 4.70
N LEU B 247 -27.16 11.28 3.69
CA LEU B 247 -25.98 12.12 3.81
C LEU B 247 -26.28 13.62 4.00
N TRP B 248 -25.78 14.18 5.10
CA TRP B 248 -25.66 15.61 5.28
C TRP B 248 -24.92 16.16 4.06
N GLN B 249 -25.57 16.98 3.24
CA GLN B 249 -24.94 17.46 2.00
C GLN B 249 -24.77 18.99 1.88
N GLY B 250 -24.29 19.65 2.93
CA GLY B 250 -24.21 21.13 2.93
C GLY B 250 -25.56 21.82 2.88
N ARG B 251 -25.58 22.98 2.22
CA ARG B 251 -26.82 23.75 2.06
C ARG B 251 -27.88 23.03 1.22
N LYS B 252 -27.48 22.15 0.33
CA LYS B 252 -28.45 21.40 -0.46
C LYS B 252 -29.38 20.58 0.42
N ASP B 253 -28.90 20.13 1.57
CA ASP B 253 -29.68 19.19 2.37
C ASP B 253 -28.93 18.77 3.63
N PRO B 254 -28.92 19.65 4.64
CA PRO B 254 -28.21 19.45 5.89
C PRO B 254 -28.91 18.42 6.77
N TYR B 255 -28.99 17.18 6.30
CA TYR B 255 -29.69 16.15 7.06
C TYR B 255 -28.90 15.77 8.30
N LEU B 256 -29.59 15.61 9.44
CA LEU B 256 -28.93 15.26 10.70
C LEU B 256 -29.67 14.21 11.50
N TYR B 257 -29.07 13.04 11.67
CA TYR B 257 -29.59 12.07 12.59
C TYR B 257 -29.35 12.68 13.94
N LYS B 258 -29.75 12.02 15.00
CA LYS B 258 -29.27 12.47 16.27
C LYS B 258 -28.87 11.24 17.08
N VAL B 259 -27.87 11.40 17.94
CA VAL B 259 -27.40 10.27 18.73
C VAL B 259 -27.86 10.47 20.16
N VAL B 260 -28.29 9.40 20.80
CA VAL B 260 -28.74 9.52 22.17
C VAL B 260 -27.97 8.48 22.96
N CYS B 261 -27.27 8.91 24.01
CA CYS B 261 -26.56 7.96 24.83
C CYS B 261 -27.19 7.92 26.21
N ARG B 262 -27.76 6.77 26.56
CA ARG B 262 -28.48 6.66 27.82
C ARG B 262 -27.74 5.77 28.79
N LEU B 263 -27.55 6.25 30.01
CA LEU B 263 -27.02 5.38 31.03
C LEU B 263 -28.15 4.97 31.95
N MET B 264 -28.25 3.67 32.20
CA MET B 264 -29.37 3.14 32.93
C MET B 264 -28.93 2.25 34.06
N ALA B 265 -29.70 2.32 35.15
CA ALA B 265 -29.50 1.51 36.32
C ALA B 265 -30.87 0.99 36.79
N ASP B 266 -30.94 -0.31 37.08
CA ASP B 266 -32.18 -0.95 37.54
C ASP B 266 -33.29 -0.72 36.54
N GLY B 267 -33.03 -1.09 35.28
CA GLY B 267 -33.99 -0.87 34.20
C GLY B 267 -34.46 0.58 34.10
N LYS B 268 -33.77 1.48 34.79
CA LYS B 268 -34.12 2.89 34.79
C LYS B 268 -33.00 3.74 34.19
N VAL B 269 -33.37 4.93 33.72
CA VAL B 269 -32.39 5.83 33.17
C VAL B 269 -31.83 6.78 34.23
N ILE B 270 -30.52 6.79 34.37
CA ILE B 270 -29.88 7.66 35.35
C ILE B 270 -29.19 8.88 34.72
N ASP B 271 -28.81 8.78 33.45
CA ASP B 271 -28.20 9.93 32.75
C ASP B 271 -28.36 9.83 31.23
N GLU B 272 -28.09 10.93 30.51
CA GLU B 272 -28.34 11.01 29.08
C GLU B 272 -27.61 12.19 28.44
N VAL B 273 -26.99 11.95 27.29
CA VAL B 273 -26.57 13.05 26.42
C VAL B 273 -26.91 12.71 24.98
N VAL B 274 -27.42 13.69 24.28
CA VAL B 274 -27.88 13.53 22.92
C VAL B 274 -27.09 14.48 22.05
N GLN B 275 -26.64 14.00 20.89
CA GLN B 275 -25.70 14.70 20.02
C GLN B 275 -26.08 14.56 18.54
N PRO B 276 -25.66 15.52 17.72
CA PRO B 276 -25.99 15.50 16.32
C PRO B 276 -25.11 14.51 15.58
N LEU B 277 -25.44 14.23 14.34
CA LEU B 277 -24.67 13.30 13.54
C LEU B 277 -24.98 13.62 12.11
N GLY B 278 -24.05 14.30 11.45
CA GLY B 278 -24.18 14.70 10.07
C GLY B 278 -23.28 13.81 9.23
N VAL B 279 -23.83 12.73 8.69
CA VAL B 279 -22.99 11.82 7.93
C VAL B 279 -22.54 12.39 6.57
N ARG B 280 -21.24 12.59 6.46
CA ARG B 280 -20.67 13.14 5.25
C ARG B 280 -19.16 12.93 5.21
N LYS B 281 -18.60 13.00 4.02
CA LYS B 281 -17.16 12.87 3.86
C LYS B 281 -16.65 14.17 3.27
N TYR B 282 -15.52 14.65 3.76
CA TYR B 282 -14.97 15.86 3.20
C TYR B 282 -13.71 15.45 2.48
N GLU B 283 -13.27 16.20 1.50
CA GLU B 283 -12.00 15.87 0.89
C GLU B 283 -11.52 17.00 0.01
N ILE B 284 -10.22 17.24 0.05
CA ILE B 284 -9.62 18.26 -0.77
C ILE B 284 -8.65 17.61 -1.73
N VAL B 285 -8.59 18.11 -2.96
CA VAL B 285 -7.58 17.64 -3.87
C VAL B 285 -6.88 18.87 -4.32
N ALA B 286 -5.62 18.97 -3.96
CA ALA B 286 -4.87 20.13 -4.37
C ALA B 286 -5.12 20.32 -5.84
N GLY B 287 -5.27 21.58 -6.24
CA GLY B 287 -5.39 21.94 -7.62
C GLY B 287 -6.75 21.71 -8.24
N LYS B 288 -7.61 20.93 -7.61
CA LYS B 288 -8.87 20.58 -8.24
C LYS B 288 -10.03 21.22 -7.53
N GLY B 289 -10.18 20.94 -6.23
CA GLY B 289 -11.24 21.60 -5.46
C GLY B 289 -11.63 20.93 -4.16
N PHE B 290 -12.75 21.35 -3.62
CA PHE B 290 -13.28 20.76 -2.42
C PHE B 290 -14.47 19.83 -2.75
N PHE B 291 -14.45 18.65 -2.15
CA PHE B 291 -15.43 17.63 -2.46
C PHE B 291 -16.21 17.22 -1.23
N LEU B 292 -17.50 17.01 -1.41
CA LEU B 292 -18.37 16.65 -0.33
C LEU B 292 -19.16 15.43 -0.76
N ASN B 293 -19.18 14.42 0.10
CA ASN B 293 -19.56 13.09 -0.33
C ASN B 293 -19.29 12.89 -1.82
N GLY B 294 -18.04 13.05 -2.23
CA GLY B 294 -17.63 12.76 -3.60
C GLY B 294 -17.94 13.80 -4.65
N GLU B 295 -18.67 14.86 -4.32
CA GLU B 295 -18.98 15.85 -5.34
C GLU B 295 -18.38 17.20 -5.09
N LYS B 296 -17.71 17.74 -6.09
CA LYS B 296 -17.15 19.08 -5.97
C LYS B 296 -18.21 20.05 -5.45
N TYR B 297 -17.80 20.91 -4.54
CA TYR B 297 -18.71 21.80 -3.83
C TYR B 297 -18.11 23.20 -3.75
N SER B 298 -18.89 24.20 -4.09
CA SER B 298 -18.39 25.56 -4.02
C SER B 298 -18.07 25.91 -2.57
N MET B 299 -16.91 26.54 -2.42
CA MET B 299 -16.47 27.00 -1.12
C MET B 299 -16.39 28.53 -1.17
N TYR B 300 -17.53 29.17 -0.92
CA TYR B 300 -17.61 30.62 -0.92
C TYR B 300 -17.53 31.05 0.52
N GLY B 301 -16.42 31.67 0.90
CA GLY B 301 -16.11 31.87 2.31
C GLY B 301 -16.08 33.29 2.84
N VAL B 302 -16.55 33.42 4.07
CA VAL B 302 -16.48 34.67 4.82
C VAL B 302 -16.00 34.36 6.23
N THR B 303 -15.68 35.40 7.00
CA THR B 303 -15.26 35.26 8.38
C THR B 303 -16.21 36.06 9.26
N ARG B 304 -16.06 35.92 10.58
CA ARG B 304 -16.93 36.61 11.51
C ARG B 304 -16.33 36.63 12.92
N HIS B 305 -16.07 37.81 13.48
CA HIS B 305 -15.69 37.89 14.91
C HIS B 305 -16.94 37.87 15.82
N GLN B 306 -16.77 37.55 17.09
CA GLN B 306 -17.93 37.27 17.94
C GLN B 306 -18.36 38.44 18.81
N ASP B 307 -18.17 39.65 18.30
CA ASP B 307 -18.53 40.85 19.04
C ASP B 307 -19.53 41.71 18.25
N TRP B 308 -20.40 42.39 18.97
CA TRP B 308 -21.33 43.32 18.36
C TRP B 308 -21.07 44.69 18.94
N TRP B 309 -21.21 45.71 18.11
CA TRP B 309 -21.30 47.08 18.58
C TRP B 309 -22.18 47.12 19.83
N GLY B 310 -21.83 47.98 20.77
CA GLY B 310 -22.60 48.13 22.00
C GLY B 310 -22.44 47.00 23.01
N LEU B 311 -22.55 45.75 22.56
CA LEU B 311 -22.59 44.63 23.50
C LEU B 311 -21.22 44.01 23.73
N GLY B 312 -20.26 44.33 22.88
CA GLY B 312 -18.99 43.61 22.88
C GLY B 312 -19.31 42.14 22.62
N SER B 313 -18.70 41.24 23.37
CA SER B 313 -18.90 39.84 23.10
C SER B 313 -19.97 39.19 23.97
N ALA B 314 -20.67 39.96 24.81
CA ALA B 314 -21.73 39.40 25.65
C ALA B 314 -23.01 39.19 24.84
N LEU B 315 -22.98 38.28 23.88
CA LEU B 315 -24.08 38.17 22.93
C LEU B 315 -25.12 37.17 23.40
N LYS B 316 -26.36 37.32 22.94
CA LYS B 316 -27.36 36.27 23.15
C LYS B 316 -27.52 35.46 21.87
N ASN B 317 -28.41 34.46 21.90
CA ASN B 317 -28.62 33.66 20.72
C ASN B 317 -29.10 34.44 19.48
N GLU B 318 -30.00 35.40 19.69
CA GLU B 318 -30.54 36.17 18.59
C GLU B 318 -29.44 36.73 17.70
N HIS B 319 -28.36 37.20 18.33
CA HIS B 319 -27.24 37.80 17.58
C HIS B 319 -26.50 36.79 16.71
N HIS B 320 -26.25 35.61 17.26
CA HIS B 320 -25.63 34.56 16.49
C HIS B 320 -26.54 34.29 15.34
N ASP B 321 -27.78 33.90 15.64
CA ASP B 321 -28.78 33.67 14.61
C ASP B 321 -28.76 34.79 13.59
N PHE B 322 -28.77 36.04 14.05
CA PHE B 322 -28.81 37.14 13.11
C PHE B 322 -27.61 37.05 12.17
N ASP B 323 -26.41 36.91 12.73
CA ASP B 323 -25.20 36.89 11.89
C ASP B 323 -25.25 35.75 10.86
N LEU B 324 -25.66 34.57 11.32
CA LEU B 324 -25.78 33.40 10.46
C LEU B 324 -26.68 33.63 9.23
N ALA B 325 -27.84 34.24 9.46
CA ALA B 325 -28.82 34.54 8.41
C ALA B 325 -28.24 35.45 7.34
N ALA B 326 -27.49 36.46 7.78
CA ALA B 326 -26.84 37.33 6.82
C ALA B 326 -25.78 36.53 6.05
N ILE B 327 -25.17 35.54 6.72
CA ILE B 327 -24.19 34.70 6.05
C ILE B 327 -24.93 33.81 5.07
N MET B 328 -25.92 33.06 5.55
CA MET B 328 -26.72 32.24 4.66
C MET B 328 -27.17 33.12 3.49
N ASP B 329 -27.77 34.26 3.82
CA ASP B 329 -28.37 35.12 2.82
C ASP B 329 -27.36 35.66 1.80
N VAL B 330 -26.16 35.95 2.22
CA VAL B 330 -25.21 36.51 1.26
C VAL B 330 -24.76 35.47 0.22
N GLY B 331 -25.09 34.21 0.46
CA GLY B 331 -24.68 33.16 -0.47
C GLY B 331 -23.48 32.34 -0.05
N ALA B 332 -23.11 32.46 1.23
CA ALA B 332 -21.93 31.81 1.77
C ALA B 332 -22.12 30.31 1.92
N THR B 333 -21.08 29.53 1.67
CA THR B 333 -21.15 28.08 1.86
C THR B 333 -20.21 27.64 2.95
N THR B 334 -19.21 28.46 3.25
CA THR B 334 -18.26 28.13 4.30
C THR B 334 -17.84 29.35 5.14
N VAL B 335 -17.74 29.14 6.45
CA VAL B 335 -17.29 30.21 7.36
C VAL B 335 -15.96 29.89 8.06
N ARG B 336 -15.10 30.89 8.15
CA ARG B 336 -13.92 30.81 8.99
C ARG B 336 -14.19 31.61 10.25
N PHE B 337 -14.43 30.93 11.35
CA PHE B 337 -14.60 31.63 12.63
C PHE B 337 -13.30 32.00 13.30
N ALA B 338 -12.53 32.89 12.71
CA ALA B 338 -11.30 33.37 13.33
C ALA B 338 -11.67 34.27 14.52
N HIS B 339 -10.79 34.43 15.50
CA HIS B 339 -9.54 33.71 15.56
C HIS B 339 -9.48 32.81 16.80
N TYR B 340 -10.64 32.32 17.24
CA TYR B 340 -10.70 31.60 18.51
C TYR B 340 -11.94 30.75 18.55
N GLN B 341 -11.96 29.79 19.45
CA GLN B 341 -13.13 28.97 19.60
C GLN B 341 -14.35 29.86 19.77
N GLN B 342 -15.43 29.54 19.06
CA GLN B 342 -16.62 30.36 19.19
C GLN B 342 -17.73 29.56 19.80
N SER B 343 -18.90 30.16 19.93
CA SER B 343 -20.00 29.58 20.72
C SER B 343 -20.51 28.25 20.15
N ASP B 344 -20.95 27.37 21.03
CA ASP B 344 -21.36 26.04 20.60
C ASP B 344 -22.74 26.10 19.97
N TYR B 345 -23.47 27.17 20.30
CA TYR B 345 -24.76 27.37 19.69
C TYR B 345 -24.47 27.69 18.24
N LEU B 346 -23.52 28.58 18.03
CA LEU B 346 -23.14 28.99 16.69
C LEU B 346 -22.70 27.77 15.90
N TYR B 347 -21.77 27.00 16.44
CA TYR B 347 -21.33 25.82 15.71
C TYR B 347 -22.52 24.94 15.36
N SER B 348 -23.34 24.63 16.38
CA SER B 348 -24.56 23.83 16.20
C SER B 348 -25.46 24.31 15.06
N ARG B 349 -25.68 25.60 14.99
CA ARG B 349 -26.53 26.14 13.95
C ARG B 349 -25.96 26.01 12.54
N CYS B 350 -24.63 25.94 12.42
CA CYS B 350 -24.03 25.66 11.12
C CYS B 350 -24.37 24.25 10.70
N ASP B 351 -24.38 23.36 11.70
CA ASP B 351 -24.70 21.97 11.48
C ASP B 351 -26.09 21.85 10.87
N THR B 352 -26.91 22.87 11.12
CA THR B 352 -28.32 22.81 10.82
C THR B 352 -28.62 23.44 9.48
N LEU B 353 -28.10 24.65 9.28
CA LEU B 353 -28.13 25.30 7.97
C LEU B 353 -27.17 24.65 6.97
N GLY B 354 -26.41 23.64 7.39
CA GLY B 354 -25.43 23.00 6.49
C GLY B 354 -24.28 23.93 6.07
N LEU B 355 -23.85 24.80 6.97
CA LEU B 355 -22.73 25.68 6.67
C LEU B 355 -21.45 24.90 7.01
N ILE B 356 -20.44 24.98 6.16
CA ILE B 356 -19.20 24.20 6.34
C ILE B 356 -18.12 25.10 6.92
N ILE B 357 -17.58 24.73 8.08
CA ILE B 357 -16.86 25.74 8.84
C ILE B 357 -15.46 25.37 9.33
N TRP B 358 -14.72 26.39 9.71
CA TRP B 358 -13.33 26.25 10.07
C TRP B 358 -13.22 26.92 11.43
N ALA B 359 -12.79 26.14 12.44
CA ALA B 359 -12.61 26.59 13.82
C ALA B 359 -11.14 26.76 14.18
N GLU B 360 -10.83 27.68 15.07
CA GLU B 360 -9.47 28.20 15.16
C GLU B 360 -9.08 28.56 16.58
N ILE B 361 -7.78 28.50 16.88
CA ILE B 361 -7.29 28.92 18.19
C ILE B 361 -6.52 30.21 18.05
N PRO B 362 -6.62 31.09 19.04
CA PRO B 362 -6.14 32.43 18.88
C PRO B 362 -4.63 32.51 19.01
N CYS B 363 -3.92 31.68 18.27
CA CYS B 363 -2.47 31.78 18.30
C CYS B 363 -2.06 32.65 17.14
N VAL B 364 -1.85 33.93 17.41
CA VAL B 364 -1.81 34.93 16.34
C VAL B 364 -0.90 36.08 16.65
N ASN B 365 -0.40 36.72 15.58
CA ASN B 365 0.31 37.99 15.70
C ASN B 365 1.74 37.90 16.20
N ARG B 366 1.93 37.30 17.37
CA ARG B 366 3.27 37.20 17.92
C ARG B 366 3.43 35.84 18.51
N VAL B 367 4.68 35.36 18.60
CA VAL B 367 4.96 34.29 19.55
C VAL B 367 5.87 34.88 20.61
N THR B 368 5.81 34.32 21.82
CA THR B 368 6.69 34.78 22.89
C THR B 368 7.68 33.72 23.27
N GLY B 369 7.35 32.47 22.99
CA GLY B 369 8.20 31.34 23.36
C GLY B 369 7.65 30.61 24.56
N TYR B 370 6.62 31.18 25.18
CA TYR B 370 6.08 30.63 26.44
C TYR B 370 4.61 30.21 26.34
N GLU B 371 4.07 30.15 25.13
CA GLU B 371 2.65 29.91 24.96
C GLU B 371 2.29 28.46 24.57
N THR B 372 3.31 27.66 24.25
CA THR B 372 3.13 26.32 23.74
C THR B 372 2.12 25.48 24.54
N GLU B 373 2.40 25.30 25.84
CA GLU B 373 1.55 24.46 26.67
C GLU B 373 0.11 24.94 26.64
N ASN B 374 -0.10 26.25 26.75
CA ASN B 374 -1.45 26.78 26.69
C ASN B 374 -2.07 26.65 25.31
N ALA B 375 -1.24 26.75 24.28
CA ALA B 375 -1.77 26.64 22.94
C ALA B 375 -2.24 25.20 22.80
N GLN B 376 -1.38 24.25 23.12
CA GLN B 376 -1.83 22.89 23.07
C GLN B 376 -3.14 22.80 23.88
N SER B 377 -3.09 23.29 25.10
CA SER B 377 -4.26 23.19 25.93
C SER B 377 -5.54 23.60 25.18
N GLN B 378 -5.54 24.80 24.59
CA GLN B 378 -6.73 25.35 23.95
C GLN B 378 -7.18 24.53 22.75
N LEU B 379 -6.21 24.05 21.97
CA LEU B 379 -6.55 23.24 20.80
C LEU B 379 -7.23 21.94 21.20
N ARG B 380 -6.75 21.32 22.25
CA ARG B 380 -7.42 20.15 22.77
C ARG B 380 -8.88 20.43 23.17
N GLU B 381 -9.11 21.44 23.96
CA GLU B 381 -10.46 21.75 24.41
C GLU B 381 -11.33 22.14 23.24
N LEU B 382 -10.79 22.93 22.33
CA LEU B 382 -11.54 23.28 21.14
C LEU B 382 -12.02 22.00 20.39
N ILE B 383 -11.07 21.11 20.09
CA ILE B 383 -11.40 19.84 19.45
C ILE B 383 -12.37 18.97 20.24
N ARG B 384 -12.02 18.59 21.44
CA ARG B 384 -12.97 17.82 22.23
C ARG B 384 -14.34 18.46 22.34
N GLN B 385 -14.38 19.78 22.53
CA GLN B 385 -15.69 20.46 22.68
C GLN B 385 -16.53 20.47 21.41
N SER B 386 -15.88 20.64 20.26
CA SER B 386 -16.58 20.73 19.00
C SER B 386 -16.44 19.47 18.19
N PHE B 387 -16.10 18.37 18.84
CA PHE B 387 -15.79 17.17 18.10
C PHE B 387 -16.91 16.73 17.15
N ASN B 388 -18.14 16.71 17.65
CA ASN B 388 -19.26 16.13 16.93
C ASN B 388 -19.86 17.01 15.83
N HIS B 389 -19.47 18.27 15.75
CA HIS B 389 -20.08 19.14 14.75
C HIS B 389 -19.75 18.70 13.33
N PRO B 390 -20.76 18.25 12.58
CA PRO B 390 -20.57 17.86 11.16
C PRO B 390 -20.04 19.01 10.31
N SER B 391 -20.34 20.24 10.69
CA SER B 391 -19.98 21.35 9.84
C SER B 391 -18.50 21.68 9.84
N ILE B 392 -17.79 21.33 10.90
CA ILE B 392 -16.36 21.66 10.95
C ILE B 392 -15.61 20.72 10.05
N TYR B 393 -14.78 21.25 9.17
CA TYR B 393 -13.93 20.41 8.36
C TYR B 393 -12.45 20.63 8.62
N VAL B 394 -12.11 21.69 9.34
CA VAL B 394 -10.70 21.94 9.60
C VAL B 394 -10.51 22.65 10.92
N TRP B 395 -9.34 22.45 11.52
CA TRP B 395 -8.95 23.14 12.74
C TRP B 395 -7.75 24.04 12.42
N GLY B 396 -7.88 25.35 12.71
CA GLY B 396 -6.83 26.32 12.41
C GLY B 396 -5.85 26.45 13.56
N LEU B 397 -4.57 26.43 13.27
CA LEU B 397 -3.56 26.37 14.33
C LEU B 397 -2.88 27.70 14.67
N HIS B 398 -2.71 28.56 13.68
CA HIS B 398 -2.03 29.82 13.92
C HIS B 398 -2.28 30.75 12.76
N ASN B 399 -2.10 32.03 13.02
CA ASN B 399 -2.41 33.10 12.09
C ASN B 399 -1.35 34.20 12.22
N GLU B 400 -0.51 34.32 11.18
CA GLU B 400 0.51 35.37 11.11
C GLU B 400 1.39 35.44 12.34
N VAL B 401 2.26 34.47 12.50
CA VAL B 401 3.20 34.46 13.59
C VAL B 401 4.53 34.12 12.93
N TYR B 402 5.60 34.82 13.32
CA TYR B 402 6.84 34.73 12.60
C TYR B 402 8.03 34.52 13.55
N GLN B 403 8.92 35.50 13.66
CA GLN B 403 10.12 35.32 14.50
C GLN B 403 9.77 35.06 15.96
N PRO B 404 10.55 34.19 16.63
CA PRO B 404 11.63 33.35 16.05
C PRO B 404 11.08 32.15 15.28
N HIS B 405 11.34 32.13 13.97
CA HIS B 405 10.88 31.04 13.11
C HIS B 405 10.97 29.64 13.69
N GLU B 406 12.15 29.23 14.13
CA GLU B 406 12.34 27.86 14.57
C GLU B 406 11.33 27.50 15.63
N TYR B 407 11.21 28.35 16.65
CA TYR B 407 10.21 28.17 17.68
C TYR B 407 8.81 28.07 17.08
N THR B 408 8.40 29.11 16.36
CA THR B 408 7.07 29.13 15.74
C THR B 408 6.78 27.85 14.94
N ALA B 409 7.82 27.21 14.41
CA ALA B 409 7.58 26.03 13.59
C ALA B 409 7.46 24.82 14.49
N ALA B 410 8.30 24.75 15.51
CA ALA B 410 8.17 23.65 16.47
C ALA B 410 6.72 23.61 16.97
N LEU B 411 6.22 24.76 17.40
CA LEU B 411 4.86 24.93 17.86
C LEU B 411 3.82 24.44 16.86
N THR B 412 3.87 24.96 15.64
CA THR B 412 2.85 24.61 14.68
C THR B 412 2.81 23.10 14.52
N ARG B 413 3.99 22.48 14.54
CA ARG B 413 4.10 21.05 14.32
C ARG B 413 3.49 20.33 15.48
N SER B 414 3.72 20.84 16.67
CA SER B 414 3.24 20.10 17.80
C SER B 414 1.71 20.20 17.82
N LEU B 415 1.20 21.34 17.38
CA LEU B 415 -0.25 21.56 17.31
C LEU B 415 -0.95 20.69 16.24
N HIS B 416 -0.39 20.68 15.04
CA HIS B 416 -0.82 19.75 14.02
C HIS B 416 -1.00 18.37 14.62
N ASP B 417 -0.01 17.97 15.42
CA ASP B 417 0.08 16.60 15.88
C ASP B 417 -0.96 16.35 16.96
N LEU B 418 -1.22 17.39 17.71
CA LEU B 418 -2.12 17.27 18.81
C LEU B 418 -3.45 17.01 18.16
N ALA B 419 -3.71 17.76 17.10
CA ALA B 419 -4.98 17.65 16.39
C ALA B 419 -5.14 16.27 15.73
N LYS B 420 -4.06 15.79 15.11
CA LYS B 420 -4.05 14.46 14.53
C LYS B 420 -4.25 13.36 15.55
N THR B 421 -3.79 13.62 16.77
CA THR B 421 -3.89 12.65 17.87
C THR B 421 -5.33 12.56 18.30
N GLU B 422 -5.95 13.72 18.38
CA GLU B 422 -7.20 13.95 19.07
C GLU B 422 -8.37 13.80 18.09
N ASP B 423 -8.13 14.03 16.81
CA ASP B 423 -9.20 13.98 15.82
C ASP B 423 -8.59 13.70 14.45
N PRO B 424 -8.15 12.46 14.26
CA PRO B 424 -7.34 12.21 13.07
C PRO B 424 -8.15 12.42 11.79
N ASP B 425 -9.45 12.62 11.89
CA ASP B 425 -10.25 12.64 10.67
C ASP B 425 -10.47 14.03 10.05
N ARG B 426 -10.03 15.09 10.71
CA ARG B 426 -10.25 16.40 10.14
C ARG B 426 -8.94 16.99 9.63
N TYR B 427 -9.01 17.92 8.68
CA TYR B 427 -7.79 18.58 8.26
C TYR B 427 -7.33 19.57 9.32
N THR B 428 -6.12 20.08 9.14
CA THR B 428 -5.58 21.15 9.93
C THR B 428 -5.02 22.12 8.93
N VAL B 429 -4.94 23.38 9.34
CA VAL B 429 -4.49 24.47 8.51
C VAL B 429 -3.69 25.47 9.37
N SER B 430 -2.80 26.20 8.72
CA SER B 430 -2.22 27.34 9.37
C SER B 430 -2.16 28.48 8.39
N VAL B 431 -2.19 29.70 8.90
CA VAL B 431 -2.35 30.90 8.06
C VAL B 431 -1.20 31.89 8.15
N ASN B 432 -0.62 32.21 7.01
CA ASN B 432 0.51 33.11 6.92
C ASN B 432 0.09 34.42 6.25
N GLY B 433 0.71 35.52 6.65
CA GLY B 433 0.41 36.78 6.01
C GLY B 433 1.21 36.98 4.74
N TYR B 434 2.26 36.22 4.54
CA TYR B 434 3.08 36.43 3.33
C TYR B 434 2.49 35.75 2.11
N GLY B 435 2.96 36.17 0.95
CA GLY B 435 2.44 35.66 -0.30
C GLY B 435 3.24 34.48 -0.80
N HIS B 436 4.44 34.29 -0.25
CA HIS B 436 5.30 33.22 -0.74
C HIS B 436 5.18 31.88 0.03
N MET B 437 5.16 30.78 -0.73
CA MET B 437 4.97 29.43 -0.19
C MET B 437 6.11 28.94 0.70
N ASP B 438 7.34 29.05 0.24
CA ASP B 438 8.46 28.55 1.01
C ASP B 438 8.79 29.39 2.26
N HIS B 439 7.79 29.84 3.00
CA HIS B 439 8.13 30.64 4.16
C HIS B 439 8.51 29.70 5.29
N PRO B 440 9.54 30.06 6.05
CA PRO B 440 10.13 29.30 7.14
C PRO B 440 9.15 28.69 8.13
N VAL B 441 8.00 29.30 8.36
CA VAL B 441 7.07 28.67 9.30
C VAL B 441 5.86 28.00 8.60
N ASN B 442 5.89 27.98 7.27
CA ASN B 442 4.84 27.30 6.49
C ASN B 442 4.93 25.79 6.39
N LEU B 443 3.80 25.17 6.02
CA LEU B 443 3.74 23.78 5.54
C LEU B 443 3.71 22.73 6.65
N ASN B 444 3.44 23.18 7.86
CA ASN B 444 3.37 22.29 8.98
C ASN B 444 1.95 21.84 9.29
N ALA B 445 1.04 22.00 8.33
CA ALA B 445 -0.35 21.57 8.49
C ALA B 445 -0.95 21.07 7.17
N ASP B 446 -2.06 20.35 7.25
CA ASP B 446 -2.62 19.77 6.05
C ASP B 446 -2.77 20.79 4.94
N ILE B 447 -3.23 22.00 5.27
CA ILE B 447 -3.50 23.05 4.29
C ILE B 447 -2.78 24.34 4.62
N GLN B 448 -2.31 25.03 3.59
CA GLN B 448 -1.60 26.29 3.77
C GLN B 448 -2.52 27.41 3.32
N GLY B 449 -2.96 28.24 4.26
CA GLY B 449 -3.78 29.41 3.94
C GLY B 449 -2.92 30.64 3.96
N MET B 450 -3.19 31.57 3.06
CA MET B 450 -2.43 32.81 3.07
C MET B 450 -3.36 34.02 2.99
N ASN B 451 -3.23 34.93 3.94
CA ASN B 451 -3.91 36.23 3.90
C ASN B 451 -3.29 37.15 2.87
N ARG B 452 -4.10 37.60 1.92
CA ARG B 452 -3.64 38.46 0.83
C ARG B 452 -4.54 39.68 0.64
N TYR B 453 -3.95 40.85 0.77
CA TYR B 453 -4.66 42.10 0.56
C TYR B 453 -3.94 42.94 -0.49
N PHE B 454 -4.05 42.51 -1.75
CA PHE B 454 -3.42 43.24 -2.87
C PHE B 454 -4.15 44.54 -3.16
N GLY B 455 -3.39 45.62 -3.30
CA GLY B 455 -3.97 46.93 -3.45
C GLY B 455 -4.20 47.61 -2.10
N TRP B 456 -4.23 46.84 -1.01
CA TRP B 456 -4.45 47.45 0.31
C TRP B 456 -3.21 47.54 1.20
N TYR B 457 -2.58 46.41 1.52
CA TYR B 457 -1.34 46.44 2.31
C TYR B 457 -0.12 46.42 1.43
N GLU B 458 -0.31 46.05 0.17
CA GLU B 458 0.81 45.91 -0.75
C GLU B 458 0.30 45.80 -2.18
N LYS B 459 1.03 46.41 -3.10
CA LYS B 459 0.77 46.28 -4.52
C LYS B 459 -0.59 46.84 -4.95
N LYS B 460 -1.00 46.46 -6.15
CA LYS B 460 -2.26 46.86 -6.73
C LYS B 460 -3.33 45.80 -6.50
N ILE B 461 -4.57 46.17 -6.79
CA ILE B 461 -5.66 45.23 -6.70
C ILE B 461 -5.55 44.09 -7.71
N GLN B 462 -4.91 44.35 -8.85
CA GLN B 462 -4.83 43.37 -9.96
C GLN B 462 -3.69 42.35 -9.79
N ASP B 463 -2.81 42.57 -8.83
CA ASP B 463 -1.68 41.69 -8.61
C ASP B 463 -2.09 40.31 -8.06
N ILE B 464 -3.35 40.13 -7.69
CA ILE B 464 -3.74 38.82 -7.19
C ILE B 464 -3.72 37.84 -8.34
N LYS B 465 -3.39 38.32 -9.52
CA LYS B 465 -3.53 37.50 -10.70
C LYS B 465 -2.23 36.77 -10.94
N PRO B 466 -1.15 37.53 -11.10
CA PRO B 466 0.17 36.94 -11.24
C PRO B 466 0.51 36.06 -10.02
N TRP B 467 0.20 36.52 -8.81
CA TRP B 467 0.38 35.70 -7.61
C TRP B 467 -0.19 34.29 -7.79
N VAL B 468 -1.52 34.16 -7.81
CA VAL B 468 -2.13 32.83 -7.92
C VAL B 468 -1.62 32.03 -9.12
N GLU B 469 -1.21 32.70 -10.19
CA GLU B 469 -0.78 31.96 -11.37
C GLU B 469 0.56 31.30 -11.13
N GLN B 470 1.38 31.91 -10.28
CA GLN B 470 2.70 31.38 -9.97
C GLN B 470 2.67 30.29 -8.89
N LEU B 471 1.84 30.45 -7.87
CA LEU B 471 1.61 29.38 -6.91
C LEU B 471 1.12 28.13 -7.60
N GLU B 472 0.02 28.21 -8.33
CA GLU B 472 -0.49 27.00 -9.02
C GLU B 472 0.56 26.35 -9.92
N LYS B 473 1.46 27.13 -10.49
CA LYS B 473 2.52 26.62 -11.37
C LYS B 473 3.68 26.00 -10.59
N ASP B 474 4.13 26.70 -9.55
CA ASP B 474 5.29 26.27 -8.81
C ASP B 474 5.04 25.19 -7.76
N TYR B 475 3.81 25.08 -7.30
CA TYR B 475 3.47 24.19 -6.20
C TYR B 475 2.16 23.48 -6.48
N PRO B 476 2.08 22.80 -7.63
CA PRO B 476 0.82 22.23 -8.09
C PRO B 476 0.22 21.29 -7.09
N TYR B 477 1.06 20.69 -6.24
CA TYR B 477 0.61 19.61 -5.35
C TYR B 477 0.03 20.05 -4.00
N GLN B 478 0.15 21.33 -3.66
CA GLN B 478 -0.19 21.82 -2.32
C GLN B 478 -1.62 22.28 -2.19
N LYS B 479 -2.32 21.83 -1.16
CA LYS B 479 -3.62 22.40 -0.82
C LYS B 479 -3.46 23.85 -0.33
N LEU B 480 -4.09 24.80 -1.02
CA LEU B 480 -3.92 26.23 -0.76
C LEU B 480 -5.24 27.01 -0.68
N MET B 481 -5.51 27.64 0.46
CA MET B 481 -6.69 28.47 0.60
C MET B 481 -6.27 29.93 0.75
N LEU B 482 -6.99 30.84 0.08
CA LEU B 482 -6.81 32.28 0.29
C LEU B 482 -7.70 32.66 1.47
N THR B 483 -7.07 32.96 2.62
CA THR B 483 -7.79 32.96 3.92
C THR B 483 -8.28 34.32 4.44
N GLU B 484 -7.86 35.39 3.79
CA GLU B 484 -8.34 36.74 4.08
C GLU B 484 -7.96 37.53 2.87
N TYR B 485 -8.76 38.56 2.60
CA TYR B 485 -8.51 39.56 1.57
C TYR B 485 -9.70 40.50 1.61
N GLY B 486 -9.45 41.76 1.28
CA GLY B 486 -10.49 42.78 1.34
C GLY B 486 -9.89 44.16 1.48
N ALA B 487 -10.76 45.14 1.68
CA ALA B 487 -10.34 46.49 1.93
C ALA B 487 -11.30 47.09 2.92
N ASP B 488 -10.77 47.92 3.79
CA ASP B 488 -11.61 48.71 4.67
C ASP B 488 -12.61 49.51 3.83
N ALA B 489 -13.74 49.82 4.44
CA ALA B 489 -14.73 50.63 3.79
C ALA B 489 -15.46 51.43 4.88
N ASN B 490 -15.23 52.74 4.86
CA ASN B 490 -15.90 53.66 5.78
C ASN B 490 -16.99 54.42 5.03
N LEU B 491 -18.26 54.14 5.37
CA LEU B 491 -19.41 54.67 4.63
C LEU B 491 -19.35 56.20 4.47
N ALA B 492 -18.91 56.90 5.53
CA ALA B 492 -18.75 58.35 5.50
C ALA B 492 -17.87 58.74 4.33
N HIS B 493 -16.97 57.86 3.93
CA HIS B 493 -16.05 58.18 2.85
C HIS B 493 -16.59 57.69 1.50
N GLN B 494 -16.49 58.55 0.48
CA GLN B 494 -17.02 58.27 -0.86
C GLN B 494 -16.25 59.07 -1.90
N THR B 495 -15.87 58.43 -2.99
CA THR B 495 -15.19 59.12 -4.07
C THR B 495 -15.11 58.19 -5.27
N GLU B 496 -14.89 58.76 -6.45
CA GLU B 496 -14.71 57.94 -7.63
C GLU B 496 -13.30 58.17 -8.10
N TYR B 497 -12.58 59.02 -7.38
CA TYR B 497 -11.17 59.17 -7.66
C TYR B 497 -10.41 57.99 -7.05
N LEU B 498 -10.29 56.94 -7.85
CA LEU B 498 -9.74 55.67 -7.40
C LEU B 498 -8.55 55.23 -8.27
N GLY B 499 -7.41 55.00 -7.61
CA GLY B 499 -6.25 54.40 -8.29
C GLY B 499 -6.34 52.89 -8.15
N ASP B 500 -5.24 52.20 -8.47
CA ASP B 500 -5.21 50.75 -8.36
C ASP B 500 -4.94 50.28 -6.91
N ALA B 501 -4.13 51.04 -6.17
CA ALA B 501 -3.87 50.78 -4.74
C ALA B 501 -4.42 51.94 -3.92
N LEU B 502 -4.43 51.79 -2.59
CA LEU B 502 -4.95 52.82 -1.71
C LEU B 502 -4.00 53.11 -0.55
N ASN B 503 -3.80 54.38 -0.23
CA ASN B 503 -3.04 54.74 0.97
C ASN B 503 -3.84 54.34 2.23
N TRP B 504 -3.58 53.15 2.77
CA TRP B 504 -4.25 52.73 4.02
C TRP B 504 -3.70 53.55 5.15
N GLY B 505 -2.62 54.27 4.86
CA GLY B 505 -1.85 55.04 5.83
C GLY B 505 -2.44 56.38 6.26
N LYS B 506 -3.23 57.01 5.38
CA LYS B 506 -3.97 58.26 5.72
C LYS B 506 -5.44 57.98 6.05
N PRO B 507 -6.15 58.98 6.59
CA PRO B 507 -7.40 58.55 7.21
C PRO B 507 -8.63 58.50 6.30
N PHE B 508 -8.46 58.19 5.03
CA PHE B 508 -9.63 58.08 4.16
C PHE B 508 -9.85 56.66 3.64
N TYR B 509 -10.94 56.01 4.06
CA TYR B 509 -11.30 54.66 3.57
C TYR B 509 -12.62 54.63 2.79
N PRO B 510 -12.56 54.96 1.49
CA PRO B 510 -13.79 55.08 0.69
C PRO B 510 -14.47 53.76 0.32
N GLU B 511 -15.70 53.55 0.81
CA GLU B 511 -16.50 52.38 0.43
C GLU B 511 -16.24 52.01 -1.02
N THR B 512 -16.19 53.00 -1.90
CA THR B 512 -15.95 52.71 -3.31
C THR B 512 -14.74 51.79 -3.51
N PHE B 513 -13.65 52.02 -2.77
CA PHE B 513 -12.44 51.24 -2.97
C PHE B 513 -12.63 49.78 -2.60
N GLN B 514 -13.34 49.56 -1.51
CA GLN B 514 -13.69 48.19 -1.15
C GLN B 514 -14.29 47.44 -2.34
N THR B 515 -15.36 48.00 -2.91
CA THR B 515 -16.13 47.37 -3.99
C THR B 515 -15.27 47.06 -5.20
N LYS B 516 -14.41 48.01 -5.55
CA LYS B 516 -13.55 47.86 -6.72
C LYS B 516 -12.63 46.67 -6.55
N THR B 517 -12.10 46.53 -5.33
CA THR B 517 -11.29 45.38 -4.95
C THR B 517 -12.07 44.11 -5.22
N HIS B 518 -13.11 43.88 -4.44
CA HIS B 518 -13.81 42.60 -4.50
C HIS B 518 -14.31 42.33 -5.91
N GLU B 519 -14.76 43.37 -6.61
CA GLU B 519 -15.23 43.16 -7.96
C GLU B 519 -14.17 42.47 -8.79
N TYR B 520 -12.97 43.04 -8.83
CA TYR B 520 -11.91 42.42 -9.60
C TYR B 520 -11.41 41.12 -8.98
N GLN B 521 -11.22 41.13 -7.67
CA GLN B 521 -10.54 40.03 -7.05
C GLN B 521 -11.40 38.77 -7.00
N TRP B 522 -12.70 38.91 -6.81
CA TRP B 522 -13.52 37.72 -6.89
C TRP B 522 -13.49 37.17 -8.31
N SER B 523 -13.28 38.04 -9.30
CA SER B 523 -13.23 37.56 -10.67
C SER B 523 -12.05 36.61 -10.88
N ILE B 524 -10.92 36.93 -10.25
CA ILE B 524 -9.74 36.07 -10.34
C ILE B 524 -9.92 34.77 -9.54
N ILE B 525 -10.43 34.90 -8.31
CA ILE B 525 -10.66 33.74 -7.45
C ILE B 525 -11.53 32.70 -8.16
N LYS B 526 -12.53 33.16 -8.89
CA LYS B 526 -13.47 32.21 -9.48
C LYS B 526 -12.81 31.34 -10.54
N ASP B 527 -11.75 31.84 -11.17
CA ASP B 527 -11.18 31.11 -12.30
C ASP B 527 -9.88 30.38 -11.98
N HIS B 528 -9.57 30.20 -10.70
CA HIS B 528 -8.44 29.35 -10.37
C HIS B 528 -8.81 28.36 -9.29
N PRO B 529 -9.14 27.12 -9.70
CA PRO B 529 -9.60 26.07 -8.80
C PRO B 529 -8.52 25.75 -7.75
N TYR B 530 -7.31 26.23 -8.01
CA TYR B 530 -6.17 26.01 -7.15
C TYR B 530 -6.32 26.77 -5.82
N ILE B 531 -7.22 27.73 -5.78
CA ILE B 531 -7.62 28.25 -4.51
C ILE B 531 -8.77 27.38 -4.10
N ILE B 532 -8.46 26.31 -3.37
CA ILE B 532 -9.50 25.39 -2.90
C ILE B 532 -10.65 26.14 -2.21
N ALA B 533 -10.32 27.19 -1.46
CA ALA B 533 -11.34 28.00 -0.78
C ALA B 533 -10.80 29.40 -0.53
N SER B 534 -11.69 30.38 -0.53
CA SER B 534 -11.29 31.74 -0.23
C SER B 534 -12.21 32.32 0.84
N TYR B 535 -11.65 33.24 1.61
CA TYR B 535 -12.35 33.81 2.76
C TYR B 535 -12.11 35.28 2.82
N LEU B 536 -13.19 36.04 2.68
CA LEU B 536 -13.05 37.47 2.70
C LEU B 536 -13.13 37.97 4.14
N TRP B 537 -12.43 39.07 4.39
CA TRP B 537 -12.37 39.71 5.68
C TRP B 537 -13.16 40.99 5.49
N ASN B 538 -14.33 41.14 6.09
CA ASN B 538 -14.88 40.25 7.09
C ASN B 538 -16.41 40.43 6.94
N MET B 539 -17.20 39.44 7.34
CA MET B 539 -18.64 39.58 7.13
C MET B 539 -19.14 40.83 7.86
N PHE B 540 -18.44 41.24 8.92
CA PHE B 540 -18.87 42.35 9.75
C PHE B 540 -17.67 43.14 10.23
N ASP B 541 -17.82 44.45 10.38
CA ASP B 541 -16.80 45.25 11.06
C ASP B 541 -16.72 44.72 12.48
N PHE B 542 -15.60 44.96 13.15
CA PHE B 542 -15.37 44.47 14.53
C PHE B 542 -14.40 45.41 15.24
N ALA B 543 -14.41 45.37 16.57
CA ALA B 543 -13.57 46.24 17.38
C ALA B 543 -12.09 45.85 17.30
N VAL B 544 -11.23 46.85 17.25
CA VAL B 544 -9.77 46.66 17.25
C VAL B 544 -9.22 47.71 18.23
N PRO B 545 -9.40 47.47 19.54
CA PRO B 545 -9.33 48.47 20.59
C PRO B 545 -7.97 49.13 20.70
N MET B 546 -6.99 48.64 19.96
CA MET B 546 -5.64 49.12 20.15
C MET B 546 -5.32 50.30 19.24
N TRP B 547 -6.01 50.40 18.11
CA TRP B 547 -5.66 51.40 17.10
C TRP B 547 -6.82 52.31 16.72
N THR B 548 -6.48 53.45 16.11
CA THR B 548 -7.51 54.31 15.52
C THR B 548 -7.20 54.48 14.02
N ARG B 549 -7.75 53.58 13.20
CA ARG B 549 -7.57 53.63 11.76
C ARG B 549 -8.72 54.33 11.06
N GLY B 550 -8.44 54.89 9.88
CA GLY B 550 -9.45 55.44 8.99
C GLY B 550 -10.54 56.30 9.63
N GLY B 551 -10.15 57.17 10.54
CA GLY B 551 -11.07 58.15 11.09
C GLY B 551 -12.18 57.58 11.95
N VAL B 552 -11.86 56.56 12.72
CA VAL B 552 -12.78 56.09 13.75
C VAL B 552 -12.04 55.16 14.71
N PRO B 553 -12.10 55.47 16.01
CA PRO B 553 -11.38 54.68 17.00
C PRO B 553 -11.77 53.19 17.01
N ALA B 554 -10.77 52.32 17.14
CA ALA B 554 -11.04 50.97 17.60
C ALA B 554 -11.96 50.22 16.66
N ARG B 555 -11.76 50.39 15.36
CA ARG B 555 -12.61 49.73 14.40
C ARG B 555 -11.86 49.17 13.21
N ASN B 556 -12.04 47.87 12.96
CA ASN B 556 -11.67 47.27 11.66
C ASN B 556 -12.89 47.35 10.74
N MET B 557 -12.73 47.99 9.58
CA MET B 557 -13.87 48.28 8.70
C MET B 557 -13.86 47.52 7.37
N LYS B 558 -13.36 46.29 7.35
CA LYS B 558 -13.43 45.50 6.12
C LYS B 558 -14.76 44.73 6.10
N GLY B 559 -15.61 45.01 7.07
CA GLY B 559 -16.91 44.37 7.10
C GLY B 559 -17.60 44.49 5.75
N LEU B 560 -18.46 43.53 5.44
CA LEU B 560 -19.42 43.72 4.39
C LEU B 560 -20.57 44.53 5.00
N ILE B 561 -20.90 44.19 6.23
CA ILE B 561 -21.97 44.83 6.99
C ILE B 561 -21.27 45.70 8.04
N THR B 562 -22.02 46.44 8.86
CA THR B 562 -21.41 47.38 9.81
C THR B 562 -21.43 46.81 11.20
N PHE B 563 -20.58 47.35 12.08
CA PHE B 563 -20.37 46.81 13.42
C PHE B 563 -21.68 46.70 14.21
N ASP B 564 -22.66 47.54 13.88
CA ASP B 564 -23.97 47.43 14.55
C ASP B 564 -24.97 46.54 13.81
N ARG B 565 -24.55 46.01 12.67
CA ARG B 565 -25.38 45.10 11.89
C ARG B 565 -26.49 45.83 11.14
N LYS B 566 -26.31 47.12 10.88
CA LYS B 566 -27.40 47.87 10.24
C LYS B 566 -27.28 48.09 8.72
N THR B 567 -26.12 48.54 8.25
CA THR B 567 -25.99 48.77 6.82
C THR B 567 -25.19 47.66 6.16
N LYS B 568 -25.62 47.27 4.96
CA LYS B 568 -24.85 46.38 4.16
C LYS B 568 -24.06 47.23 3.17
N LYS B 569 -22.76 47.03 3.10
CA LYS B 569 -21.94 47.80 2.17
C LYS B 569 -22.20 47.29 0.76
N ASP B 570 -21.59 47.94 -0.24
CA ASP B 570 -21.88 47.58 -1.62
C ASP B 570 -21.51 46.14 -1.89
N SER B 571 -20.24 45.86 -1.64
CA SER B 571 -19.69 44.53 -1.81
C SER B 571 -20.60 43.41 -1.26
N TYR B 572 -21.45 43.74 -0.30
CA TYR B 572 -22.35 42.72 0.20
C TYR B 572 -23.12 42.13 -0.96
N PHE B 573 -23.79 43.02 -1.70
CA PHE B 573 -24.62 42.57 -2.79
C PHE B 573 -23.76 42.04 -3.94
N TRP B 574 -22.60 42.62 -4.14
CA TRP B 574 -21.73 42.08 -5.14
C TRP B 574 -21.60 40.58 -4.95
N TYR B 575 -21.56 40.15 -3.70
CA TYR B 575 -21.32 38.74 -3.44
C TYR B 575 -22.63 37.98 -3.51
N LYS B 576 -23.72 38.63 -3.12
CA LYS B 576 -25.04 38.00 -3.25
C LYS B 576 -25.36 37.64 -4.71
N ALA B 577 -25.05 38.54 -5.62
CA ALA B 577 -25.16 38.23 -7.04
C ALA B 577 -24.30 37.03 -7.39
N ASN B 578 -22.99 37.16 -7.16
CA ASN B 578 -22.07 36.12 -7.59
C ASN B 578 -22.31 34.76 -6.91
N TRP B 579 -22.84 34.74 -5.69
CA TRP B 579 -23.03 33.46 -4.99
C TRP B 579 -24.47 32.99 -4.85
N SER B 580 -25.42 33.90 -4.90
CA SER B 580 -26.77 33.59 -4.44
C SER B 580 -27.67 33.00 -5.50
N GLU B 581 -28.70 32.30 -5.05
CA GLU B 581 -29.68 31.68 -5.90
C GLU B 581 -30.79 32.69 -6.13
N GLU B 582 -30.90 33.66 -5.23
CA GLU B 582 -32.02 34.59 -5.23
C GLU B 582 -31.81 35.67 -6.26
N PRO B 583 -32.94 36.23 -6.73
CA PRO B 583 -32.98 37.44 -7.53
C PRO B 583 -32.13 38.52 -6.88
N VAL B 584 -31.21 39.11 -7.63
CA VAL B 584 -30.50 40.30 -7.19
C VAL B 584 -30.29 41.32 -8.29
N LEU B 585 -30.82 42.51 -8.07
CA LEU B 585 -30.53 43.68 -8.90
C LEU B 585 -30.18 44.84 -7.96
N TYR B 586 -29.10 45.56 -8.28
CA TYR B 586 -28.53 46.51 -7.32
C TYR B 586 -27.65 47.52 -8.01
N LEU B 587 -27.82 48.79 -7.65
CA LEU B 587 -26.98 49.82 -8.20
C LEU B 587 -25.97 50.29 -7.17
N THR B 588 -24.71 50.26 -7.56
CA THR B 588 -23.65 50.60 -6.65
C THR B 588 -23.67 52.10 -6.35
N GLN B 589 -23.04 52.49 -5.24
CA GLN B 589 -22.85 53.88 -4.85
C GLN B 589 -24.15 54.61 -4.51
N ARG B 590 -25.06 53.92 -3.82
CA ARG B 590 -26.25 54.61 -3.36
C ARG B 590 -25.92 55.52 -2.19
N ARG B 591 -24.72 55.44 -1.65
CA ARG B 591 -24.35 56.27 -0.49
C ARG B 591 -23.38 57.33 -0.94
N ASN B 592 -22.93 57.22 -2.18
CA ASN B 592 -22.06 58.26 -2.72
C ASN B 592 -22.87 59.23 -3.57
N ALA B 593 -23.70 60.04 -2.93
CA ALA B 593 -24.67 60.88 -3.64
C ALA B 593 -24.08 62.22 -4.08
N ASP B 594 -23.18 62.77 -3.27
CA ASP B 594 -22.57 64.04 -3.62
C ASP B 594 -21.59 63.88 -4.79
N ARG B 595 -22.16 63.79 -5.99
CA ARG B 595 -21.41 63.48 -7.21
C ARG B 595 -20.14 64.30 -7.45
N GLU B 596 -19.05 63.64 -7.80
CA GLU B 596 -17.78 64.35 -7.97
C GLU B 596 -17.55 64.72 -9.43
N LYS B 597 -18.23 64.01 -10.33
CA LYS B 597 -18.02 64.21 -11.77
C LYS B 597 -19.31 64.27 -12.56
N ARG B 598 -19.28 65.10 -13.61
CA ARG B 598 -20.39 65.26 -14.54
C ARG B 598 -20.58 63.97 -15.36
N THR B 599 -19.48 63.50 -15.94
CA THR B 599 -19.47 62.26 -16.71
C THR B 599 -18.85 61.15 -15.86
N THR B 600 -19.71 60.22 -15.45
CA THR B 600 -19.36 59.18 -14.51
C THR B 600 -19.87 57.84 -15.03
N ALA B 601 -19.59 56.78 -14.31
CA ALA B 601 -19.97 55.45 -14.76
C ALA B 601 -20.98 54.87 -13.77
N VAL B 602 -22.01 54.22 -14.29
CA VAL B 602 -22.99 53.57 -13.44
C VAL B 602 -22.72 52.08 -13.48
N THR B 603 -22.67 51.46 -12.31
CA THR B 603 -22.46 50.02 -12.21
C THR B 603 -23.64 49.32 -11.58
N VAL B 604 -24.16 48.32 -12.27
CA VAL B 604 -25.29 47.57 -11.74
C VAL B 604 -24.92 46.09 -11.59
N TYR B 605 -25.61 45.39 -10.67
CA TYR B 605 -25.44 43.95 -10.47
C TYR B 605 -26.76 43.23 -10.67
N SER B 606 -26.81 42.40 -11.69
CA SER B 606 -27.93 41.49 -11.86
C SER B 606 -27.38 40.09 -11.97
N ASN B 607 -28.08 39.17 -11.32
CA ASN B 607 -27.81 37.76 -11.44
C ASN B 607 -29.03 37.13 -12.09
N ILE B 608 -29.61 37.89 -13.04
CA ILE B 608 -30.79 37.44 -13.80
C ILE B 608 -31.01 38.25 -15.08
N GLY B 609 -29.96 38.38 -15.90
CA GLY B 609 -30.07 39.00 -17.22
C GLY B 609 -29.57 40.44 -17.32
N THR B 610 -29.20 40.85 -18.54
CA THR B 610 -28.82 42.23 -18.83
C THR B 610 -29.98 43.14 -18.42
N PRO B 611 -29.70 44.17 -17.61
CA PRO B 611 -30.75 45.05 -17.11
C PRO B 611 -30.89 46.35 -17.90
N LYS B 612 -31.86 47.19 -17.51
CA LYS B 612 -31.95 48.51 -18.11
C LYS B 612 -31.77 49.61 -17.06
N VAL B 613 -30.94 50.60 -17.43
CA VAL B 613 -30.66 51.75 -16.58
C VAL B 613 -31.28 53.04 -17.13
N TYR B 614 -31.92 53.81 -16.25
CA TYR B 614 -32.62 55.04 -16.64
C TYR B 614 -32.09 56.28 -15.96
N LEU B 615 -31.55 57.20 -16.77
CA LEU B 615 -31.05 58.47 -16.25
C LEU B 615 -32.16 59.52 -16.28
N ASN B 616 -32.74 59.72 -15.09
CA ASN B 616 -33.77 60.74 -14.88
C ASN B 616 -35.09 60.28 -15.46
N GLY B 617 -35.05 59.73 -16.67
CA GLY B 617 -36.23 59.18 -17.30
C GLY B 617 -35.95 58.53 -18.63
N GLN B 618 -34.71 58.62 -19.11
CA GLN B 618 -34.39 58.08 -20.43
C GLN B 618 -33.36 56.94 -20.43
N GLU B 619 -33.83 55.72 -20.73
CA GLU B 619 -32.96 54.55 -20.83
C GLU B 619 -31.53 54.90 -21.18
N LEU B 620 -30.57 54.18 -20.59
CA LEU B 620 -29.17 54.37 -20.96
C LEU B 620 -28.72 53.34 -21.99
N SER B 621 -27.61 53.64 -22.65
CA SER B 621 -27.13 52.83 -23.75
C SER B 621 -25.63 52.51 -23.58
N GLY B 622 -25.10 51.62 -24.41
CA GLY B 622 -23.68 51.23 -24.31
C GLY B 622 -23.35 50.21 -23.23
N ILE B 623 -24.33 49.77 -22.45
CA ILE B 623 -24.09 48.71 -21.47
C ILE B 623 -23.09 47.70 -22.00
N ARG B 624 -21.99 47.52 -21.27
CA ARG B 624 -20.94 46.57 -21.63
C ARG B 624 -20.74 45.57 -20.49
N ASN B 625 -19.98 44.52 -20.74
CA ASN B 625 -19.73 43.52 -19.69
C ASN B 625 -18.54 43.85 -18.78
N GLY B 626 -18.72 43.59 -17.48
CA GLY B 626 -17.67 43.77 -16.45
C GLY B 626 -16.86 42.51 -16.17
N TYR B 627 -16.49 42.30 -14.91
CA TYR B 627 -15.54 41.22 -14.56
C TYR B 627 -16.12 39.81 -14.40
N THR B 628 -17.38 39.70 -14.00
CA THR B 628 -18.06 38.41 -13.96
C THR B 628 -19.43 38.56 -14.61
N ASP B 629 -20.10 37.43 -14.83
CA ASP B 629 -21.32 37.44 -15.63
C ASP B 629 -22.43 38.30 -15.03
N VAL B 630 -22.30 38.65 -13.75
CA VAL B 630 -23.35 39.44 -13.06
C VAL B 630 -23.01 40.94 -13.01
N HIS B 631 -21.88 41.28 -13.62
CA HIS B 631 -21.30 42.60 -13.56
C HIS B 631 -21.54 43.42 -14.84
N TYR B 632 -22.29 44.50 -14.72
CA TYR B 632 -22.55 45.38 -15.88
C TYR B 632 -22.23 46.84 -15.57
N VAL B 633 -21.68 47.51 -16.57
CA VAL B 633 -21.15 48.85 -16.39
C VAL B 633 -21.55 49.81 -17.50
N PHE B 634 -21.84 51.05 -17.10
CA PHE B 634 -22.17 52.11 -18.03
C PHE B 634 -21.12 53.20 -17.91
N ASP B 635 -20.47 53.49 -19.03
CA ASP B 635 -19.64 54.67 -19.16
C ASP B 635 -19.85 55.14 -20.57
N ASN B 636 -19.92 56.46 -20.75
CA ASN B 636 -19.77 57.36 -19.63
C ASN B 636 -21.02 58.20 -19.51
N VAL B 637 -21.91 57.78 -18.62
CA VAL B 637 -23.14 58.52 -18.42
C VAL B 637 -22.86 59.98 -18.07
N SER B 638 -23.63 60.89 -18.67
CA SER B 638 -23.55 62.29 -18.30
C SER B 638 -24.59 62.62 -17.28
N LEU B 639 -24.18 63.36 -16.25
CA LEU B 639 -25.10 63.76 -15.21
C LEU B 639 -25.78 65.09 -15.53
N ALA B 640 -27.03 65.22 -15.11
CA ALA B 640 -27.74 66.48 -15.19
C ALA B 640 -27.11 67.46 -14.21
N ASP B 641 -27.74 68.62 -14.05
CA ASP B 641 -27.38 69.50 -12.96
C ASP B 641 -28.37 69.28 -11.84
N GLY B 642 -28.04 69.80 -10.67
CA GLY B 642 -28.78 69.43 -9.49
C GLY B 642 -28.82 67.92 -9.42
N LYS B 643 -30.03 67.37 -9.23
CA LYS B 643 -30.22 65.95 -8.99
C LYS B 643 -30.26 65.11 -10.28
N ASN B 644 -29.84 63.86 -10.18
CA ASN B 644 -30.23 62.83 -11.16
C ASN B 644 -30.81 61.66 -10.37
N ILE B 645 -31.62 60.84 -11.01
CA ILE B 645 -32.02 59.59 -10.37
C ILE B 645 -31.90 58.46 -11.38
N LEU B 646 -31.63 57.26 -10.84
CA LEU B 646 -31.28 56.11 -11.64
C LEU B 646 -32.19 54.95 -11.31
N LYS B 647 -32.65 54.31 -12.38
CA LYS B 647 -33.57 53.23 -12.24
C LYS B 647 -33.08 52.07 -13.09
N ALA B 648 -32.83 50.95 -12.42
CA ALA B 648 -32.45 49.74 -13.10
C ALA B 648 -33.65 48.80 -13.09
N VAL B 649 -33.75 48.02 -14.14
CA VAL B 649 -34.92 47.20 -14.33
C VAL B 649 -34.54 46.00 -15.17
N VAL B 650 -35.19 44.89 -14.88
CA VAL B 650 -34.88 43.62 -15.51
C VAL B 650 -35.95 42.63 -15.08
N SER B 651 -36.30 41.69 -15.95
CA SER B 651 -37.34 40.74 -15.59
C SER B 651 -37.04 39.32 -16.05
N THR B 652 -37.75 38.38 -15.45
CA THR B 652 -37.76 37.01 -15.89
C THR B 652 -38.96 36.32 -15.24
N LYS B 653 -39.20 35.07 -15.64
CA LYS B 653 -40.33 34.32 -15.11
C LYS B 653 -41.47 35.29 -14.75
N GLY B 654 -41.68 36.30 -15.59
CA GLY B 654 -42.81 37.21 -15.42
C GLY B 654 -42.91 37.85 -14.05
N LYS B 655 -41.79 38.31 -13.52
CA LYS B 655 -41.85 39.28 -12.44
C LYS B 655 -40.93 40.42 -12.82
N GLU B 656 -41.14 41.55 -12.19
CA GLU B 656 -40.35 42.74 -12.50
C GLU B 656 -39.29 42.96 -11.45
N TYR B 657 -38.11 43.35 -11.90
CA TYR B 657 -37.06 43.73 -10.98
C TYR B 657 -36.55 45.15 -11.26
N THR B 658 -36.29 45.86 -10.18
CA THR B 658 -36.27 47.31 -10.21
C THR B 658 -35.39 47.81 -9.07
N ASP B 659 -34.39 48.62 -9.39
CA ASP B 659 -33.66 49.31 -8.32
C ASP B 659 -33.48 50.80 -8.64
N GLU B 660 -33.70 51.66 -7.66
CA GLU B 660 -33.63 53.09 -7.88
C GLU B 660 -32.73 53.79 -6.88
N ILE B 661 -31.77 54.57 -7.38
CA ILE B 661 -30.99 55.43 -6.50
C ILE B 661 -31.01 56.91 -6.96
N GLU B 662 -30.38 57.79 -6.20
CA GLU B 662 -30.46 59.22 -6.45
C GLU B 662 -29.16 59.93 -6.17
N TRP B 663 -28.53 60.46 -7.20
CA TRP B 663 -27.34 61.31 -7.01
C TRP B 663 -27.66 62.74 -7.35
N ASN B 664 -26.60 63.53 -7.53
CA ASN B 664 -26.72 64.92 -7.98
C ASN B 664 -25.40 65.62 -8.22
N TYR B 665 -25.14 65.96 -9.49
CA TYR B 665 -24.04 66.81 -9.86
C TYR B 665 -24.40 68.24 -9.51
N SER B 666 -23.39 69.06 -9.28
CA SER B 666 -23.62 70.36 -8.68
C SER B 666 -22.32 71.16 -8.71
N GLY B 667 -21.41 70.71 -9.56
CA GLY B 667 -20.05 71.26 -9.60
C GLY B 667 -19.05 70.12 -9.57
N GLU B 668 -17.84 70.38 -10.08
CA GLU B 668 -16.81 69.35 -10.12
C GLU B 668 -16.09 69.26 -8.78
N LYS B 669 -16.34 68.17 -8.05
CA LYS B 669 -15.72 67.93 -6.74
C LYS B 669 -14.53 66.96 -6.84
N ASN B 670 -13.88 66.67 -5.71
CA ASN B 670 -12.90 65.56 -5.62
C ASN B 670 -12.44 65.26 -4.18
N ARG B 671 -13.35 64.75 -3.35
CA ARG B 671 -13.04 64.48 -1.95
C ARG B 671 -11.67 63.82 -1.74
N GLU B 672 -11.26 62.96 -2.66
CA GLU B 672 -10.01 62.21 -2.54
C GLU B 672 -8.78 63.11 -2.37
N ILE B 673 -8.74 64.20 -3.14
CA ILE B 673 -7.62 65.14 -3.03
C ILE B 673 -7.73 66.00 -1.76
N ASP B 674 -8.96 66.31 -1.35
CA ASP B 674 -9.21 67.14 -0.17
C ASP B 674 -8.48 66.62 1.05
N LEU C 3 33.16 -9.94 -40.13
CA LEU C 3 31.74 -10.40 -40.28
C LEU C 3 31.62 -11.89 -40.63
N ALA C 4 31.01 -12.68 -39.76
CA ALA C 4 30.94 -14.14 -39.95
C ALA C 4 29.61 -14.60 -40.56
N ARG C 5 28.53 -13.94 -40.18
CA ARG C 5 27.21 -14.31 -40.64
C ARG C 5 26.88 -13.70 -42.01
N GLN C 6 26.46 -14.54 -42.95
CA GLN C 6 25.98 -14.07 -44.24
C GLN C 6 24.46 -13.93 -44.22
N VAL C 7 24.02 -12.70 -44.50
CA VAL C 7 22.61 -12.39 -44.58
C VAL C 7 22.43 -11.72 -45.92
N THR C 8 21.78 -12.41 -46.87
CA THR C 8 21.67 -11.87 -48.24
C THR C 8 20.25 -11.97 -48.81
N ALA C 9 19.81 -10.89 -49.47
CA ALA C 9 18.45 -10.79 -50.08
C ALA C 9 18.09 -12.02 -50.89
N PHE C 10 16.83 -12.43 -50.81
CA PHE C 10 16.39 -13.63 -51.47
C PHE C 10 15.10 -13.34 -52.28
N ASN C 11 14.97 -12.10 -52.75
CA ASN C 11 13.73 -11.62 -53.40
C ASN C 11 13.67 -11.91 -54.89
N THR C 12 14.83 -12.10 -55.49
CA THR C 12 14.97 -12.36 -56.92
C THR C 12 14.64 -13.80 -57.31
N GLY C 13 14.15 -14.00 -58.53
CA GLY C 13 13.95 -15.33 -59.06
C GLY C 13 12.71 -16.15 -58.68
N TRP C 14 11.66 -15.53 -58.13
CA TRP C 14 10.44 -16.33 -57.83
C TRP C 14 9.44 -16.32 -58.97
N GLN C 15 8.63 -17.39 -59.07
CA GLN C 15 7.48 -17.41 -59.96
C GLN C 15 6.23 -17.62 -59.13
N PHE C 16 5.11 -17.07 -59.60
CA PHE C 16 3.92 -17.11 -58.81
C PHE C 16 2.73 -17.67 -59.58
N LYS C 17 1.72 -18.12 -58.83
CA LYS C 17 0.59 -18.85 -59.39
C LYS C 17 -0.63 -18.75 -58.47
N LYS C 18 -1.51 -17.81 -58.83
CA LYS C 18 -2.67 -17.49 -58.04
C LYS C 18 -3.78 -18.53 -58.19
N GLY C 19 -4.57 -18.71 -57.13
CA GLY C 19 -5.70 -19.62 -57.19
C GLY C 19 -6.92 -18.92 -57.78
N PRO C 20 -8.11 -19.50 -57.57
CA PRO C 20 -8.28 -20.71 -56.81
C PRO C 20 -7.87 -21.89 -57.67
N PHE C 21 -7.71 -23.05 -57.04
CA PHE C 21 -7.27 -24.22 -57.76
C PHE C 21 -8.39 -25.23 -57.81
N ALA C 22 -8.47 -25.95 -58.91
CA ALA C 22 -9.57 -26.89 -59.09
C ALA C 22 -9.57 -27.94 -57.98
N THR C 23 -10.72 -28.50 -57.72
CA THR C 23 -10.88 -29.46 -56.66
C THR C 23 -10.40 -30.84 -57.16
N ASP C 24 -10.45 -30.98 -58.46
CA ASP C 24 -10.19 -32.24 -59.14
C ASP C 24 -8.69 -32.35 -59.54
N PRO C 25 -8.01 -33.46 -59.15
CA PRO C 25 -6.60 -33.69 -59.48
C PRO C 25 -6.30 -33.45 -60.94
N MET C 26 -7.02 -34.10 -61.84
CA MET C 26 -6.73 -33.96 -63.26
C MET C 26 -6.58 -32.48 -63.58
N ARG C 27 -7.65 -31.73 -63.41
CA ARG C 27 -7.56 -30.33 -63.76
C ARG C 27 -6.49 -29.61 -62.93
N ALA C 28 -6.49 -29.85 -61.62
CA ALA C 28 -5.50 -29.21 -60.73
C ALA C 28 -4.10 -29.46 -61.26
N ALA C 29 -3.75 -30.72 -61.47
CA ALA C 29 -2.44 -31.03 -62.03
C ALA C 29 -2.12 -30.10 -63.22
N SER C 30 -3.06 -29.94 -64.15
CA SER C 30 -2.87 -29.00 -65.27
C SER C 30 -2.51 -27.59 -64.83
N GLN C 31 -3.29 -27.06 -63.90
CA GLN C 31 -3.02 -25.76 -63.33
C GLN C 31 -1.57 -25.70 -62.83
N TRP C 32 -1.16 -26.67 -62.03
CA TRP C 32 0.19 -26.66 -61.50
C TRP C 32 1.23 -26.70 -62.62
N ASP C 33 0.96 -27.51 -63.64
CA ASP C 33 1.91 -27.71 -64.71
C ASP C 33 1.76 -26.60 -65.72
N GLY C 34 0.89 -25.64 -65.45
CA GLY C 34 0.66 -24.55 -66.39
C GLY C 34 1.75 -23.50 -66.34
N LYS C 35 1.41 -22.31 -66.83
CA LYS C 35 2.35 -21.22 -66.85
C LYS C 35 2.34 -20.53 -65.50
N TRP C 36 3.52 -20.21 -64.99
CA TRP C 36 3.60 -19.45 -63.75
C TRP C 36 4.05 -18.06 -64.10
N GLU C 37 3.64 -17.09 -63.29
CA GLU C 37 4.04 -15.73 -63.54
C GLU C 37 5.36 -15.43 -62.81
N THR C 38 6.33 -14.89 -63.53
CA THR C 38 7.57 -14.54 -62.87
C THR C 38 7.36 -13.18 -62.19
N VAL C 39 7.98 -12.98 -61.05
CA VAL C 39 7.53 -11.96 -60.12
C VAL C 39 8.68 -11.35 -59.34
N GLU C 40 8.47 -10.24 -58.68
CA GLU C 40 9.52 -9.71 -57.80
C GLU C 40 9.02 -9.54 -56.36
N ILE C 41 9.78 -10.04 -55.39
CA ILE C 41 9.46 -9.78 -53.99
C ILE C 41 10.05 -8.42 -53.55
N PRO C 42 9.30 -7.62 -52.78
CA PRO C 42 7.94 -7.84 -52.28
C PRO C 42 6.88 -7.90 -53.38
N HIS C 43 5.89 -8.75 -53.18
CA HIS C 43 4.82 -8.92 -54.15
C HIS C 43 3.50 -9.29 -53.46
N THR C 44 2.40 -8.74 -53.94
CA THR C 44 1.07 -9.11 -53.45
C THR C 44 0.08 -9.26 -54.60
N TRP C 45 -0.85 -10.18 -54.48
CA TRP C 45 -1.82 -10.32 -55.54
C TRP C 45 -3.05 -9.45 -55.34
N ASN C 46 -3.06 -8.63 -54.30
CA ASN C 46 -4.22 -7.78 -54.00
C ASN C 46 -3.95 -6.31 -54.24
N ALA C 47 -2.84 -6.01 -54.89
CA ALA C 47 -2.46 -4.61 -55.15
C ALA C 47 -3.47 -3.82 -55.98
N MET C 48 -4.28 -4.50 -56.78
CA MET C 48 -5.26 -3.82 -57.62
C MET C 48 -6.69 -4.07 -57.15
N ASP C 49 -7.04 -5.32 -56.86
CA ASP C 49 -8.41 -5.66 -56.50
C ASP C 49 -8.86 -5.24 -55.10
N MET C 50 -7.94 -4.91 -54.21
CA MET C 50 -8.34 -4.43 -52.89
C MET C 50 -8.47 -2.91 -52.90
N GLN C 51 -8.07 -2.29 -54.01
CA GLN C 51 -7.98 -0.85 -54.03
C GLN C 51 -8.92 -0.21 -55.03
N VAL C 52 -9.05 -0.84 -56.18
CA VAL C 52 -9.70 -0.20 -57.32
C VAL C 52 -11.21 -0.34 -57.34
N GLN C 53 -11.74 -1.21 -56.49
CA GLN C 53 -13.18 -1.47 -56.44
C GLN C 53 -13.49 -2.19 -55.14
N SER C 54 -14.76 -2.23 -54.76
CA SER C 54 -15.10 -2.72 -53.42
C SER C 54 -15.90 -4.02 -53.43
N GLY C 55 -15.65 -4.85 -52.43
CA GLY C 55 -16.36 -6.12 -52.31
C GLY C 55 -16.06 -7.11 -53.43
N SER C 56 -14.82 -7.10 -53.91
CA SER C 56 -14.50 -7.89 -55.08
C SER C 56 -13.01 -8.12 -55.22
N PHE C 57 -12.43 -8.87 -54.30
CA PHE C 57 -10.99 -9.05 -54.31
C PHE C 57 -10.74 -10.53 -54.06
N TYR C 58 -9.57 -11.03 -54.42
CA TYR C 58 -9.29 -12.45 -54.26
C TYR C 58 -8.63 -12.81 -52.93
N GLU C 59 -9.23 -13.78 -52.27
CA GLU C 59 -8.88 -14.12 -50.94
C GLU C 59 -8.78 -15.64 -50.90
N GLY C 60 -7.57 -16.17 -50.95
CA GLY C 60 -7.39 -17.61 -50.99
C GLY C 60 -5.94 -17.99 -51.18
N ALA C 61 -5.72 -19.23 -51.63
CA ALA C 61 -4.39 -19.78 -51.86
C ALA C 61 -3.65 -19.18 -53.06
N GLY C 62 -2.32 -19.19 -52.95
CA GLY C 62 -1.40 -18.86 -54.04
C GLY C 62 -0.09 -19.59 -53.77
N TYR C 63 0.73 -19.79 -54.80
CA TYR C 63 2.02 -20.45 -54.60
C TYR C 63 3.16 -19.67 -55.22
N TYR C 64 4.29 -19.71 -54.55
CA TYR C 64 5.50 -19.13 -55.06
C TYR C 64 6.50 -20.24 -55.22
N ARG C 65 7.34 -20.09 -56.24
CA ARG C 65 8.33 -21.10 -56.55
C ARG C 65 9.66 -20.49 -56.99
N LYS C 66 10.73 -21.03 -56.45
CA LYS C 66 12.07 -20.64 -56.77
C LYS C 66 12.96 -21.84 -56.67
N THR C 67 13.87 -21.99 -57.63
CA THR C 67 14.82 -23.07 -57.53
C THR C 67 16.21 -22.44 -57.47
N GLN C 68 17.11 -23.01 -56.68
CA GLN C 68 18.30 -22.30 -56.28
C GLN C 68 19.48 -23.25 -56.20
N PHE C 69 20.65 -22.78 -56.63
CA PHE C 69 21.80 -23.66 -56.61
C PHE C 69 22.51 -23.53 -55.26
N PHE C 70 22.85 -24.64 -54.63
CA PHE C 70 23.63 -24.52 -53.40
C PHE C 70 24.91 -25.34 -53.46
N PRO C 71 26.07 -24.67 -53.37
CA PRO C 71 27.40 -25.30 -53.47
C PRO C 71 27.77 -26.20 -52.30
N HIS C 72 28.62 -27.20 -52.54
CA HIS C 72 29.15 -28.03 -51.47
C HIS C 72 29.87 -27.10 -50.53
N ASP C 73 30.01 -25.87 -50.99
CA ASP C 73 30.52 -24.75 -50.24
C ASP C 73 29.87 -24.58 -48.85
N LEU C 74 28.60 -24.92 -48.73
CA LEU C 74 27.82 -24.69 -47.52
C LEU C 74 27.94 -25.86 -46.55
N GLU C 75 28.58 -26.93 -47.03
CA GLU C 75 28.66 -28.14 -46.25
C GLU C 75 29.06 -27.85 -44.82
N GLY C 76 28.35 -28.51 -43.90
CA GLY C 76 28.60 -28.35 -42.49
C GLY C 76 28.12 -27.02 -41.92
N LYS C 77 27.50 -26.20 -42.75
CA LYS C 77 26.95 -24.93 -42.26
C LYS C 77 25.46 -25.05 -42.06
N ARG C 78 24.86 -24.04 -41.44
CA ARG C 78 23.43 -24.02 -41.23
C ARG C 78 22.81 -22.90 -42.03
N VAL C 79 21.67 -23.20 -42.68
CA VAL C 79 21.02 -22.28 -43.60
C VAL C 79 19.57 -22.03 -43.22
N PHE C 80 19.16 -20.77 -43.39
CA PHE C 80 17.84 -20.36 -42.99
C PHE C 80 17.26 -19.41 -44.02
N LEU C 81 15.95 -19.54 -44.20
CA LEU C 81 15.14 -18.55 -44.87
C LEU C 81 14.43 -17.78 -43.78
N ARG C 82 14.51 -16.46 -43.87
CA ARG C 82 13.75 -15.62 -42.97
C ARG C 82 12.79 -14.80 -43.78
N PHE C 83 11.51 -14.93 -43.48
CA PHE C 83 10.48 -14.16 -44.17
C PHE C 83 10.09 -12.98 -43.27
N GLU C 84 10.07 -11.76 -43.82
CA GLU C 84 9.59 -10.59 -43.05
C GLU C 84 8.07 -10.52 -42.91
N GLY C 85 7.34 -11.10 -43.86
CA GLY C 85 5.87 -11.09 -43.86
C GLY C 85 5.25 -11.81 -45.06
N VAL C 86 4.22 -12.64 -44.80
CA VAL C 86 3.40 -13.23 -45.85
C VAL C 86 1.94 -13.22 -45.43
N GLY C 87 1.06 -12.70 -46.27
CA GLY C 87 -0.35 -12.65 -45.91
C GLY C 87 -1.14 -13.77 -46.54
N ALA C 88 -1.80 -14.59 -45.72
CA ALA C 88 -1.75 -14.47 -44.26
C ALA C 88 -1.08 -15.67 -43.63
N CYS C 89 -1.43 -16.87 -44.10
CA CYS C 89 -0.80 -18.09 -43.64
C CYS C 89 0.21 -18.64 -44.65
N ALA C 90 1.27 -19.27 -44.16
CA ALA C 90 2.32 -19.76 -45.03
C ALA C 90 2.74 -21.17 -44.70
N GLU C 91 3.10 -21.91 -45.73
CA GLU C 91 3.74 -23.20 -45.56
C GLU C 91 4.94 -23.20 -46.49
N VAL C 92 6.09 -23.55 -45.94
CA VAL C 92 7.32 -23.58 -46.71
C VAL C 92 7.77 -25.01 -47.02
N TYR C 93 8.19 -25.24 -48.26
CA TYR C 93 8.70 -26.56 -48.63
C TYR C 93 10.04 -26.44 -49.31
N VAL C 94 10.95 -27.36 -48.98
CA VAL C 94 12.27 -27.37 -49.60
C VAL C 94 12.43 -28.73 -50.21
N ASN C 95 12.44 -28.79 -51.53
CA ASN C 95 12.41 -30.07 -52.24
C ASN C 95 11.22 -30.91 -51.76
N GLY C 96 10.08 -30.27 -51.56
CA GLY C 96 8.87 -31.00 -51.17
C GLY C 96 8.83 -31.44 -49.71
N LYS C 97 9.80 -31.02 -48.90
CA LYS C 97 9.83 -31.37 -47.46
C LYS C 97 9.37 -30.18 -46.63
N LEU C 98 8.30 -30.35 -45.87
CA LEU C 98 7.81 -29.24 -45.04
C LEU C 98 8.90 -28.75 -44.07
N ALA C 99 9.17 -27.45 -44.12
CA ALA C 99 10.22 -26.87 -43.28
C ALA C 99 9.64 -25.92 -42.23
N GLY C 100 8.46 -25.37 -42.52
CA GLY C 100 7.93 -24.27 -41.72
C GLY C 100 6.47 -23.96 -41.99
N THR C 101 5.76 -23.58 -40.93
CA THR C 101 4.35 -23.18 -40.99
C THR C 101 4.18 -21.79 -40.38
N HIS C 102 3.12 -21.07 -40.73
CA HIS C 102 2.91 -19.78 -40.08
C HIS C 102 1.53 -19.22 -40.32
N LYS C 103 0.89 -18.80 -39.24
CA LYS C 103 -0.39 -18.16 -39.37
C LYS C 103 -0.33 -16.77 -38.77
N GLY C 104 -0.52 -15.74 -39.61
CA GLY C 104 -0.45 -14.35 -39.21
C GLY C 104 0.21 -13.53 -40.29
N GLY C 105 -0.51 -12.58 -40.86
CA GLY C 105 -0.01 -11.83 -42.01
C GLY C 105 1.03 -10.73 -41.76
N TYR C 106 1.38 -10.46 -40.50
CA TYR C 106 2.21 -9.29 -40.24
C TYR C 106 3.48 -9.47 -39.43
N SER C 107 3.88 -10.70 -39.16
CA SER C 107 5.12 -10.96 -38.45
C SER C 107 6.00 -11.91 -39.22
N ALA C 108 7.31 -11.72 -39.08
CA ALA C 108 8.29 -12.54 -39.76
C ALA C 108 8.19 -13.95 -39.27
N PHE C 109 8.70 -14.89 -40.03
CA PHE C 109 8.97 -16.23 -39.53
C PHE C 109 10.22 -16.70 -40.25
N ALA C 110 10.90 -17.69 -39.66
CA ALA C 110 12.13 -18.20 -40.25
C ALA C 110 12.18 -19.72 -40.13
N CYS C 111 12.87 -20.40 -41.03
CA CYS C 111 13.11 -21.80 -40.73
C CYS C 111 14.40 -22.34 -41.33
N GLU C 112 15.05 -23.22 -40.55
CA GLU C 112 16.27 -23.87 -40.98
C GLU C 112 15.95 -24.74 -42.19
N ILE C 113 16.61 -24.46 -43.30
CA ILE C 113 16.39 -25.25 -44.49
C ILE C 113 17.65 -26.05 -44.80
N GLY C 114 18.74 -25.72 -44.10
CA GLY C 114 20.02 -26.40 -44.33
C GLY C 114 19.89 -27.90 -44.53
N THR C 115 19.31 -28.56 -43.55
CA THR C 115 19.31 -30.00 -43.47
C THR C 115 18.53 -30.66 -44.58
N ALA C 116 17.78 -29.88 -45.36
CA ALA C 116 16.96 -30.46 -46.42
C ALA C 116 17.56 -30.25 -47.81
N LEU C 117 18.60 -29.43 -47.87
CA LEU C 117 19.27 -29.12 -49.15
C LEU C 117 20.07 -30.27 -49.72
N LYS C 118 20.17 -30.29 -51.05
CA LYS C 118 21.21 -31.10 -51.72
C LYS C 118 22.24 -30.13 -52.22
N LEU C 119 23.38 -30.08 -51.54
CA LEU C 119 24.47 -29.22 -51.95
C LEU C 119 25.07 -29.68 -53.28
N GLY C 120 25.63 -28.75 -54.04
CA GLY C 120 26.22 -29.05 -55.34
C GLY C 120 25.17 -29.38 -56.36
N ALA C 121 23.94 -29.04 -56.01
CA ALA C 121 22.80 -29.34 -56.85
C ALA C 121 21.88 -28.13 -56.89
N GLU C 122 20.81 -28.26 -57.66
CA GLU C 122 19.76 -27.27 -57.65
C GLU C 122 18.69 -27.72 -56.67
N ASN C 123 18.03 -26.77 -56.02
CA ASN C 123 17.01 -27.08 -55.01
C ASN C 123 15.72 -26.30 -55.25
N GLU C 124 14.58 -26.88 -54.92
CA GLU C 124 13.33 -26.16 -55.08
C GLU C 124 12.70 -25.71 -53.76
N ILE C 125 12.52 -24.40 -53.61
CA ILE C 125 11.67 -23.85 -52.57
C ILE C 125 10.25 -23.55 -53.07
N ILE C 126 9.24 -23.97 -52.33
CA ILE C 126 7.88 -23.60 -52.65
C ILE C 126 7.22 -22.95 -51.44
N VAL C 127 6.57 -21.80 -51.64
CA VAL C 127 5.82 -21.19 -50.55
C VAL C 127 4.37 -21.19 -50.91
N LYS C 128 3.54 -21.81 -50.09
CA LYS C 128 2.10 -21.67 -50.24
C LYS C 128 1.59 -20.55 -49.31
N ALA C 129 0.85 -19.62 -49.91
CA ALA C 129 0.38 -18.43 -49.24
C ALA C 129 -1.14 -18.50 -49.26
N ASP C 130 -1.78 -17.98 -48.22
CA ASP C 130 -3.23 -17.95 -48.18
C ASP C 130 -3.76 -16.83 -47.30
N ASN C 131 -4.56 -15.92 -47.87
CA ASN C 131 -5.11 -14.80 -47.12
C ASN C 131 -6.63 -14.82 -46.97
N LYS C 132 -7.23 -16.00 -46.89
CA LYS C 132 -8.66 -16.06 -46.68
C LYS C 132 -9.02 -15.91 -45.20
N ALA C 133 -9.83 -14.94 -44.84
CA ALA C 133 -10.18 -14.81 -43.43
C ALA C 133 -10.66 -16.16 -42.88
N ARG C 134 -10.21 -16.51 -41.67
CA ARG C 134 -10.57 -17.77 -41.02
C ARG C 134 -10.73 -17.55 -39.52
N PRO C 135 -11.79 -18.11 -38.91
CA PRO C 135 -12.21 -17.73 -37.56
C PRO C 135 -11.18 -17.95 -36.44
N ASP C 136 -10.08 -18.62 -36.73
CA ASP C 136 -9.11 -18.91 -35.70
C ASP C 136 -7.82 -18.10 -35.86
N VAL C 137 -7.85 -17.07 -36.69
CA VAL C 137 -6.65 -16.25 -36.97
C VAL C 137 -7.04 -14.77 -37.03
N ILE C 138 -6.31 -13.92 -36.33
CA ILE C 138 -6.66 -12.51 -36.34
C ILE C 138 -5.90 -11.90 -37.49
N PRO C 139 -6.49 -10.91 -38.19
CA PRO C 139 -7.84 -10.42 -37.99
C PRO C 139 -8.82 -11.39 -38.63
N VAL C 140 -9.89 -11.70 -37.91
CA VAL C 140 -10.82 -12.75 -38.31
C VAL C 140 -11.69 -12.34 -39.48
N ASN C 141 -11.54 -11.11 -39.95
CA ASN C 141 -12.32 -10.67 -41.10
C ASN C 141 -11.61 -9.53 -41.80
N GLN C 142 -12.05 -9.24 -43.02
CA GLN C 142 -11.44 -8.20 -43.85
C GLN C 142 -12.16 -6.86 -43.78
N ASN C 143 -12.79 -6.52 -42.67
CA ASN C 143 -13.68 -5.36 -42.63
C ASN C 143 -13.02 -4.01 -42.43
N LEU C 144 -12.09 -3.93 -41.47
CA LEU C 144 -11.46 -2.65 -41.15
C LEU C 144 -10.41 -2.32 -42.19
N PHE C 145 -9.84 -3.37 -42.77
CA PHE C 145 -8.81 -3.23 -43.77
C PHE C 145 -8.67 -4.61 -44.34
N GLY C 146 -7.94 -4.77 -45.43
CA GLY C 146 -7.90 -6.07 -46.07
C GLY C 146 -6.54 -6.68 -45.89
N VAL C 147 -6.47 -7.98 -45.66
CA VAL C 147 -5.16 -8.58 -45.49
C VAL C 147 -4.52 -8.96 -46.84
N TYR C 148 -3.94 -7.96 -47.50
CA TYR C 148 -3.18 -8.17 -48.73
C TYR C 148 -2.42 -9.49 -48.69
N GLY C 149 -2.69 -10.39 -49.64
CA GLY C 149 -2.03 -11.70 -49.67
C GLY C 149 -0.71 -11.75 -50.44
N GLY C 150 0.15 -12.70 -50.07
CA GLY C 150 1.37 -12.94 -50.82
C GLY C 150 2.62 -12.54 -50.07
N ILE C 151 3.76 -12.84 -50.67
CA ILE C 151 5.03 -12.52 -50.04
C ILE C 151 5.30 -11.03 -50.22
N TYR C 152 4.71 -10.23 -49.34
CA TYR C 152 4.65 -8.79 -49.52
C TYR C 152 5.78 -8.03 -48.82
N ARG C 153 6.54 -8.73 -47.97
CA ARG C 153 7.81 -8.18 -47.44
C ARG C 153 9.00 -9.05 -47.88
N PRO C 154 10.23 -8.52 -47.77
CA PRO C 154 11.37 -9.25 -48.34
C PRO C 154 11.64 -10.56 -47.64
N VAL C 155 12.49 -11.38 -48.27
CA VAL C 155 12.91 -12.67 -47.73
C VAL C 155 14.42 -12.72 -47.65
N TRP C 156 14.96 -13.40 -46.65
CA TRP C 156 16.42 -13.43 -46.48
C TRP C 156 17.03 -14.83 -46.40
N LEU C 157 18.13 -15.02 -47.11
CA LEU C 157 18.93 -16.22 -46.92
C LEU C 157 19.95 -15.95 -45.83
N ILE C 158 19.94 -16.79 -44.79
CA ILE C 158 20.92 -16.65 -43.72
C ILE C 158 21.78 -17.89 -43.58
N VAL C 159 23.09 -17.73 -43.71
CA VAL C 159 24.01 -18.87 -43.51
C VAL C 159 24.82 -18.68 -42.23
N THR C 160 24.85 -19.69 -41.34
CA THR C 160 25.73 -19.65 -40.14
C THR C 160 26.45 -20.97 -39.86
N GLU C 161 27.39 -20.93 -38.91
CA GLU C 161 28.04 -22.13 -38.37
C GLU C 161 27.10 -23.12 -37.69
N GLN C 162 27.67 -24.28 -37.35
CA GLN C 162 27.01 -25.32 -36.59
C GLN C 162 26.63 -24.79 -35.21
N ASN C 163 27.37 -23.77 -34.76
CA ASN C 163 27.02 -23.01 -33.57
C ASN C 163 26.70 -21.59 -33.94
N ASN C 164 25.55 -21.11 -33.47
CA ASN C 164 25.14 -19.75 -33.76
C ASN C 164 24.31 -19.12 -32.66
N ILE C 165 24.13 -17.81 -32.77
CA ILE C 165 23.11 -17.15 -32.01
C ILE C 165 21.83 -17.48 -32.77
N THR C 166 20.83 -18.00 -32.06
CA THR C 166 19.69 -18.63 -32.71
C THR C 166 18.93 -17.70 -33.67
N VAL C 167 18.68 -18.16 -34.89
CA VAL C 167 17.91 -17.33 -35.81
C VAL C 167 16.46 -17.81 -35.79
N THR C 168 16.21 -18.85 -35.01
CA THR C 168 14.90 -19.49 -35.03
C THR C 168 14.02 -19.27 -33.80
N ASP C 169 14.20 -18.20 -33.07
CA ASP C 169 13.36 -17.98 -31.90
C ASP C 169 12.28 -16.94 -32.19
N CYS C 170 11.23 -17.38 -32.86
CA CYS C 170 10.20 -16.47 -33.34
C CYS C 170 10.83 -15.49 -34.27
N ALA C 171 11.68 -15.98 -35.15
CA ALA C 171 12.31 -15.11 -36.13
C ALA C 171 12.75 -13.79 -35.52
N SER C 172 13.14 -13.79 -34.24
CA SER C 172 13.74 -12.60 -33.63
C SER C 172 15.26 -12.51 -33.85
N PRO C 173 15.88 -11.43 -33.37
CA PRO C 173 17.33 -11.33 -33.48
C PRO C 173 18.08 -12.34 -32.58
N GLY C 174 17.40 -12.88 -31.57
CA GLY C 174 18.04 -13.86 -30.68
C GLY C 174 18.76 -13.20 -29.53
N VAL C 175 18.62 -11.89 -29.43
CA VAL C 175 19.23 -11.13 -28.37
C VAL C 175 18.13 -10.26 -27.79
N TYR C 176 18.21 -9.96 -26.49
CA TYR C 176 17.16 -9.17 -25.84
C TYR C 176 17.81 -8.26 -24.83
N ILE C 177 17.57 -6.97 -24.96
CA ILE C 177 18.25 -6.00 -24.14
C ILE C 177 17.23 -5.31 -23.29
N THR C 178 17.36 -5.41 -21.98
CA THR C 178 16.44 -4.69 -21.12
C THR C 178 17.17 -3.60 -20.36
N GLN C 179 16.40 -2.64 -19.84
CA GLN C 179 16.99 -1.58 -19.07
C GLN C 179 16.15 -1.31 -17.84
N LYS C 180 16.78 -0.70 -16.85
CA LYS C 180 16.34 -0.77 -15.49
C LYS C 180 17.06 0.42 -14.84
N ASP C 181 16.40 1.08 -13.89
CA ASP C 181 17.01 2.24 -13.19
C ASP C 181 17.64 3.23 -14.13
N VAL C 182 16.86 3.83 -15.01
CA VAL C 182 17.49 4.68 -16.01
C VAL C 182 17.39 6.13 -15.57
N SER C 183 18.53 6.83 -15.63
CA SER C 183 18.61 8.27 -15.32
C SER C 183 19.97 8.86 -15.64
N LYS C 184 20.03 10.19 -15.64
CA LYS C 184 21.26 10.93 -15.92
C LYS C 184 22.49 10.20 -15.42
N LYS C 185 22.39 9.68 -14.20
CA LYS C 185 23.53 9.12 -13.49
C LYS C 185 24.02 7.81 -14.07
N SER C 186 23.08 6.90 -14.31
CA SER C 186 23.44 5.58 -14.76
C SER C 186 22.22 4.80 -15.25
N ALA C 187 22.47 3.62 -15.79
CA ALA C 187 21.40 2.71 -16.21
C ALA C 187 21.91 1.27 -16.24
N ASP C 188 21.05 0.35 -15.83
CA ASP C 188 21.38 -1.07 -15.80
C ASP C 188 20.87 -1.80 -17.05
N ILE C 189 21.80 -2.16 -17.92
CA ILE C 189 21.43 -2.88 -19.12
C ILE C 189 21.70 -4.37 -18.97
N THR C 190 20.69 -5.18 -19.25
CA THR C 190 20.91 -6.61 -19.38
C THR C 190 20.80 -7.02 -20.84
N VAL C 191 21.73 -7.83 -21.30
CA VAL C 191 21.65 -8.39 -22.65
C VAL C 191 21.52 -9.87 -22.51
N LYS C 192 20.42 -10.44 -23.03
CA LYS C 192 20.19 -11.88 -22.99
C LYS C 192 20.49 -12.46 -24.36
N VAL C 193 21.27 -13.53 -24.43
CA VAL C 193 21.63 -14.10 -25.71
C VAL C 193 21.29 -15.58 -25.75
N LYS C 194 20.75 -16.04 -26.88
CA LYS C 194 20.39 -17.44 -26.97
C LYS C 194 21.26 -18.18 -27.97
N LEU C 195 22.03 -19.16 -27.48
CA LEU C 195 22.92 -19.92 -28.36
C LEU C 195 22.32 -21.29 -28.69
N ASP C 196 22.69 -21.79 -29.85
CA ASP C 196 22.27 -23.10 -30.31
C ASP C 196 23.49 -23.76 -30.91
N ASN C 197 23.77 -24.96 -30.43
CA ASN C 197 24.84 -25.80 -30.95
C ASN C 197 24.19 -26.96 -31.72
N ALA C 198 24.34 -27.01 -33.03
CA ALA C 198 23.60 -28.00 -33.83
C ALA C 198 24.36 -29.31 -34.00
N GLY C 199 25.45 -29.46 -33.23
CA GLY C 199 26.30 -30.64 -33.34
C GLY C 199 25.89 -31.75 -32.40
N LEU C 200 26.74 -32.77 -32.34
CA LEU C 200 26.55 -33.89 -31.46
C LEU C 200 27.46 -33.83 -30.22
N GLN C 201 28.45 -32.96 -30.21
CA GLN C 201 29.38 -32.85 -29.06
C GLN C 201 29.46 -31.43 -28.49
N PRO C 202 29.65 -31.30 -27.17
CA PRO C 202 29.77 -29.94 -26.58
C PRO C 202 30.73 -29.11 -27.41
N ALA C 203 30.49 -27.81 -27.50
CA ALA C 203 31.34 -26.94 -28.31
C ALA C 203 31.97 -25.86 -27.44
N ALA C 204 33.29 -25.73 -27.51
CA ALA C 204 34.02 -24.75 -26.68
C ALA C 204 34.05 -23.42 -27.39
N VAL C 205 33.34 -22.44 -26.84
CA VAL C 205 33.15 -21.20 -27.54
C VAL C 205 33.36 -20.03 -26.61
N THR C 206 33.16 -18.82 -27.13
CA THR C 206 33.27 -17.63 -26.32
C THR C 206 32.24 -16.61 -26.74
N LEU C 207 31.51 -16.09 -25.75
CA LEU C 207 30.53 -15.04 -26.00
C LEU C 207 31.03 -13.68 -25.51
N GLU C 208 31.17 -12.76 -26.47
CA GLU C 208 31.66 -11.41 -26.22
C GLU C 208 30.55 -10.45 -26.50
N ASN C 209 30.07 -9.77 -25.47
CA ASN C 209 29.06 -8.77 -25.68
C ASN C 209 29.68 -7.40 -25.48
N THR C 210 29.53 -6.50 -26.44
CA THR C 210 30.07 -5.15 -26.32
C THR C 210 29.02 -4.06 -26.57
N ILE C 211 29.11 -2.99 -25.78
CA ILE C 211 28.33 -1.78 -26.03
C ILE C 211 29.21 -0.65 -26.58
N TYR C 212 28.88 -0.14 -27.77
CA TYR C 212 29.60 1.00 -28.31
C TYR C 212 28.76 2.26 -28.21
N THR C 213 29.42 3.41 -28.21
CA THR C 213 28.74 4.69 -28.24
C THR C 213 28.46 4.94 -29.70
N GLN C 214 27.43 5.72 -29.98
CA GLN C 214 27.12 6.09 -31.35
C GLN C 214 28.41 6.27 -32.15
N GLU C 215 29.26 7.19 -31.71
CA GLU C 215 30.47 7.51 -32.45
C GLU C 215 31.42 6.31 -32.54
N GLY C 216 31.14 5.24 -31.79
CA GLY C 216 31.86 3.98 -31.99
C GLY C 216 32.97 3.62 -31.03
N GLN C 217 32.95 4.14 -29.80
CA GLN C 217 33.98 3.78 -28.83
C GLN C 217 33.44 2.80 -27.81
N LYS C 218 34.28 1.85 -27.39
CA LYS C 218 33.89 0.86 -26.38
C LYS C 218 33.45 1.52 -25.08
N VAL C 219 32.69 0.80 -24.29
CA VAL C 219 32.10 1.42 -23.12
C VAL C 219 31.50 0.34 -22.23
N GLY C 220 31.79 -0.91 -22.57
CA GLY C 220 31.28 -2.03 -21.79
C GLY C 220 31.55 -3.35 -22.49
N THR C 221 32.26 -4.23 -21.80
CA THR C 221 32.48 -5.57 -22.32
C THR C 221 32.20 -6.61 -21.26
N HIS C 222 31.43 -7.61 -21.68
CA HIS C 222 31.28 -8.80 -20.89
C HIS C 222 31.67 -9.96 -21.78
N SER C 223 32.53 -10.82 -21.26
CA SER C 223 33.05 -11.91 -22.05
C SER C 223 33.13 -13.16 -21.20
N ARG C 224 32.57 -14.25 -21.70
CA ARG C 224 32.49 -15.49 -20.93
C ARG C 224 32.73 -16.69 -21.84
N SER C 225 33.67 -17.55 -21.44
CA SER C 225 33.96 -18.79 -22.17
C SER C 225 33.28 -19.98 -21.53
N PHE C 226 33.03 -21.02 -22.31
CA PHE C 226 32.39 -22.19 -21.74
C PHE C 226 32.15 -23.25 -22.82
N ASP C 227 31.52 -24.34 -22.41
CA ASP C 227 31.13 -25.36 -23.36
C ASP C 227 29.64 -25.22 -23.71
N LEU C 228 29.37 -24.77 -24.93
CA LEU C 228 28.02 -24.64 -25.42
C LEU C 228 27.47 -26.02 -25.62
N SER C 229 26.48 -26.39 -24.82
CA SER C 229 25.95 -27.74 -24.85
C SER C 229 25.25 -28.11 -26.19
N PRO C 230 25.26 -29.40 -26.55
CA PRO C 230 24.51 -29.85 -27.74
C PRO C 230 23.01 -30.02 -27.51
N GLN C 231 22.61 -30.13 -26.24
CA GLN C 231 21.21 -30.40 -25.93
C GLN C 231 20.39 -29.15 -25.62
N GLY C 232 19.54 -28.76 -26.56
CA GLY C 232 18.67 -27.63 -26.36
C GLY C 232 19.42 -26.35 -26.55
N THR C 233 18.76 -25.34 -27.11
CA THR C 233 19.33 -24.01 -27.15
C THR C 233 19.53 -23.41 -25.73
N GLN C 234 20.57 -22.60 -25.56
CA GLN C 234 20.96 -22.15 -24.21
C GLN C 234 20.94 -20.64 -24.11
N THR C 235 20.71 -20.14 -22.91
CA THR C 235 20.56 -18.71 -22.71
C THR C 235 21.62 -18.12 -21.81
N TYR C 236 22.18 -16.97 -22.18
CA TYR C 236 23.23 -16.34 -21.36
C TYR C 236 23.02 -14.86 -21.13
N LEU C 237 23.33 -14.43 -19.91
CA LEU C 237 23.13 -13.04 -19.48
C LEU C 237 24.44 -12.26 -19.37
N SER C 238 24.39 -10.99 -19.76
CA SER C 238 25.47 -10.05 -19.51
C SER C 238 24.80 -8.83 -18.89
N THR C 239 25.44 -8.23 -17.89
CA THR C 239 24.90 -7.00 -17.37
C THR C 239 25.91 -5.86 -17.46
N PHE C 240 25.44 -4.65 -17.70
CA PHE C 240 26.33 -3.52 -17.63
C PHE C 240 25.62 -2.39 -16.90
N LYS C 241 26.36 -1.70 -16.03
CA LYS C 241 25.88 -0.48 -15.43
C LYS C 241 26.59 0.64 -16.15
N LEU C 242 25.84 1.53 -16.80
CA LEU C 242 26.42 2.61 -17.59
C LEU C 242 26.48 3.90 -16.78
N LYS C 243 27.67 4.40 -16.51
CA LYS C 243 27.80 5.64 -15.82
C LYS C 243 27.42 6.78 -16.76
N ASN C 244 26.56 7.70 -16.29
CA ASN C 244 26.11 8.89 -17.06
C ASN C 244 25.77 8.57 -18.51
N PRO C 245 24.70 7.80 -18.70
CA PRO C 245 24.34 7.35 -20.05
C PRO C 245 23.98 8.53 -20.92
N HIS C 246 24.36 8.52 -22.19
CA HIS C 246 23.75 9.50 -23.06
C HIS C 246 22.32 9.03 -23.37
N LEU C 247 21.34 9.73 -22.83
CA LEU C 247 19.94 9.26 -22.89
C LEU C 247 19.30 9.42 -24.26
N TRP C 248 18.41 8.48 -24.60
CA TRP C 248 17.63 8.61 -25.81
C TRP C 248 16.49 9.55 -25.49
N GLN C 249 16.43 10.66 -26.22
CA GLN C 249 15.62 11.78 -25.77
C GLN C 249 14.52 12.19 -26.78
N GLY C 250 13.86 11.20 -27.37
CA GLY C 250 12.85 11.47 -28.39
C GLY C 250 13.43 12.22 -29.57
N ARG C 251 12.60 13.04 -30.21
CA ARG C 251 13.02 13.78 -31.38
C ARG C 251 14.13 14.72 -30.99
N LYS C 252 14.04 15.23 -29.75
CA LYS C 252 15.02 16.17 -29.22
C LYS C 252 16.44 15.67 -29.45
N ASP C 253 16.71 14.44 -29.06
CA ASP C 253 18.05 13.89 -29.17
C ASP C 253 17.98 12.36 -29.12
N PRO C 254 17.81 11.71 -30.29
CA PRO C 254 17.59 10.29 -30.38
C PRO C 254 18.91 9.57 -30.39
N TYR C 255 19.70 9.73 -29.33
CA TYR C 255 21.01 9.09 -29.23
C TYR C 255 20.88 7.59 -29.11
N LEU C 256 21.68 6.86 -29.90
CA LEU C 256 21.60 5.39 -29.95
C LEU C 256 22.97 4.73 -29.77
N TYR C 257 23.06 3.79 -28.82
CA TYR C 257 24.24 2.93 -28.69
C TYR C 257 24.16 1.71 -29.62
N LYS C 258 25.32 1.13 -29.91
CA LYS C 258 25.38 -0.09 -30.69
C LYS C 258 25.73 -1.27 -29.79
N VAL C 259 24.87 -2.28 -29.76
CA VAL C 259 25.17 -3.51 -28.99
C VAL C 259 25.57 -4.68 -29.89
N VAL C 260 26.67 -5.34 -29.54
CA VAL C 260 27.28 -6.29 -30.44
C VAL C 260 27.59 -7.56 -29.67
N CYS C 261 26.89 -8.65 -30.00
CA CYS C 261 27.20 -9.95 -29.45
C CYS C 261 27.94 -10.78 -30.49
N ARG C 262 29.14 -11.24 -30.11
CA ARG C 262 29.95 -12.04 -31.02
C ARG C 262 30.14 -13.42 -30.43
N LEU C 263 29.96 -14.44 -31.26
CA LEU C 263 30.17 -15.80 -30.81
C LEU C 263 31.49 -16.27 -31.40
N MET C 264 32.36 -16.84 -30.57
CA MET C 264 33.68 -17.13 -31.05
C MET C 264 34.18 -18.49 -30.67
N ALA C 265 34.91 -19.11 -31.59
CA ALA C 265 35.57 -20.38 -31.35
C ALA C 265 37.01 -20.35 -31.88
N ASP C 266 37.96 -20.87 -31.12
CA ASP C 266 39.31 -20.93 -31.64
C ASP C 266 39.82 -19.53 -31.94
N GLY C 267 39.39 -18.52 -31.20
CA GLY C 267 39.85 -17.16 -31.46
C GLY C 267 39.24 -16.44 -32.65
N LYS C 268 38.72 -17.19 -33.63
CA LYS C 268 38.00 -16.57 -34.76
C LYS C 268 36.52 -16.35 -34.43
N VAL C 269 35.93 -15.30 -34.97
CA VAL C 269 34.54 -14.97 -34.66
C VAL C 269 33.60 -15.75 -35.57
N ILE C 270 32.78 -16.61 -34.98
CA ILE C 270 31.90 -17.53 -35.75
C ILE C 270 30.46 -17.02 -36.00
N ASP C 271 30.04 -15.99 -35.28
CA ASP C 271 28.70 -15.42 -35.49
C ASP C 271 28.61 -14.10 -34.76
N GLU C 272 27.79 -13.18 -35.26
CA GLU C 272 27.50 -11.98 -34.49
C GLU C 272 26.13 -11.42 -34.83
N VAL C 273 25.52 -10.70 -33.88
CA VAL C 273 24.37 -9.88 -34.20
C VAL C 273 24.53 -8.53 -33.52
N VAL C 274 24.12 -7.46 -34.19
CA VAL C 274 24.21 -6.14 -33.59
C VAL C 274 22.83 -5.57 -33.41
N GLN C 275 22.62 -4.86 -32.30
CA GLN C 275 21.32 -4.33 -31.99
C GLN C 275 21.42 -2.91 -31.44
N PRO C 276 20.37 -2.13 -31.63
CA PRO C 276 20.37 -0.77 -31.16
C PRO C 276 20.15 -0.71 -29.65
N LEU C 277 20.50 0.43 -29.06
CA LEU C 277 20.25 0.66 -27.64
C LEU C 277 20.06 2.14 -27.38
N GLY C 278 18.81 2.54 -27.17
CA GLY C 278 18.52 3.90 -26.76
C GLY C 278 18.12 3.75 -25.31
N VAL C 279 18.91 4.30 -24.40
CA VAL C 279 18.56 4.11 -22.99
C VAL C 279 17.63 5.23 -22.61
N ARG C 280 16.53 4.87 -21.94
CA ARG C 280 15.54 5.85 -21.56
C ARG C 280 14.46 5.24 -20.71
N LYS C 281 13.72 6.13 -20.05
CA LYS C 281 12.63 5.72 -19.22
C LYS C 281 11.32 6.30 -19.73
N TYR C 282 10.26 5.51 -19.67
CA TYR C 282 8.95 5.95 -20.12
C TYR C 282 8.07 5.98 -18.89
N GLU C 283 7.28 7.01 -18.70
CA GLU C 283 6.33 6.89 -17.62
C GLU C 283 5.07 7.74 -17.78
N ILE C 284 3.94 7.06 -17.65
CA ILE C 284 2.70 7.73 -17.77
C ILE C 284 2.20 7.99 -16.37
N VAL C 285 1.77 9.21 -16.10
CA VAL C 285 1.12 9.50 -14.84
C VAL C 285 -0.28 9.97 -15.13
N ALA C 286 -1.26 9.17 -14.71
CA ALA C 286 -2.65 9.46 -15.00
C ALA C 286 -3.03 10.93 -14.73
N GLY C 287 -3.81 11.51 -15.64
CA GLY C 287 -4.28 12.87 -15.47
C GLY C 287 -3.17 13.93 -15.48
N LYS C 288 -1.92 13.50 -15.60
CA LYS C 288 -0.83 14.47 -15.54
C LYS C 288 -0.10 14.63 -16.87
N GLY C 289 0.52 13.55 -17.37
CA GLY C 289 1.18 13.60 -18.68
C GLY C 289 2.02 12.38 -19.00
N PHE C 290 2.83 12.47 -20.06
CA PHE C 290 3.77 11.42 -20.47
C PHE C 290 5.19 11.87 -20.16
N PHE C 291 5.94 11.04 -19.46
CA PHE C 291 7.28 11.45 -19.07
C PHE C 291 8.39 10.60 -19.70
N LEU C 292 9.23 11.29 -20.46
CA LEU C 292 10.39 10.64 -21.04
C LEU C 292 11.63 11.07 -20.23
N ASN C 293 12.32 10.10 -19.66
CA ASN C 293 13.46 10.34 -18.78
C ASN C 293 13.24 11.49 -17.82
N GLY C 294 12.11 11.46 -17.10
CA GLY C 294 11.78 12.44 -16.08
C GLY C 294 11.09 13.69 -16.59
N GLU C 295 11.24 14.01 -17.87
CA GLU C 295 10.66 15.23 -18.39
C GLU C 295 9.34 15.04 -19.10
N LYS C 296 8.42 15.96 -18.88
CA LYS C 296 7.14 15.95 -19.55
C LYS C 296 7.41 16.08 -21.02
N TYR C 297 6.66 15.33 -21.82
CA TYR C 297 6.98 15.19 -23.23
C TYR C 297 5.72 15.19 -24.10
N SER C 298 5.67 16.08 -25.07
CA SER C 298 4.50 16.19 -25.91
C SER C 298 4.21 14.91 -26.69
N MET C 299 2.98 14.45 -26.58
CA MET C 299 2.60 13.26 -27.30
C MET C 299 1.62 13.62 -28.41
N TYR C 300 2.14 14.26 -29.45
CA TYR C 300 1.31 14.61 -30.61
C TYR C 300 1.31 13.44 -31.59
N GLY C 301 0.19 12.74 -31.68
CA GLY C 301 0.20 11.47 -32.37
C GLY C 301 -0.56 11.32 -33.66
N VAL C 302 -0.05 10.45 -34.51
CA VAL C 302 -0.73 10.11 -35.75
C VAL C 302 -0.70 8.59 -35.89
N THR C 303 -1.38 8.06 -36.91
CA THR C 303 -1.39 6.62 -37.20
C THR C 303 -1.10 6.41 -38.68
N ARG C 304 -0.82 5.17 -39.06
CA ARG C 304 -0.32 4.88 -40.38
C ARG C 304 -0.55 3.43 -40.76
N HIS C 305 -1.21 3.20 -41.89
CA HIS C 305 -1.36 1.86 -42.39
C HIS C 305 -0.20 1.59 -43.33
N GLN C 306 0.13 0.32 -43.56
CA GLN C 306 1.30 -0.05 -44.37
C GLN C 306 1.01 -0.25 -45.86
N ASP C 307 0.09 0.53 -46.40
CA ASP C 307 -0.25 0.40 -47.82
C ASP C 307 -0.17 1.70 -48.64
N TRP C 308 0.27 1.56 -49.89
CA TRP C 308 0.27 2.68 -50.82
C TRP C 308 -0.67 2.35 -51.94
N TRP C 309 -1.25 3.40 -52.51
CA TRP C 309 -2.06 3.27 -53.69
C TRP C 309 -1.21 2.63 -54.78
N GLY C 310 -1.72 1.58 -55.41
CA GLY C 310 -1.03 0.97 -56.54
C GLY C 310 -0.07 -0.15 -56.20
N LEU C 311 0.47 -0.13 -54.99
CA LEU C 311 1.43 -1.12 -54.54
C LEU C 311 0.79 -2.08 -53.55
N GLY C 312 -0.43 -1.77 -53.13
CA GLY C 312 -0.95 -2.43 -51.96
C GLY C 312 0.12 -2.27 -50.90
N SER C 313 0.46 -3.37 -50.24
CA SER C 313 1.40 -3.32 -49.14
C SER C 313 2.77 -3.82 -49.51
N ALA C 314 3.00 -4.15 -50.78
CA ALA C 314 4.33 -4.50 -51.25
C ALA C 314 5.27 -3.28 -51.34
N LEU C 315 5.61 -2.69 -50.20
CA LEU C 315 6.43 -1.48 -50.19
C LEU C 315 7.93 -1.75 -50.13
N LYS C 316 8.71 -0.72 -50.47
CA LYS C 316 10.15 -0.70 -50.32
C LYS C 316 10.52 0.36 -49.27
N ASN C 317 11.77 0.36 -48.81
CA ASN C 317 12.15 1.31 -47.78
C ASN C 317 11.93 2.78 -48.15
N GLU C 318 12.14 3.11 -49.42
CA GLU C 318 11.75 4.43 -49.93
C GLU C 318 10.35 4.85 -49.43
N HIS C 319 9.38 3.94 -49.48
CA HIS C 319 8.03 4.24 -49.04
C HIS C 319 7.94 4.43 -47.51
N HIS C 320 8.48 3.49 -46.75
CA HIS C 320 8.54 3.67 -45.31
C HIS C 320 9.14 5.02 -44.94
N ASP C 321 10.30 5.31 -45.53
CA ASP C 321 10.99 6.57 -45.23
C ASP C 321 10.15 7.75 -45.61
N PHE C 322 9.44 7.65 -46.74
CA PHE C 322 8.67 8.77 -47.20
C PHE C 322 7.62 9.09 -46.14
N ASP C 323 6.82 8.08 -45.78
CA ASP C 323 5.78 8.26 -44.78
C ASP C 323 6.43 8.82 -43.50
N LEU C 324 7.54 8.21 -43.10
CA LEU C 324 8.19 8.71 -41.90
C LEU C 324 8.56 10.19 -42.02
N ALA C 325 9.16 10.59 -43.14
CA ALA C 325 9.52 11.99 -43.31
C ALA C 325 8.30 12.88 -43.12
N ALA C 326 7.17 12.47 -43.72
CA ALA C 326 5.95 13.29 -43.61
C ALA C 326 5.52 13.37 -42.15
N ILE C 327 5.60 12.25 -41.43
CA ILE C 327 5.23 12.27 -40.02
C ILE C 327 6.19 13.14 -39.27
N MET C 328 7.46 13.14 -39.69
CA MET C 328 8.40 14.01 -39.01
C MET C 328 8.04 15.46 -39.29
N ASP C 329 7.77 15.78 -40.56
CA ASP C 329 7.49 17.14 -40.98
C ASP C 329 6.23 17.72 -40.33
N VAL C 330 5.17 16.93 -40.24
CA VAL C 330 3.95 17.47 -39.72
C VAL C 330 4.10 17.75 -38.23
N GLY C 331 5.17 17.23 -37.65
CA GLY C 331 5.49 17.49 -36.25
C GLY C 331 4.95 16.50 -35.23
N ALA C 332 4.60 15.28 -35.66
CA ALA C 332 4.15 14.22 -34.73
C ALA C 332 5.29 13.83 -33.81
N THR C 333 5.00 13.39 -32.59
CA THR C 333 6.06 12.93 -31.70
C THR C 333 5.86 11.47 -31.42
N THR C 334 4.71 10.98 -31.84
CA THR C 334 4.33 9.63 -31.51
C THR C 334 3.44 9.06 -32.63
N VAL C 335 3.52 7.77 -32.82
CA VAL C 335 2.82 7.11 -33.91
C VAL C 335 2.17 5.85 -33.38
N ARG C 336 0.91 5.65 -33.72
CA ARG C 336 0.29 4.37 -33.46
C ARG C 336 0.21 3.62 -34.76
N PHE C 337 1.15 2.70 -34.97
CA PHE C 337 1.11 1.88 -36.16
C PHE C 337 0.01 0.83 -36.08
N ALA C 338 -1.21 1.16 -36.50
CA ALA C 338 -2.34 0.22 -36.37
C ALA C 338 -2.51 -0.57 -37.67
N HIS C 339 -3.16 -1.74 -37.65
CA HIS C 339 -3.63 -2.45 -36.50
C HIS C 339 -2.85 -3.77 -36.37
N TYR C 340 -1.56 -3.77 -36.72
CA TYR C 340 -0.84 -5.03 -36.89
C TYR C 340 0.64 -4.75 -36.89
N GLN C 341 1.43 -5.76 -36.60
CA GLN C 341 2.87 -5.59 -36.65
C GLN C 341 3.24 -4.99 -38.00
N GLN C 342 4.19 -4.07 -37.98
CA GLN C 342 4.68 -3.45 -39.22
C GLN C 342 6.18 -3.67 -39.39
N SER C 343 6.72 -3.18 -40.50
CA SER C 343 8.09 -3.45 -40.90
C SER C 343 9.09 -3.17 -39.79
N ASP C 344 10.06 -4.06 -39.64
CA ASP C 344 11.10 -3.85 -38.66
C ASP C 344 12.02 -2.70 -39.10
N TYR C 345 12.14 -2.53 -40.41
CA TYR C 345 12.87 -1.39 -40.92
C TYR C 345 12.18 -0.09 -40.48
N LEU C 346 10.86 -0.06 -40.56
CA LEU C 346 10.10 1.10 -40.13
C LEU C 346 10.37 1.37 -38.66
N TYR C 347 10.17 0.35 -37.83
CA TYR C 347 10.39 0.47 -36.39
C TYR C 347 11.77 0.99 -36.08
N SER C 348 12.76 0.52 -36.81
CA SER C 348 14.08 0.86 -36.37
C SER C 348 14.48 2.25 -36.83
N ARG C 349 13.84 2.73 -37.88
CA ARG C 349 14.03 4.11 -38.32
C ARG C 349 13.40 5.05 -37.28
N CYS C 350 12.31 4.60 -36.67
CA CYS C 350 11.71 5.32 -35.57
C CYS C 350 12.67 5.50 -34.42
N ASP C 351 13.41 4.44 -34.08
CA ASP C 351 14.46 4.55 -33.09
C ASP C 351 15.41 5.69 -33.48
N THR C 352 15.90 5.62 -34.71
CA THR C 352 16.82 6.63 -35.25
C THR C 352 16.29 8.07 -35.21
N LEU C 353 15.02 8.24 -35.56
CA LEU C 353 14.42 9.55 -35.68
C LEU C 353 13.99 10.12 -34.31
N GLY C 354 13.73 9.25 -33.33
CA GLY C 354 13.30 9.75 -32.02
C GLY C 354 11.80 9.66 -31.80
N LEU C 355 11.08 9.20 -32.82
CA LEU C 355 9.64 8.93 -32.70
C LEU C 355 9.36 7.90 -31.62
N ILE C 356 8.33 8.16 -30.82
CA ILE C 356 7.91 7.26 -29.77
C ILE C 356 6.66 6.52 -30.25
N ILE C 357 6.71 5.19 -30.30
CA ILE C 357 5.67 4.48 -31.03
C ILE C 357 4.91 3.40 -30.27
N TRP C 358 3.84 2.95 -30.91
CA TRP C 358 2.91 1.98 -30.35
C TRP C 358 2.67 0.88 -31.39
N ALA C 359 2.97 -0.37 -31.01
CA ALA C 359 2.79 -1.50 -31.90
C ALA C 359 1.63 -2.40 -31.46
N GLU C 360 0.94 -3.00 -32.43
CA GLU C 360 -0.38 -3.54 -32.22
C GLU C 360 -0.56 -4.86 -32.96
N ILE C 361 -1.41 -5.73 -32.42
CA ILE C 361 -1.78 -6.95 -33.11
C ILE C 361 -3.19 -6.77 -33.63
N PRO C 362 -3.52 -7.39 -34.78
CA PRO C 362 -4.77 -7.10 -35.48
C PRO C 362 -5.95 -7.84 -34.89
N CYS C 363 -6.08 -7.79 -33.58
CA CYS C 363 -7.25 -8.36 -32.95
C CYS C 363 -8.36 -7.30 -32.90
N VAL C 364 -9.27 -7.33 -33.88
CA VAL C 364 -10.09 -6.17 -34.15
C VAL C 364 -11.45 -6.52 -34.70
N ASN C 365 -12.39 -5.58 -34.56
CA ASN C 365 -13.67 -5.67 -35.23
C ASN C 365 -14.66 -6.74 -34.70
N ARG C 366 -14.18 -7.98 -34.53
CA ARG C 366 -15.01 -9.12 -34.11
C ARG C 366 -14.15 -10.11 -33.34
N VAL C 367 -14.77 -10.90 -32.49
CA VAL C 367 -14.15 -12.08 -31.91
C VAL C 367 -14.95 -13.26 -32.37
N THR C 368 -14.37 -14.44 -32.40
CA THR C 368 -15.10 -15.62 -32.83
C THR C 368 -15.16 -16.59 -31.69
N GLY C 369 -14.11 -16.59 -30.88
CA GLY C 369 -14.03 -17.44 -29.70
C GLY C 369 -13.13 -18.57 -30.09
N TYR C 370 -12.41 -18.41 -31.19
CA TYR C 370 -11.46 -19.43 -31.67
C TYR C 370 -10.14 -18.82 -32.06
N GLU C 371 -9.90 -17.55 -31.73
CA GLU C 371 -8.66 -16.94 -32.15
C GLU C 371 -7.68 -16.74 -31.02
N THR C 372 -8.00 -17.16 -29.80
CA THR C 372 -7.07 -16.97 -28.68
C THR C 372 -5.61 -17.38 -28.94
N GLU C 373 -5.38 -18.65 -29.27
CA GLU C 373 -4.02 -19.14 -29.40
C GLU C 373 -3.33 -18.36 -30.50
N ASN C 374 -4.02 -18.11 -31.61
CA ASN C 374 -3.41 -17.34 -32.67
C ASN C 374 -3.09 -15.94 -32.21
N ALA C 375 -4.05 -15.35 -31.52
CA ALA C 375 -3.90 -14.01 -31.00
C ALA C 375 -2.62 -13.95 -30.14
N GLN C 376 -2.37 -15.01 -29.39
CA GLN C 376 -1.27 -14.99 -28.43
C GLN C 376 0.05 -15.18 -29.11
N SER C 377 0.01 -16.04 -30.11
CA SER C 377 1.14 -16.34 -30.95
C SER C 377 1.62 -15.09 -31.70
N GLN C 378 0.70 -14.30 -32.25
CA GLN C 378 1.11 -13.08 -32.91
C GLN C 378 1.69 -12.06 -31.93
N LEU C 379 1.12 -11.97 -30.73
CA LEU C 379 1.62 -11.00 -29.75
C LEU C 379 3.05 -11.38 -29.35
N ARG C 380 3.26 -12.65 -29.04
CA ARG C 380 4.61 -13.03 -28.69
C ARG C 380 5.60 -12.74 -29.81
N GLU C 381 5.23 -13.05 -31.04
CA GLU C 381 6.16 -12.83 -32.14
C GLU C 381 6.44 -11.35 -32.29
N LEU C 382 5.41 -10.52 -32.23
CA LEU C 382 5.57 -9.06 -32.29
C LEU C 382 6.54 -8.58 -31.21
N ILE C 383 6.27 -8.94 -29.96
CA ILE C 383 7.11 -8.51 -28.86
C ILE C 383 8.54 -9.00 -29.07
N ARG C 384 8.71 -10.29 -29.27
CA ARG C 384 10.05 -10.85 -29.41
C ARG C 384 10.82 -10.28 -30.59
N GLN C 385 10.18 -10.19 -31.75
CA GLN C 385 10.81 -9.62 -32.94
C GLN C 385 11.11 -8.15 -32.79
N SER C 386 10.34 -7.44 -31.96
CA SER C 386 10.46 -5.96 -31.89
C SER C 386 10.99 -5.46 -30.54
N PHE C 387 11.49 -6.39 -29.74
CA PHE C 387 11.81 -6.16 -28.33
C PHE C 387 12.81 -5.03 -28.09
N ASN C 388 13.90 -5.02 -28.87
CA ASN C 388 14.98 -4.06 -28.67
C ASN C 388 14.76 -2.62 -29.17
N HIS C 389 13.56 -2.29 -29.64
CA HIS C 389 13.30 -0.92 -30.13
C HIS C 389 12.97 0.07 -29.01
N PRO C 390 13.93 0.93 -28.67
CA PRO C 390 13.68 1.95 -27.65
C PRO C 390 12.43 2.77 -27.99
N SER C 391 12.23 3.01 -29.28
CA SER C 391 11.14 3.86 -29.71
C SER C 391 9.77 3.33 -29.31
N ILE C 392 9.66 2.03 -29.09
CA ILE C 392 8.38 1.41 -28.68
C ILE C 392 8.01 1.53 -27.18
N TYR C 393 6.86 2.11 -26.87
CA TYR C 393 6.47 2.28 -25.46
C TYR C 393 5.25 1.47 -25.03
N VAL C 394 4.57 0.80 -25.96
CA VAL C 394 3.34 0.10 -25.60
C VAL C 394 3.01 -1.00 -26.61
N TRP C 395 2.32 -2.06 -26.18
CA TRP C 395 1.79 -3.06 -27.11
C TRP C 395 0.26 -3.02 -27.09
N GLY C 396 -0.36 -2.98 -28.25
CA GLY C 396 -1.80 -2.81 -28.28
C GLY C 396 -2.47 -4.15 -28.35
N LEU C 397 -3.42 -4.43 -27.47
CA LEU C 397 -3.97 -5.77 -27.38
C LEU C 397 -5.19 -6.01 -28.24
N HIS C 398 -6.09 -5.03 -28.34
CA HIS C 398 -7.25 -5.18 -29.20
C HIS C 398 -7.79 -3.84 -29.65
N ASN C 399 -8.75 -3.84 -30.55
CA ASN C 399 -9.35 -2.59 -31.04
C ASN C 399 -10.78 -2.81 -31.50
N GLU C 400 -11.74 -2.26 -30.76
CA GLU C 400 -13.13 -2.37 -31.14
C GLU C 400 -13.59 -3.81 -31.34
N VAL C 401 -13.41 -4.63 -30.31
CA VAL C 401 -14.07 -5.93 -30.21
C VAL C 401 -15.05 -5.91 -29.04
N TYR C 402 -16.14 -6.65 -29.15
CA TYR C 402 -17.22 -6.60 -28.15
C TYR C 402 -17.84 -7.97 -27.85
N GLN C 403 -18.97 -8.28 -28.46
CA GLN C 403 -19.70 -9.48 -28.07
C GLN C 403 -19.04 -10.71 -28.62
N PRO C 404 -19.01 -11.80 -27.84
CA PRO C 404 -19.50 -11.85 -26.45
C PRO C 404 -18.49 -11.30 -25.44
N HIS C 405 -18.92 -10.30 -24.68
CA HIS C 405 -18.05 -9.61 -23.75
C HIS C 405 -17.22 -10.56 -22.90
N GLU C 406 -17.87 -11.54 -22.29
CA GLU C 406 -17.12 -12.44 -21.39
C GLU C 406 -15.86 -12.96 -22.07
N TYR C 407 -16.02 -13.51 -23.27
CA TYR C 407 -14.89 -14.04 -24.02
C TYR C 407 -13.84 -12.95 -24.34
N THR C 408 -14.33 -11.81 -24.81
CA THR C 408 -13.44 -10.75 -25.23
C THR C 408 -12.58 -10.22 -24.06
N ALA C 409 -13.19 -10.10 -22.89
CA ALA C 409 -12.46 -9.72 -21.69
C ALA C 409 -11.39 -10.77 -21.32
N ALA C 410 -11.76 -12.04 -21.42
CA ALA C 410 -10.79 -13.09 -21.09
C ALA C 410 -9.60 -12.99 -22.04
N LEU C 411 -9.89 -12.84 -23.33
CA LEU C 411 -8.85 -12.77 -24.32
C LEU C 411 -7.90 -11.62 -24.00
N THR C 412 -8.45 -10.43 -23.74
CA THR C 412 -7.60 -9.29 -23.46
C THR C 412 -6.74 -9.53 -22.23
N ARG C 413 -7.33 -10.10 -21.19
CA ARG C 413 -6.57 -10.30 -19.97
C ARG C 413 -5.36 -11.17 -20.23
N SER C 414 -5.58 -12.30 -20.93
CA SER C 414 -4.50 -13.22 -21.22
C SER C 414 -3.49 -12.56 -22.15
N LEU C 415 -3.97 -11.77 -23.09
CA LEU C 415 -3.06 -11.00 -23.92
C LEU C 415 -2.17 -10.07 -23.09
N HIS C 416 -2.79 -9.38 -22.15
CA HIS C 416 -2.07 -8.49 -21.22
C HIS C 416 -1.03 -9.34 -20.50
N ASP C 417 -1.51 -10.46 -19.99
CA ASP C 417 -0.67 -11.32 -19.21
C ASP C 417 0.52 -11.84 -20.02
N LEU C 418 0.33 -12.06 -21.30
CA LEU C 418 1.42 -12.58 -22.09
C LEU C 418 2.47 -11.50 -22.32
N ALA C 419 2.01 -10.32 -22.72
CA ALA C 419 2.89 -9.17 -22.85
C ALA C 419 3.73 -8.96 -21.60
N LYS C 420 3.14 -9.17 -20.43
CA LYS C 420 3.82 -8.94 -19.16
C LYS C 420 4.81 -10.03 -18.86
N THR C 421 4.54 -11.21 -19.36
CA THR C 421 5.46 -12.30 -19.21
C THR C 421 6.64 -12.00 -20.10
N GLU C 422 6.38 -11.68 -21.36
CA GLU C 422 7.48 -11.50 -22.30
C GLU C 422 8.22 -10.19 -22.04
N ASP C 423 7.49 -9.13 -21.72
CA ASP C 423 8.11 -7.81 -21.68
C ASP C 423 7.54 -6.94 -20.59
N PRO C 424 7.82 -7.30 -19.33
CA PRO C 424 7.18 -6.61 -18.20
C PRO C 424 7.50 -5.11 -18.12
N ASP C 425 8.50 -4.65 -18.84
CA ASP C 425 8.99 -3.27 -18.72
C ASP C 425 8.22 -2.30 -19.61
N ARG C 426 7.26 -2.81 -20.37
CA ARG C 426 6.50 -1.98 -21.25
C ARG C 426 5.01 -2.02 -20.95
N TYR C 427 4.34 -0.91 -21.22
CA TYR C 427 2.92 -0.69 -21.01
C TYR C 427 2.10 -1.53 -21.99
N THR C 428 0.86 -1.84 -21.63
CA THR C 428 -0.10 -2.43 -22.55
C THR C 428 -1.30 -1.50 -22.69
N VAL C 429 -1.99 -1.59 -23.82
CA VAL C 429 -3.18 -0.78 -24.03
C VAL C 429 -4.22 -1.54 -24.84
N SER C 430 -5.47 -1.10 -24.75
CA SER C 430 -6.51 -1.66 -25.61
C SER C 430 -7.48 -0.54 -25.97
N VAL C 431 -8.10 -0.68 -27.15
CA VAL C 431 -8.91 0.40 -27.71
C VAL C 431 -10.38 0.02 -27.88
N ASN C 432 -11.26 0.79 -27.26
CA ASN C 432 -12.70 0.57 -27.36
C ASN C 432 -13.24 1.65 -28.27
N GLY C 433 -14.36 1.38 -28.92
CA GLY C 433 -15.01 2.38 -29.75
C GLY C 433 -16.10 3.16 -29.02
N TYR C 434 -16.50 2.73 -27.83
CA TYR C 434 -17.47 3.50 -27.08
C TYR C 434 -16.86 4.58 -26.21
N GLY C 435 -17.71 5.45 -25.66
CA GLY C 435 -17.23 6.61 -24.96
C GLY C 435 -17.07 6.44 -23.46
N HIS C 436 -17.78 5.47 -22.88
CA HIS C 436 -17.78 5.25 -21.44
C HIS C 436 -16.65 4.35 -20.97
N MET C 437 -16.09 4.66 -19.80
CA MET C 437 -15.00 3.86 -19.26
C MET C 437 -15.41 2.42 -18.93
N ASP C 438 -16.49 2.23 -18.18
CA ASP C 438 -16.84 0.89 -17.70
C ASP C 438 -17.67 0.04 -18.67
N HIS C 439 -17.33 0.10 -19.95
CA HIS C 439 -17.85 -0.87 -20.88
C HIS C 439 -17.27 -2.23 -20.47
N PRO C 440 -18.09 -3.28 -20.56
CA PRO C 440 -17.71 -4.58 -20.04
C PRO C 440 -16.35 -5.10 -20.45
N VAL C 441 -15.78 -4.67 -21.58
CA VAL C 441 -14.49 -5.27 -21.99
C VAL C 441 -13.28 -4.39 -21.74
N ASN C 442 -13.49 -3.29 -21.02
CA ASN C 442 -12.42 -2.34 -20.72
C ASN C 442 -11.60 -2.72 -19.50
N LEU C 443 -10.55 -1.92 -19.28
CA LEU C 443 -9.71 -1.92 -18.07
C LEU C 443 -8.86 -3.17 -17.84
N ASN C 444 -8.68 -3.98 -18.86
CA ASN C 444 -7.85 -5.15 -18.77
C ASN C 444 -6.40 -4.93 -19.23
N ALA C 445 -6.08 -3.71 -19.66
CA ALA C 445 -4.70 -3.40 -20.04
C ALA C 445 -4.23 -2.24 -19.21
N ASP C 446 -2.97 -1.85 -19.40
CA ASP C 446 -2.38 -0.81 -18.56
C ASP C 446 -3.00 0.54 -18.83
N ILE C 447 -3.44 0.74 -20.07
CA ILE C 447 -3.95 2.01 -20.48
C ILE C 447 -5.26 1.75 -21.18
N GLN C 448 -6.22 2.65 -21.00
CA GLN C 448 -7.47 2.51 -21.70
C GLN C 448 -7.51 3.53 -22.83
N GLY C 449 -7.70 3.05 -24.06
CA GLY C 449 -7.72 3.94 -25.23
C GLY C 449 -9.10 3.98 -25.85
N MET C 450 -9.51 5.14 -26.32
CA MET C 450 -10.84 5.27 -26.90
C MET C 450 -10.85 5.93 -28.28
N ASN C 451 -11.38 5.21 -29.25
CA ASN C 451 -11.69 5.81 -30.55
C ASN C 451 -12.96 6.69 -30.43
N ARG C 452 -12.82 8.01 -30.48
CA ARG C 452 -13.99 8.89 -30.45
C ARG C 452 -14.06 9.76 -31.71
N TYR C 453 -15.25 9.85 -32.28
CA TYR C 453 -15.46 10.50 -33.56
C TYR C 453 -16.61 11.52 -33.51
N PHE C 454 -16.59 12.38 -32.51
CA PHE C 454 -17.70 13.26 -32.30
C PHE C 454 -17.94 14.13 -33.52
N GLY C 455 -19.19 14.19 -33.97
CA GLY C 455 -19.54 15.03 -35.09
C GLY C 455 -19.48 14.23 -36.37
N TRP C 456 -18.87 13.07 -36.31
CA TRP C 456 -18.81 12.20 -37.48
C TRP C 456 -19.66 10.91 -37.33
N TYR C 457 -19.33 10.01 -36.40
CA TYR C 457 -20.22 8.86 -36.18
C TYR C 457 -21.32 9.16 -35.15
N GLU C 458 -21.21 10.28 -34.45
CA GLU C 458 -21.94 10.43 -33.20
C GLU C 458 -21.97 11.87 -32.78
N LYS C 459 -23.16 12.36 -32.45
CA LYS C 459 -23.29 13.71 -31.91
C LYS C 459 -22.58 14.75 -32.75
N LYS C 460 -22.10 15.81 -32.10
CA LYS C 460 -21.55 16.96 -32.82
C LYS C 460 -20.05 17.17 -32.60
N ILE C 461 -19.43 18.00 -33.42
CA ILE C 461 -18.00 18.22 -33.29
C ILE C 461 -17.60 18.69 -31.89
N GLN C 462 -18.51 19.36 -31.18
CA GLN C 462 -18.11 20.03 -29.97
C GLN C 462 -18.21 19.11 -28.76
N ASP C 463 -18.93 18.01 -28.95
CA ASP C 463 -19.27 17.13 -27.85
C ASP C 463 -18.06 16.41 -27.25
N ILE C 464 -16.93 16.44 -27.94
CA ILE C 464 -15.69 15.95 -27.39
C ILE C 464 -15.32 16.66 -26.08
N LYS C 465 -15.84 17.86 -25.88
CA LYS C 465 -15.50 18.63 -24.69
C LYS C 465 -16.13 18.04 -23.45
N PRO C 466 -17.46 18.12 -23.33
CA PRO C 466 -18.15 17.52 -22.20
C PRO C 466 -17.72 16.08 -21.96
N TRP C 467 -17.54 15.31 -23.03
CA TRP C 467 -17.05 13.94 -22.90
C TRP C 467 -15.76 13.83 -22.06
N VAL C 468 -14.73 14.62 -22.39
CA VAL C 468 -13.45 14.52 -21.68
C VAL C 468 -13.54 15.08 -20.27
N GLU C 469 -14.22 16.22 -20.13
CA GLU C 469 -14.47 16.83 -18.83
C GLU C 469 -15.18 15.89 -17.86
N GLN C 470 -16.08 15.06 -18.36
CA GLN C 470 -16.83 14.13 -17.51
C GLN C 470 -15.95 12.94 -17.14
N LEU C 471 -15.15 12.51 -18.11
CA LEU C 471 -14.25 11.39 -17.92
C LEU C 471 -13.26 11.69 -16.79
N GLU C 472 -12.55 12.81 -16.89
CA GLU C 472 -11.57 13.16 -15.87
C GLU C 472 -12.21 13.37 -14.50
N LYS C 473 -13.48 13.78 -14.46
CA LYS C 473 -14.12 13.90 -13.17
C LYS C 473 -14.25 12.52 -12.61
N ASP C 474 -14.92 11.64 -13.34
CA ASP C 474 -15.26 10.29 -12.86
C ASP C 474 -14.10 9.29 -12.71
N TYR C 475 -13.02 9.46 -13.47
CA TYR C 475 -11.91 8.50 -13.44
C TYR C 475 -10.58 9.19 -13.49
N PRO C 476 -10.32 10.05 -12.48
CA PRO C 476 -9.13 10.89 -12.34
C PRO C 476 -7.86 10.05 -12.30
N TYR C 477 -8.03 8.77 -12.00
CA TYR C 477 -6.90 7.88 -11.81
C TYR C 477 -6.49 7.06 -13.04
N GLN C 478 -7.37 6.94 -14.03
CA GLN C 478 -7.10 6.08 -15.18
C GLN C 478 -6.20 6.75 -16.20
N LYS C 479 -5.20 6.03 -16.68
CA LYS C 479 -4.47 6.47 -17.84
C LYS C 479 -5.36 6.34 -19.07
N LEU C 480 -5.66 7.47 -19.71
CA LEU C 480 -6.51 7.47 -20.88
C LEU C 480 -5.78 7.97 -22.11
N MET C 481 -6.09 7.40 -23.27
CA MET C 481 -5.51 7.90 -24.51
C MET C 481 -6.65 8.02 -25.52
N LEU C 482 -6.68 9.12 -26.29
CA LEU C 482 -7.63 9.23 -27.39
C LEU C 482 -6.97 8.67 -28.65
N THR C 483 -7.45 7.50 -29.05
CA THR C 483 -6.66 6.67 -29.91
C THR C 483 -7.09 6.75 -31.37
N GLU C 484 -8.16 7.49 -31.65
CA GLU C 484 -8.52 7.85 -33.01
C GLU C 484 -9.60 8.86 -32.91
N TYR C 485 -9.52 9.85 -33.79
CA TYR C 485 -10.55 10.85 -33.96
C TYR C 485 -10.25 11.46 -35.31
N GLY C 486 -11.23 12.13 -35.93
CA GLY C 486 -11.04 12.76 -37.23
C GLY C 486 -12.30 12.63 -38.07
N ALA C 487 -12.17 12.80 -39.39
CA ALA C 487 -13.30 12.82 -40.33
C ALA C 487 -12.82 12.60 -41.77
N ASP C 488 -13.63 11.94 -42.59
CA ASP C 488 -13.24 11.70 -43.99
C ASP C 488 -13.13 13.00 -44.76
N ALA C 489 -12.30 13.02 -45.79
CA ALA C 489 -12.16 14.23 -46.61
C ALA C 489 -11.82 13.84 -48.03
N ASN C 490 -12.79 14.00 -48.93
CA ASN C 490 -12.66 13.70 -50.35
C ASN C 490 -12.40 15.01 -51.08
N LEU C 491 -11.24 15.14 -51.73
CA LEU C 491 -10.80 16.45 -52.24
C LEU C 491 -11.71 17.07 -53.31
N ALA C 492 -12.55 16.26 -53.93
CA ALA C 492 -13.48 16.78 -54.91
C ALA C 492 -14.75 17.32 -54.21
N HIS C 493 -14.84 17.20 -52.89
CA HIS C 493 -16.00 17.73 -52.16
C HIS C 493 -15.67 18.97 -51.32
N GLN C 494 -16.28 20.09 -51.68
CA GLN C 494 -15.95 21.36 -51.05
C GLN C 494 -17.18 22.22 -50.81
N THR C 495 -17.55 22.38 -49.54
CA THR C 495 -18.63 23.32 -49.19
C THR C 495 -18.31 24.11 -47.95
N GLU C 496 -19.03 25.22 -47.76
CA GLU C 496 -18.91 25.98 -46.53
C GLU C 496 -20.25 25.97 -45.81
N TYR C 497 -21.16 25.14 -46.30
CA TYR C 497 -22.44 24.88 -45.65
C TYR C 497 -22.30 23.66 -44.77
N LEU C 498 -21.79 23.87 -43.57
CA LEU C 498 -21.37 22.78 -42.70
C LEU C 498 -22.06 22.88 -41.33
N GLY C 499 -22.78 21.84 -40.94
CA GLY C 499 -23.37 21.87 -39.61
C GLY C 499 -22.28 21.62 -38.60
N ASP C 500 -22.66 21.09 -37.45
CA ASP C 500 -21.68 20.62 -36.50
C ASP C 500 -21.65 19.07 -36.46
N ALA C 501 -22.32 18.47 -37.45
CA ALA C 501 -22.29 17.02 -37.68
C ALA C 501 -22.35 16.78 -39.17
N LEU C 502 -21.54 15.88 -39.72
CA LEU C 502 -21.74 15.53 -41.10
C LEU C 502 -22.63 14.31 -41.17
N ASN C 503 -23.44 14.24 -42.21
CA ASN C 503 -24.21 13.06 -42.51
C ASN C 503 -23.34 12.04 -43.26
N TRP C 504 -22.67 11.13 -42.53
CA TRP C 504 -21.66 10.26 -43.15
C TRP C 504 -22.26 9.12 -44.00
N GLY C 505 -23.56 9.17 -44.20
CA GLY C 505 -24.27 8.16 -44.98
C GLY C 505 -24.44 8.60 -46.41
N LYS C 506 -24.70 9.89 -46.62
CA LYS C 506 -24.88 10.40 -47.97
C LYS C 506 -23.52 10.75 -48.60
N PRO C 507 -23.28 10.31 -49.84
CA PRO C 507 -21.90 10.24 -50.34
C PRO C 507 -21.22 11.59 -50.50
N PHE C 508 -21.24 12.42 -49.47
CA PHE C 508 -20.62 13.74 -49.57
C PHE C 508 -19.68 14.01 -48.37
N TYR C 509 -18.38 13.92 -48.63
CA TYR C 509 -17.39 14.06 -47.55
C TYR C 509 -16.42 15.22 -47.77
N PRO C 510 -16.87 16.45 -47.54
CA PRO C 510 -16.09 17.64 -47.88
C PRO C 510 -14.86 17.83 -47.00
N GLU C 511 -13.72 18.10 -47.65
CA GLU C 511 -12.51 18.50 -46.96
C GLU C 511 -12.86 19.50 -45.85
N THR C 512 -13.64 20.50 -46.19
CA THR C 512 -13.95 21.56 -45.25
C THR C 512 -14.51 21.01 -43.96
N PHE C 513 -15.18 19.87 -43.99
CA PHE C 513 -15.63 19.31 -42.73
C PHE C 513 -14.48 18.68 -41.96
N GLN C 514 -13.58 18.04 -42.68
CA GLN C 514 -12.41 17.50 -42.00
C GLN C 514 -11.63 18.62 -41.32
N THR C 515 -11.62 19.82 -41.89
CA THR C 515 -10.85 20.89 -41.31
C THR C 515 -11.50 21.45 -40.05
N LYS C 516 -12.82 21.59 -40.10
CA LYS C 516 -13.55 22.12 -38.97
C LYS C 516 -13.39 21.18 -37.80
N THR C 517 -13.43 19.90 -38.10
CA THR C 517 -13.33 18.91 -37.04
C THR C 517 -11.98 18.99 -36.33
N HIS C 518 -10.90 18.98 -37.09
CA HIS C 518 -9.60 19.05 -36.49
C HIS C 518 -9.31 20.38 -35.82
N GLU C 519 -9.95 21.45 -36.31
CA GLU C 519 -9.67 22.77 -35.76
C GLU C 519 -10.21 22.84 -34.35
N TYR C 520 -11.48 22.55 -34.18
CA TYR C 520 -12.06 22.61 -32.86
C TYR C 520 -11.42 21.57 -31.98
N GLN C 521 -11.37 20.33 -32.47
CA GLN C 521 -11.05 19.18 -31.62
C GLN C 521 -9.64 19.20 -31.03
N TRP C 522 -8.65 19.57 -31.83
CA TRP C 522 -7.31 19.62 -31.31
C TRP C 522 -7.21 20.62 -30.16
N SER C 523 -7.88 21.77 -30.31
CA SER C 523 -7.83 22.80 -29.28
C SER C 523 -8.28 22.23 -27.93
N ILE C 524 -9.21 21.28 -27.96
CA ILE C 524 -9.69 20.69 -26.72
C ILE C 524 -8.73 19.61 -26.24
N ILE C 525 -8.26 18.78 -27.16
CA ILE C 525 -7.33 17.74 -26.78
C ILE C 525 -6.19 18.43 -26.04
N LYS C 526 -5.64 19.47 -26.63
CA LYS C 526 -4.49 20.16 -26.08
C LYS C 526 -4.72 20.75 -24.69
N ASP C 527 -5.95 21.13 -24.41
CA ASP C 527 -6.25 21.72 -23.12
C ASP C 527 -6.44 20.70 -22.00
N HIS C 528 -6.44 19.41 -22.33
CA HIS C 528 -6.67 18.41 -21.29
C HIS C 528 -5.52 17.45 -21.14
N PRO C 529 -4.60 17.76 -20.25
CA PRO C 529 -3.48 16.88 -20.02
C PRO C 529 -3.97 15.49 -19.62
N TYR C 530 -5.18 15.38 -19.09
CA TYR C 530 -5.76 14.08 -18.80
C TYR C 530 -5.68 13.11 -19.98
N ILE C 531 -5.80 13.63 -21.20
CA ILE C 531 -5.61 12.82 -22.36
C ILE C 531 -4.12 12.65 -22.57
N ILE C 532 -3.57 11.57 -22.03
CA ILE C 532 -2.12 11.41 -22.03
C ILE C 532 -1.57 11.59 -23.43
N ALA C 533 -2.21 11.00 -24.42
CA ALA C 533 -1.80 11.19 -25.80
C ALA C 533 -3.02 11.05 -26.71
N SER C 534 -2.91 11.57 -27.92
CA SER C 534 -3.96 11.37 -28.89
C SER C 534 -3.36 11.00 -30.23
N TYR C 535 -4.08 10.14 -30.94
CA TYR C 535 -3.67 9.66 -32.24
C TYR C 535 -4.82 9.94 -33.17
N LEU C 536 -4.63 10.84 -34.11
CA LEU C 536 -5.70 11.14 -35.05
C LEU C 536 -5.74 10.03 -36.07
N TRP C 537 -6.87 9.88 -36.74
CA TRP C 537 -7.01 8.92 -37.80
C TRP C 537 -7.28 9.65 -39.11
N ASN C 538 -6.37 9.62 -40.09
CA ASN C 538 -5.18 8.81 -40.10
C ASN C 538 -4.14 9.62 -40.87
N MET C 539 -2.86 9.30 -40.71
CA MET C 539 -1.87 10.10 -41.45
C MET C 539 -2.18 10.01 -42.95
N PHE C 540 -2.43 8.81 -43.47
CA PHE C 540 -2.70 8.66 -44.91
C PHE C 540 -4.05 8.01 -45.15
N ASP C 541 -4.60 8.23 -46.35
CA ASP C 541 -5.81 7.52 -46.76
C ASP C 541 -5.37 6.10 -47.03
N PHE C 542 -6.27 5.14 -46.90
CA PHE C 542 -5.90 3.74 -47.10
C PHE C 542 -7.05 2.91 -47.70
N ALA C 543 -6.75 1.69 -48.13
CA ALA C 543 -7.76 0.78 -48.68
C ALA C 543 -8.68 0.19 -47.61
N VAL C 544 -9.96 0.07 -47.95
CA VAL C 544 -10.93 -0.64 -47.13
C VAL C 544 -11.83 -1.37 -48.12
N PRO C 545 -11.38 -2.56 -48.60
CA PRO C 545 -11.92 -3.27 -49.77
C PRO C 545 -13.38 -3.65 -49.62
N MET C 546 -13.83 -3.85 -48.39
CA MET C 546 -15.18 -4.28 -48.17
C MET C 546 -16.20 -3.26 -48.73
N TRP C 547 -15.93 -1.96 -48.63
CA TRP C 547 -16.97 -0.96 -48.94
C TRP C 547 -16.65 0.15 -49.93
N THR C 548 -17.67 0.97 -50.17
CA THR C 548 -17.58 2.23 -50.91
C THR C 548 -18.31 3.30 -50.13
N ARG C 549 -17.61 4.36 -49.75
CA ARG C 549 -18.23 5.48 -49.07
C ARG C 549 -17.80 6.81 -49.69
N GLY C 550 -18.63 7.83 -49.52
CA GLY C 550 -18.26 9.18 -49.94
C GLY C 550 -17.84 9.31 -51.40
N GLY C 551 -18.33 8.41 -52.24
CA GLY C 551 -18.08 8.51 -53.66
C GLY C 551 -16.98 7.62 -54.21
N VAL C 552 -15.81 7.61 -53.59
CA VAL C 552 -14.75 6.73 -54.04
C VAL C 552 -14.88 5.31 -53.43
N PRO C 553 -14.61 4.28 -54.24
CA PRO C 553 -14.73 2.88 -53.78
C PRO C 553 -13.48 2.38 -53.07
N ALA C 554 -13.65 1.52 -52.05
CA ALA C 554 -12.53 0.86 -51.36
C ALA C 554 -11.55 1.80 -50.65
N ARG C 555 -11.99 3.02 -50.38
CA ARG C 555 -11.10 3.99 -49.78
C ARG C 555 -11.62 4.50 -48.44
N ASN C 556 -10.76 4.48 -47.42
CA ASN C 556 -11.01 5.25 -46.21
C ASN C 556 -10.24 6.54 -46.36
N MET C 557 -10.98 7.65 -46.39
CA MET C 557 -10.44 8.95 -46.79
C MET C 557 -10.20 9.89 -45.59
N LYS C 558 -9.65 9.35 -44.51
CA LYS C 558 -9.42 10.17 -43.31
C LYS C 558 -8.00 10.68 -43.16
N GLY C 559 -7.17 10.41 -44.16
CA GLY C 559 -5.78 10.83 -44.12
C GLY C 559 -5.66 12.34 -44.13
N LEU C 560 -4.62 12.85 -43.49
CA LEU C 560 -4.24 14.23 -43.74
C LEU C 560 -3.66 14.27 -45.16
N ILE C 561 -3.12 13.14 -45.61
CA ILE C 561 -2.54 13.06 -46.95
C ILE C 561 -3.26 11.99 -47.77
N THR C 562 -3.31 12.18 -49.09
CA THR C 562 -4.04 11.25 -49.94
C THR C 562 -3.32 9.90 -50.03
N PHE C 563 -4.01 8.91 -50.58
CA PHE C 563 -3.53 7.53 -50.59
C PHE C 563 -2.26 7.33 -51.44
N ASP C 564 -2.06 8.19 -52.44
CA ASP C 564 -0.86 8.09 -53.26
C ASP C 564 0.26 8.95 -52.71
N ARG C 565 -0.01 9.68 -51.64
CA ARG C 565 1.04 10.43 -51.00
C ARG C 565 1.30 11.78 -51.65
N LYS C 566 0.45 12.17 -52.59
CA LYS C 566 0.74 13.34 -53.40
C LYS C 566 0.14 14.63 -52.87
N THR C 567 -1.11 14.57 -52.39
CA THR C 567 -1.75 15.79 -51.90
C THR C 567 -1.93 15.81 -50.39
N LYS C 568 -1.49 16.90 -49.75
CA LYS C 568 -1.71 17.09 -48.33
C LYS C 568 -2.95 17.94 -48.16
N LYS C 569 -3.88 17.49 -47.33
CA LYS C 569 -5.08 18.26 -47.05
C LYS C 569 -4.82 19.44 -46.08
N ASP C 570 -5.80 20.33 -45.94
CA ASP C 570 -5.66 21.45 -45.02
C ASP C 570 -5.20 20.99 -43.63
N SER C 571 -5.67 19.84 -43.20
CA SER C 571 -5.42 19.43 -41.83
C SER C 571 -3.97 19.16 -41.62
N TYR C 572 -3.30 18.69 -42.66
CA TYR C 572 -1.88 18.49 -42.58
C TYR C 572 -1.29 19.76 -42.04
N PHE C 573 -1.77 20.88 -42.56
CA PHE C 573 -1.14 22.15 -42.24
C PHE C 573 -1.58 22.75 -40.92
N TRP C 574 -2.77 22.36 -40.45
CA TRP C 574 -3.27 22.73 -39.16
C TRP C 574 -2.32 22.15 -38.15
N TYR C 575 -2.11 20.85 -38.29
CA TYR C 575 -1.32 20.17 -37.31
C TYR C 575 0.11 20.64 -37.42
N LYS C 576 0.63 20.70 -38.63
CA LYS C 576 2.01 21.18 -38.75
C LYS C 576 2.20 22.53 -38.06
N ALA C 577 1.21 23.39 -38.20
CA ALA C 577 1.23 24.72 -37.58
C ALA C 577 1.10 24.68 -36.05
N ASN C 578 0.32 23.75 -35.55
CA ASN C 578 0.13 23.59 -34.11
C ASN C 578 1.21 22.81 -33.42
N TRP C 579 2.02 22.07 -34.18
CA TRP C 579 2.94 21.14 -33.57
C TRP C 579 4.37 21.42 -33.87
N SER C 580 4.64 21.77 -35.13
CA SER C 580 6.00 21.88 -35.60
C SER C 580 6.69 23.10 -35.04
N GLU C 581 7.82 23.44 -35.64
CA GLU C 581 8.72 24.43 -35.12
C GLU C 581 9.13 25.19 -36.34
N GLU C 582 8.92 24.56 -37.49
CA GLU C 582 9.12 25.20 -38.77
C GLU C 582 8.09 26.29 -39.02
N PRO C 583 8.52 27.41 -39.59
CA PRO C 583 7.52 28.41 -39.93
C PRO C 583 6.43 27.80 -40.82
N VAL C 584 5.18 28.05 -40.47
CA VAL C 584 4.04 27.63 -41.29
C VAL C 584 3.07 28.80 -41.45
N LEU C 585 2.75 29.16 -42.70
CA LEU C 585 1.79 30.21 -42.97
C LEU C 585 0.94 29.70 -44.14
N TYR C 586 -0.34 29.46 -43.88
CA TYR C 586 -1.13 28.64 -44.80
C TYR C 586 -2.60 29.08 -44.84
N LEU C 587 -3.07 29.44 -46.03
CA LEU C 587 -4.47 29.76 -46.22
C LEU C 587 -5.21 28.48 -46.49
N THR C 588 -6.34 28.31 -45.84
CA THR C 588 -7.16 27.13 -46.07
C THR C 588 -8.10 27.34 -47.26
N GLN C 589 -8.57 26.21 -47.80
CA GLN C 589 -9.56 26.20 -48.86
C GLN C 589 -9.05 26.58 -50.25
N ARG C 590 -7.76 26.37 -50.51
CA ARG C 590 -7.26 26.57 -51.86
C ARG C 590 -8.00 25.61 -52.81
N ARG C 591 -8.50 24.51 -52.29
CA ARG C 591 -9.22 23.56 -53.11
C ARG C 591 -10.70 23.83 -53.16
N ASN C 592 -11.14 24.84 -52.41
CA ASN C 592 -12.52 25.29 -52.49
C ASN C 592 -12.65 26.56 -53.31
N ALA C 593 -12.43 26.45 -54.61
CA ALA C 593 -12.34 27.61 -55.48
C ALA C 593 -13.69 28.10 -55.98
N ASP C 594 -14.63 27.17 -56.17
CA ASP C 594 -15.94 27.54 -56.64
C ASP C 594 -16.78 28.10 -55.49
N ARG C 595 -16.59 29.38 -55.22
CA ARG C 595 -17.19 29.97 -54.04
C ARG C 595 -18.71 29.92 -54.03
N GLU C 596 -19.28 29.68 -52.86
CA GLU C 596 -20.74 29.60 -52.70
C GLU C 596 -21.41 30.88 -52.18
N LYS C 597 -20.68 31.71 -51.45
CA LYS C 597 -21.26 32.92 -50.88
C LYS C 597 -20.42 34.16 -51.13
N ARG C 598 -21.07 35.29 -51.35
CA ARG C 598 -20.38 36.55 -51.59
C ARG C 598 -19.69 37.02 -50.33
N THR C 599 -20.32 36.76 -49.20
CA THR C 599 -19.74 37.09 -47.91
C THR C 599 -19.29 35.80 -47.27
N THR C 600 -17.98 35.64 -47.17
CA THR C 600 -17.43 34.40 -46.68
C THR C 600 -16.45 34.71 -45.54
N ALA C 601 -15.71 33.70 -45.08
CA ALA C 601 -14.71 33.90 -44.03
C ALA C 601 -13.35 33.43 -44.55
N VAL C 602 -12.27 34.09 -44.14
CA VAL C 602 -10.94 33.61 -44.52
C VAL C 602 -10.11 33.21 -43.32
N THR C 603 -9.70 31.95 -43.28
CA THR C 603 -8.91 31.45 -42.19
C THR C 603 -7.47 31.42 -42.65
N VAL C 604 -6.56 31.78 -41.76
CA VAL C 604 -5.18 31.56 -42.04
C VAL C 604 -4.51 30.86 -40.84
N TYR C 605 -3.69 29.85 -41.12
CA TYR C 605 -2.89 29.21 -40.08
C TYR C 605 -1.52 29.87 -40.04
N SER C 606 -1.10 30.28 -38.86
CA SER C 606 0.23 30.85 -38.72
C SER C 606 0.91 30.58 -37.39
N ASN C 607 2.23 30.47 -37.54
CA ASN C 607 3.13 29.78 -36.67
C ASN C 607 4.04 30.83 -36.08
N ILE C 608 4.11 31.95 -36.78
CA ILE C 608 5.22 32.85 -36.66
C ILE C 608 4.69 34.28 -36.62
N GLY C 609 3.51 34.43 -36.04
CA GLY C 609 3.00 35.75 -35.76
C GLY C 609 1.72 36.01 -36.47
N THR C 610 1.09 37.09 -36.06
CA THR C 610 -0.18 37.48 -36.60
C THR C 610 0.09 38.00 -38.02
N PRO C 611 -0.66 37.45 -39.00
CA PRO C 611 -0.44 37.72 -40.41
C PRO C 611 -1.37 38.76 -41.01
N LYS C 612 -1.00 39.27 -42.19
CA LYS C 612 -1.84 40.19 -42.96
C LYS C 612 -2.35 39.50 -44.22
N VAL C 613 -3.65 39.65 -44.49
CA VAL C 613 -4.26 39.05 -45.69
C VAL C 613 -4.82 40.10 -46.67
N TYR C 614 -4.48 39.96 -47.94
CA TYR C 614 -4.86 40.93 -48.95
C TYR C 614 -5.83 40.33 -49.94
N LEU C 615 -7.03 40.89 -50.03
CA LEU C 615 -7.99 40.41 -51.00
C LEU C 615 -7.92 41.33 -52.21
N ASN C 616 -7.51 40.77 -53.35
CA ASN C 616 -7.34 41.53 -54.58
C ASN C 616 -6.52 42.78 -54.34
N GLY C 617 -5.44 42.65 -53.59
CA GLY C 617 -4.54 43.76 -53.38
C GLY C 617 -4.89 44.60 -52.18
N GLN C 618 -6.11 44.48 -51.69
CA GLN C 618 -6.53 45.27 -50.53
C GLN C 618 -6.43 44.54 -49.19
N GLU C 619 -5.68 45.11 -48.25
CA GLU C 619 -5.55 44.48 -46.95
C GLU C 619 -6.91 44.36 -46.26
N LEU C 620 -7.18 43.19 -45.71
CA LEU C 620 -8.36 42.95 -44.92
C LEU C 620 -8.11 43.39 -43.48
N SER C 621 -9.17 43.60 -42.72
CA SER C 621 -9.01 43.95 -41.34
C SER C 621 -9.99 43.18 -40.50
N GLY C 622 -9.76 43.16 -39.19
CA GLY C 622 -10.61 42.42 -38.27
C GLY C 622 -9.99 41.10 -37.86
N ILE C 623 -8.79 40.82 -38.32
CA ILE C 623 -8.19 39.57 -37.90
C ILE C 623 -8.63 39.30 -36.45
N ARG C 624 -9.12 38.08 -36.19
CA ARG C 624 -9.36 37.63 -34.81
C ARG C 624 -8.95 36.18 -34.60
N ASN C 625 -8.80 35.78 -33.33
CA ASN C 625 -8.28 34.47 -32.98
C ASN C 625 -9.29 33.37 -33.13
N GLY C 626 -8.82 32.21 -33.59
CA GLY C 626 -9.63 31.00 -33.63
C GLY C 626 -9.41 30.22 -32.35
N TYR C 627 -9.39 28.91 -32.44
CA TYR C 627 -9.36 28.09 -31.25
C TYR C 627 -7.97 27.90 -30.59
N THR C 628 -6.89 28.12 -31.35
CA THR C 628 -5.55 28.06 -30.79
C THR C 628 -4.77 29.28 -31.20
N ASP C 629 -3.62 29.50 -30.58
CA ASP C 629 -2.82 30.71 -30.85
C ASP C 629 -2.21 30.73 -32.26
N VAL C 630 -2.51 29.72 -33.06
CA VAL C 630 -1.93 29.64 -34.39
C VAL C 630 -3.05 29.79 -35.39
N HIS C 631 -4.25 29.97 -34.86
CA HIS C 631 -5.48 29.99 -35.66
C HIS C 631 -6.01 31.42 -35.81
N TYR C 632 -6.08 31.91 -37.05
CA TYR C 632 -6.56 33.25 -37.32
C TYR C 632 -7.73 33.24 -38.28
N VAL C 633 -8.74 34.05 -38.01
CA VAL C 633 -9.91 34.13 -38.88
C VAL C 633 -10.32 35.54 -39.24
N PHE C 634 -10.74 35.73 -40.49
CA PHE C 634 -11.44 36.94 -40.93
C PHE C 634 -12.92 36.65 -41.18
N ASP C 635 -13.79 37.38 -40.47
CA ASP C 635 -15.23 37.23 -40.62
C ASP C 635 -15.78 38.22 -41.64
N ASN C 636 -16.83 37.82 -42.36
CA ASN C 636 -17.52 38.72 -43.28
C ASN C 636 -16.62 39.34 -44.32
N VAL C 637 -15.97 38.50 -45.11
CA VAL C 637 -15.17 38.98 -46.22
C VAL C 637 -16.10 38.99 -47.43
N SER C 638 -16.03 40.05 -48.21
CA SER C 638 -16.83 40.18 -49.41
C SER C 638 -15.99 39.91 -50.64
N LEU C 639 -16.45 39.03 -51.51
CA LEU C 639 -15.70 38.74 -52.72
C LEU C 639 -16.17 39.60 -53.89
N ALA C 640 -15.21 39.99 -54.72
CA ALA C 640 -15.54 40.66 -55.96
C ALA C 640 -16.11 39.63 -56.92
N ASP C 641 -16.95 40.08 -57.84
CA ASP C 641 -17.37 39.22 -58.94
C ASP C 641 -16.15 38.71 -59.67
N GLY C 642 -16.18 37.44 -60.04
CA GLY C 642 -15.09 36.87 -60.79
C GLY C 642 -13.97 36.32 -59.92
N LYS C 643 -12.79 36.88 -60.12
CA LYS C 643 -11.57 36.30 -59.59
C LYS C 643 -11.11 37.02 -58.34
N ASN C 644 -10.88 36.27 -57.29
CA ASN C 644 -10.47 36.81 -56.01
C ASN C 644 -9.13 36.23 -55.60
N ILE C 645 -8.09 37.04 -55.54
CA ILE C 645 -6.79 36.58 -55.03
C ILE C 645 -6.68 36.86 -53.54
N LEU C 646 -6.44 35.83 -52.74
CA LEU C 646 -6.12 36.02 -51.32
C LEU C 646 -4.63 35.81 -51.09
N LYS C 647 -3.98 36.81 -50.50
CA LYS C 647 -2.54 36.71 -50.23
C LYS C 647 -2.18 36.96 -48.75
N ALA C 648 -1.24 36.17 -48.24
CA ALA C 648 -0.91 36.20 -46.83
C ALA C 648 0.58 36.43 -46.59
N VAL C 649 0.89 37.31 -45.64
CA VAL C 649 2.27 37.74 -45.41
C VAL C 649 2.61 37.78 -43.91
N VAL C 650 3.84 37.40 -43.57
CA VAL C 650 4.39 37.48 -42.21
C VAL C 650 5.92 37.45 -42.27
N SER C 651 6.57 38.28 -41.46
CA SER C 651 8.05 38.24 -41.32
C SER C 651 8.43 37.60 -39.98
N THR C 652 9.65 37.06 -39.84
CA THR C 652 9.98 36.47 -38.54
C THR C 652 11.37 36.75 -37.97
N LYS C 653 12.42 36.39 -38.71
CA LYS C 653 13.76 36.78 -38.34
C LYS C 653 14.21 37.73 -39.44
N GLY C 654 13.44 38.79 -39.66
CA GLY C 654 13.64 39.61 -40.85
C GLY C 654 13.70 38.77 -42.11
N LYS C 655 12.90 37.71 -42.17
CA LYS C 655 12.66 36.96 -43.42
C LYS C 655 11.16 36.88 -43.57
N GLU C 656 10.68 37.07 -44.80
CA GLU C 656 9.26 37.20 -45.03
C GLU C 656 8.61 35.95 -45.60
N TYR C 657 7.39 35.67 -45.14
CA TYR C 657 6.63 34.51 -45.61
C TYR C 657 5.33 34.91 -46.30
N THR C 658 4.92 34.05 -47.22
CA THR C 658 3.90 34.33 -48.21
C THR C 658 3.03 33.12 -48.44
N ASP C 659 1.75 33.33 -48.71
CA ASP C 659 0.93 32.25 -49.26
C ASP C 659 -0.16 32.91 -50.08
N GLU C 660 -0.48 32.32 -51.21
CA GLU C 660 -1.47 32.91 -52.08
C GLU C 660 -2.39 31.83 -52.61
N ILE C 661 -3.69 32.11 -52.59
CA ILE C 661 -4.66 31.19 -53.15
C ILE C 661 -5.65 32.00 -53.93
N GLU C 662 -6.50 31.31 -54.68
CA GLU C 662 -7.30 31.98 -55.67
C GLU C 662 -8.71 31.40 -55.73
N TRP C 663 -9.69 32.23 -55.42
CA TRP C 663 -11.10 31.84 -55.42
C TRP C 663 -11.88 32.54 -56.51
N ASN C 664 -12.97 31.91 -56.95
CA ASN C 664 -13.84 32.48 -57.97
C ASN C 664 -15.27 32.58 -57.48
N TYR C 665 -15.86 33.75 -57.62
CA TYR C 665 -17.25 33.92 -57.22
C TYR C 665 -18.09 34.42 -58.36
N SER C 666 -19.15 33.70 -58.67
CA SER C 666 -20.03 34.12 -59.73
C SER C 666 -21.46 33.79 -59.37
N GLY C 667 -21.86 34.20 -58.16
CA GLY C 667 -23.24 34.06 -57.75
C GLY C 667 -23.41 33.04 -56.66
N GLU C 668 -24.55 33.07 -56.00
CA GLU C 668 -24.81 32.16 -54.89
C GLU C 668 -24.99 30.73 -55.38
N LYS C 669 -24.35 29.79 -54.68
CA LYS C 669 -24.76 28.38 -54.78
C LYS C 669 -24.56 27.63 -53.49
N ASN C 670 -25.01 26.38 -53.49
CA ASN C 670 -24.91 25.54 -52.32
C ASN C 670 -24.69 24.09 -52.72
N ARG C 671 -23.44 23.67 -52.72
CA ARG C 671 -23.14 22.31 -53.11
C ARG C 671 -23.67 21.35 -52.08
N GLU C 672 -24.18 21.89 -50.98
CA GLU C 672 -24.66 21.05 -49.90
C GLU C 672 -26.12 20.72 -50.09
N ILE C 673 -26.92 21.71 -50.49
CA ILE C 673 -28.32 21.45 -50.83
C ILE C 673 -28.38 20.55 -52.04
N ASP C 674 -27.24 20.29 -52.64
CA ASP C 674 -27.17 19.52 -53.87
C ASP C 674 -27.09 18.02 -53.73
N SER C 675 -27.27 17.47 -52.53
CA SER C 675 -27.22 16.01 -52.38
C SER C 675 -28.56 15.37 -52.00
N LEU D 3 -11.12 -18.24 6.01
CA LEU D 3 -11.19 -18.66 4.56
C LEU D 3 -12.25 -17.86 3.77
N ALA D 4 -11.77 -16.87 3.02
CA ALA D 4 -12.63 -15.91 2.32
C ALA D 4 -13.03 -16.33 0.91
N ARG D 5 -12.22 -17.13 0.24
CA ARG D 5 -12.60 -17.54 -1.10
C ARG D 5 -13.55 -18.73 -1.02
N GLN D 6 -14.55 -18.77 -1.88
CA GLN D 6 -15.46 -19.90 -1.85
C GLN D 6 -15.25 -20.80 -3.05
N VAL D 7 -15.03 -22.07 -2.77
CA VAL D 7 -14.68 -23.00 -3.80
C VAL D 7 -15.58 -24.20 -3.59
N THR D 8 -16.52 -24.42 -4.50
CA THR D 8 -17.41 -25.54 -4.26
C THR D 8 -17.58 -26.46 -5.48
N ALA D 9 -17.74 -27.76 -5.19
CA ALA D 9 -17.93 -28.74 -6.25
C ALA D 9 -19.14 -28.37 -7.08
N PHE D 10 -18.99 -28.45 -8.40
CA PHE D 10 -20.07 -28.13 -9.31
C PHE D 10 -20.39 -29.33 -10.21
N ASN D 11 -20.15 -30.55 -9.71
CA ASN D 11 -20.30 -31.78 -10.51
C ASN D 11 -21.69 -32.34 -10.50
N THR D 12 -22.58 -31.70 -9.78
CA THR D 12 -23.86 -32.27 -9.55
C THR D 12 -24.93 -31.72 -10.48
N GLY D 13 -25.87 -32.58 -10.83
CA GLY D 13 -27.04 -32.15 -11.60
C GLY D 13 -26.85 -31.72 -13.04
N TRP D 14 -25.94 -32.35 -13.76
CA TRP D 14 -25.87 -32.14 -15.21
C TRP D 14 -26.65 -33.19 -16.03
N GLN D 15 -27.17 -32.73 -17.17
CA GLN D 15 -27.73 -33.63 -18.19
C GLN D 15 -26.83 -33.66 -19.41
N PHE D 16 -26.92 -34.73 -20.18
CA PHE D 16 -26.01 -34.98 -21.29
C PHE D 16 -26.74 -35.52 -22.52
N LYS D 17 -26.38 -34.99 -23.68
CA LYS D 17 -26.87 -35.44 -24.99
C LYS D 17 -25.69 -35.67 -25.92
N LYS D 18 -25.50 -36.90 -26.34
CA LYS D 18 -24.38 -37.23 -27.22
C LYS D 18 -24.77 -37.15 -28.69
N GLY D 19 -23.82 -36.78 -29.54
CA GLY D 19 -24.03 -36.77 -31.00
C GLY D 19 -23.95 -38.19 -31.53
N PRO D 20 -23.79 -38.36 -32.86
CA PRO D 20 -23.65 -37.30 -33.86
C PRO D 20 -24.96 -36.56 -34.00
N PHE D 21 -24.93 -35.39 -34.62
CA PHE D 21 -26.14 -34.59 -34.78
C PHE D 21 -26.43 -34.35 -36.26
N ALA D 22 -27.71 -34.37 -36.64
CA ALA D 22 -28.08 -34.18 -38.05
C ALA D 22 -27.75 -32.77 -38.51
N THR D 23 -27.52 -32.62 -39.82
CA THR D 23 -27.21 -31.32 -40.41
C THR D 23 -28.42 -30.43 -40.73
N ASP D 24 -29.58 -31.02 -40.98
CA ASP D 24 -30.80 -30.26 -41.21
C ASP D 24 -31.27 -29.59 -39.91
N PRO D 25 -31.58 -28.27 -39.94
CA PRO D 25 -32.01 -27.67 -38.64
C PRO D 25 -33.30 -28.28 -38.12
N MET D 26 -34.24 -28.57 -39.02
CA MET D 26 -35.46 -29.26 -38.62
C MET D 26 -35.06 -30.50 -37.80
N ARG D 27 -34.22 -31.36 -38.38
CA ARG D 27 -33.87 -32.62 -37.71
C ARG D 27 -32.95 -32.45 -36.50
N ALA D 28 -31.99 -31.54 -36.59
CA ALA D 28 -31.17 -31.17 -35.43
C ALA D 28 -32.02 -30.74 -34.21
N ALA D 29 -32.91 -29.76 -34.40
CA ALA D 29 -33.80 -29.30 -33.32
C ALA D 29 -34.59 -30.41 -32.64
N SER D 30 -34.91 -31.47 -33.38
CA SER D 30 -35.62 -32.61 -32.81
C SER D 30 -34.73 -33.33 -31.82
N GLN D 31 -33.51 -33.64 -32.28
CA GLN D 31 -32.51 -34.31 -31.47
C GLN D 31 -32.32 -33.47 -30.21
N TRP D 32 -32.16 -32.17 -30.38
CA TRP D 32 -31.96 -31.30 -29.24
C TRP D 32 -33.14 -31.37 -28.27
N ASP D 33 -34.33 -31.58 -28.82
CA ASP D 33 -35.51 -31.51 -28.00
C ASP D 33 -35.80 -32.82 -27.34
N GLY D 34 -35.08 -33.86 -27.76
CA GLY D 34 -35.27 -35.19 -27.22
C GLY D 34 -34.76 -35.35 -25.80
N LYS D 35 -34.66 -36.59 -25.36
CA LYS D 35 -34.27 -36.91 -24.01
C LYS D 35 -32.77 -36.66 -23.78
N TRP D 36 -32.44 -36.00 -22.67
CA TRP D 36 -31.05 -35.92 -22.25
C TRP D 36 -30.85 -36.88 -21.09
N GLU D 37 -29.71 -37.56 -21.08
CA GLU D 37 -29.42 -38.48 -20.01
C GLU D 37 -28.84 -37.72 -18.83
N THR D 38 -29.24 -38.13 -17.63
CA THR D 38 -28.78 -37.46 -16.43
C THR D 38 -27.48 -38.10 -15.93
N VAL D 39 -26.50 -37.26 -15.62
CA VAL D 39 -25.12 -37.71 -15.63
C VAL D 39 -24.39 -37.12 -14.44
N GLU D 40 -23.51 -37.88 -13.81
CA GLU D 40 -22.64 -37.29 -12.82
C GLU D 40 -21.20 -37.04 -13.31
N ILE D 41 -20.61 -35.95 -12.83
CA ILE D 41 -19.23 -35.67 -13.09
C ILE D 41 -18.42 -36.26 -11.94
N PRO D 42 -17.28 -36.87 -12.25
CA PRO D 42 -16.73 -36.95 -13.62
C PRO D 42 -17.50 -37.88 -14.55
N HIS D 43 -17.52 -37.55 -15.82
CA HIS D 43 -18.23 -38.35 -16.79
C HIS D 43 -17.42 -38.45 -18.07
N THR D 44 -17.70 -39.45 -18.90
CA THR D 44 -17.14 -39.53 -20.24
C THR D 44 -18.02 -40.46 -21.06
N TRP D 45 -18.07 -40.28 -22.38
CA TRP D 45 -18.84 -41.20 -23.22
C TRP D 45 -18.05 -42.39 -23.81
N ASN D 46 -16.75 -42.49 -23.56
CA ASN D 46 -15.95 -43.60 -24.09
C ASN D 46 -15.51 -44.65 -23.07
N ALA D 47 -16.19 -44.72 -21.93
CA ALA D 47 -15.75 -45.67 -20.89
C ALA D 47 -15.87 -47.12 -21.41
N MET D 48 -16.84 -47.36 -22.28
CA MET D 48 -17.08 -48.69 -22.79
C MET D 48 -16.53 -48.85 -24.22
N ASP D 49 -16.89 -47.95 -25.13
CA ASP D 49 -16.55 -48.13 -26.52
C ASP D 49 -15.06 -47.91 -26.85
N MET D 50 -14.33 -47.23 -25.98
CA MET D 50 -12.90 -47.14 -26.16
C MET D 50 -12.13 -48.30 -25.52
N GLN D 51 -12.82 -49.20 -24.80
CA GLN D 51 -12.13 -50.27 -24.09
C GLN D 51 -12.53 -51.68 -24.55
N VAL D 52 -13.82 -51.85 -24.86
CA VAL D 52 -14.42 -53.16 -25.11
C VAL D 52 -14.13 -53.74 -26.50
N GLN D 53 -13.81 -52.89 -27.45
CA GLN D 53 -13.60 -53.30 -28.84
C GLN D 53 -12.52 -52.41 -29.43
N SER D 54 -12.07 -52.68 -30.65
CA SER D 54 -11.20 -51.72 -31.30
C SER D 54 -11.81 -51.16 -32.59
N GLY D 55 -11.24 -50.07 -33.10
CA GLY D 55 -11.73 -49.40 -34.29
C GLY D 55 -13.22 -49.10 -34.27
N SER D 56 -13.75 -48.64 -33.15
CA SER D 56 -15.19 -48.54 -33.03
C SER D 56 -15.65 -47.78 -31.80
N PHE D 57 -15.44 -46.46 -31.77
CA PHE D 57 -15.80 -45.63 -30.60
C PHE D 57 -16.27 -44.25 -31.07
N TYR D 58 -17.28 -43.71 -30.42
CA TYR D 58 -17.79 -42.42 -30.84
C TYR D 58 -16.78 -41.31 -30.56
N GLU D 59 -16.57 -40.47 -31.55
CA GLU D 59 -15.55 -39.48 -31.47
C GLU D 59 -16.07 -38.22 -32.15
N GLY D 60 -16.84 -37.42 -31.44
CA GLY D 60 -17.37 -36.16 -31.94
C GLY D 60 -17.95 -35.32 -30.82
N ALA D 61 -19.05 -34.62 -31.09
CA ALA D 61 -19.58 -33.66 -30.12
C ALA D 61 -20.59 -34.25 -29.13
N GLY D 62 -20.67 -33.60 -27.96
CA GLY D 62 -21.68 -33.90 -26.96
C GLY D 62 -21.90 -32.66 -26.11
N TYR D 63 -23.13 -32.50 -25.63
CA TYR D 63 -23.45 -31.31 -24.87
C TYR D 63 -23.77 -31.74 -23.46
N TYR D 64 -23.48 -30.83 -22.54
CA TYR D 64 -23.81 -31.01 -21.17
C TYR D 64 -24.59 -29.78 -20.76
N ARG D 65 -25.65 -30.01 -20.00
CA ARG D 65 -26.54 -28.93 -19.59
C ARG D 65 -26.87 -28.94 -18.10
N LYS D 66 -26.97 -27.76 -17.53
CA LYS D 66 -27.30 -27.64 -16.12
C LYS D 66 -27.91 -26.29 -15.85
N THR D 67 -28.83 -26.29 -14.91
CA THR D 67 -29.50 -25.07 -14.54
C THR D 67 -29.42 -24.93 -13.03
N GLN D 68 -29.38 -23.70 -12.54
CA GLN D 68 -28.84 -23.45 -11.24
C GLN D 68 -29.23 -22.07 -10.75
N PHE D 69 -29.78 -22.03 -9.55
CA PHE D 69 -30.12 -20.79 -8.91
C PHE D 69 -28.88 -20.05 -8.43
N PHE D 70 -28.77 -18.77 -8.78
CA PHE D 70 -27.76 -17.92 -8.19
C PHE D 70 -28.51 -16.81 -7.46
N PRO D 71 -28.30 -16.70 -6.14
CA PRO D 71 -28.90 -15.75 -5.19
C PRO D 71 -28.40 -14.32 -5.32
N HIS D 72 -29.05 -13.39 -4.64
CA HIS D 72 -28.70 -11.98 -4.80
C HIS D 72 -27.42 -11.57 -4.07
N ASP D 73 -27.07 -12.29 -3.01
CA ASP D 73 -25.85 -12.02 -2.23
C ASP D 73 -24.55 -12.24 -3.03
N LEU D 74 -24.67 -12.44 -4.34
CA LEU D 74 -23.51 -12.59 -5.20
C LEU D 74 -23.20 -11.23 -5.82
N GLU D 75 -24.02 -10.23 -5.48
CA GLU D 75 -23.81 -8.86 -5.93
C GLU D 75 -22.38 -8.35 -5.59
N GLY D 76 -21.72 -7.73 -6.56
CA GLY D 76 -20.42 -7.15 -6.31
C GLY D 76 -19.37 -8.22 -6.05
N LYS D 77 -19.77 -9.48 -6.13
CA LYS D 77 -18.83 -10.59 -6.09
C LYS D 77 -18.41 -10.93 -7.51
N ARG D 78 -17.37 -11.73 -7.68
CA ARG D 78 -17.02 -12.26 -8.99
C ARG D 78 -17.19 -13.77 -8.97
N VAL D 79 -17.84 -14.32 -10.01
CA VAL D 79 -18.09 -15.76 -10.07
C VAL D 79 -17.28 -16.45 -11.16
N PHE D 80 -16.85 -17.69 -10.90
CA PHE D 80 -15.99 -18.42 -11.81
C PHE D 80 -16.36 -19.87 -11.96
N LEU D 81 -16.19 -20.40 -13.17
CA LEU D 81 -16.24 -21.84 -13.35
C LEU D 81 -14.85 -22.33 -13.67
N ARG D 82 -14.40 -23.31 -12.91
CA ARG D 82 -13.10 -23.88 -13.19
C ARG D 82 -13.21 -25.36 -13.54
N PHE D 83 -12.90 -25.70 -14.79
CA PHE D 83 -12.98 -27.09 -15.21
C PHE D 83 -11.62 -27.75 -15.12
N GLU D 84 -11.50 -28.77 -14.29
CA GLU D 84 -10.23 -29.49 -14.23
C GLU D 84 -9.81 -30.12 -15.57
N GLY D 85 -10.75 -30.76 -16.27
CA GLY D 85 -10.42 -31.41 -17.54
C GLY D 85 -11.66 -31.72 -18.36
N VAL D 86 -11.58 -31.50 -19.67
CA VAL D 86 -12.65 -31.83 -20.59
C VAL D 86 -12.05 -32.28 -21.91
N GLY D 87 -12.57 -33.37 -22.47
CA GLY D 87 -11.96 -33.92 -23.68
C GLY D 87 -12.87 -33.73 -24.88
N ALA D 88 -12.38 -33.10 -25.94
CA ALA D 88 -11.03 -32.51 -25.99
C ALA D 88 -11.08 -30.99 -26.16
N CYS D 89 -12.06 -30.51 -26.94
CA CYS D 89 -12.34 -29.08 -27.06
C CYS D 89 -13.61 -28.81 -26.31
N ALA D 90 -13.75 -27.60 -25.79
CA ALA D 90 -14.93 -27.27 -25.02
C ALA D 90 -15.34 -25.81 -25.24
N GLU D 91 -16.62 -25.53 -25.04
CA GLU D 91 -17.07 -24.14 -25.08
C GLU D 91 -18.14 -24.05 -24.04
N VAL D 92 -18.08 -23.02 -23.21
CA VAL D 92 -19.07 -22.90 -22.16
C VAL D 92 -19.98 -21.74 -22.47
N TYR D 93 -21.28 -21.94 -22.32
CA TYR D 93 -22.23 -20.87 -22.53
C TYR D 93 -22.97 -20.66 -21.24
N VAL D 94 -23.16 -19.40 -20.85
CA VAL D 94 -23.97 -19.07 -19.70
C VAL D 94 -25.13 -18.16 -20.14
N ASN D 95 -26.34 -18.65 -19.89
CA ASN D 95 -27.53 -18.12 -20.52
C ASN D 95 -27.34 -17.82 -22.02
N GLY D 96 -26.71 -18.75 -22.74
CA GLY D 96 -26.47 -18.58 -24.17
C GLY D 96 -25.24 -17.77 -24.53
N LYS D 97 -24.75 -16.95 -23.59
CA LYS D 97 -23.53 -16.15 -23.81
C LYS D 97 -22.29 -16.98 -23.72
N LEU D 98 -21.45 -16.92 -24.75
CA LEU D 98 -20.15 -17.61 -24.74
C LEU D 98 -19.26 -17.08 -23.63
N ALA D 99 -18.79 -17.98 -22.75
CA ALA D 99 -17.93 -17.61 -21.61
C ALA D 99 -16.47 -17.97 -21.86
N GLY D 100 -16.23 -19.12 -22.47
CA GLY D 100 -14.84 -19.52 -22.70
C GLY D 100 -14.77 -20.72 -23.59
N THR D 101 -13.65 -20.88 -24.26
CA THR D 101 -13.44 -22.07 -25.05
C THR D 101 -12.01 -22.56 -24.85
N HIS D 102 -11.79 -23.84 -25.07
CA HIS D 102 -10.53 -24.43 -24.76
C HIS D 102 -10.24 -25.55 -25.72
N LYS D 103 -8.97 -25.70 -26.05
CA LYS D 103 -8.56 -26.83 -26.82
C LYS D 103 -7.49 -27.60 -26.05
N GLY D 104 -7.62 -28.92 -25.99
CA GLY D 104 -6.79 -29.73 -25.12
C GLY D 104 -7.60 -30.45 -24.03
N GLY D 105 -7.75 -31.75 -24.21
CA GLY D 105 -8.48 -32.53 -23.26
C GLY D 105 -7.68 -32.92 -22.02
N TYR D 106 -6.65 -32.16 -21.67
CA TYR D 106 -5.88 -32.52 -20.45
C TYR D 106 -5.48 -31.35 -19.53
N SER D 107 -5.89 -30.14 -19.87
CA SER D 107 -5.57 -29.04 -18.99
C SER D 107 -6.81 -28.39 -18.48
N ALA D 108 -6.70 -27.78 -17.31
CA ALA D 108 -7.82 -27.11 -16.69
C ALA D 108 -8.11 -25.85 -17.46
N PHE D 109 -9.24 -25.24 -17.15
CA PHE D 109 -9.52 -23.91 -17.61
C PHE D 109 -10.63 -23.32 -16.79
N ALA D 110 -10.64 -22.00 -16.72
CA ALA D 110 -11.61 -21.25 -15.94
C ALA D 110 -12.17 -20.14 -16.80
N CYS D 111 -13.35 -19.68 -16.44
CA CYS D 111 -13.82 -18.41 -16.93
C CYS D 111 -14.72 -17.74 -15.92
N GLU D 112 -14.70 -16.41 -15.96
CA GLU D 112 -15.57 -15.60 -15.16
C GLU D 112 -16.96 -15.64 -15.76
N ILE D 113 -17.96 -16.08 -14.99
CA ILE D 113 -19.31 -16.12 -15.53
C ILE D 113 -20.14 -15.06 -14.85
N GLY D 114 -19.64 -14.61 -13.69
CA GLY D 114 -20.25 -13.57 -12.88
C GLY D 114 -21.11 -12.63 -13.69
N THR D 115 -20.50 -11.85 -14.57
CA THR D 115 -21.19 -10.81 -15.32
C THR D 115 -22.18 -11.30 -16.37
N ALA D 116 -22.42 -12.59 -16.43
CA ALA D 116 -23.41 -13.06 -17.38
C ALA D 116 -24.56 -13.76 -16.66
N LEU D 117 -24.47 -13.90 -15.35
CA LEU D 117 -25.52 -14.50 -14.55
C LEU D 117 -26.61 -13.49 -14.31
N LYS D 118 -27.86 -13.93 -14.18
CA LYS D 118 -28.89 -13.06 -13.61
C LYS D 118 -29.18 -13.49 -12.18
N LEU D 119 -28.60 -12.79 -11.22
CA LEU D 119 -28.69 -13.16 -9.82
C LEU D 119 -30.14 -13.16 -9.37
N GLY D 120 -30.43 -13.88 -8.31
CA GLY D 120 -31.79 -14.00 -7.87
C GLY D 120 -32.59 -14.86 -8.82
N ALA D 121 -31.93 -15.45 -9.82
CA ALA D 121 -32.66 -16.20 -10.85
C ALA D 121 -32.09 -17.61 -11.05
N GLU D 122 -32.66 -18.35 -11.98
CA GLU D 122 -32.04 -19.60 -12.41
C GLU D 122 -31.23 -19.36 -13.66
N ASN D 123 -30.07 -20.00 -13.76
CA ASN D 123 -29.21 -19.75 -14.90
C ASN D 123 -28.83 -21.06 -15.59
N GLU D 124 -28.71 -21.02 -16.91
CA GLU D 124 -28.47 -22.24 -17.65
C GLU D 124 -27.01 -22.28 -18.05
N ILE D 125 -26.30 -23.30 -17.61
CA ILE D 125 -24.94 -23.50 -18.03
C ILE D 125 -24.95 -24.60 -19.08
N ILE D 126 -24.18 -24.44 -20.15
CA ILE D 126 -24.02 -25.46 -21.18
C ILE D 126 -22.58 -25.59 -21.62
N VAL D 127 -22.11 -26.82 -21.73
CA VAL D 127 -20.80 -27.10 -22.28
C VAL D 127 -20.89 -27.97 -23.53
N LYS D 128 -20.38 -27.47 -24.64
CA LYS D 128 -20.19 -28.25 -25.85
C LYS D 128 -18.81 -28.93 -25.70
N ALA D 129 -18.79 -30.26 -25.75
CA ALA D 129 -17.51 -30.97 -25.72
C ALA D 129 -17.34 -31.77 -27.02
N ASP D 130 -16.11 -31.82 -27.52
CA ASP D 130 -15.89 -32.54 -28.75
C ASP D 130 -14.52 -33.18 -28.76
N ASN D 131 -14.46 -34.50 -28.97
CA ASN D 131 -13.15 -35.19 -29.00
C ASN D 131 -12.71 -35.76 -30.36
N LYS D 132 -13.31 -35.32 -31.45
CA LYS D 132 -12.82 -35.77 -32.74
C LYS D 132 -11.41 -35.25 -32.96
N ALA D 133 -10.52 -36.08 -33.46
CA ALA D 133 -9.15 -35.59 -33.68
C ALA D 133 -9.09 -34.53 -34.78
N ARG D 134 -8.36 -33.44 -34.54
CA ARG D 134 -8.10 -32.42 -35.58
C ARG D 134 -6.60 -32.16 -35.74
N PRO D 135 -6.16 -31.80 -36.94
CA PRO D 135 -4.71 -31.67 -37.15
C PRO D 135 -4.03 -30.49 -36.44
N ASP D 136 -4.82 -29.68 -35.74
CA ASP D 136 -4.29 -28.47 -35.16
C ASP D 136 -4.25 -28.56 -33.64
N VAL D 137 -4.65 -29.71 -33.12
CA VAL D 137 -4.70 -29.92 -31.68
C VAL D 137 -4.03 -31.24 -31.31
N ILE D 138 -3.19 -31.24 -30.28
CA ILE D 138 -2.53 -32.49 -29.90
C ILE D 138 -3.32 -33.19 -28.81
N PRO D 139 -3.30 -34.52 -28.81
CA PRO D 139 -2.64 -35.35 -29.81
C PRO D 139 -3.46 -35.32 -31.12
N VAL D 140 -2.80 -35.40 -32.27
CA VAL D 140 -3.53 -35.32 -33.54
C VAL D 140 -4.31 -36.60 -33.93
N ASN D 141 -4.06 -37.73 -33.28
CA ASN D 141 -4.82 -38.92 -33.63
C ASN D 141 -5.00 -39.74 -32.40
N GLN D 142 -5.64 -40.91 -32.52
CA GLN D 142 -6.02 -41.69 -31.33
C GLN D 142 -5.24 -42.99 -31.29
N ASN D 143 -4.03 -42.98 -31.84
CA ASN D 143 -3.28 -44.22 -32.00
C ASN D 143 -2.63 -44.85 -30.77
N LEU D 144 -1.61 -44.20 -30.23
CA LEU D 144 -1.03 -44.59 -28.95
C LEU D 144 -2.09 -44.81 -27.86
N PHE D 145 -3.14 -44.01 -27.90
CA PHE D 145 -4.13 -44.06 -26.83
C PHE D 145 -5.27 -43.16 -27.28
N GLY D 146 -6.43 -43.30 -26.66
CA GLY D 146 -7.58 -42.52 -27.05
C GLY D 146 -7.91 -41.46 -26.02
N VAL D 147 -8.31 -40.31 -26.52
CA VAL D 147 -8.68 -39.19 -25.70
C VAL D 147 -10.13 -39.30 -25.29
N TYR D 148 -10.41 -40.03 -24.21
CA TYR D 148 -11.79 -40.16 -23.75
C TYR D 148 -12.56 -38.82 -23.75
N GLY D 149 -13.76 -38.82 -24.32
CA GLY D 149 -14.54 -37.59 -24.45
C GLY D 149 -15.37 -37.18 -23.24
N GLY D 150 -15.66 -35.90 -23.13
CA GLY D 150 -16.52 -35.43 -22.08
C GLY D 150 -15.82 -34.78 -20.89
N ILE D 151 -16.62 -34.48 -19.88
CA ILE D 151 -16.15 -33.75 -18.72
C ILE D 151 -15.70 -34.77 -17.69
N TYR D 152 -14.48 -35.23 -17.90
CA TYR D 152 -13.99 -36.40 -17.20
C TYR D 152 -13.15 -36.05 -15.98
N ARG D 153 -13.09 -34.76 -15.63
CA ARG D 153 -12.56 -34.34 -14.32
C ARG D 153 -13.52 -33.34 -13.67
N PRO D 154 -13.40 -33.13 -12.35
CA PRO D 154 -14.43 -32.36 -11.63
C PRO D 154 -14.46 -30.91 -12.04
N VAL D 155 -15.62 -30.29 -11.85
CA VAL D 155 -15.83 -28.85 -12.12
C VAL D 155 -16.08 -28.10 -10.81
N TRP D 156 -15.52 -26.91 -10.70
CA TRP D 156 -15.67 -26.15 -9.48
C TRP D 156 -16.32 -24.79 -9.72
N LEU D 157 -17.12 -24.37 -8.74
CA LEU D 157 -17.61 -23.02 -8.66
C LEU D 157 -16.68 -22.23 -7.75
N ILE D 158 -16.20 -21.08 -8.21
CA ILE D 158 -15.31 -20.24 -7.39
C ILE D 158 -15.86 -18.83 -7.27
N VAL D 159 -16.11 -18.40 -6.04
CA VAL D 159 -16.60 -17.06 -5.78
C VAL D 159 -15.54 -16.21 -5.07
N THR D 160 -15.34 -14.97 -5.52
CA THR D 160 -14.39 -14.07 -4.85
C THR D 160 -14.93 -12.64 -4.75
N GLU D 161 -14.18 -11.76 -4.11
CA GLU D 161 -14.50 -10.34 -4.06
C GLU D 161 -14.08 -9.68 -5.35
N GLN D 162 -14.34 -8.38 -5.45
CA GLN D 162 -14.02 -7.62 -6.63
C GLN D 162 -12.52 -7.57 -6.89
N ASN D 163 -11.74 -7.50 -5.81
CA ASN D 163 -10.30 -7.61 -5.91
C ASN D 163 -9.92 -8.99 -5.47
N ASN D 164 -9.08 -9.66 -6.24
CA ASN D 164 -8.73 -11.02 -5.91
C ASN D 164 -7.33 -11.43 -6.41
N ILE D 165 -6.84 -12.55 -5.92
CA ILE D 165 -5.73 -13.21 -6.56
C ILE D 165 -6.31 -13.84 -7.83
N THR D 166 -5.75 -13.48 -8.98
CA THR D 166 -6.38 -13.82 -10.26
C THR D 166 -6.72 -15.30 -10.27
N VAL D 167 -7.91 -15.66 -10.76
CA VAL D 167 -8.17 -17.07 -10.99
C VAL D 167 -8.20 -17.46 -12.47
N THR D 168 -7.87 -16.53 -13.36
CA THR D 168 -7.92 -16.94 -14.76
C THR D 168 -6.60 -16.70 -15.43
N ASP D 169 -5.53 -17.07 -14.74
CA ASP D 169 -4.23 -17.08 -15.41
C ASP D 169 -3.95 -18.48 -15.95
N CYS D 170 -4.46 -18.82 -17.14
CA CYS D 170 -4.34 -20.18 -17.58
C CYS D 170 -4.84 -21.11 -16.51
N ALA D 171 -5.82 -20.66 -15.74
CA ALA D 171 -6.43 -21.48 -14.73
C ALA D 171 -5.42 -21.94 -13.68
N SER D 172 -4.31 -21.22 -13.58
CA SER D 172 -3.30 -21.46 -12.54
C SER D 172 -3.74 -21.02 -11.15
N PRO D 173 -2.95 -21.38 -10.14
CA PRO D 173 -3.41 -20.91 -8.83
C PRO D 173 -3.27 -19.41 -8.73
N GLY D 174 -2.60 -18.80 -9.70
CA GLY D 174 -2.32 -17.35 -9.63
C GLY D 174 -1.12 -17.01 -8.76
N VAL D 175 -0.40 -18.03 -8.29
CA VAL D 175 0.77 -17.86 -7.43
C VAL D 175 1.93 -18.68 -7.97
N TYR D 176 3.10 -18.10 -8.10
CA TYR D 176 4.23 -18.84 -8.63
C TYR D 176 5.43 -18.79 -7.69
N ILE D 177 5.87 -19.95 -7.19
CA ILE D 177 7.01 -19.99 -6.26
C ILE D 177 8.24 -20.48 -6.96
N THR D 178 9.37 -19.85 -6.69
CA THR D 178 10.62 -20.31 -7.26
C THR D 178 11.65 -20.29 -6.15
N GLN D 179 12.74 -21.00 -6.36
CA GLN D 179 13.74 -21.10 -5.33
C GLN D 179 15.08 -21.16 -5.99
N LYS D 180 16.08 -20.56 -5.36
CA LYS D 180 17.38 -20.38 -5.95
C LYS D 180 18.47 -20.62 -4.91
N ASP D 181 19.61 -21.13 -5.35
CA ASP D 181 20.76 -21.34 -4.48
C ASP D 181 20.36 -22.16 -3.28
N VAL D 182 19.85 -23.36 -3.52
CA VAL D 182 19.32 -24.19 -2.43
C VAL D 182 20.34 -25.15 -1.84
N SER D 183 20.41 -25.19 -0.51
CA SER D 183 21.31 -26.10 0.18
C SER D 183 20.92 -26.29 1.62
N LYS D 184 21.65 -27.18 2.28
CA LYS D 184 21.48 -27.45 3.68
C LYS D 184 21.37 -26.15 4.48
N LYS D 185 22.04 -25.11 4.00
CA LYS D 185 22.28 -23.91 4.83
C LYS D 185 21.25 -22.80 4.62
N SER D 186 20.99 -22.43 3.38
CA SER D 186 19.84 -21.57 3.07
C SER D 186 19.25 -21.81 1.69
N ALA D 187 18.32 -20.95 1.31
CA ALA D 187 17.59 -21.08 0.05
C ALA D 187 16.68 -19.86 -0.10
N ASP D 188 16.81 -19.14 -1.20
CA ASP D 188 16.02 -17.94 -1.43
C ASP D 188 14.77 -18.30 -2.18
N ILE D 189 13.65 -18.05 -1.53
CA ILE D 189 12.37 -18.30 -2.13
C ILE D 189 11.82 -17.04 -2.72
N THR D 190 11.23 -17.14 -3.91
CA THR D 190 10.48 -16.00 -4.44
C THR D 190 9.03 -16.39 -4.62
N VAL D 191 8.13 -15.52 -4.17
CA VAL D 191 6.71 -15.72 -4.34
C VAL D 191 6.12 -14.59 -5.15
N LYS D 192 5.63 -14.93 -6.33
CA LYS D 192 5.08 -13.95 -7.25
C LYS D 192 3.58 -14.18 -7.32
N VAL D 193 2.82 -13.10 -7.16
CA VAL D 193 1.38 -13.22 -7.06
C VAL D 193 0.74 -12.32 -8.07
N LYS D 194 -0.35 -12.76 -8.68
CA LYS D 194 -1.04 -11.93 -9.67
C LYS D 194 -2.35 -11.44 -9.11
N LEU D 195 -2.52 -10.12 -9.09
CA LEU D 195 -3.70 -9.52 -8.48
C LEU D 195 -4.50 -8.78 -9.52
N ASP D 196 -5.81 -8.77 -9.33
CA ASP D 196 -6.73 -8.16 -10.30
C ASP D 196 -7.82 -7.37 -9.59
N ASN D 197 -8.07 -6.15 -10.06
CA ASN D 197 -9.07 -5.28 -9.47
C ASN D 197 -10.13 -5.00 -10.53
N ALA D 198 -11.19 -5.81 -10.54
CA ALA D 198 -12.27 -5.68 -11.52
C ALA D 198 -13.19 -4.47 -11.35
N GLY D 199 -12.97 -3.67 -10.30
CA GLY D 199 -13.78 -2.48 -10.08
C GLY D 199 -13.29 -1.34 -10.93
N LEU D 200 -13.85 -0.14 -10.74
CA LEU D 200 -13.48 1.01 -11.59
C LEU D 200 -12.52 2.02 -10.93
N GLN D 201 -12.09 1.78 -9.69
CA GLN D 201 -11.24 2.76 -9.00
C GLN D 201 -10.09 2.05 -8.31
N PRO D 202 -9.00 2.76 -8.07
CA PRO D 202 -7.94 2.09 -7.34
C PRO D 202 -8.48 1.68 -5.98
N ALA D 203 -8.07 0.50 -5.49
CA ALA D 203 -8.44 -0.03 -4.17
C ALA D 203 -7.22 -0.23 -3.27
N ALA D 204 -7.34 0.24 -2.03
CA ALA D 204 -6.29 0.13 -1.04
C ALA D 204 -6.35 -1.30 -0.50
N VAL D 205 -5.23 -1.99 -0.53
CA VAL D 205 -5.21 -3.38 -0.14
C VAL D 205 -3.88 -3.69 0.51
N THR D 206 -3.80 -4.91 1.01
CA THR D 206 -2.56 -5.40 1.59
C THR D 206 -2.33 -6.81 1.10
N LEU D 207 -1.12 -7.09 0.64
CA LEU D 207 -0.77 -8.43 0.25
C LEU D 207 0.20 -9.01 1.29
N GLU D 208 -0.23 -10.07 1.95
CA GLU D 208 0.54 -10.70 3.01
C GLU D 208 0.90 -12.15 2.65
N ASN D 209 2.17 -12.42 2.43
CA ASN D 209 2.60 -13.78 2.11
C ASN D 209 3.35 -14.44 3.24
N THR D 210 2.88 -15.59 3.68
CA THR D 210 3.50 -16.26 4.81
C THR D 210 3.97 -17.65 4.43
N ILE D 211 5.12 -18.04 4.95
CA ILE D 211 5.54 -19.42 4.86
C ILE D 211 5.38 -20.13 6.20
N TYR D 212 4.68 -21.25 6.19
CA TYR D 212 4.48 -22.02 7.39
C TYR D 212 5.34 -23.29 7.36
N THR D 213 5.70 -23.83 8.53
CA THR D 213 6.42 -25.11 8.57
C THR D 213 5.38 -26.20 8.40
N GLN D 214 5.81 -27.40 8.03
CA GLN D 214 4.88 -28.50 7.89
C GLN D 214 4.03 -28.54 9.14
N GLU D 215 4.67 -28.28 10.27
CA GLU D 215 4.01 -28.43 11.56
C GLU D 215 3.02 -27.31 11.83
N GLY D 216 3.29 -26.10 11.34
CA GLY D 216 2.34 -24.98 11.38
C GLY D 216 2.93 -23.66 11.86
N GLN D 217 4.24 -23.62 12.10
CA GLN D 217 4.87 -22.41 12.60
C GLN D 217 5.12 -21.39 11.50
N LYS D 218 5.08 -20.10 11.84
CA LYS D 218 5.45 -19.08 10.87
C LYS D 218 6.96 -18.98 10.72
N VAL D 219 7.45 -19.37 9.56
CA VAL D 219 8.86 -19.15 9.27
C VAL D 219 9.13 -17.72 8.81
N GLY D 220 8.19 -17.11 8.11
CA GLY D 220 8.42 -15.77 7.57
C GLY D 220 7.20 -15.04 7.02
N THR D 221 7.27 -13.73 7.03
CA THR D 221 6.15 -12.94 6.58
C THR D 221 6.59 -11.76 5.72
N HIS D 222 5.95 -11.57 4.59
CA HIS D 222 6.21 -10.39 3.79
C HIS D 222 4.93 -9.72 3.38
N SER D 223 4.75 -8.48 3.81
CA SER D 223 3.47 -7.79 3.66
C SER D 223 3.65 -6.50 2.87
N ARG D 224 2.67 -6.18 2.04
CA ARG D 224 2.79 -4.98 1.26
C ARG D 224 1.49 -4.24 1.13
N SER D 225 1.54 -2.94 1.42
CA SER D 225 0.37 -2.10 1.25
C SER D 225 0.51 -1.21 0.03
N PHE D 226 -0.57 -1.13 -0.75
CA PHE D 226 -0.61 -0.28 -1.93
C PHE D 226 -2.03 -0.20 -2.46
N ASP D 227 -2.26 0.75 -3.36
CA ASP D 227 -3.53 0.83 -4.09
C ASP D 227 -3.47 -0.13 -5.26
N LEU D 228 -4.46 -0.97 -5.40
CA LEU D 228 -4.46 -1.89 -6.51
C LEU D 228 -5.16 -1.22 -7.67
N SER D 229 -4.39 -0.93 -8.70
CA SER D 229 -4.93 -0.37 -9.91
C SER D 229 -6.11 -1.18 -10.45
N PRO D 230 -7.09 -0.50 -11.04
CA PRO D 230 -8.16 -1.22 -11.74
C PRO D 230 -7.76 -1.53 -13.17
N GLN D 231 -6.62 -1.01 -13.60
CA GLN D 231 -6.20 -1.16 -14.97
C GLN D 231 -5.19 -2.29 -15.17
N GLY D 232 -5.65 -3.43 -15.64
CA GLY D 232 -4.78 -4.57 -15.87
C GLY D 232 -4.49 -5.39 -14.62
N THR D 233 -4.03 -6.62 -14.80
CA THR D 233 -3.60 -7.41 -13.66
C THR D 233 -2.22 -6.96 -13.23
N GLN D 234 -1.97 -7.01 -11.92
CA GLN D 234 -0.69 -6.55 -11.36
C GLN D 234 0.08 -7.68 -10.72
N THR D 235 1.39 -7.57 -10.77
CA THR D 235 2.26 -8.62 -10.30
C THR D 235 3.12 -8.11 -9.15
N TYR D 236 3.07 -8.85 -8.05
CA TYR D 236 3.79 -8.49 -6.85
C TYR D 236 4.74 -9.63 -6.47
N LEU D 237 5.89 -9.26 -5.89
CA LEU D 237 6.92 -10.23 -5.51
C LEU D 237 7.21 -10.19 -4.01
N SER D 238 7.61 -11.34 -3.49
CA SER D 238 8.04 -11.45 -2.13
C SER D 238 9.28 -12.32 -2.16
N THR D 239 10.26 -12.02 -1.34
CA THR D 239 11.41 -12.90 -1.31
C THR D 239 11.67 -13.28 0.13
N PHE D 240 11.98 -14.55 0.35
CA PHE D 240 12.33 -15.02 1.66
C PHE D 240 13.69 -15.71 1.64
N LYS D 241 14.48 -15.46 2.66
CA LYS D 241 15.75 -16.11 2.82
C LYS D 241 15.57 -17.10 3.95
N LEU D 242 15.59 -18.38 3.59
CA LEU D 242 15.37 -19.49 4.49
C LEU D 242 16.68 -20.03 5.09
N LYS D 243 16.83 -19.90 6.41
CA LYS D 243 18.00 -20.33 7.14
C LYS D 243 17.83 -21.80 7.56
N ASN D 244 18.75 -22.68 7.16
CA ASN D 244 18.65 -24.14 7.42
C ASN D 244 17.28 -24.72 7.07
N PRO D 245 16.87 -24.63 5.80
CA PRO D 245 15.54 -25.12 5.52
C PRO D 245 15.49 -26.64 5.61
N HIS D 246 14.36 -27.18 6.01
CA HIS D 246 14.08 -28.59 5.93
C HIS D 246 13.91 -29.04 4.45
N LEU D 247 15.01 -29.46 3.82
CA LEU D 247 14.96 -29.91 2.45
C LEU D 247 13.94 -31.01 2.20
N TRP D 248 13.30 -30.95 1.03
CA TRP D 248 12.43 -32.01 0.56
C TRP D 248 13.40 -33.03 -0.02
N GLN D 249 13.40 -34.23 0.52
CA GLN D 249 14.43 -35.17 0.14
C GLN D 249 13.80 -36.43 -0.45
N GLY D 250 12.93 -36.24 -1.43
CA GLY D 250 12.34 -37.39 -2.12
C GLY D 250 11.69 -38.28 -1.10
N ARG D 251 11.79 -39.61 -1.31
CA ARG D 251 10.99 -40.52 -0.51
C ARG D 251 11.34 -40.60 0.98
N LYS D 252 12.59 -40.36 1.35
CA LYS D 252 12.95 -40.41 2.78
C LYS D 252 12.34 -39.26 3.55
N ASP D 253 12.38 -38.07 2.98
CA ASP D 253 11.95 -36.90 3.73
C ASP D 253 11.27 -35.87 2.84
N PRO D 254 10.02 -36.16 2.46
CA PRO D 254 9.21 -35.35 1.56
C PRO D 254 8.67 -34.11 2.28
N TYR D 255 9.51 -33.49 3.08
CA TYR D 255 9.09 -32.37 3.89
C TYR D 255 8.52 -31.24 3.03
N LEU D 256 7.36 -30.73 3.44
CA LEU D 256 6.68 -29.66 2.70
C LEU D 256 6.33 -28.41 3.54
N TYR D 257 6.92 -27.27 3.19
CA TYR D 257 6.43 -26.05 3.79
C TYR D 257 5.12 -25.68 3.10
N LYS D 258 4.42 -24.72 3.69
CA LYS D 258 3.15 -24.25 3.19
C LYS D 258 3.13 -22.71 2.93
N VAL D 259 3.03 -22.28 1.68
CA VAL D 259 2.94 -20.84 1.38
C VAL D 259 1.49 -20.37 1.38
N VAL D 260 1.18 -19.36 2.17
CA VAL D 260 -0.17 -18.86 2.17
C VAL D 260 -0.12 -17.42 1.75
N CYS D 261 -0.94 -17.09 0.75
CA CYS D 261 -0.96 -15.75 0.22
C CYS D 261 -2.30 -15.11 0.46
N ARG D 262 -2.30 -13.94 1.12
CA ARG D 262 -3.54 -13.31 1.54
C ARG D 262 -3.72 -11.90 1.03
N LEU D 263 -4.89 -11.65 0.43
CA LEU D 263 -5.28 -10.30 0.01
C LEU D 263 -6.17 -9.70 1.08
N MET D 264 -5.76 -8.56 1.59
CA MET D 264 -6.44 -7.95 2.70
C MET D 264 -6.92 -6.55 2.39
N ALA D 265 -8.08 -6.21 2.93
CA ALA D 265 -8.62 -4.88 2.78
C ALA D 265 -9.22 -4.50 4.11
N ASP D 266 -8.90 -3.29 4.55
CA ASP D 266 -9.46 -2.80 5.78
C ASP D 266 -9.22 -3.78 6.93
N GLY D 267 -8.07 -4.44 6.91
CA GLY D 267 -7.70 -5.33 8.00
C GLY D 267 -8.19 -6.74 7.79
N LYS D 268 -9.13 -6.93 6.87
CA LYS D 268 -9.71 -8.26 6.65
C LYS D 268 -9.25 -8.93 5.37
N VAL D 269 -9.15 -10.26 5.45
CA VAL D 269 -8.84 -11.10 4.32
C VAL D 269 -10.01 -11.11 3.35
N ILE D 270 -9.75 -10.75 2.09
CA ILE D 270 -10.81 -10.82 1.08
C ILE D 270 -10.63 -11.94 0.08
N ASP D 271 -9.42 -12.49 0.01
CA ASP D 271 -9.11 -13.63 -0.82
C ASP D 271 -7.82 -14.28 -0.37
N GLU D 272 -7.61 -15.55 -0.68
CA GLU D 272 -6.33 -16.19 -0.35
C GLU D 272 -6.07 -17.46 -1.14
N VAL D 273 -4.81 -17.74 -1.43
CA VAL D 273 -4.44 -18.98 -2.07
C VAL D 273 -3.34 -19.64 -1.26
N VAL D 274 -3.41 -20.96 -1.10
CA VAL D 274 -2.30 -21.68 -0.47
C VAL D 274 -1.63 -22.67 -1.43
N GLN D 275 -0.31 -22.77 -1.34
CA GLN D 275 0.48 -23.64 -2.23
C GLN D 275 1.56 -24.38 -1.46
N PRO D 276 2.03 -25.50 -2.01
CA PRO D 276 3.04 -26.28 -1.32
C PRO D 276 4.41 -25.71 -1.62
N LEU D 277 5.37 -25.96 -0.73
CA LEU D 277 6.74 -25.59 -0.97
C LEU D 277 7.63 -26.71 -0.48
N GLY D 278 8.24 -27.43 -1.43
CA GLY D 278 9.21 -28.48 -1.14
C GLY D 278 10.56 -27.90 -1.48
N VAL D 279 11.33 -27.52 -0.47
CA VAL D 279 12.60 -26.91 -0.77
C VAL D 279 13.52 -27.99 -1.29
N ARG D 280 14.07 -27.79 -2.47
CA ARG D 280 15.03 -28.77 -2.97
C ARG D 280 15.72 -28.35 -4.26
N LYS D 281 16.80 -29.05 -4.61
CA LYS D 281 17.50 -28.77 -5.84
C LYS D 281 17.68 -30.07 -6.62
N TYR D 282 17.55 -30.00 -7.93
CA TYR D 282 17.67 -31.18 -8.76
C TYR D 282 18.85 -31.01 -9.69
N GLU D 283 19.74 -31.99 -9.75
CA GLU D 283 20.71 -31.91 -10.82
C GLU D 283 21.05 -33.20 -11.57
N ILE D 284 21.34 -33.04 -12.85
CA ILE D 284 21.73 -34.17 -13.65
C ILE D 284 23.12 -33.97 -14.19
N VAL D 285 24.01 -34.89 -13.87
CA VAL D 285 25.31 -34.90 -14.46
C VAL D 285 25.35 -36.11 -15.34
N ALA D 286 25.52 -35.86 -16.64
CA ALA D 286 25.47 -36.87 -17.67
C ALA D 286 26.52 -37.93 -17.43
N GLY D 287 26.15 -39.20 -17.63
CA GLY D 287 27.09 -40.30 -17.41
C GLY D 287 27.33 -40.57 -15.94
N LYS D 288 26.74 -39.77 -15.05
CA LYS D 288 26.89 -39.98 -13.62
C LYS D 288 25.56 -40.23 -12.93
N GLY D 289 24.62 -39.30 -13.09
CA GLY D 289 23.29 -39.55 -12.58
C GLY D 289 22.54 -38.35 -12.08
N PHE D 290 21.63 -38.62 -11.16
CA PHE D 290 20.65 -37.65 -10.71
C PHE D 290 20.97 -37.33 -9.27
N PHE D 291 20.97 -36.04 -8.95
CA PHE D 291 21.35 -35.58 -7.61
C PHE D 291 20.23 -34.77 -6.99
N LEU D 292 19.81 -35.18 -5.82
CA LEU D 292 18.78 -34.47 -5.08
C LEU D 292 19.51 -33.74 -3.94
N ASN D 293 19.46 -32.41 -3.94
CA ASN D 293 20.17 -31.68 -2.89
C ASN D 293 21.59 -32.20 -2.70
N GLY D 294 22.26 -32.48 -3.82
CA GLY D 294 23.66 -32.85 -3.79
C GLY D 294 23.97 -34.33 -3.69
N GLU D 295 23.00 -35.13 -3.31
CA GLU D 295 23.24 -36.55 -3.08
C GLU D 295 22.75 -37.39 -4.24
N LYS D 296 23.56 -38.34 -4.68
CA LYS D 296 23.13 -39.22 -5.75
C LYS D 296 21.81 -39.87 -5.36
N TYR D 297 20.89 -39.96 -6.29
CA TYR D 297 19.56 -40.41 -5.94
C TYR D 297 19.04 -41.42 -6.93
N SER D 298 18.42 -42.48 -6.43
CA SER D 298 18.02 -43.55 -7.33
C SER D 298 16.76 -43.22 -8.13
N MET D 299 16.88 -43.36 -9.44
CA MET D 299 15.82 -43.05 -10.33
C MET D 299 15.17 -44.33 -10.88
N TYR D 300 14.36 -45.00 -10.05
CA TYR D 300 13.64 -46.20 -10.51
C TYR D 300 12.30 -45.78 -11.06
N GLY D 301 12.20 -45.64 -12.37
CA GLY D 301 11.04 -45.05 -13.01
C GLY D 301 9.95 -45.98 -13.52
N VAL D 302 8.72 -45.50 -13.42
CA VAL D 302 7.57 -46.22 -13.94
C VAL D 302 6.68 -45.24 -14.69
N THR D 303 5.64 -45.73 -15.38
CA THR D 303 4.73 -44.86 -16.13
C THR D 303 3.28 -45.24 -15.86
N ARG D 304 2.36 -44.31 -16.08
CA ARG D 304 0.99 -44.49 -15.67
C ARG D 304 0.05 -43.66 -16.54
N HIS D 305 -1.01 -44.29 -17.07
CA HIS D 305 -2.06 -43.60 -17.86
C HIS D 305 -3.24 -43.30 -16.96
N GLN D 306 -4.03 -42.28 -17.28
CA GLN D 306 -5.13 -41.92 -16.38
C GLN D 306 -6.47 -42.66 -16.60
N ASP D 307 -6.43 -43.93 -17.01
CA ASP D 307 -7.69 -44.67 -17.17
C ASP D 307 -7.69 -46.00 -16.45
N TRP D 308 -8.87 -46.40 -16.00
CA TRP D 308 -9.08 -47.66 -15.32
C TRP D 308 -10.05 -48.45 -16.16
N TRP D 309 -9.90 -49.78 -16.22
CA TRP D 309 -10.89 -50.60 -16.89
C TRP D 309 -12.32 -50.28 -16.39
N GLY D 310 -13.26 -49.97 -17.28
CA GLY D 310 -14.63 -49.74 -16.87
C GLY D 310 -14.97 -48.28 -16.63
N LEU D 311 -14.10 -47.57 -15.92
CA LEU D 311 -14.31 -46.14 -15.66
C LEU D 311 -13.86 -45.24 -16.80
N GLY D 312 -13.21 -45.78 -17.82
CA GLY D 312 -12.52 -44.91 -18.77
C GLY D 312 -11.66 -44.01 -17.92
N SER D 313 -11.46 -42.77 -18.35
CA SER D 313 -10.64 -41.84 -17.60
C SER D 313 -11.40 -40.99 -16.59
N ALA D 314 -12.65 -41.36 -16.32
CA ALA D 314 -13.49 -40.62 -15.36
C ALA D 314 -13.23 -41.12 -13.96
N LEU D 315 -12.11 -40.72 -13.38
CA LEU D 315 -11.68 -41.27 -12.10
C LEU D 315 -12.02 -40.38 -10.88
N LYS D 316 -11.88 -40.95 -9.70
CA LYS D 316 -12.00 -40.18 -8.49
C LYS D 316 -10.68 -40.26 -7.77
N ASN D 317 -10.58 -39.69 -6.58
CA ASN D 317 -9.32 -39.66 -5.91
C ASN D 317 -8.85 -41.04 -5.44
N GLU D 318 -9.79 -41.92 -5.11
CA GLU D 318 -9.39 -43.25 -4.68
C GLU D 318 -8.58 -43.91 -5.77
N HIS D 319 -8.97 -43.71 -7.03
CA HIS D 319 -8.24 -44.35 -8.12
C HIS D 319 -6.81 -43.80 -8.27
N HIS D 320 -6.64 -42.49 -8.14
CA HIS D 320 -5.30 -41.91 -8.22
C HIS D 320 -4.47 -42.36 -7.05
N ASP D 321 -5.07 -42.34 -5.85
CA ASP D 321 -4.41 -42.83 -4.64
C ASP D 321 -4.04 -44.30 -4.74
N PHE D 322 -4.97 -45.10 -5.23
CA PHE D 322 -4.73 -46.51 -5.34
C PHE D 322 -3.52 -46.75 -6.24
N ASP D 323 -3.53 -46.14 -7.42
CA ASP D 323 -2.38 -46.19 -8.32
C ASP D 323 -1.06 -45.71 -7.66
N LEU D 324 -1.09 -44.60 -6.94
CA LEU D 324 0.16 -44.11 -6.32
C LEU D 324 0.66 -45.07 -5.23
N ALA D 325 -0.28 -45.75 -4.58
CA ALA D 325 0.10 -46.76 -3.58
C ALA D 325 0.87 -47.88 -4.27
N ALA D 326 0.32 -48.40 -5.35
CA ALA D 326 1.01 -49.44 -6.09
C ALA D 326 2.39 -48.92 -6.49
N ILE D 327 2.42 -47.73 -7.07
CA ILE D 327 3.68 -47.18 -7.53
C ILE D 327 4.69 -47.08 -6.40
N MET D 328 4.22 -46.68 -5.22
CA MET D 328 5.09 -46.64 -4.03
C MET D 328 5.55 -48.04 -3.61
N ASP D 329 4.58 -48.90 -3.37
CA ASP D 329 4.86 -50.24 -2.89
C ASP D 329 5.94 -51.00 -3.72
N VAL D 330 5.92 -50.85 -5.04
CA VAL D 330 6.93 -51.53 -5.87
C VAL D 330 8.31 -50.89 -5.75
N GLY D 331 8.38 -49.73 -5.11
CA GLY D 331 9.65 -49.08 -4.82
C GLY D 331 10.12 -48.14 -5.91
N ALA D 332 9.18 -47.62 -6.68
CA ALA D 332 9.49 -46.61 -7.69
C ALA D 332 9.92 -45.31 -7.04
N THR D 333 10.82 -44.57 -7.68
CA THR D 333 11.17 -43.27 -7.11
C THR D 333 10.85 -42.13 -8.05
N THR D 334 10.24 -42.44 -9.17
CA THR D 334 10.09 -41.44 -10.21
C THR D 334 9.07 -41.94 -11.20
N VAL D 335 8.14 -41.09 -11.58
CA VAL D 335 7.10 -41.53 -12.47
C VAL D 335 7.12 -40.67 -13.72
N ARG D 336 6.83 -41.28 -14.86
CA ARG D 336 6.65 -40.50 -16.05
C ARG D 336 5.21 -40.56 -16.47
N PHE D 337 4.44 -39.55 -16.09
CA PHE D 337 3.02 -39.57 -16.38
C PHE D 337 2.73 -39.25 -17.82
N ALA D 338 2.99 -40.18 -18.73
CA ALA D 338 2.76 -39.96 -20.16
C ALA D 338 1.28 -40.15 -20.50
N HIS D 339 0.81 -39.56 -21.60
CA HIS D 339 1.60 -38.68 -22.45
C HIS D 339 1.03 -37.27 -22.40
N TYR D 340 0.52 -36.86 -21.25
CA TYR D 340 -0.27 -35.64 -21.22
C TYR D 340 -0.41 -35.17 -19.81
N GLN D 341 -0.80 -33.93 -19.64
CA GLN D 341 -1.02 -33.40 -18.33
C GLN D 341 -1.99 -34.31 -17.63
N GLN D 342 -1.68 -34.68 -16.39
CA GLN D 342 -2.54 -35.54 -15.62
C GLN D 342 -3.07 -34.77 -14.41
N SER D 343 -3.94 -35.39 -13.62
CA SER D 343 -4.65 -34.67 -12.56
C SER D 343 -3.69 -33.95 -11.63
N ASP D 344 -4.13 -32.79 -11.16
CA ASP D 344 -3.32 -32.02 -10.24
C ASP D 344 -3.36 -32.64 -8.86
N TYR D 345 -4.47 -33.27 -8.53
CA TYR D 345 -4.56 -33.90 -7.24
C TYR D 345 -3.46 -34.97 -7.20
N LEU D 346 -3.39 -35.73 -8.27
CA LEU D 346 -2.36 -36.73 -8.42
C LEU D 346 -0.97 -36.10 -8.24
N TYR D 347 -0.74 -34.92 -8.85
CA TYR D 347 0.58 -34.30 -8.75
C TYR D 347 0.89 -33.88 -7.33
N SER D 348 -0.14 -33.48 -6.59
CA SER D 348 0.07 -33.00 -5.22
C SER D 348 0.39 -34.11 -4.29
N ARG D 349 -0.14 -35.29 -4.59
CA ARG D 349 0.16 -36.46 -3.82
C ARG D 349 1.62 -36.86 -3.98
N CYS D 350 2.16 -36.63 -5.16
CA CYS D 350 3.56 -36.95 -5.39
C CYS D 350 4.49 -36.08 -4.59
N ASP D 351 4.10 -34.82 -4.35
CA ASP D 351 4.82 -33.89 -3.48
C ASP D 351 4.89 -34.48 -2.10
N THR D 352 3.71 -34.83 -1.62
CA THR D 352 3.48 -35.35 -0.29
C THR D 352 4.14 -36.68 -0.10
N LEU D 353 4.00 -37.54 -1.11
CA LEU D 353 4.50 -38.89 -1.04
C LEU D 353 6.03 -38.94 -1.21
N GLY D 354 6.58 -38.00 -1.96
CA GLY D 354 8.03 -37.92 -2.13
C GLY D 354 8.49 -38.39 -3.51
N LEU D 355 7.53 -38.62 -4.39
CA LEU D 355 7.82 -39.04 -5.75
C LEU D 355 8.37 -37.88 -6.59
N ILE D 356 9.51 -38.12 -7.24
CA ILE D 356 10.11 -37.20 -8.21
C ILE D 356 9.60 -37.54 -9.61
N ILE D 357 8.89 -36.60 -10.24
CA ILE D 357 8.04 -36.97 -11.37
C ILE D 357 8.20 -36.12 -12.64
N TRP D 358 7.79 -36.71 -13.75
CA TRP D 358 7.91 -36.10 -15.06
C TRP D 358 6.51 -35.88 -15.69
N ALA D 359 6.30 -34.67 -16.22
CA ALA D 359 5.02 -34.27 -16.82
C ALA D 359 5.22 -33.89 -18.30
N GLU D 360 4.18 -34.10 -19.10
CA GLU D 360 4.32 -34.20 -20.56
C GLU D 360 3.10 -33.63 -21.29
N ILE D 361 3.29 -33.11 -22.51
CA ILE D 361 2.15 -32.73 -23.38
C ILE D 361 1.99 -33.73 -24.51
N PRO D 362 0.74 -34.01 -24.93
CA PRO D 362 0.55 -35.13 -25.86
C PRO D 362 0.99 -34.84 -27.30
N CYS D 363 2.22 -34.39 -27.50
CA CYS D 363 2.76 -34.25 -28.84
C CYS D 363 3.40 -35.56 -29.31
N VAL D 364 2.54 -36.49 -29.74
CA VAL D 364 2.92 -37.89 -29.91
C VAL D 364 2.55 -38.47 -31.28
N ASN D 365 3.30 -39.48 -31.73
CA ASN D 365 2.91 -40.30 -32.89
C ASN D 365 3.04 -39.72 -34.30
N ARG D 366 2.52 -38.52 -34.54
CA ARG D 366 2.54 -37.90 -35.87
C ARG D 366 2.48 -36.39 -35.79
N VAL D 367 3.20 -35.69 -36.67
CA VAL D 367 2.98 -34.25 -36.76
C VAL D 367 2.21 -33.93 -38.04
N THR D 368 1.36 -32.90 -37.98
CA THR D 368 0.59 -32.50 -39.16
C THR D 368 1.11 -31.22 -39.79
N GLY D 369 1.82 -30.39 -39.02
CA GLY D 369 2.29 -29.10 -39.51
C GLY D 369 1.40 -27.98 -39.05
N TYR D 370 0.38 -28.32 -38.27
CA TYR D 370 -0.64 -27.35 -37.86
C TYR D 370 -0.90 -27.34 -36.36
N GLU D 371 0.00 -27.93 -35.58
CA GLU D 371 -0.33 -28.15 -34.18
C GLU D 371 0.52 -27.33 -33.20
N THR D 372 1.25 -26.37 -33.72
CA THR D 372 2.23 -25.64 -32.93
C THR D 372 1.60 -24.70 -31.91
N GLU D 373 0.78 -23.79 -32.38
CA GLU D 373 0.16 -22.83 -31.50
C GLU D 373 -0.58 -23.55 -30.38
N ASN D 374 -1.14 -24.72 -30.68
CA ASN D 374 -1.89 -25.44 -29.65
C ASN D 374 -0.95 -26.20 -28.75
N ALA D 375 0.16 -26.65 -29.33
CA ALA D 375 1.14 -27.38 -28.52
C ALA D 375 1.77 -26.37 -27.56
N GLN D 376 2.25 -25.25 -28.09
CA GLN D 376 2.74 -24.21 -27.20
C GLN D 376 1.74 -23.90 -26.09
N SER D 377 0.48 -23.90 -26.47
CA SER D 377 -0.60 -23.48 -25.61
C SER D 377 -0.84 -24.52 -24.53
N GLN D 378 -0.77 -25.78 -24.92
CA GLN D 378 -0.91 -26.87 -23.94
C GLN D 378 0.30 -26.94 -23.03
N LEU D 379 1.48 -26.68 -23.58
CA LEU D 379 2.71 -26.67 -22.80
C LEU D 379 2.67 -25.61 -21.72
N ARG D 380 1.99 -24.50 -21.99
CA ARG D 380 2.01 -23.44 -21.02
C ARG D 380 0.99 -23.64 -19.93
N GLU D 381 -0.17 -24.14 -20.29
CA GLU D 381 -1.13 -24.39 -19.26
C GLU D 381 -0.55 -25.42 -18.32
N LEU D 382 0.10 -26.43 -18.87
CA LEU D 382 0.75 -27.43 -18.03
C LEU D 382 1.70 -26.79 -17.02
N ILE D 383 2.71 -26.09 -17.54
CA ILE D 383 3.66 -25.43 -16.67
C ILE D 383 3.00 -24.47 -15.66
N ARG D 384 2.21 -23.51 -16.12
CA ARG D 384 1.61 -22.57 -15.17
C ARG D 384 0.71 -23.25 -14.12
N GLN D 385 -0.08 -24.22 -14.53
CA GLN D 385 -0.94 -24.90 -13.57
C GLN D 385 -0.18 -25.82 -12.62
N SER D 386 0.92 -26.42 -13.07
CA SER D 386 1.62 -27.41 -12.28
C SER D 386 2.84 -26.81 -11.66
N PHE D 387 3.04 -25.51 -11.87
CA PHE D 387 4.31 -24.83 -11.56
C PHE D 387 4.88 -25.15 -10.17
N ASN D 388 4.03 -25.16 -9.15
CA ASN D 388 4.50 -25.20 -7.76
C ASN D 388 4.86 -26.57 -7.19
N HIS D 389 4.63 -27.63 -7.96
CA HIS D 389 4.90 -28.98 -7.44
C HIS D 389 6.41 -29.34 -7.38
N PRO D 390 6.96 -29.45 -6.17
CA PRO D 390 8.38 -29.84 -6.03
C PRO D 390 8.68 -31.16 -6.75
N SER D 391 7.72 -32.08 -6.72
CA SER D 391 7.92 -33.34 -7.37
C SER D 391 8.40 -33.17 -8.80
N ILE D 392 7.82 -32.24 -9.54
CA ILE D 392 8.16 -32.11 -10.94
C ILE D 392 9.63 -31.70 -11.20
N TYR D 393 10.33 -32.44 -12.06
CA TYR D 393 11.73 -32.12 -12.37
C TYR D 393 11.97 -31.78 -13.85
N VAL D 394 11.07 -32.26 -14.71
CA VAL D 394 11.23 -32.06 -16.16
C VAL D 394 9.87 -31.89 -16.85
N TRP D 395 9.86 -31.24 -18.02
CA TRP D 395 8.65 -31.20 -18.85
C TRP D 395 8.98 -31.94 -20.14
N GLY D 396 8.08 -32.83 -20.56
CA GLY D 396 8.28 -33.64 -21.74
C GLY D 396 7.67 -32.97 -22.95
N LEU D 397 8.48 -32.83 -23.99
CA LEU D 397 8.10 -32.07 -25.17
C LEU D 397 7.42 -32.93 -26.25
N HIS D 398 8.01 -34.04 -26.61
CA HIS D 398 7.35 -34.87 -27.61
C HIS D 398 7.75 -36.31 -27.45
N ASN D 399 6.90 -37.17 -27.98
CA ASN D 399 7.16 -38.60 -27.95
C ASN D 399 6.91 -39.20 -29.30
N GLU D 400 7.98 -39.58 -30.00
CA GLU D 400 7.86 -40.41 -31.20
C GLU D 400 7.12 -39.69 -32.31
N VAL D 401 7.68 -38.56 -32.74
CA VAL D 401 7.13 -37.75 -33.81
C VAL D 401 8.28 -37.62 -34.80
N TYR D 402 8.01 -37.71 -36.10
CA TYR D 402 9.12 -37.79 -37.05
C TYR D 402 9.02 -36.84 -38.26
N GLN D 403 8.63 -37.35 -39.43
CA GLN D 403 8.53 -36.52 -40.63
C GLN D 403 7.32 -35.63 -40.54
N PRO D 404 7.43 -34.39 -41.05
CA PRO D 404 8.60 -33.77 -41.70
C PRO D 404 9.65 -33.36 -40.67
N HIS D 405 10.88 -33.83 -40.83
CA HIS D 405 11.86 -33.68 -39.78
C HIS D 405 12.07 -32.22 -39.42
N GLU D 406 12.24 -31.39 -40.45
CA GLU D 406 12.62 -29.99 -40.26
C GLU D 406 11.56 -29.30 -39.45
N TYR D 407 10.31 -29.63 -39.75
CA TYR D 407 9.23 -29.05 -38.99
C TYR D 407 9.21 -29.58 -37.55
N THR D 408 9.31 -30.90 -37.39
CA THR D 408 9.32 -31.49 -36.06
C THR D 408 10.42 -30.95 -35.17
N ALA D 409 11.59 -30.72 -35.73
CA ALA D 409 12.65 -30.13 -34.95
C ALA D 409 12.37 -28.66 -34.62
N ALA D 410 11.79 -27.90 -35.54
CA ALA D 410 11.46 -26.50 -35.23
C ALA D 410 10.47 -26.48 -34.08
N LEU D 411 9.47 -27.37 -34.15
CA LEU D 411 8.40 -27.38 -33.17
C LEU D 411 8.95 -27.71 -31.79
N THR D 412 9.83 -28.71 -31.74
CA THR D 412 10.40 -29.13 -30.47
C THR D 412 11.23 -28.00 -29.91
N ARG D 413 11.97 -27.33 -30.79
CA ARG D 413 12.81 -26.23 -30.33
C ARG D 413 12.01 -25.13 -29.69
N SER D 414 10.83 -24.87 -30.21
CA SER D 414 10.11 -23.73 -29.69
C SER D 414 9.38 -24.14 -28.41
N LEU D 415 9.19 -25.43 -28.23
CA LEU D 415 8.55 -25.92 -27.02
C LEU D 415 9.54 -25.81 -25.88
N HIS D 416 10.78 -26.21 -26.18
CA HIS D 416 11.90 -26.09 -25.26
C HIS D 416 12.00 -24.65 -24.89
N ASP D 417 11.91 -23.79 -25.89
CA ASP D 417 12.06 -22.38 -25.63
C ASP D 417 10.95 -21.82 -24.77
N LEU D 418 9.73 -22.28 -24.99
CA LEU D 418 8.65 -21.76 -24.20
C LEU D 418 8.86 -22.25 -22.77
N ALA D 419 9.10 -23.55 -22.62
CA ALA D 419 9.38 -24.14 -21.31
C ALA D 419 10.40 -23.31 -20.51
N LYS D 420 11.46 -22.84 -21.17
CA LYS D 420 12.48 -22.06 -20.46
C LYS D 420 12.09 -20.60 -20.23
N THR D 421 11.22 -20.06 -21.07
CA THR D 421 10.70 -18.73 -20.79
C THR D 421 9.83 -18.87 -19.56
N GLU D 422 9.04 -19.93 -19.55
CA GLU D 422 7.94 -19.99 -18.63
C GLU D 422 8.43 -20.47 -17.27
N ASP D 423 9.60 -21.10 -17.27
CA ASP D 423 10.09 -21.73 -16.03
C ASP D 423 11.49 -22.29 -16.26
N PRO D 424 12.49 -21.41 -16.29
CA PRO D 424 13.89 -21.77 -16.62
C PRO D 424 14.52 -22.69 -15.61
N ASP D 425 13.81 -23.03 -14.54
CA ASP D 425 14.49 -23.74 -13.50
C ASP D 425 14.40 -25.25 -13.65
N ARG D 426 13.52 -25.71 -14.52
CA ARG D 426 13.37 -27.16 -14.72
C ARG D 426 13.93 -27.66 -16.05
N TYR D 427 14.29 -28.93 -16.10
CA TYR D 427 14.75 -29.55 -17.33
C TYR D 427 13.59 -29.79 -18.29
N THR D 428 13.92 -29.94 -19.56
CA THR D 428 12.96 -30.32 -20.56
C THR D 428 13.52 -31.59 -21.15
N VAL D 429 12.67 -32.36 -21.82
CA VAL D 429 13.03 -33.67 -22.29
C VAL D 429 12.16 -34.02 -23.47
N SER D 430 12.65 -34.92 -24.31
CA SER D 430 11.90 -35.30 -25.50
C SER D 430 12.31 -36.68 -25.88
N VAL D 431 11.39 -37.39 -26.50
CA VAL D 431 11.52 -38.83 -26.62
C VAL D 431 11.41 -39.28 -28.07
N ASN D 432 12.36 -40.11 -28.44
CA ASN D 432 12.43 -40.67 -29.76
C ASN D 432 12.24 -42.18 -29.67
N GLY D 433 11.78 -42.81 -30.76
CA GLY D 433 11.56 -44.25 -30.78
C GLY D 433 12.76 -45.00 -31.34
N TYR D 434 13.66 -44.29 -31.99
CA TYR D 434 14.82 -44.91 -32.60
C TYR D 434 15.99 -44.96 -31.64
N GLY D 435 16.83 -45.98 -31.74
CA GLY D 435 17.96 -46.11 -30.85
C GLY D 435 19.12 -45.14 -31.03
N HIS D 436 19.34 -44.64 -32.25
CA HIS D 436 20.51 -43.80 -32.53
C HIS D 436 20.38 -42.33 -32.07
N MET D 437 21.49 -41.77 -31.61
CA MET D 437 21.48 -40.45 -30.99
C MET D 437 21.08 -39.38 -31.99
N ASP D 438 21.79 -39.34 -33.11
CA ASP D 438 21.76 -38.21 -34.02
C ASP D 438 20.54 -38.16 -34.94
N HIS D 439 19.51 -38.92 -34.62
CA HIS D 439 18.26 -38.79 -35.33
C HIS D 439 17.94 -37.30 -35.51
N PRO D 440 17.53 -36.90 -36.73
CA PRO D 440 17.30 -35.52 -37.17
C PRO D 440 16.44 -34.71 -36.21
N VAL D 441 15.77 -35.39 -35.30
CA VAL D 441 14.77 -34.73 -34.45
C VAL D 441 15.22 -34.62 -32.99
N ASN D 442 16.36 -35.19 -32.68
CA ASN D 442 16.85 -35.19 -31.32
C ASN D 442 17.65 -33.94 -30.90
N LEU D 443 18.07 -33.89 -29.65
CA LEU D 443 18.99 -32.89 -29.15
C LEU D 443 18.39 -31.50 -29.06
N ASN D 444 17.07 -31.44 -29.06
CA ASN D 444 16.41 -30.15 -28.91
C ASN D 444 15.97 -29.76 -27.50
N ALA D 445 16.22 -30.66 -26.57
CA ALA D 445 15.91 -30.42 -25.15
C ALA D 445 17.13 -30.67 -24.23
N ASP D 446 16.91 -30.54 -22.93
CA ASP D 446 17.98 -30.73 -21.99
C ASP D 446 18.42 -32.18 -22.02
N ILE D 447 17.43 -33.05 -22.07
CA ILE D 447 17.65 -34.49 -21.93
C ILE D 447 17.15 -35.16 -23.20
N GLN D 448 17.91 -36.11 -23.73
CA GLN D 448 17.41 -36.90 -24.83
C GLN D 448 16.87 -38.22 -24.28
N GLY D 449 15.64 -38.58 -24.64
CA GLY D 449 15.06 -39.81 -24.12
C GLY D 449 14.79 -40.82 -25.21
N MET D 450 14.96 -42.10 -24.91
CA MET D 450 14.76 -43.08 -25.94
C MET D 450 13.89 -44.21 -25.45
N ASN D 451 12.83 -44.48 -26.22
CA ASN D 451 11.98 -45.65 -26.06
C ASN D 451 12.61 -46.79 -26.79
N ARG D 452 13.02 -47.81 -26.04
CA ARG D 452 13.71 -48.95 -26.59
C ARG D 452 12.94 -50.18 -26.14
N TYR D 453 12.75 -51.14 -27.03
CA TYR D 453 12.04 -52.33 -26.68
C TYR D 453 12.75 -53.56 -27.24
N PHE D 454 14.05 -53.68 -26.96
CA PHE D 454 14.84 -54.77 -27.49
C PHE D 454 14.20 -56.13 -27.21
N GLY D 455 14.18 -57.01 -28.21
CA GLY D 455 13.63 -58.33 -28.01
C GLY D 455 12.12 -58.37 -28.12
N TRP D 456 11.51 -57.24 -28.45
CA TRP D 456 10.06 -57.21 -28.63
C TRP D 456 9.66 -56.60 -29.98
N TYR D 457 10.20 -55.43 -30.31
CA TYR D 457 9.94 -54.86 -31.61
C TYR D 457 11.14 -55.04 -32.51
N GLU D 458 12.30 -55.21 -31.89
CA GLU D 458 13.55 -55.07 -32.59
C GLU D 458 14.65 -55.90 -31.90
N LYS D 459 15.40 -56.67 -32.68
CA LYS D 459 16.51 -57.43 -32.12
C LYS D 459 16.07 -58.33 -30.97
N LYS D 460 16.99 -58.62 -30.05
CA LYS D 460 16.71 -59.52 -28.93
C LYS D 460 16.86 -58.85 -27.56
N ILE D 461 16.28 -59.48 -26.55
CA ILE D 461 16.35 -58.93 -25.22
C ILE D 461 17.73 -58.43 -24.85
N GLN D 462 18.75 -59.24 -25.09
CA GLN D 462 20.10 -58.91 -24.64
C GLN D 462 20.71 -57.73 -25.41
N ASP D 463 20.08 -57.35 -26.52
CA ASP D 463 20.66 -56.35 -27.39
C ASP D 463 20.75 -54.95 -26.76
N ILE D 464 20.00 -54.76 -25.69
CA ILE D 464 20.02 -53.50 -24.94
C ILE D 464 21.42 -53.12 -24.44
N LYS D 465 22.28 -54.12 -24.20
CA LYS D 465 23.56 -53.85 -23.58
C LYS D 465 24.51 -53.20 -24.56
N PRO D 466 24.77 -53.85 -25.68
CA PRO D 466 25.62 -53.26 -26.72
C PRO D 466 25.08 -51.91 -27.16
N TRP D 467 23.76 -51.77 -27.14
CA TRP D 467 23.11 -50.51 -27.53
C TRP D 467 23.57 -49.34 -26.65
N VAL D 468 23.26 -49.43 -25.38
CA VAL D 468 23.67 -48.46 -24.39
C VAL D 468 25.20 -48.24 -24.32
N GLU D 469 25.98 -49.32 -24.42
CA GLU D 469 27.41 -49.18 -24.29
C GLU D 469 27.98 -48.37 -25.43
N GLN D 470 27.36 -48.51 -26.61
CA GLN D 470 27.79 -47.81 -27.82
C GLN D 470 27.42 -46.32 -27.73
N LEU D 471 26.22 -46.04 -27.22
CA LEU D 471 25.82 -44.66 -26.94
C LEU D 471 26.82 -43.87 -26.07
N GLU D 472 27.21 -44.42 -24.94
CA GLU D 472 28.03 -43.64 -24.03
C GLU D 472 29.43 -43.52 -24.56
N LYS D 473 29.82 -44.47 -25.38
CA LYS D 473 31.10 -44.42 -26.04
C LYS D 473 31.16 -43.24 -27.04
N ASP D 474 30.08 -43.01 -27.77
CA ASP D 474 30.07 -41.91 -28.74
C ASP D 474 29.52 -40.59 -28.18
N TYR D 475 28.82 -40.65 -27.06
CA TYR D 475 28.17 -39.45 -26.54
C TYR D 475 28.28 -39.36 -25.03
N PRO D 476 29.51 -39.38 -24.52
CA PRO D 476 29.77 -39.36 -23.09
C PRO D 476 29.07 -38.20 -22.38
N TYR D 477 28.87 -37.10 -23.07
CA TYR D 477 28.31 -35.92 -22.41
C TYR D 477 26.80 -35.79 -22.46
N GLN D 478 26.13 -36.38 -23.44
CA GLN D 478 24.65 -36.35 -23.48
C GLN D 478 24.04 -36.91 -22.19
N LYS D 479 23.04 -36.23 -21.67
CA LYS D 479 22.20 -36.81 -20.65
C LYS D 479 21.23 -37.69 -21.38
N LEU D 480 21.27 -39.00 -21.11
CA LEU D 480 20.29 -39.87 -21.72
C LEU D 480 19.38 -40.58 -20.70
N MET D 481 18.10 -40.74 -21.04
CA MET D 481 17.17 -41.55 -20.27
C MET D 481 16.52 -42.62 -21.14
N LEU D 482 16.34 -43.82 -20.58
CA LEU D 482 15.57 -44.87 -21.23
C LEU D 482 14.16 -44.69 -20.72
N THR D 483 13.33 -44.14 -21.59
CA THR D 483 12.06 -43.61 -21.14
C THR D 483 10.89 -44.51 -21.41
N GLU D 484 11.15 -45.70 -21.94
CA GLU D 484 10.11 -46.67 -22.20
C GLU D 484 10.82 -47.97 -22.49
N TYR D 485 10.38 -49.02 -21.80
CA TYR D 485 10.83 -50.37 -22.11
C TYR D 485 9.93 -51.33 -21.35
N GLY D 486 10.00 -52.61 -21.72
CA GLY D 486 9.12 -53.65 -21.18
C GLY D 486 8.57 -54.59 -22.26
N ALA D 487 7.46 -55.24 -21.99
CA ALA D 487 6.89 -56.14 -22.95
C ALA D 487 5.50 -56.46 -22.49
N ASP D 488 4.71 -57.07 -23.37
CA ASP D 488 3.30 -57.40 -23.05
C ASP D 488 3.19 -58.65 -22.23
N ALA D 489 2.05 -58.82 -21.58
CA ALA D 489 1.86 -59.98 -20.75
C ALA D 489 0.39 -60.24 -20.58
N ASN D 490 -0.09 -61.18 -21.38
CA ASN D 490 -1.47 -61.64 -21.29
C ASN D 490 -1.48 -62.84 -20.35
N LEU D 491 -2.03 -62.65 -19.15
CA LEU D 491 -1.92 -63.63 -18.07
C LEU D 491 -2.45 -65.01 -18.46
N ALA D 492 -3.34 -65.03 -19.44
CA ALA D 492 -3.86 -66.25 -20.02
C ALA D 492 -2.82 -67.00 -20.85
N HIS D 493 -1.74 -66.31 -21.22
CA HIS D 493 -0.71 -66.88 -22.08
C HIS D 493 0.52 -67.31 -21.26
N GLN D 494 0.82 -68.61 -21.30
CA GLN D 494 1.90 -69.18 -20.49
C GLN D 494 2.73 -70.25 -21.20
N THR D 495 4.04 -70.19 -21.03
CA THR D 495 4.92 -71.19 -21.61
C THR D 495 6.37 -70.98 -21.21
N GLU D 496 7.11 -72.09 -21.11
CA GLU D 496 8.51 -72.01 -20.77
C GLU D 496 9.40 -72.17 -21.99
N TYR D 497 8.81 -72.34 -23.16
CA TYR D 497 9.62 -72.32 -24.39
C TYR D 497 9.68 -70.90 -24.87
N LEU D 498 10.82 -70.25 -24.68
CA LEU D 498 10.98 -68.87 -25.10
C LEU D 498 12.30 -68.64 -25.84
N GLY D 499 12.23 -67.86 -26.92
CA GLY D 499 13.44 -67.38 -27.59
C GLY D 499 13.98 -66.18 -26.84
N ASP D 500 14.69 -65.32 -27.55
CA ASP D 500 15.19 -64.09 -26.95
C ASP D 500 14.42 -62.91 -27.53
N ALA D 501 13.47 -63.25 -28.40
CA ALA D 501 12.57 -62.30 -29.01
C ALA D 501 11.19 -62.94 -29.02
N LEU D 502 10.19 -62.19 -29.45
CA LEU D 502 8.84 -62.70 -29.51
C LEU D 502 8.16 -62.01 -30.67
N ASN D 503 7.66 -62.80 -31.62
CA ASN D 503 6.91 -62.24 -32.74
C ASN D 503 5.63 -61.54 -32.28
N TRP D 504 5.71 -60.23 -32.04
CA TRP D 504 4.57 -59.45 -31.51
C TRP D 504 3.42 -59.31 -32.50
N GLY D 505 3.57 -59.96 -33.65
CA GLY D 505 2.50 -60.05 -34.65
C GLY D 505 1.53 -61.18 -34.32
N LYS D 506 2.07 -62.29 -33.81
CA LYS D 506 1.24 -63.46 -33.47
C LYS D 506 0.62 -63.30 -32.09
N PRO D 507 -0.70 -63.47 -31.99
CA PRO D 507 -1.58 -63.18 -30.85
C PRO D 507 -1.36 -63.98 -29.55
N PHE D 508 -0.10 -64.11 -29.13
CA PHE D 508 0.27 -64.92 -27.97
C PHE D 508 1.31 -64.15 -27.11
N TYR D 509 0.85 -63.55 -26.01
CA TYR D 509 1.70 -62.69 -25.17
C TYR D 509 1.92 -63.32 -23.80
N PRO D 510 2.84 -64.29 -23.73
CA PRO D 510 3.07 -65.13 -22.55
C PRO D 510 3.61 -64.35 -21.36
N GLU D 511 2.92 -64.42 -20.23
CA GLU D 511 3.41 -63.68 -19.08
C GLU D 511 4.91 -63.86 -18.99
N THR D 512 5.35 -65.10 -19.03
CA THR D 512 6.75 -65.43 -18.78
C THR D 512 7.76 -64.74 -19.72
N PHE D 513 7.32 -64.21 -20.85
CA PHE D 513 8.27 -63.52 -21.70
C PHE D 513 8.52 -62.11 -21.17
N GLN D 514 7.51 -61.53 -20.52
CA GLN D 514 7.68 -60.27 -19.84
C GLN D 514 8.68 -60.43 -18.69
N THR D 515 8.43 -61.39 -17.81
CA THR D 515 9.37 -61.63 -16.72
C THR D 515 10.81 -61.68 -17.27
N LYS D 516 10.98 -62.39 -18.37
CA LYS D 516 12.32 -62.72 -18.86
C LYS D 516 13.00 -61.46 -19.33
N THR D 517 12.19 -60.51 -19.76
CA THR D 517 12.67 -59.27 -20.39
C THR D 517 13.15 -58.31 -19.31
N HIS D 518 12.33 -58.15 -18.28
CA HIS D 518 12.68 -57.31 -17.17
C HIS D 518 13.79 -57.91 -16.33
N GLU D 519 13.77 -59.22 -16.13
CA GLU D 519 14.84 -59.82 -15.37
C GLU D 519 16.17 -59.41 -15.97
N TYR D 520 16.33 -59.66 -17.26
CA TYR D 520 17.61 -59.37 -17.87
C TYR D 520 17.80 -57.89 -17.99
N GLN D 521 16.78 -57.19 -18.48
CA GLN D 521 16.98 -55.81 -18.85
C GLN D 521 17.28 -54.89 -17.66
N TRP D 522 16.53 -55.04 -16.56
CA TRP D 522 16.81 -54.24 -15.37
C TRP D 522 18.28 -54.33 -15.00
N SER D 523 18.86 -55.50 -15.20
CA SER D 523 20.23 -55.75 -14.74
C SER D 523 21.22 -54.96 -15.56
N ILE D 524 20.94 -54.83 -16.85
CA ILE D 524 21.78 -53.96 -17.66
C ILE D 524 21.65 -52.50 -17.21
N ILE D 525 20.43 -52.01 -17.15
CA ILE D 525 20.17 -50.64 -16.72
C ILE D 525 20.93 -50.35 -15.43
N LYS D 526 20.71 -51.20 -14.43
CA LYS D 526 21.36 -50.98 -13.15
C LYS D 526 22.87 -50.83 -13.24
N ASP D 527 23.51 -51.43 -14.22
CA ASP D 527 24.95 -51.45 -14.22
C ASP D 527 25.53 -50.45 -15.15
N HIS D 528 24.72 -49.48 -15.57
CA HIS D 528 25.13 -48.54 -16.61
C HIS D 528 24.65 -47.14 -16.26
N PRO D 529 25.36 -46.48 -15.35
CA PRO D 529 24.89 -45.24 -14.72
C PRO D 529 24.64 -44.17 -15.76
N TYR D 530 25.28 -44.32 -16.90
CA TYR D 530 25.07 -43.43 -18.02
C TYR D 530 23.59 -43.30 -18.37
N ILE D 531 22.80 -44.34 -18.10
CA ILE D 531 21.35 -44.24 -18.10
C ILE D 531 20.94 -43.60 -16.78
N ILE D 532 20.51 -42.35 -16.88
CA ILE D 532 20.31 -41.53 -15.70
C ILE D 532 19.00 -41.83 -15.03
N ALA D 533 18.06 -42.30 -15.83
CA ALA D 533 16.73 -42.64 -15.35
C ALA D 533 16.13 -43.58 -16.38
N SER D 534 15.42 -44.59 -15.90
CA SER D 534 14.77 -45.51 -16.78
C SER D 534 13.32 -45.52 -16.36
N TYR D 535 12.43 -45.70 -17.34
CA TYR D 535 11.01 -45.74 -17.06
C TYR D 535 10.40 -46.94 -17.74
N LEU D 536 10.04 -47.94 -16.95
CA LEU D 536 9.43 -49.11 -17.54
C LEU D 536 8.06 -48.69 -18.07
N TRP D 537 7.64 -49.32 -19.15
CA TRP D 537 6.29 -49.13 -19.67
C TRP D 537 5.58 -50.46 -19.50
N ASN D 538 4.49 -50.53 -18.73
CA ASN D 538 3.84 -49.44 -18.05
C ASN D 538 3.40 -50.01 -16.70
N MET D 539 3.07 -49.15 -15.75
CA MET D 539 2.71 -49.64 -14.45
C MET D 539 1.43 -50.45 -14.51
N PHE D 540 0.48 -50.03 -15.35
CA PHE D 540 -0.76 -50.80 -15.54
C PHE D 540 -1.09 -50.98 -17.02
N ASP D 541 -1.98 -51.92 -17.35
CA ASP D 541 -2.51 -52.00 -18.72
C ASP D 541 -3.52 -50.87 -18.94
N PHE D 542 -3.57 -50.32 -20.13
CA PHE D 542 -4.47 -49.22 -20.44
C PHE D 542 -5.12 -49.45 -21.82
N ALA D 543 -6.06 -48.59 -22.17
CA ALA D 543 -6.83 -48.83 -23.37
C ALA D 543 -6.08 -48.34 -24.63
N VAL D 544 -6.23 -49.05 -25.74
CA VAL D 544 -5.72 -48.61 -27.03
C VAL D 544 -6.74 -49.01 -28.09
N PRO D 545 -7.72 -48.10 -28.33
CA PRO D 545 -8.97 -48.35 -29.05
C PRO D 545 -8.73 -48.57 -30.52
N MET D 546 -7.58 -48.11 -30.99
CA MET D 546 -7.27 -48.14 -32.41
C MET D 546 -6.87 -49.55 -32.90
N TRP D 547 -6.69 -50.49 -31.97
CA TRP D 547 -6.10 -51.79 -32.33
C TRP D 547 -6.52 -52.95 -31.45
N THR D 548 -6.43 -54.14 -32.03
CA THR D 548 -6.54 -55.36 -31.25
C THR D 548 -5.33 -56.25 -31.47
N ARG D 549 -4.70 -56.66 -30.38
CA ARG D 549 -3.44 -57.42 -30.42
C ARG D 549 -3.39 -58.33 -29.22
N GLY D 550 -2.59 -59.40 -29.33
CA GLY D 550 -2.41 -60.33 -28.21
C GLY D 550 -3.72 -60.89 -27.72
N GLY D 551 -4.68 -61.02 -28.64
CA GLY D 551 -5.91 -61.76 -28.41
C GLY D 551 -6.89 -61.13 -27.46
N VAL D 552 -6.61 -59.91 -27.01
CA VAL D 552 -7.67 -59.15 -26.39
C VAL D 552 -7.72 -57.79 -27.05
N PRO D 553 -8.93 -57.26 -27.29
CA PRO D 553 -9.04 -56.05 -28.10
C PRO D 553 -8.79 -54.76 -27.31
N ALA D 554 -8.28 -53.75 -28.00
CA ALA D 554 -8.17 -52.42 -27.45
C ALA D 554 -7.35 -52.37 -26.18
N ARG D 555 -6.41 -53.31 -26.02
CA ARG D 555 -5.61 -53.35 -24.82
C ARG D 555 -4.10 -53.32 -25.05
N ASN D 556 -3.44 -52.39 -24.39
CA ASN D 556 -2.01 -52.48 -24.16
C ASN D 556 -1.79 -53.25 -22.85
N MET D 557 -1.15 -54.42 -22.96
CA MET D 557 -1.00 -55.32 -21.84
C MET D 557 0.43 -55.36 -21.30
N LYS D 558 1.17 -54.27 -21.49
CA LYS D 558 2.53 -54.16 -20.94
C LYS D 558 2.51 -53.82 -19.44
N GLY D 559 1.34 -53.83 -18.83
CA GLY D 559 1.24 -53.49 -17.41
C GLY D 559 2.10 -54.36 -16.51
N LEU D 560 2.48 -53.81 -15.36
CA LEU D 560 3.07 -54.63 -14.30
C LEU D 560 1.86 -55.14 -13.51
N ILE D 561 0.71 -54.51 -13.78
CA ILE D 561 -0.58 -54.78 -13.16
C ILE D 561 -1.67 -54.70 -14.23
N THR D 562 -2.74 -55.47 -14.04
CA THR D 562 -3.79 -55.55 -15.04
C THR D 562 -4.67 -54.30 -15.06
N PHE D 563 -5.36 -54.10 -16.17
CA PHE D 563 -6.12 -52.85 -16.42
C PHE D 563 -7.17 -52.56 -15.30
N ASP D 564 -7.77 -53.60 -14.73
CA ASP D 564 -8.71 -53.42 -13.63
C ASP D 564 -8.01 -53.22 -12.27
N ARG D 565 -6.68 -53.21 -12.26
CA ARG D 565 -5.94 -53.01 -11.02
C ARG D 565 -5.91 -54.22 -10.06
N LYS D 566 -6.61 -55.30 -10.40
CA LYS D 566 -6.76 -56.44 -9.48
C LYS D 566 -5.57 -57.39 -9.32
N THR D 567 -4.71 -57.51 -10.34
CA THR D 567 -3.69 -58.55 -10.35
C THR D 567 -2.32 -58.02 -10.68
N LYS D 568 -1.32 -58.45 -9.92
CA LYS D 568 0.05 -58.06 -10.22
C LYS D 568 0.82 -59.18 -10.91
N LYS D 569 1.40 -58.89 -12.06
CA LYS D 569 2.21 -59.87 -12.79
C LYS D 569 3.57 -60.13 -12.13
N ASP D 570 4.29 -61.11 -12.64
CA ASP D 570 5.53 -61.56 -12.02
C ASP D 570 6.52 -60.42 -11.88
N SER D 571 6.61 -59.60 -12.93
CA SER D 571 7.64 -58.59 -13.01
C SER D 571 7.39 -57.51 -11.96
N TYR D 572 6.15 -57.41 -11.51
CA TYR D 572 5.82 -56.54 -10.38
C TYR D 572 6.70 -56.86 -9.17
N PHE D 573 6.81 -58.14 -8.86
CA PHE D 573 7.55 -58.56 -7.70
C PHE D 573 9.02 -58.60 -7.99
N TRP D 574 9.37 -58.63 -9.27
CA TRP D 574 10.77 -58.54 -9.66
C TRP D 574 11.27 -57.14 -9.33
N TYR D 575 10.52 -56.17 -9.81
CA TYR D 575 10.91 -54.81 -9.58
C TYR D 575 10.89 -54.49 -8.09
N LYS D 576 9.86 -54.97 -7.40
CA LYS D 576 9.77 -54.62 -6.00
C LYS D 576 10.89 -55.29 -5.25
N ALA D 577 11.19 -56.52 -5.64
CA ALA D 577 12.35 -57.22 -5.11
C ALA D 577 13.68 -56.46 -5.28
N ASN D 578 13.88 -55.82 -6.43
CA ASN D 578 15.12 -55.06 -6.73
C ASN D 578 15.14 -53.61 -6.23
N TRP D 579 13.99 -53.05 -5.91
CA TRP D 579 13.91 -51.60 -5.71
C TRP D 579 13.54 -51.21 -4.29
N SER D 580 12.70 -52.02 -3.69
CA SER D 580 12.10 -51.72 -2.43
C SER D 580 12.98 -52.15 -1.27
N GLU D 581 12.81 -51.49 -0.13
CA GLU D 581 13.47 -51.91 1.11
C GLU D 581 12.59 -52.91 1.84
N GLU D 582 11.31 -52.94 1.47
CA GLU D 582 10.34 -53.85 2.05
C GLU D 582 10.69 -55.27 1.64
N PRO D 583 10.45 -56.25 2.52
CA PRO D 583 10.82 -57.64 2.31
C PRO D 583 9.97 -58.38 1.26
N VAL D 584 10.59 -58.77 0.16
CA VAL D 584 9.90 -59.54 -0.86
C VAL D 584 10.43 -60.97 -0.89
N LEU D 585 9.53 -61.94 -1.01
CA LEU D 585 9.96 -63.31 -1.22
C LEU D 585 8.99 -63.96 -2.18
N TYR D 586 9.48 -64.25 -3.37
CA TYR D 586 8.57 -64.51 -4.45
C TYR D 586 9.09 -65.56 -5.40
N LEU D 587 8.19 -66.49 -5.71
CA LEU D 587 8.39 -67.57 -6.66
C LEU D 587 7.74 -67.22 -8.00
N THR D 588 8.50 -67.40 -9.05
CA THR D 588 8.05 -67.05 -10.37
C THR D 588 7.08 -68.09 -10.91
N GLN D 589 6.14 -67.65 -11.74
CA GLN D 589 5.31 -68.56 -12.54
C GLN D 589 4.16 -69.27 -11.86
N ARG D 590 3.70 -68.76 -10.72
CA ARG D 590 2.51 -69.32 -10.13
C ARG D 590 1.38 -69.51 -11.15
N ARG D 591 1.32 -68.66 -12.18
CA ARG D 591 0.22 -68.71 -13.16
C ARG D 591 0.46 -69.67 -14.31
N ASN D 592 1.67 -70.20 -14.40
CA ASN D 592 1.99 -71.21 -15.40
C ASN D 592 1.81 -72.62 -14.82
N ALA D 593 0.59 -72.93 -14.42
CA ALA D 593 0.30 -74.04 -13.50
C ALA D 593 0.12 -75.41 -14.16
N ASP D 594 0.24 -75.48 -15.47
CA ASP D 594 0.12 -76.75 -16.16
C ASP D 594 1.41 -77.00 -16.92
N ARG D 595 2.42 -77.46 -16.19
CA ARG D 595 3.77 -77.57 -16.74
C ARG D 595 3.83 -78.27 -18.09
N GLU D 596 4.78 -77.86 -18.93
CA GLU D 596 4.89 -78.42 -20.28
C GLU D 596 6.07 -79.39 -20.33
N LYS D 597 7.00 -79.22 -19.39
CA LYS D 597 8.21 -80.03 -19.32
C LYS D 597 8.40 -80.67 -17.94
N ARG D 598 9.30 -81.64 -17.90
CA ARG D 598 9.55 -82.49 -16.73
C ARG D 598 10.67 -81.88 -15.90
N THR D 599 11.71 -81.50 -16.62
CA THR D 599 12.94 -80.99 -16.05
C THR D 599 12.97 -79.46 -16.20
N THR D 600 12.39 -78.79 -15.21
CA THR D 600 12.05 -77.38 -15.33
C THR D 600 13.08 -76.50 -14.63
N ALA D 601 12.88 -75.18 -14.72
CA ALA D 601 13.67 -74.25 -13.93
C ALA D 601 12.77 -73.70 -12.85
N VAL D 602 13.29 -73.57 -11.64
CA VAL D 602 12.58 -72.81 -10.62
C VAL D 602 13.32 -71.50 -10.27
N THR D 603 12.58 -70.39 -10.33
CA THR D 603 13.13 -69.09 -9.95
C THR D 603 12.47 -68.50 -8.72
N VAL D 604 13.27 -67.90 -7.87
CA VAL D 604 12.69 -67.23 -6.72
C VAL D 604 13.33 -65.87 -6.45
N TYR D 605 12.49 -64.87 -6.22
CA TYR D 605 12.97 -63.54 -5.90
C TYR D 605 13.03 -63.36 -4.39
N SER D 606 14.17 -62.92 -3.89
CA SER D 606 14.24 -62.56 -2.48
C SER D 606 15.25 -61.44 -2.26
N ASN D 607 14.81 -60.43 -1.52
CA ASN D 607 15.66 -59.29 -1.15
C ASN D 607 16.00 -59.36 0.33
N ILE D 608 15.83 -60.53 0.93
CA ILE D 608 16.15 -60.73 2.34
C ILE D 608 16.96 -62.00 2.60
N GLY D 609 17.81 -62.38 1.65
CA GLY D 609 18.74 -63.49 1.84
C GLY D 609 18.48 -64.69 0.96
N THR D 610 19.46 -65.61 0.92
CA THR D 610 19.34 -66.84 0.16
C THR D 610 18.16 -67.64 0.64
N PRO D 611 17.21 -67.89 -0.25
CA PRO D 611 16.00 -68.61 0.12
C PRO D 611 16.16 -70.12 0.09
N LYS D 612 15.22 -70.84 0.71
CA LYS D 612 15.16 -72.30 0.61
C LYS D 612 13.85 -72.71 -0.05
N VAL D 613 13.93 -73.58 -1.06
CA VAL D 613 12.72 -74.08 -1.73
C VAL D 613 12.51 -75.58 -1.52
N TYR D 614 11.27 -75.98 -1.22
CA TYR D 614 10.97 -77.39 -0.94
C TYR D 614 9.97 -77.96 -1.92
N LEU D 615 10.48 -78.54 -3.00
CA LEU D 615 9.61 -79.15 -4.01
C LEU D 615 8.89 -80.36 -3.44
N ASN D 616 7.59 -80.25 -3.24
CA ASN D 616 6.81 -81.36 -2.71
C ASN D 616 7.43 -81.91 -1.43
N GLY D 617 7.29 -81.17 -0.33
CA GLY D 617 7.84 -81.59 0.96
C GLY D 617 9.35 -81.46 1.11
N GLN D 618 10.12 -81.83 0.10
CA GLN D 618 11.57 -81.92 0.27
C GLN D 618 12.39 -80.83 -0.42
N GLU D 619 13.44 -80.39 0.26
CA GLU D 619 14.28 -79.28 -0.18
C GLU D 619 15.11 -79.59 -1.43
N LEU D 620 14.97 -78.76 -2.47
CA LEU D 620 15.84 -78.85 -3.65
C LEU D 620 17.21 -78.35 -3.26
N SER D 621 18.09 -78.14 -4.24
CA SER D 621 19.41 -77.59 -3.99
C SER D 621 20.10 -77.32 -5.32
N GLY D 622 21.28 -76.74 -5.26
CA GLY D 622 21.96 -76.27 -6.45
C GLY D 622 21.63 -74.82 -6.72
N ILE D 623 20.69 -74.26 -5.96
CA ILE D 623 20.33 -72.85 -6.10
C ILE D 623 21.56 -72.04 -6.46
N ARG D 624 21.40 -71.08 -7.36
CA ARG D 624 22.51 -70.20 -7.70
C ARG D 624 21.95 -68.83 -7.99
N ASN D 625 22.83 -67.87 -8.25
CA ASN D 625 22.39 -66.51 -8.45
C ASN D 625 22.00 -66.27 -9.90
N GLY D 626 21.02 -65.39 -10.10
CA GLY D 626 20.62 -64.95 -11.43
C GLY D 626 21.36 -63.68 -11.81
N TYR D 627 20.63 -62.71 -12.38
CA TYR D 627 21.24 -61.49 -12.89
C TYR D 627 21.51 -60.42 -11.85
N THR D 628 20.88 -60.54 -10.70
CA THR D 628 21.10 -59.60 -9.62
C THR D 628 20.94 -60.30 -8.28
N ASP D 629 21.63 -59.74 -7.30
CA ASP D 629 21.76 -60.36 -6.00
C ASP D 629 20.41 -60.59 -5.36
N VAL D 630 19.34 -60.43 -6.11
CA VAL D 630 18.00 -60.62 -5.56
C VAL D 630 17.30 -61.74 -6.34
N HIS D 631 18.04 -62.22 -7.35
CA HIS D 631 17.57 -63.22 -8.30
C HIS D 631 18.21 -64.63 -8.04
N TYR D 632 17.39 -65.58 -7.61
CA TYR D 632 17.83 -66.96 -7.36
C TYR D 632 17.21 -68.02 -8.27
N VAL D 633 18.05 -68.92 -8.77
CA VAL D 633 17.64 -69.94 -9.73
C VAL D 633 18.07 -71.37 -9.37
N PHE D 634 17.10 -72.29 -9.47
CA PHE D 634 17.35 -73.74 -9.41
C PHE D 634 17.27 -74.30 -10.83
N ASP D 635 18.38 -74.84 -11.31
CA ASP D 635 18.53 -75.06 -12.74
C ASP D 635 17.93 -76.33 -13.32
N ASN D 636 17.82 -77.40 -12.54
CA ASN D 636 17.41 -78.67 -13.16
C ASN D 636 16.37 -79.48 -12.39
N VAL D 637 15.23 -78.89 -12.11
CA VAL D 637 14.28 -79.51 -11.21
C VAL D 637 13.43 -80.63 -11.84
N SER D 638 13.39 -81.79 -11.17
CA SER D 638 12.65 -82.95 -11.68
C SER D 638 11.26 -83.04 -11.06
N LEU D 639 10.23 -82.85 -11.88
CA LEU D 639 8.88 -82.77 -11.38
C LEU D 639 8.16 -84.12 -11.23
N ALA D 640 7.35 -84.22 -10.19
CA ALA D 640 6.52 -85.39 -9.94
C ALA D 640 5.27 -85.31 -10.81
N ASP D 641 4.72 -86.46 -11.18
CA ASP D 641 3.51 -86.46 -11.99
C ASP D 641 2.31 -85.98 -11.19
N GLY D 642 1.25 -85.63 -11.91
CA GLY D 642 0.01 -85.21 -11.28
C GLY D 642 0.07 -83.81 -10.71
N LYS D 643 0.72 -83.68 -9.54
CA LYS D 643 0.82 -82.41 -8.87
C LYS D 643 2.19 -82.17 -8.27
N ASN D 644 2.59 -80.90 -8.20
CA ASN D 644 3.81 -80.51 -7.48
C ASN D 644 3.51 -79.30 -6.60
N ILE D 645 4.34 -79.07 -5.59
CA ILE D 645 4.01 -78.07 -4.60
C ILE D 645 5.28 -77.36 -4.16
N LEU D 646 5.40 -76.08 -4.49
CA LEU D 646 6.62 -75.35 -4.24
C LEU D 646 6.42 -74.40 -3.08
N LYS D 647 7.36 -74.42 -2.16
CA LYS D 647 7.28 -73.60 -0.96
C LYS D 647 8.66 -73.00 -0.69
N ALA D 648 8.69 -71.73 -0.29
CA ALA D 648 9.93 -71.00 -0.12
C ALA D 648 10.07 -70.31 1.23
N VAL D 649 11.29 -70.29 1.75
CA VAL D 649 11.52 -69.85 3.11
C VAL D 649 12.88 -69.22 3.28
N VAL D 650 12.91 -67.94 3.66
CA VAL D 650 14.12 -67.31 4.20
C VAL D 650 13.78 -66.61 5.50
N SER D 651 14.81 -66.07 6.16
CA SER D 651 14.66 -65.37 7.43
C SER D 651 15.54 -64.12 7.59
N THR D 652 14.98 -63.08 8.18
CA THR D 652 15.73 -61.92 8.63
C THR D 652 15.04 -61.40 9.90
N LYS D 653 15.82 -60.78 10.78
CA LYS D 653 15.27 -60.22 12.01
C LYS D 653 14.38 -61.26 12.68
N GLY D 654 14.98 -62.38 13.04
CA GLY D 654 14.23 -63.45 13.68
C GLY D 654 12.80 -63.53 13.18
N LYS D 655 12.57 -63.20 11.91
CA LYS D 655 11.25 -63.35 11.30
C LYS D 655 11.28 -64.19 9.99
N GLU D 656 10.14 -64.81 9.65
CA GLU D 656 10.12 -65.91 8.68
C GLU D 656 9.15 -65.74 7.50
N TYR D 657 9.66 -65.84 6.28
CA TYR D 657 8.83 -65.54 5.11
C TYR D 657 8.46 -66.75 4.23
N THR D 658 7.24 -66.67 3.69
CA THR D 658 6.54 -67.80 3.06
C THR D 658 6.25 -67.50 1.61
N ASP D 659 6.38 -68.50 0.75
CA ASP D 659 5.72 -68.46 -0.55
C ASP D 659 5.54 -69.87 -1.05
N GLU D 660 4.33 -70.18 -1.53
CA GLU D 660 4.07 -71.48 -2.10
C GLU D 660 3.27 -71.37 -3.40
N ILE D 661 3.75 -72.04 -4.44
CA ILE D 661 2.94 -72.21 -5.64
C ILE D 661 2.61 -73.69 -5.85
N GLU D 662 1.89 -73.97 -6.93
CA GLU D 662 1.40 -75.29 -7.21
C GLU D 662 1.39 -75.56 -8.70
N TRP D 663 2.38 -76.29 -9.17
CA TRP D 663 2.44 -76.66 -10.58
C TRP D 663 1.91 -78.05 -10.84
N ASN D 664 1.46 -78.27 -12.09
CA ASN D 664 0.86 -79.53 -12.50
C ASN D 664 1.59 -80.18 -13.65
N TYR D 665 1.73 -81.50 -13.60
CA TYR D 665 2.41 -82.21 -14.66
C TYR D 665 1.87 -83.61 -14.94
N SER D 666 1.80 -83.91 -16.23
CA SER D 666 1.36 -85.21 -16.77
C SER D 666 1.53 -85.14 -18.28
N GLY D 667 2.33 -86.04 -18.85
CA GLY D 667 2.70 -85.97 -20.26
C GLY D 667 3.30 -84.60 -20.53
N GLU D 668 3.62 -84.32 -21.78
CA GLU D 668 4.29 -83.07 -22.13
C GLU D 668 3.68 -82.40 -23.35
#